data_1CO0
#
_entry.id   1CO0
#
_cell.length_a   1.000
_cell.length_b   1.000
_cell.length_c   1.000
_cell.angle_alpha   90.00
_cell.angle_beta   90.00
_cell.angle_gamma   90.00
#
_symmetry.space_group_name_H-M   'P 1'
#
loop_
_entity.id
_entity.type
_entity.pdbx_description
1 polymer "5'-D(*TP*GP*TP*AP*CP*TP*CP*GP*TP*GP*TP*AP*CP*TP*GP*GP*TP*AP*CP*A)-3'"
2 polymer "5'-D(*TP*GP*TP*AP*CP*CP*AP*GP*TP*AP*CP*AP*CP*GP*AP*GP*TP*AP*CP*A)-3'"
3 polymer 'TRP OPERON REPRESSOR'
4 non-polymer TRYPTOPHAN
#
loop_
_entity_poly.entity_id
_entity_poly.type
_entity_poly.pdbx_seq_one_letter_code
_entity_poly.pdbx_strand_id
1 'polydeoxyribonucleotide' (DT)(DG)(DT)(DA)(DC)(DT)(DC)(DG)(DT)(DG)(DT)(DA)(DC)(DT)(DG)(DG)(DT)(DA)(DC)(DA) E
2 'polydeoxyribonucleotide' (DT)(DG)(DT)(DA)(DC)(DC)(DA)(DG)(DT)(DA)(DC)(DA)(DC)(DG)(DA)(DG)(DT)(DA)(DC)(DA) F
3 'polypeptide(L)'
;AQQSPYSAAMAEQRHQEWLRFVDLLKNAYQNDLHLPLLNLMLTPDEREALGTRVRIVEELLRGEMSQRELKNELGAGIAT
ITRGSNSLKAAPVELRQWLEEVLLKSD
;
A,B
#
loop_
_chem_comp.id
_chem_comp.type
_chem_comp.name
_chem_comp.formula
DA DNA linking 2'-DEOXYADENOSINE-5'-MONOPHOSPHATE 'C10 H14 N5 O6 P'
DC DNA linking 2'-DEOXYCYTIDINE-5'-MONOPHOSPHATE 'C9 H14 N3 O7 P'
DG DNA linking 2'-DEOXYGUANOSINE-5'-MONOPHOSPHATE 'C10 H14 N5 O7 P'
DT DNA linking THYMIDINE-5'-MONOPHOSPHATE 'C10 H15 N2 O8 P'
#
# COMPACT_ATOMS: atom_id res chain seq x y z
N GLN C 3 -18.17 23.00 4.70
CA GLN C 3 -18.42 23.05 6.17
C GLN C 3 -18.44 21.63 6.75
N SER C 4 -19.45 20.86 6.41
CA SER C 4 -19.54 19.47 6.94
C SER C 4 -19.06 18.47 5.87
N PRO C 5 -18.62 17.33 6.34
CA PRO C 5 -18.13 16.28 5.41
C PRO C 5 -19.29 15.49 4.80
N TYR C 6 -20.52 15.88 5.09
CA TYR C 6 -21.72 15.15 4.55
C TYR C 6 -21.47 13.64 4.44
N SER C 7 -21.62 12.94 5.53
CA SER C 7 -21.39 11.47 5.51
C SER C 7 -22.65 10.72 5.95
N ALA C 8 -23.79 11.08 5.41
CA ALA C 8 -25.05 10.40 5.80
C ALA C 8 -25.29 9.18 4.91
N ALA C 9 -25.51 9.40 3.63
CA ALA C 9 -25.76 8.25 2.71
C ALA C 9 -24.65 8.18 1.65
N MET C 10 -23.93 7.09 1.61
CA MET C 10 -22.83 6.94 0.61
C MET C 10 -21.72 7.97 0.85
N ALA C 11 -21.97 9.22 0.54
CA ALA C 11 -20.94 10.27 0.75
C ALA C 11 -19.70 9.98 -0.09
N GLU C 12 -19.35 10.89 -0.98
CA GLU C 12 -18.16 10.70 -1.87
C GLU C 12 -17.97 9.22 -2.25
N GLN C 13 -16.75 8.79 -2.44
CA GLN C 13 -16.52 7.35 -2.81
C GLN C 13 -16.25 6.50 -1.57
N ARG C 14 -16.92 6.80 -0.48
CA ARG C 14 -16.72 6.01 0.77
C ARG C 14 -15.24 6.02 1.19
N HIS C 15 -14.92 6.68 2.28
CA HIS C 15 -13.49 6.72 2.74
C HIS C 15 -12.58 7.22 1.62
N GLN C 16 -12.86 8.38 1.07
CA GLN C 16 -12.00 8.93 -0.02
C GLN C 16 -10.52 8.83 0.35
N GLU C 17 -10.20 8.84 1.62
CA GLU C 17 -8.78 8.74 2.05
C GLU C 17 -8.11 7.54 1.38
N TRP C 18 -8.73 6.39 1.45
CA TRP C 18 -8.13 5.17 0.83
C TRP C 18 -8.28 5.20 -0.70
N LEU C 19 -9.38 5.68 -1.18
CA LEU C 19 -9.57 5.72 -2.66
C LEU C 19 -8.63 6.75 -3.29
N ARG C 20 -8.47 7.90 -2.68
CA ARG C 20 -7.53 8.90 -3.26
C ARG C 20 -6.13 8.29 -3.33
N PHE C 21 -5.83 7.40 -2.42
CA PHE C 21 -4.50 6.73 -2.41
C PHE C 21 -4.52 5.51 -3.35
N VAL C 22 -5.66 5.13 -3.87
CA VAL C 22 -5.71 3.97 -4.78
C VAL C 22 -5.61 4.48 -6.21
N ASP C 23 -6.44 5.43 -6.55
CA ASP C 23 -6.39 5.97 -7.92
C ASP C 23 -5.01 6.57 -8.20
N LEU C 24 -4.43 7.23 -7.23
CA LEU C 24 -3.08 7.82 -7.45
C LEU C 24 -2.05 6.69 -7.51
N LEU C 25 -2.29 5.61 -6.83
CA LEU C 25 -1.32 4.48 -6.89
C LEU C 25 -1.29 3.91 -8.30
N LYS C 26 -2.32 3.18 -8.68
CA LYS C 26 -2.39 2.58 -10.08
C LYS C 26 -1.71 3.47 -11.14
N ASN C 27 -2.10 4.71 -11.21
CA ASN C 27 -1.51 5.64 -12.22
C ASN C 27 0.01 5.61 -12.15
N ALA C 28 0.55 5.75 -10.97
CA ALA C 28 2.04 5.71 -10.82
C ALA C 28 2.47 4.25 -10.65
N TYR C 29 1.54 3.40 -10.30
CA TYR C 29 1.82 1.96 -10.13
C TYR C 29 2.30 1.37 -11.45
N GLN C 30 2.01 2.04 -12.54
CA GLN C 30 2.45 1.55 -13.88
C GLN C 30 3.98 1.51 -13.93
N ASN C 31 4.62 2.52 -13.40
CA ASN C 31 6.11 2.56 -13.40
C ASN C 31 6.62 2.57 -11.96
N ASP C 32 7.63 3.36 -11.66
CA ASP C 32 8.15 3.40 -10.25
C ASP C 32 7.59 4.62 -9.51
N LEU C 33 6.67 5.32 -10.10
CA LEU C 33 6.09 6.53 -9.42
C LEU C 33 5.24 6.12 -8.20
N HIS C 34 4.97 4.85 -8.05
CA HIS C 34 4.14 4.39 -6.89
C HIS C 34 5.01 3.93 -5.74
N LEU C 35 6.22 3.54 -6.03
CA LEU C 35 7.15 3.07 -4.97
C LEU C 35 7.53 4.20 -4.00
N PRO C 36 7.59 5.41 -4.50
CA PRO C 36 7.93 6.55 -3.61
C PRO C 36 6.78 6.73 -2.64
N LEU C 37 5.61 6.60 -3.16
CA LEU C 37 4.38 6.73 -2.36
C LEU C 37 4.16 5.49 -1.50
N LEU C 38 4.40 4.32 -2.05
CA LEU C 38 4.20 3.09 -1.24
C LEU C 38 5.17 3.09 -0.05
N ASN C 39 6.16 3.94 -0.09
CA ASN C 39 7.13 3.98 1.02
C ASN C 39 7.02 5.31 1.78
N LEU C 40 7.00 6.40 1.07
CA LEU C 40 6.91 7.72 1.76
C LEU C 40 5.45 8.04 2.08
N MET C 41 4.54 7.16 1.77
CA MET C 41 3.11 7.49 2.08
C MET C 41 2.28 6.26 2.42
N LEU C 42 2.90 5.13 2.51
CA LEU C 42 2.13 3.91 2.86
C LEU C 42 2.94 3.23 3.95
N THR C 43 3.83 2.43 3.55
CA THR C 43 4.75 1.80 4.49
C THR C 43 5.93 1.45 3.62
N PRO C 44 7.02 1.94 4.02
CA PRO C 44 8.23 1.81 3.24
C PRO C 44 8.96 0.51 3.63
N ASP C 45 9.27 0.31 4.88
CA ASP C 45 9.88 -0.99 5.27
C ASP C 45 8.93 -2.11 4.81
N GLU C 46 7.67 -1.79 4.61
CA GLU C 46 6.73 -2.82 4.13
C GLU C 46 7.12 -3.25 2.73
N ARG C 47 7.95 -2.49 2.04
CA ARG C 47 8.38 -2.94 0.68
C ARG C 47 8.68 -4.42 0.78
N GLU C 48 9.18 -4.81 1.92
CA GLU C 48 9.43 -6.26 2.17
C GLU C 48 8.13 -6.87 2.68
N ALA C 49 7.46 -6.19 3.57
CA ALA C 49 6.17 -6.74 4.08
C ALA C 49 5.20 -7.03 2.94
N LEU C 50 4.96 -6.09 2.04
CA LEU C 50 4.03 -6.40 0.91
C LEU C 50 4.57 -7.59 0.13
N GLY C 51 5.83 -7.55 -0.18
CA GLY C 51 6.45 -8.68 -0.93
C GLY C 51 6.14 -9.98 -0.21
N THR C 52 6.19 -9.98 1.09
CA THR C 52 5.92 -11.25 1.84
C THR C 52 4.44 -11.39 2.24
N ARG C 53 3.72 -10.30 2.37
CA ARG C 53 2.28 -10.41 2.79
C ARG C 53 1.41 -10.96 1.65
N VAL C 54 1.60 -10.47 0.46
CA VAL C 54 0.79 -11.00 -0.66
C VAL C 54 1.40 -12.31 -1.13
N ARG C 55 2.71 -12.35 -1.27
CA ARG C 55 3.37 -13.62 -1.74
C ARG C 55 2.82 -14.82 -0.98
N ILE C 56 2.41 -14.65 0.26
CA ILE C 56 1.82 -15.81 0.97
C ILE C 56 0.43 -16.08 0.38
N VAL C 57 -0.35 -15.05 0.14
CA VAL C 57 -1.71 -15.30 -0.44
C VAL C 57 -1.51 -15.74 -1.88
N GLU C 58 -0.58 -15.11 -2.53
CA GLU C 58 -0.25 -15.48 -3.93
C GLU C 58 -0.10 -17.01 -4.03
N GLU C 59 0.82 -17.53 -3.26
CA GLU C 59 1.06 -18.98 -3.25
C GLU C 59 -0.04 -19.70 -2.47
N LEU C 60 -0.69 -19.02 -1.56
CA LEU C 60 -1.80 -19.68 -0.79
C LEU C 60 -2.80 -20.26 -1.78
N LEU C 61 -3.17 -19.49 -2.77
CA LEU C 61 -4.12 -20.00 -3.79
C LEU C 61 -3.42 -21.10 -4.60
N ARG C 62 -2.12 -20.99 -4.75
CA ARG C 62 -1.38 -22.05 -5.50
C ARG C 62 -1.29 -23.32 -4.66
N GLY C 63 -0.71 -23.24 -3.50
CA GLY C 63 -0.59 -24.44 -2.62
C GLY C 63 0.84 -24.56 -2.10
N GLU C 64 1.26 -23.65 -1.26
CA GLU C 64 2.64 -23.70 -0.71
C GLU C 64 2.89 -22.45 0.15
N MET C 65 4.12 -22.10 0.33
CA MET C 65 4.47 -20.90 1.16
C MET C 65 3.92 -21.02 2.59
N SER C 66 3.32 -22.12 2.94
CA SER C 66 2.80 -22.29 4.33
C SER C 66 2.78 -23.78 4.68
N GLN C 67 3.53 -24.21 5.68
CA GLN C 67 3.51 -25.69 6.02
C GLN C 67 4.71 -26.07 6.91
N ARG C 68 4.84 -25.42 8.02
CA ARG C 68 5.98 -25.73 8.94
C ARG C 68 7.32 -25.64 8.20
N GLU C 69 7.34 -24.96 7.08
CA GLU C 69 8.62 -24.83 6.31
C GLU C 69 8.42 -23.97 5.06
N LEU C 70 7.23 -23.90 4.52
CA LEU C 70 7.03 -23.05 3.33
C LEU C 70 6.82 -21.63 3.84
N LYS C 71 6.04 -21.51 4.87
CA LYS C 71 5.79 -20.20 5.52
C LYS C 71 7.13 -19.53 5.83
N ASN C 72 8.11 -20.29 6.23
CA ASN C 72 9.43 -19.71 6.57
C ASN C 72 10.23 -19.50 5.28
N GLU C 73 10.46 -20.55 4.53
CA GLU C 73 11.22 -20.41 3.25
C GLU C 73 10.62 -19.28 2.42
N LEU C 74 9.36 -19.00 2.62
CA LEU C 74 8.71 -17.89 1.86
C LEU C 74 9.32 -16.56 2.28
N GLY C 75 9.59 -16.38 3.55
CA GLY C 75 10.20 -15.10 3.99
C GLY C 75 9.60 -14.60 5.31
N ALA C 76 8.55 -15.23 5.77
CA ALA C 76 7.86 -14.82 7.04
C ALA C 76 6.42 -15.00 6.80
N GLY C 77 6.09 -16.19 6.50
CA GLY C 77 4.70 -16.51 6.24
C GLY C 77 4.13 -17.22 7.45
N ILE C 78 4.94 -17.78 8.32
CA ILE C 78 4.39 -18.53 9.47
C ILE C 78 3.31 -17.72 10.13
N ALA C 79 3.67 -16.82 10.96
CA ALA C 79 2.61 -15.97 11.59
C ALA C 79 1.73 -15.42 10.47
N THR C 80 2.33 -15.23 9.33
CA THR C 80 1.59 -14.71 8.15
C THR C 80 0.72 -15.83 7.57
N ILE C 81 1.31 -16.88 7.08
CA ILE C 81 0.53 -18.03 6.52
C ILE C 81 -0.65 -18.34 7.47
N THR C 82 -0.36 -18.40 8.74
CA THR C 82 -1.44 -18.63 9.73
C THR C 82 -2.29 -17.37 9.83
N ARG C 83 -1.67 -16.21 9.91
CA ARG C 83 -2.48 -14.98 9.95
C ARG C 83 -3.35 -14.96 8.68
N GLY C 84 -2.83 -15.47 7.57
CA GLY C 84 -3.64 -15.55 6.31
C GLY C 84 -5.04 -16.02 6.65
N SER C 85 -5.15 -17.01 7.50
CA SER C 85 -6.53 -17.46 7.90
C SER C 85 -7.23 -16.24 8.51
N ASN C 86 -6.66 -15.69 9.54
CA ASN C 86 -7.26 -14.48 10.15
C ASN C 86 -7.46 -13.43 9.05
N SER C 87 -6.63 -13.45 8.04
CA SER C 87 -6.80 -12.48 6.93
C SER C 87 -8.25 -12.46 6.49
N LEU C 88 -8.90 -13.59 6.55
CA LEU C 88 -10.35 -13.61 6.21
C LEU C 88 -11.03 -12.58 7.08
N LYS C 89 -10.45 -12.31 8.22
CA LYS C 89 -11.04 -11.27 9.14
C LYS C 89 -11.27 -9.95 8.40
N ALA C 90 -10.27 -9.42 7.77
CA ALA C 90 -10.48 -8.13 7.06
C ALA C 90 -11.37 -8.38 5.86
N ALA C 91 -11.65 -9.64 5.55
CA ALA C 91 -12.53 -9.93 4.39
C ALA C 91 -13.29 -11.25 4.54
N PRO C 92 -14.59 -11.18 4.57
CA PRO C 92 -15.42 -12.41 4.69
C PRO C 92 -15.45 -13.16 3.35
N VAL C 93 -14.29 -13.54 2.85
CA VAL C 93 -14.22 -14.29 1.55
C VAL C 93 -14.76 -13.46 0.39
N GLU C 94 -15.15 -12.24 0.63
CA GLU C 94 -15.67 -11.40 -0.49
C GLU C 94 -14.49 -10.73 -1.19
N LEU C 95 -13.76 -9.95 -0.46
CA LEU C 95 -12.58 -9.28 -1.04
C LEU C 95 -11.59 -10.34 -1.51
N ARG C 96 -11.43 -11.39 -0.73
CA ARG C 96 -10.54 -12.49 -1.18
C ARG C 96 -11.03 -12.94 -2.55
N GLN C 97 -12.31 -12.78 -2.80
CA GLN C 97 -12.86 -13.16 -4.12
C GLN C 97 -12.13 -12.39 -5.22
N TRP C 98 -11.77 -11.13 -5.01
CA TRP C 98 -11.02 -10.44 -6.10
C TRP C 98 -9.75 -11.24 -6.37
N LEU C 99 -9.06 -11.63 -5.33
CA LEU C 99 -7.81 -12.42 -5.54
C LEU C 99 -8.13 -13.60 -6.46
N GLU C 100 -9.24 -14.24 -6.22
CA GLU C 100 -9.64 -15.39 -7.09
C GLU C 100 -9.97 -14.85 -8.49
N GLU C 101 -10.45 -13.62 -8.58
CA GLU C 101 -10.75 -13.03 -9.92
C GLU C 101 -9.54 -13.17 -10.83
N VAL C 102 -8.38 -13.21 -10.25
CA VAL C 102 -7.13 -13.36 -11.04
C VAL C 102 -6.48 -14.70 -10.72
N LEU C 103 -7.27 -15.67 -10.31
CA LEU C 103 -6.70 -17.01 -9.96
C LEU C 103 -7.72 -18.13 -10.23
N LEU C 104 -8.96 -17.95 -9.84
CA LEU C 104 -9.96 -19.04 -10.06
C LEU C 104 -11.40 -18.49 -10.14
N LYS C 105 -11.70 -17.43 -9.43
CA LYS C 105 -13.09 -16.87 -9.47
C LYS C 105 -13.64 -16.84 -10.91
N SER C 106 -12.88 -16.29 -11.81
CA SER C 106 -13.34 -16.22 -13.23
C SER C 106 -12.27 -15.58 -14.11
N ASP C 107 -12.13 -14.28 -14.05
CA ASP C 107 -11.11 -13.59 -14.89
C ASP C 107 -9.72 -14.15 -14.61
N GLN D 3 34.00 -1.91 -9.43
CA GLN D 3 32.78 -1.58 -10.23
C GLN D 3 32.12 -2.86 -10.75
N SER D 4 30.98 -3.21 -10.23
CA SER D 4 30.30 -4.45 -10.69
C SER D 4 29.31 -4.11 -11.82
N PRO D 5 29.08 -5.08 -12.67
CA PRO D 5 28.14 -4.88 -13.81
C PRO D 5 26.70 -4.84 -13.32
N TYR D 6 25.81 -4.33 -14.11
CA TYR D 6 24.37 -4.27 -13.70
C TYR D 6 23.46 -4.55 -14.89
N SER D 7 22.46 -5.37 -14.70
CA SER D 7 21.53 -5.69 -15.83
C SER D 7 20.83 -4.41 -16.31
N ALA D 8 21.38 -3.76 -17.30
CA ALA D 8 20.75 -2.51 -17.82
C ALA D 8 20.49 -1.52 -16.68
N ALA D 9 19.92 -0.39 -16.98
CA ALA D 9 19.63 0.62 -15.90
C ALA D 9 18.13 0.63 -15.57
N MET D 10 17.34 1.25 -16.41
CA MET D 10 15.86 1.31 -16.14
C MET D 10 15.60 1.79 -14.71
N ALA D 11 14.38 1.66 -14.25
CA ALA D 11 14.05 2.10 -12.86
C ALA D 11 14.18 0.93 -11.89
N GLU D 12 13.58 -0.18 -12.20
CA GLU D 12 13.66 -1.36 -11.29
C GLU D 12 14.98 -2.10 -11.49
N GLN D 13 15.67 -2.42 -10.43
CA GLN D 13 16.97 -3.13 -10.56
C GLN D 13 17.46 -3.61 -9.19
N ARG D 14 18.33 -4.59 -9.16
CA ARG D 14 18.85 -5.12 -7.87
C ARG D 14 17.74 -5.79 -7.06
N HIS D 15 16.77 -5.04 -6.62
CA HIS D 15 15.66 -5.64 -5.83
C HIS D 15 14.30 -5.25 -6.41
N GLN D 16 14.08 -5.51 -7.67
CA GLN D 16 12.78 -5.15 -8.30
C GLN D 16 11.64 -5.89 -7.59
N GLU D 17 11.44 -7.14 -7.93
CA GLU D 17 10.36 -7.96 -7.29
C GLU D 17 9.20 -7.10 -6.76
N TRP D 18 8.73 -6.17 -7.55
CA TRP D 18 7.60 -5.32 -7.07
C TRP D 18 6.65 -4.95 -8.22
N LEU D 19 7.16 -4.69 -9.39
CA LEU D 19 6.27 -4.32 -10.52
C LEU D 19 5.29 -5.47 -10.78
N ARG D 20 5.75 -6.69 -10.64
CA ARG D 20 4.82 -7.84 -10.83
C ARG D 20 3.76 -7.80 -9.72
N PHE D 21 4.05 -7.08 -8.67
CA PHE D 21 3.11 -6.94 -7.52
C PHE D 21 2.06 -5.87 -7.84
N VAL D 22 2.48 -4.78 -8.41
CA VAL D 22 1.55 -3.67 -8.73
C VAL D 22 0.59 -4.06 -9.84
N ASP D 23 1.06 -4.75 -10.84
CA ASP D 23 0.14 -5.14 -11.95
C ASP D 23 -1.11 -5.84 -11.43
N LEU D 24 -0.98 -6.59 -10.36
CA LEU D 24 -2.18 -7.28 -9.79
C LEU D 24 -2.75 -6.45 -8.66
N LEU D 25 -1.93 -5.71 -7.98
CA LEU D 25 -2.40 -4.86 -6.84
C LEU D 25 -3.29 -3.74 -7.35
N LYS D 26 -2.96 -3.16 -8.47
CA LYS D 26 -3.79 -2.06 -9.00
C LYS D 26 -4.88 -2.62 -9.91
N ASN D 27 -4.59 -3.69 -10.61
CA ASN D 27 -5.62 -4.28 -11.51
C ASN D 27 -6.89 -4.45 -10.70
N ALA D 28 -6.72 -4.44 -9.41
CA ALA D 28 -7.88 -4.53 -8.49
C ALA D 28 -8.28 -3.10 -8.09
N TYR D 29 -7.30 -2.25 -7.94
CA TYR D 29 -7.55 -0.82 -7.57
C TYR D 29 -8.59 -0.18 -8.50
N GLN D 30 -8.60 -0.58 -9.75
CA GLN D 30 -9.58 0.01 -10.73
C GLN D 30 -10.98 0.06 -10.14
N ASN D 31 -11.37 -0.94 -9.39
CA ASN D 31 -12.72 -0.94 -8.78
C ASN D 31 -12.60 -0.96 -7.25
N ASP D 32 -13.46 -1.67 -6.58
CA ASP D 32 -13.36 -1.75 -5.09
C ASP D 32 -12.45 -2.90 -4.70
N LEU D 33 -11.59 -3.31 -5.59
CA LEU D 33 -10.70 -4.45 -5.28
C LEU D 33 -9.35 -3.97 -4.75
N HIS D 34 -9.35 -2.88 -4.02
CA HIS D 34 -8.07 -2.38 -3.42
C HIS D 34 -8.07 -2.69 -1.93
N LEU D 35 -9.23 -2.88 -1.38
CA LEU D 35 -9.33 -3.24 0.06
C LEU D 35 -9.43 -4.76 0.24
N PRO D 36 -9.46 -5.54 -0.84
CA PRO D 36 -9.54 -7.00 -0.70
C PRO D 36 -8.12 -7.55 -0.59
N LEU D 37 -7.17 -6.66 -0.61
CA LEU D 37 -5.76 -7.08 -0.48
C LEU D 37 -5.34 -6.73 0.93
N LEU D 38 -6.03 -5.80 1.52
CA LEU D 38 -5.72 -5.42 2.90
C LEU D 38 -6.44 -6.37 3.87
N ASN D 39 -6.90 -7.50 3.38
CA ASN D 39 -7.58 -8.46 4.29
C ASN D 39 -6.93 -9.83 4.18
N LEU D 40 -6.83 -10.35 2.99
CA LEU D 40 -6.19 -11.68 2.83
C LEU D 40 -4.80 -11.68 3.50
N MET D 41 -4.32 -10.54 3.96
CA MET D 41 -2.99 -10.55 4.64
C MET D 41 -3.12 -10.35 6.18
N LEU D 42 -4.30 -10.52 6.74
CA LEU D 42 -4.52 -10.43 8.25
C LEU D 42 -4.24 -9.05 8.89
N THR D 43 -2.99 -8.65 9.05
CA THR D 43 -2.71 -7.32 9.71
C THR D 43 -2.96 -6.12 8.78
N PRO D 44 -3.29 -6.33 7.54
CA PRO D 44 -3.53 -5.19 6.65
C PRO D 44 -4.68 -4.31 7.11
N ASP D 45 -5.10 -4.43 8.35
CA ASP D 45 -6.14 -3.51 8.87
C ASP D 45 -5.46 -2.16 9.10
N GLU D 46 -4.60 -1.80 8.18
CA GLU D 46 -3.85 -0.53 8.29
C GLU D 46 -4.79 0.67 8.11
N ARG D 47 -6.09 0.48 8.25
CA ARG D 47 -7.04 1.62 8.11
C ARG D 47 -6.47 2.82 8.87
N GLU D 48 -5.78 2.55 9.94
CA GLU D 48 -5.15 3.65 10.73
C GLU D 48 -3.78 3.95 10.14
N ALA D 49 -3.03 2.94 9.75
CA ALA D 49 -1.69 3.19 9.15
C ALA D 49 -1.87 3.81 7.77
N LEU D 50 -3.08 3.85 7.26
CA LEU D 50 -3.33 4.47 5.92
C LEU D 50 -4.17 5.74 6.09
N GLY D 51 -5.15 5.69 6.94
CA GLY D 51 -6.01 6.89 7.17
C GLY D 51 -5.25 7.90 8.02
N THR D 52 -4.23 7.47 8.71
CA THR D 52 -3.45 8.42 9.55
C THR D 52 -2.13 8.76 8.86
N ARG D 53 -1.52 7.82 8.19
CA ARG D 53 -0.24 8.11 7.52
C ARG D 53 -0.49 9.04 6.34
N VAL D 54 -1.43 8.73 5.48
CA VAL D 54 -1.70 9.67 4.35
C VAL D 54 -2.04 11.03 4.95
N ARG D 55 -2.70 11.03 6.07
CA ARG D 55 -3.06 12.31 6.75
C ARG D 55 -1.79 13.07 7.12
N ILE D 56 -0.64 12.45 7.11
CA ILE D 56 0.61 13.19 7.48
C ILE D 56 1.12 13.98 6.28
N VAL D 57 1.27 13.37 5.13
CA VAL D 57 1.75 14.16 3.95
C VAL D 57 0.68 15.21 3.66
N GLU D 58 -0.55 14.79 3.76
CA GLU D 58 -1.70 15.72 3.55
C GLU D 58 -1.38 17.10 4.12
N GLU D 59 -0.78 17.13 5.28
CA GLU D 59 -0.43 18.43 5.92
C GLU D 59 1.05 18.74 5.71
N LEU D 60 1.87 17.72 5.57
CA LEU D 60 3.33 17.95 5.37
C LEU D 60 3.57 18.77 4.08
N LEU D 61 2.78 18.52 3.07
CA LEU D 61 2.97 19.28 1.80
C LEU D 61 2.33 20.68 1.89
N ARG D 62 1.73 20.99 3.01
CA ARG D 62 1.08 22.33 3.16
C ARG D 62 1.62 23.04 4.41
N GLY D 63 1.49 22.42 5.55
CA GLY D 63 2.00 23.06 6.80
C GLY D 63 3.42 22.56 7.10
N GLU D 64 3.56 21.30 7.44
CA GLU D 64 4.91 20.73 7.74
C GLU D 64 5.48 21.41 8.99
N MET D 65 4.63 21.81 9.90
CA MET D 65 5.12 22.47 11.14
C MET D 65 5.15 21.46 12.30
N SER D 66 4.51 20.33 12.14
CA SER D 66 4.50 19.30 13.23
C SER D 66 3.88 19.88 14.50
N GLN D 67 3.43 19.03 15.40
CA GLN D 67 2.80 19.51 16.68
C GLN D 67 2.03 20.82 16.47
N ARG D 68 0.88 20.78 15.83
CA ARG D 68 0.13 22.06 15.61
C ARG D 68 -1.28 21.82 15.05
N GLU D 69 -1.51 20.70 14.39
CA GLU D 69 -2.88 20.47 13.84
C GLU D 69 -3.60 19.35 14.59
N LEU D 70 -3.27 18.11 14.33
CA LEU D 70 -3.98 16.99 15.04
C LEU D 70 -3.44 15.64 14.57
N LYS D 71 -2.21 15.59 14.19
CA LYS D 71 -1.61 14.32 13.69
C LYS D 71 -1.78 13.18 14.69
N ASN D 72 -1.88 13.45 15.96
CA ASN D 72 -2.02 12.32 16.93
C ASN D 72 -3.07 12.61 18.00
N GLU D 73 -3.28 13.86 18.34
CA GLU D 73 -4.28 14.21 19.39
C GLU D 73 -5.59 13.43 19.17
N LEU D 74 -5.86 13.06 17.94
CA LEU D 74 -7.10 12.29 17.64
C LEU D 74 -6.90 11.50 16.35
N GLY D 75 -5.68 11.10 16.06
CA GLY D 75 -5.43 10.32 14.81
C GLY D 75 -4.16 9.48 14.96
N ALA D 76 -3.06 9.94 14.40
CA ALA D 76 -1.76 9.19 14.47
C ALA D 76 -0.85 9.74 13.40
N GLY D 77 0.15 10.41 13.83
CA GLY D 77 1.10 11.01 12.88
C GLY D 77 2.17 11.74 13.66
N ILE D 78 1.85 12.28 14.82
CA ILE D 78 2.86 13.00 15.66
C ILE D 78 4.25 12.49 15.32
N ALA D 79 4.37 11.20 15.25
CA ALA D 79 5.64 10.59 14.85
C ALA D 79 5.62 10.41 13.34
N THR D 80 4.52 9.89 12.83
CA THR D 80 4.40 9.66 11.37
C THR D 80 4.16 10.97 10.59
N ILE D 81 4.11 12.10 11.26
CA ILE D 81 3.97 13.41 10.53
C ILE D 81 5.26 14.19 10.71
N THR D 82 5.81 14.15 11.89
CA THR D 82 7.10 14.85 12.15
C THR D 82 8.21 13.95 11.62
N ARG D 83 8.01 12.66 11.70
CA ARG D 83 9.07 11.74 11.17
C ARG D 83 9.18 11.99 9.66
N GLY D 84 8.09 12.40 9.04
CA GLY D 84 8.13 12.70 7.57
C GLY D 84 9.37 13.54 7.24
N SER D 85 9.86 14.30 8.19
CA SER D 85 11.10 15.10 7.91
C SER D 85 12.15 14.15 7.37
N ASN D 86 12.04 12.90 7.76
CA ASN D 86 12.99 11.85 7.28
C ASN D 86 12.44 11.20 6.00
N SER D 87 11.46 11.83 5.36
CA SER D 87 10.88 11.26 4.11
C SER D 87 11.98 10.68 3.22
N LEU D 88 13.18 11.19 3.31
CA LEU D 88 14.31 10.65 2.49
C LEU D 88 14.27 9.12 2.53
N LYS D 89 13.82 8.56 3.62
CA LYS D 89 13.73 7.07 3.73
C LYS D 89 13.02 6.51 2.48
N ALA D 90 11.86 7.02 2.15
CA ALA D 90 11.14 6.55 0.92
C ALA D 90 11.29 7.63 -0.16
N ALA D 91 12.19 8.55 0.08
CA ALA D 91 12.49 9.68 -0.88
C ALA D 91 11.30 10.07 -1.75
N PRO D 92 10.74 11.21 -1.47
CA PRO D 92 9.62 11.72 -2.28
C PRO D 92 10.17 12.44 -3.52
N VAL D 93 10.95 13.47 -3.32
CA VAL D 93 11.52 14.26 -4.47
C VAL D 93 11.95 13.34 -5.63
N GLU D 94 12.46 12.18 -5.34
CA GLU D 94 12.89 11.25 -6.43
C GLU D 94 11.73 11.03 -7.43
N LEU D 95 10.58 10.69 -6.93
CA LEU D 95 9.39 10.47 -7.80
C LEU D 95 8.24 11.35 -7.35
N ARG D 96 8.43 12.12 -6.31
CA ARG D 96 7.34 13.05 -5.89
C ARG D 96 6.95 13.85 -7.13
N GLN D 97 7.85 13.94 -8.09
CA GLN D 97 7.56 14.65 -9.36
C GLN D 97 6.20 14.19 -9.88
N TRP D 98 5.92 12.91 -9.87
CA TRP D 98 4.57 12.50 -10.33
C TRP D 98 3.59 12.70 -9.17
N LEU D 99 4.00 12.34 -7.97
CA LEU D 99 3.10 12.53 -6.79
C LEU D 99 2.57 13.96 -6.79
N GLU D 100 3.42 14.90 -7.09
CA GLU D 100 2.97 16.31 -7.15
C GLU D 100 2.14 16.50 -8.43
N GLU D 101 2.45 15.76 -9.46
CA GLU D 101 1.67 15.87 -10.73
C GLU D 101 0.19 15.62 -10.43
N VAL D 102 -0.08 14.74 -9.51
CA VAL D 102 -1.50 14.45 -9.14
C VAL D 102 -1.89 15.29 -7.92
N LEU D 103 -1.13 16.31 -7.61
CA LEU D 103 -1.45 17.16 -6.43
C LEU D 103 -1.18 18.63 -6.77
N LEU D 104 0.00 18.93 -7.27
CA LEU D 104 0.33 20.33 -7.63
C LEU D 104 1.43 20.38 -8.69
N LYS D 105 2.56 19.74 -8.44
CA LYS D 105 3.71 19.76 -9.41
C LYS D 105 3.77 21.10 -10.15
N SER D 106 3.64 22.17 -9.43
CA SER D 106 3.67 23.53 -10.06
C SER D 106 4.95 23.69 -10.89
N ASP D 107 5.98 22.98 -10.55
CA ASP D 107 7.27 23.09 -11.32
C ASP D 107 7.72 24.55 -11.37
N TRP E . 1.21 -6.51 5.45
CA TRP E . 0.35 -7.62 5.92
C TRP E . -0.59 -7.10 6.97
O TRP E . -1.05 -7.91 7.74
CB TRP E . 1.32 -8.64 6.49
CG TRP E . 0.64 -9.82 7.08
CD1 TRP E . 0.42 -10.02 8.38
CD2 TRP E . 0.15 -10.99 6.39
NE1 TRP E . -0.14 -11.28 8.55
CE2 TRP E . -0.34 -11.91 7.35
CE3 TRP E . 0.07 -11.32 5.04
CZ2 TRP E . -0.87 -13.14 6.97
CZ3 TRP E . -0.47 -12.55 4.66
CH2 TRP E . -0.93 -13.46 5.62
OXT TRP E . -0.84 -5.91 6.99
H2 TRP E . 2.00 -6.89 4.89
H TRP E . 1.59 -6.00 6.28
HA TRP E . -0.19 -8.05 5.09
HB2 TRP E . 1.96 -8.99 5.71
HB3 TRP E . 1.92 -8.16 7.25
HD1 TRP E . 0.65 -9.33 9.16
HE1 TRP E . -0.38 -11.68 9.41
HE3 TRP E . 0.41 -10.64 4.30
HZ2 TRP E . -1.19 -13.85 7.71
HZ3 TRP E . -0.54 -12.78 3.62
HH2 TRP E . -1.36 -14.41 5.31
N TRP F . 5.11 2.94 7.50
CA TRP F . 5.71 4.30 7.33
C TRP F . 7.03 4.39 8.11
O TRP F . 7.26 3.52 8.94
CB TRP F . 4.65 5.24 7.88
CG TRP F . 5.29 6.42 8.52
CD1 TRP F . 5.83 6.42 9.75
CD2 TRP F . 5.48 7.73 7.97
NE1 TRP F . 6.32 7.69 10.00
CE2 TRP F . 6.13 8.53 8.92
CE3 TRP F . 5.14 8.30 6.73
CZ2 TRP F . 6.43 9.86 8.65
CZ3 TRP F . 5.44 9.63 6.45
CH2 TRP F . 6.08 10.42 7.42
OXT TRP F . 7.77 5.33 7.87
H2 TRP F . 4.85 2.81 8.50
H TRP F . 5.82 2.24 7.23
HA TRP F . 5.87 4.52 6.29
HB2 TRP F . 4.04 5.60 7.05
HB3 TRP F . 4.02 4.73 8.59
HD1 TRP F . 5.86 5.59 10.43
HE1 TRP F . 6.77 7.98 10.83
HE3 TRP F . 4.64 7.69 5.98
HZ2 TRP F . 6.92 10.47 9.41
HZ3 TRP F . 5.18 10.05 5.50
HH2 TRP F . 6.30 11.45 7.21
N GLN C 3 -18.34 20.78 10.70
CA GLN C 3 -19.00 21.46 11.85
C GLN C 3 -19.73 20.46 12.74
N SER C 4 -20.08 19.31 12.20
CA SER C 4 -20.79 18.29 13.02
C SER C 4 -20.70 16.91 12.35
N PRO C 5 -19.66 16.19 12.67
CA PRO C 5 -19.46 14.84 12.09
C PRO C 5 -20.46 13.85 12.70
N TYR C 6 -21.73 14.03 12.44
CA TYR C 6 -22.75 13.09 12.99
C TYR C 6 -22.58 12.95 14.51
N SER C 7 -23.35 12.09 15.12
CA SER C 7 -23.23 11.90 16.59
C SER C 7 -23.65 10.47 16.98
N ALA C 8 -24.80 10.05 16.53
CA ALA C 8 -25.28 8.68 16.87
C ALA C 8 -24.60 7.65 15.96
N ALA C 9 -24.36 7.99 14.73
CA ALA C 9 -23.70 7.05 13.79
C ALA C 9 -22.17 7.23 13.82
N MET C 10 -21.59 7.16 14.99
CA MET C 10 -20.11 7.34 15.10
C MET C 10 -19.38 6.28 14.25
N ALA C 11 -18.57 6.71 13.32
CA ALA C 11 -17.83 5.74 12.45
C ALA C 11 -18.81 4.74 11.82
N GLU C 12 -19.33 5.07 10.67
CA GLU C 12 -20.29 4.15 9.99
C GLU C 12 -19.95 4.03 8.51
N GLN C 13 -19.67 5.12 7.86
CA GLN C 13 -19.33 5.08 6.41
C GLN C 13 -18.39 6.22 6.04
N ARG C 14 -17.14 6.13 6.41
CA ARG C 14 -16.17 7.21 6.08
C ARG C 14 -14.79 6.62 5.78
N HIS C 15 -14.21 6.99 4.66
CA HIS C 15 -12.86 6.44 4.31
C HIS C 15 -12.32 7.14 3.05
N GLN C 16 -12.62 8.40 2.89
CA GLN C 16 -12.12 9.13 1.68
C GLN C 16 -10.59 9.09 1.64
N GLU C 17 -9.96 8.97 2.78
CA GLU C 17 -8.46 8.93 2.80
C GLU C 17 -7.98 7.60 2.22
N TRP C 18 -8.77 6.57 2.32
CA TRP C 18 -8.35 5.24 1.77
C TRP C 18 -8.44 5.26 0.24
N LEU C 19 -9.48 5.83 -0.30
CA LEU C 19 -9.61 5.88 -1.79
C LEU C 19 -8.64 6.90 -2.38
N ARG C 20 -8.48 8.02 -1.72
CA ARG C 20 -7.51 9.04 -2.24
C ARG C 20 -6.12 8.40 -2.37
N PHE C 21 -5.87 7.40 -1.55
CA PHE C 21 -4.56 6.69 -1.61
C PHE C 21 -4.62 5.55 -2.63
N VAL C 22 -5.78 5.27 -3.18
CA VAL C 22 -5.88 4.18 -4.17
C VAL C 22 -5.74 4.79 -5.55
N ASP C 23 -6.45 5.86 -5.80
CA ASP C 23 -6.37 6.51 -7.12
C ASP C 23 -4.98 7.11 -7.33
N LEU C 24 -4.41 7.67 -6.28
CA LEU C 24 -3.06 8.27 -6.43
C LEU C 24 -2.02 7.15 -6.61
N LEU C 25 -2.25 6.01 -6.02
CA LEU C 25 -1.28 4.90 -6.19
C LEU C 25 -1.27 4.45 -7.66
N LYS C 26 -2.31 3.80 -8.11
CA LYS C 26 -2.39 3.33 -9.55
C LYS C 26 -1.73 4.31 -10.55
N ASN C 27 -2.13 5.55 -10.49
CA ASN C 27 -1.55 6.57 -11.43
C ASN C 27 -0.04 6.53 -11.42
N ALA C 28 0.54 6.62 -10.25
CA ALA C 28 2.03 6.56 -10.15
C ALA C 28 2.46 5.10 -10.19
N TYR C 29 1.56 4.23 -9.81
CA TYR C 29 1.82 2.76 -9.81
C TYR C 29 2.22 2.29 -11.22
N GLN C 30 1.97 3.11 -12.22
CA GLN C 30 2.33 2.70 -13.61
C GLN C 30 3.86 2.65 -13.77
N ASN C 31 4.57 3.59 -13.21
CA ASN C 31 6.06 3.59 -13.34
C ASN C 31 6.72 3.47 -11.96
N ASP C 32 7.24 4.56 -11.42
CA ASP C 32 7.89 4.50 -10.07
C ASP C 32 7.44 5.67 -9.20
N LEU C 33 6.48 6.43 -9.66
CA LEU C 33 5.99 7.59 -8.86
C LEU C 33 5.07 7.11 -7.74
N HIS C 34 5.03 5.83 -7.49
CA HIS C 34 4.17 5.29 -6.41
C HIS C 34 5.04 4.81 -5.24
N LEU C 35 6.17 4.24 -5.55
CA LEU C 35 7.11 3.79 -4.49
C LEU C 35 7.40 4.96 -3.52
N PRO C 36 7.53 6.14 -4.07
CA PRO C 36 7.81 7.34 -3.24
C PRO C 36 6.63 7.62 -2.32
N LEU C 37 5.50 7.08 -2.67
CA LEU C 37 4.28 7.29 -1.87
C LEU C 37 4.05 6.11 -0.94
N LEU C 38 4.35 4.92 -1.39
CA LEU C 38 4.15 3.74 -0.52
C LEU C 38 5.13 3.81 0.64
N ASN C 39 6.17 4.59 0.50
CA ASN C 39 7.17 4.68 1.58
C ASN C 39 6.94 5.92 2.44
N LEU C 40 6.76 7.09 1.86
CA LEU C 40 6.56 8.30 2.72
C LEU C 40 5.07 8.61 2.91
N MET C 41 4.20 7.68 2.61
CA MET C 41 2.74 8.00 2.79
C MET C 41 1.89 6.76 3.09
N LEU C 42 2.45 5.76 3.68
CA LEU C 42 1.66 4.55 4.00
C LEU C 42 2.45 3.76 4.99
N THR C 43 3.58 3.34 4.55
CA THR C 43 4.54 2.62 5.39
C THR C 43 5.66 2.18 4.48
N PRO C 44 6.79 2.70 4.76
CA PRO C 44 7.97 2.42 3.95
C PRO C 44 8.62 1.12 4.43
N ASP C 45 8.83 0.96 5.71
CA ASP C 45 9.36 -0.34 6.20
C ASP C 45 8.39 -1.43 5.75
N GLU C 46 7.13 -1.11 5.69
CA GLU C 46 6.13 -2.11 5.23
C GLU C 46 6.28 -2.29 3.71
N ARG C 47 6.98 -1.38 3.04
CA ARG C 47 7.16 -1.58 1.58
C ARG C 47 7.67 -3.00 1.40
N GLU C 48 8.49 -3.43 2.34
CA GLU C 48 8.96 -4.83 2.31
C GLU C 48 7.80 -5.70 2.77
N ALA C 49 7.08 -5.24 3.76
CA ALA C 49 5.89 -6.02 4.24
C ALA C 49 4.96 -6.29 3.06
N LEU C 50 4.84 -5.38 2.12
CA LEU C 50 3.93 -5.66 0.95
C LEU C 50 4.50 -6.82 0.17
N GLY C 51 5.71 -6.68 -0.31
CA GLY C 51 6.36 -7.78 -1.09
C GLY C 51 6.09 -9.09 -0.36
N THR C 52 6.26 -9.08 0.94
CA THR C 52 6.01 -10.33 1.73
C THR C 52 4.51 -10.53 1.99
N ARG C 53 3.75 -9.47 1.99
CA ARG C 53 2.29 -9.58 2.26
C ARG C 53 1.59 -10.31 1.12
N VAL C 54 1.31 -9.61 0.08
CA VAL C 54 0.60 -10.23 -1.06
C VAL C 54 1.33 -11.47 -1.56
N ARG C 55 2.65 -11.47 -1.59
CA ARG C 55 3.35 -12.69 -2.09
C ARG C 55 2.86 -13.94 -1.35
N ILE C 56 2.46 -13.82 -0.11
CA ILE C 56 1.96 -15.04 0.59
C ILE C 56 0.58 -15.42 0.01
N VAL C 57 -0.04 -14.55 -0.76
CA VAL C 57 -1.36 -14.91 -1.39
C VAL C 57 -1.09 -15.16 -2.85
N GLU C 58 -0.23 -14.34 -3.41
CA GLU C 58 0.16 -14.51 -4.83
C GLU C 58 0.51 -15.97 -5.05
N GLU C 59 1.10 -16.57 -4.04
CA GLU C 59 1.50 -18.00 -4.12
C GLU C 59 0.39 -18.89 -3.56
N LEU C 60 -0.37 -18.38 -2.62
CA LEU C 60 -1.48 -19.21 -2.03
C LEU C 60 -2.43 -19.68 -3.13
N LEU C 61 -2.75 -18.82 -4.05
CA LEU C 61 -3.67 -19.23 -5.15
C LEU C 61 -2.87 -19.89 -6.28
N ARG C 62 -1.81 -19.27 -6.73
CA ARG C 62 -1.00 -19.87 -7.81
C ARG C 62 -0.40 -21.21 -7.35
N GLY C 63 -0.06 -21.31 -6.09
CA GLY C 63 0.52 -22.57 -5.57
C GLY C 63 2.03 -22.55 -5.81
N GLU C 64 2.78 -22.06 -4.85
CA GLU C 64 4.26 -22.01 -5.04
C GLU C 64 4.92 -23.06 -4.15
N MET C 65 5.17 -22.76 -2.90
CA MET C 65 5.82 -23.76 -1.99
C MET C 65 6.03 -23.18 -0.58
N SER C 66 5.04 -22.56 0.00
CA SER C 66 5.23 -22.00 1.39
C SER C 66 5.53 -23.16 2.35
N GLN C 67 5.32 -22.99 3.65
CA GLN C 67 5.60 -24.13 4.58
C GLN C 67 7.08 -24.52 4.51
N ARG C 68 7.88 -24.00 5.40
CA ARG C 68 9.34 -24.32 5.43
C ARG C 68 9.93 -24.35 4.02
N GLU C 69 9.64 -23.33 3.25
CA GLU C 69 10.17 -23.28 1.85
C GLU C 69 9.91 -21.89 1.22
N LEU C 70 8.88 -21.19 1.63
CA LEU C 70 8.62 -19.84 1.04
C LEU C 70 8.19 -18.86 2.13
N LYS C 71 6.97 -18.97 2.60
CA LYS C 71 6.46 -18.09 3.70
C LYS C 71 7.57 -17.19 4.27
N ASN C 72 8.48 -17.74 5.05
CA ASN C 72 9.57 -16.91 5.63
C ASN C 72 10.94 -17.35 5.11
N GLU C 73 10.99 -18.35 4.28
CA GLU C 73 12.32 -18.80 3.74
C GLU C 73 13.16 -17.57 3.36
N LEU C 74 12.49 -16.49 3.06
CA LEU C 74 13.19 -15.23 2.71
C LEU C 74 12.24 -14.03 2.89
N GLY C 75 11.22 -14.17 3.72
CA GLY C 75 10.27 -13.03 3.89
C GLY C 75 9.59 -13.01 5.28
N ALA C 76 8.64 -13.90 5.54
CA ALA C 76 7.88 -13.92 6.82
C ALA C 76 6.48 -14.17 6.37
N GLY C 77 6.26 -15.36 6.05
CA GLY C 77 4.97 -15.75 5.53
C GLY C 77 4.34 -16.73 6.49
N ILE C 78 5.09 -17.46 7.26
CA ILE C 78 4.43 -18.44 8.14
C ILE C 78 3.33 -17.78 8.89
N ALA C 79 3.68 -17.00 9.88
CA ALA C 79 2.61 -16.27 10.61
C ALA C 79 1.78 -15.52 9.58
N THR C 80 2.40 -15.20 8.47
CA THR C 80 1.67 -14.51 7.38
C THR C 80 0.93 -15.56 6.52
N ILE C 81 1.62 -16.30 5.69
CA ILE C 81 0.93 -17.34 4.86
C ILE C 81 -0.19 -18.01 5.68
N THR C 82 0.05 -18.26 6.95
CA THR C 82 -1.02 -18.87 7.80
C THR C 82 -2.06 -17.78 8.11
N ARG C 83 -1.64 -16.61 8.54
CA ARG C 83 -2.64 -15.56 8.79
C ARG C 83 -3.32 -15.26 7.44
N GLY C 84 -2.67 -15.61 6.34
CA GLY C 84 -3.29 -15.39 5.00
C GLY C 84 -4.69 -15.97 5.02
N SER C 85 -4.86 -17.15 5.56
CA SER C 85 -6.25 -17.69 5.67
C SER C 85 -7.05 -16.66 6.48
N ASN C 86 -6.48 -16.24 7.58
CA ASN C 86 -7.15 -15.19 8.39
C ASN C 86 -7.40 -13.98 7.48
N SER C 87 -6.50 -13.71 6.57
CA SER C 87 -6.71 -12.55 5.65
C SER C 87 -8.14 -12.61 5.12
N LEU C 88 -8.66 -13.80 4.96
CA LEU C 88 -10.08 -13.93 4.53
C LEU C 88 -10.89 -13.08 5.49
N LYS C 89 -10.43 -12.97 6.70
CA LYS C 89 -11.15 -12.11 7.70
C LYS C 89 -11.31 -10.70 7.13
N ALA C 90 -10.29 -10.15 6.51
CA ALA C 90 -10.47 -8.78 5.94
C ALA C 90 -11.42 -8.88 4.75
N ALA C 91 -11.73 -10.09 4.33
CA ALA C 91 -12.68 -10.27 3.21
C ALA C 91 -13.43 -11.61 3.30
N PRO C 92 -14.74 -11.55 3.35
CA PRO C 92 -15.54 -12.80 3.44
C PRO C 92 -15.39 -13.62 2.15
N VAL C 93 -15.26 -12.97 1.03
CA VAL C 93 -15.09 -13.70 -0.28
C VAL C 93 -15.14 -12.72 -1.44
N GLU C 94 -15.81 -11.61 -1.27
CA GLU C 94 -15.90 -10.61 -2.37
C GLU C 94 -14.51 -10.16 -2.77
N LEU C 95 -13.78 -9.66 -1.84
CA LEU C 95 -12.42 -9.20 -2.15
C LEU C 95 -11.56 -10.39 -2.57
N ARG C 96 -11.70 -11.50 -1.91
CA ARG C 96 -10.93 -12.69 -2.33
C ARG C 96 -11.27 -12.94 -3.81
N GLN C 97 -12.43 -12.50 -4.22
CA GLN C 97 -12.85 -12.68 -5.64
C GLN C 97 -11.84 -11.98 -6.57
N TRP C 98 -11.43 -10.75 -6.30
CA TRP C 98 -10.43 -10.15 -7.23
C TRP C 98 -9.17 -11.03 -7.24
N LEU C 99 -8.69 -11.41 -6.09
CA LEU C 99 -7.48 -12.28 -6.03
C LEU C 99 -7.67 -13.45 -7.00
N GLU C 100 -8.85 -14.00 -7.01
CA GLU C 100 -9.14 -15.12 -7.94
C GLU C 100 -9.36 -14.56 -9.34
N GLU C 101 -9.84 -13.35 -9.45
CA GLU C 101 -10.07 -12.74 -10.79
C GLU C 101 -8.79 -12.84 -11.63
N VAL C 102 -7.66 -12.84 -10.98
CA VAL C 102 -6.37 -12.96 -11.72
C VAL C 102 -5.70 -14.29 -11.38
N LEU C 103 -6.45 -15.25 -10.90
CA LEU C 103 -5.84 -16.56 -10.55
C LEU C 103 -6.80 -17.73 -10.84
N LEU C 104 -8.08 -17.58 -10.57
CA LEU C 104 -9.03 -18.71 -10.83
C LEU C 104 -10.47 -18.21 -11.09
N LYS C 105 -10.88 -17.14 -10.45
CA LYS C 105 -12.28 -16.64 -10.67
C LYS C 105 -12.58 -16.54 -12.16
N SER C 106 -11.83 -15.74 -12.87
CA SER C 106 -12.06 -15.59 -14.34
C SER C 106 -11.02 -14.63 -14.93
N ASP C 107 -11.36 -13.97 -16.00
CA ASP C 107 -10.40 -13.01 -16.63
C ASP C 107 -9.05 -13.70 -16.90
N GLN D 3 33.61 -20.04 -5.50
CA GLN D 3 33.31 -18.74 -6.15
C GLN D 3 33.62 -17.59 -5.19
N SER D 4 34.04 -16.46 -5.71
CA SER D 4 34.36 -15.30 -4.83
C SER D 4 33.07 -14.70 -4.25
N PRO D 5 32.16 -14.33 -5.12
CA PRO D 5 30.88 -13.74 -4.67
C PRO D 5 29.97 -14.82 -4.06
N TYR D 6 30.15 -16.05 -4.47
CA TYR D 6 29.30 -17.16 -3.92
C TYR D 6 27.82 -16.81 -4.05
N SER D 7 27.46 -16.05 -5.06
CA SER D 7 26.03 -15.67 -5.27
C SER D 7 25.47 -14.99 -3.99
N ALA D 8 24.95 -15.77 -3.07
CA ALA D 8 24.40 -15.18 -1.81
C ALA D 8 23.28 -14.17 -2.14
N ALA D 9 23.64 -12.94 -2.42
CA ALA D 9 22.60 -11.92 -2.75
C ALA D 9 23.11 -10.95 -3.82
N MET D 10 23.20 -11.41 -5.04
CA MET D 10 23.70 -10.51 -6.13
C MET D 10 22.52 -9.96 -6.94
N ALA D 11 22.21 -8.70 -6.76
CA ALA D 11 21.07 -8.09 -7.51
C ALA D 11 19.81 -8.94 -7.35
N GLU D 12 19.70 -9.67 -6.28
CA GLU D 12 18.48 -10.51 -6.07
C GLU D 12 17.52 -9.82 -5.10
N GLN D 13 17.57 -8.52 -5.03
CA GLN D 13 16.65 -7.78 -4.10
C GLN D 13 16.60 -6.30 -4.48
N ARG D 14 16.78 -6.00 -5.73
CA ARG D 14 16.75 -4.56 -6.17
C ARG D 14 15.32 -4.01 -6.03
N HIS D 15 15.05 -2.89 -6.66
CA HIS D 15 13.69 -2.31 -6.57
C HIS D 15 12.78 -2.88 -7.66
N GLN D 16 12.69 -4.18 -7.74
CA GLN D 16 11.82 -4.80 -8.78
C GLN D 16 10.76 -5.71 -8.12
N GLU D 17 10.82 -5.87 -6.84
CA GLU D 17 9.82 -6.74 -6.15
C GLU D 17 8.54 -5.97 -5.83
N TRP D 18 8.41 -4.76 -6.32
CA TRP D 18 7.17 -3.98 -6.03
C TRP D 18 6.44 -3.58 -7.33
N LEU D 19 7.14 -3.46 -8.42
CA LEU D 19 6.46 -3.08 -9.69
C LEU D 19 5.58 -4.24 -10.16
N ARG D 20 6.13 -5.43 -10.22
CA ARG D 20 5.29 -6.60 -10.60
C ARG D 20 4.14 -6.71 -9.58
N PHE D 21 4.35 -6.12 -8.43
CA PHE D 21 3.32 -6.11 -7.36
C PHE D 21 2.23 -5.08 -7.69
N VAL D 22 2.64 -3.91 -8.09
CA VAL D 22 1.66 -2.84 -8.44
C VAL D 22 0.72 -3.31 -9.54
N ASP D 23 1.27 -3.86 -10.59
CA ASP D 23 0.39 -4.35 -11.71
C ASP D 23 -0.66 -5.32 -11.16
N LEU D 24 -0.38 -5.91 -10.02
CA LEU D 24 -1.38 -6.85 -9.42
C LEU D 24 -2.05 -6.18 -8.23
N LEU D 25 -1.85 -4.89 -8.08
CA LEU D 25 -2.47 -4.16 -6.93
C LEU D 25 -3.47 -3.13 -7.47
N LYS D 26 -3.06 -2.41 -8.47
CA LYS D 26 -3.96 -1.39 -9.07
C LYS D 26 -4.87 -2.04 -10.10
N ASN D 27 -4.40 -3.07 -10.77
CA ASN D 27 -5.26 -3.75 -11.77
C ASN D 27 -6.60 -4.02 -11.14
N ALA D 28 -6.61 -4.00 -9.84
CA ALA D 28 -7.86 -4.19 -9.07
C ALA D 28 -8.39 -2.83 -8.64
N TYR D 29 -7.49 -1.93 -8.34
CA TYR D 29 -7.87 -0.55 -7.92
C TYR D 29 -8.89 0.06 -8.90
N GLN D 30 -8.85 -0.37 -10.13
CA GLN D 30 -9.80 0.19 -11.14
C GLN D 30 -11.23 0.14 -10.64
N ASN D 31 -11.53 -0.76 -9.74
CA ASN D 31 -12.92 -0.87 -9.21
C ASN D 31 -12.88 -1.11 -7.69
N ASP D 32 -13.74 -1.97 -7.18
CA ASP D 32 -13.74 -2.24 -5.70
C ASP D 32 -12.67 -3.27 -5.35
N LEU D 33 -11.81 -3.60 -6.27
CA LEU D 33 -10.79 -4.62 -5.95
C LEU D 33 -9.53 -3.99 -5.34
N HIS D 34 -9.67 -2.89 -4.63
CA HIS D 34 -8.49 -2.27 -3.95
C HIS D 34 -8.51 -2.65 -2.47
N LEU D 35 -9.65 -3.04 -1.99
CA LEU D 35 -9.76 -3.48 -0.58
C LEU D 35 -9.56 -5.00 -0.45
N PRO D 36 -9.50 -5.74 -1.56
CA PRO D 36 -9.31 -7.20 -1.49
C PRO D 36 -7.83 -7.51 -1.41
N LEU D 37 -7.05 -6.49 -1.33
CA LEU D 37 -5.58 -6.68 -1.24
C LEU D 37 -5.13 -6.07 0.08
N LEU D 38 -5.81 -5.05 0.50
CA LEU D 38 -5.51 -4.46 1.81
C LEU D 38 -6.43 -5.19 2.81
N ASN D 39 -6.92 -6.33 2.37
CA ASN D 39 -7.78 -7.17 3.23
C ASN D 39 -7.51 -8.62 2.86
N LEU D 40 -6.39 -8.86 2.25
CA LEU D 40 -6.02 -10.23 1.85
C LEU D 40 -4.76 -10.61 2.62
N MET D 41 -4.21 -9.68 3.38
CA MET D 41 -2.97 -10.00 4.14
C MET D 41 -3.13 -9.69 5.67
N LEU D 42 -4.17 -10.24 6.28
CA LEU D 42 -4.45 -10.10 7.78
C LEU D 42 -4.36 -8.66 8.33
N THR D 43 -3.18 -8.12 8.47
CA THR D 43 -3.08 -6.73 9.04
C THR D 43 -3.03 -5.66 7.93
N PRO D 44 -3.76 -5.85 6.87
CA PRO D 44 -3.78 -4.86 5.81
C PRO D 44 -4.88 -3.84 6.08
N ASP D 45 -5.39 -3.81 7.29
CA ASP D 45 -6.40 -2.78 7.64
C ASP D 45 -5.67 -1.46 7.82
N GLU D 46 -4.71 -1.20 6.97
CA GLU D 46 -3.93 0.06 7.06
C GLU D 46 -4.81 1.27 6.74
N ARG D 47 -6.11 1.09 6.68
CA ARG D 47 -7.01 2.25 6.41
C ARG D 47 -6.67 3.38 7.37
N GLU D 48 -6.06 3.06 8.49
CA GLU D 48 -5.65 4.11 9.45
C GLU D 48 -4.20 4.48 9.16
N ALA D 49 -3.37 3.50 8.90
CA ALA D 49 -1.96 3.81 8.58
C ALA D 49 -1.96 4.64 7.29
N LEU D 50 -2.43 4.08 6.20
CA LEU D 50 -2.47 4.88 4.93
C LEU D 50 -3.50 6.01 5.04
N GLY D 51 -4.61 5.77 5.68
CA GLY D 51 -5.64 6.83 5.82
C GLY D 51 -5.05 7.98 6.63
N THR D 52 -4.50 7.68 7.78
CA THR D 52 -3.88 8.75 8.61
C THR D 52 -2.52 9.11 8.03
N ARG D 53 -1.97 8.29 7.18
CA ARG D 53 -0.66 8.65 6.56
C ARG D 53 -0.87 9.92 5.75
N VAL D 54 -1.74 9.85 4.77
CA VAL D 54 -2.05 11.05 3.92
C VAL D 54 -1.91 12.33 4.74
N ARG D 55 -2.27 12.28 5.99
CA ARG D 55 -2.14 13.47 6.88
C ARG D 55 -0.67 13.93 6.95
N ILE D 56 0.24 13.07 6.57
CA ILE D 56 1.70 13.43 6.63
C ILE D 56 2.21 14.20 5.42
N VAL D 57 1.35 14.48 4.47
CA VAL D 57 1.79 15.26 3.29
C VAL D 57 0.78 16.38 3.12
N GLU D 58 -0.46 16.03 3.14
CA GLU D 58 -1.52 17.05 3.04
C GLU D 58 -1.36 18.07 4.18
N GLU D 59 -0.69 17.70 5.25
CA GLU D 59 -0.47 18.66 6.37
C GLU D 59 0.97 19.18 6.32
N LEU D 60 1.88 18.36 5.87
CA LEU D 60 3.31 18.79 5.81
C LEU D 60 3.50 19.77 4.64
N LEU D 61 2.93 19.48 3.51
CA LEU D 61 3.06 20.40 2.34
C LEU D 61 2.42 21.74 2.67
N ARG D 62 1.46 21.75 3.54
CA ARG D 62 0.78 23.03 3.92
C ARG D 62 1.39 23.58 5.20
N GLY D 63 1.48 22.77 6.23
CA GLY D 63 2.08 23.24 7.51
C GLY D 63 3.37 22.44 7.77
N GLU D 64 3.51 21.88 8.96
CA GLU D 64 4.73 21.09 9.26
C GLU D 64 4.59 20.36 10.60
N MET D 65 4.12 21.03 11.61
CA MET D 65 3.97 20.38 12.95
C MET D 65 3.34 21.36 13.95
N SER D 66 2.04 21.48 13.95
CA SER D 66 1.38 22.42 14.90
C SER D 66 0.46 21.68 15.87
N GLN D 67 0.49 20.37 15.87
CA GLN D 67 -0.40 19.60 16.80
C GLN D 67 -1.82 20.19 16.81
N ARG D 68 -2.37 20.42 15.65
CA ARG D 68 -3.75 21.01 15.60
C ARG D 68 -4.30 21.03 14.17
N GLU D 69 -3.46 20.89 13.16
CA GLU D 69 -3.98 20.91 11.77
C GLU D 69 -4.99 19.78 11.57
N LEU D 70 -4.53 18.56 11.55
CA LEU D 70 -5.47 17.40 11.38
C LEU D 70 -4.70 16.07 11.32
N LYS D 71 -3.50 16.02 11.83
CA LYS D 71 -2.72 14.75 11.77
C LYS D 71 -3.06 13.85 12.95
N ASN D 72 -3.51 14.38 14.04
CA ASN D 72 -3.81 13.49 15.20
C ASN D 72 -5.09 13.95 15.92
N GLU D 73 -5.33 15.23 15.97
CA GLU D 73 -6.55 15.75 16.64
C GLU D 73 -7.78 14.93 16.23
N LEU D 74 -7.77 14.38 15.06
CA LEU D 74 -8.92 13.56 14.58
C LEU D 74 -8.43 12.51 13.59
N GLY D 75 -7.22 12.07 13.73
CA GLY D 75 -6.68 11.04 12.78
C GLY D 75 -5.48 10.32 13.40
N ALA D 76 -4.28 10.68 13.01
CA ALA D 76 -3.04 10.03 13.55
C ALA D 76 -1.89 10.35 12.64
N GLY D 77 -0.78 10.66 13.22
CA GLY D 77 0.42 11.02 12.41
C GLY D 77 1.10 12.23 13.05
N ILE D 78 0.55 12.76 14.12
CA ILE D 78 1.20 13.93 14.78
C ILE D 78 2.70 13.73 14.81
N ALA D 79 3.11 12.55 15.12
CA ALA D 79 4.55 12.23 15.12
C ALA D 79 4.93 11.83 13.70
N THR D 80 4.02 11.19 13.02
CA THR D 80 4.29 10.76 11.62
C THR D 80 4.20 11.99 10.67
N ILE D 81 3.12 12.70 10.57
CA ILE D 81 3.10 13.91 9.69
C ILE D 81 4.29 14.84 9.98
N THR D 82 4.68 14.96 11.23
CA THR D 82 5.83 15.85 11.56
C THR D 82 7.11 15.06 11.36
N ARG D 83 7.09 13.79 11.65
CA ARG D 83 8.32 12.99 11.40
C ARG D 83 8.67 13.14 9.91
N GLY D 84 7.68 13.50 9.12
CA GLY D 84 7.91 13.71 7.64
C GLY D 84 9.11 14.63 7.45
N SER D 85 9.45 15.41 8.44
CA SER D 85 10.67 16.27 8.31
C SER D 85 11.81 15.35 7.83
N ASN D 86 11.70 14.10 8.18
CA ASN D 86 12.71 13.09 7.73
C ASN D 86 12.19 12.35 6.49
N SER D 87 11.29 12.98 5.76
CA SER D 87 10.73 12.35 4.52
C SER D 87 11.85 11.70 3.70
N LEU D 88 13.06 12.20 3.81
CA LEU D 88 14.20 11.60 3.06
C LEU D 88 14.12 10.08 3.16
N LYS D 89 13.63 9.59 4.27
CA LYS D 89 13.51 8.10 4.45
C LYS D 89 12.80 7.48 3.24
N ALA D 90 11.65 7.98 2.87
CA ALA D 90 10.93 7.44 1.68
C ALA D 90 10.99 8.49 0.56
N ALA D 91 11.86 9.47 0.73
CA ALA D 91 12.05 10.57 -0.28
C ALA D 91 10.83 10.85 -1.14
N PRO D 92 10.10 11.87 -0.77
CA PRO D 92 8.93 12.26 -1.55
C PRO D 92 9.37 13.14 -2.72
N VAL D 93 10.46 13.86 -2.56
CA VAL D 93 10.97 14.75 -3.65
C VAL D 93 11.51 13.96 -4.84
N GLU D 94 12.21 12.88 -4.60
CA GLU D 94 12.76 12.09 -5.75
C GLU D 94 11.65 11.83 -6.77
N LEU D 95 10.43 11.78 -6.31
CA LEU D 95 9.28 11.56 -7.22
C LEU D 95 8.15 12.50 -6.86
N ARG D 96 8.37 13.42 -5.94
CA ARG D 96 7.31 14.41 -5.61
C ARG D 96 6.80 14.95 -6.94
N GLN D 97 7.67 14.97 -7.93
CA GLN D 97 7.29 15.44 -9.28
C GLN D 97 5.91 14.89 -9.64
N TRP D 98 5.66 13.62 -9.44
CA TRP D 98 4.30 13.12 -9.74
C TRP D 98 3.40 13.38 -8.53
N LEU D 99 3.92 13.17 -7.33
CA LEU D 99 3.10 13.42 -6.11
C LEU D 99 2.47 14.80 -6.20
N GLU D 100 3.13 15.70 -6.88
CA GLU D 100 2.58 17.06 -7.06
C GLU D 100 1.66 17.08 -8.28
N GLU D 101 1.95 16.25 -9.25
CA GLU D 101 1.08 16.20 -10.47
C GLU D 101 -0.37 15.96 -10.05
N VAL D 102 -0.57 15.30 -8.95
CA VAL D 102 -1.96 15.05 -8.46
C VAL D 102 -2.29 16.02 -7.32
N LEU D 103 -1.51 17.05 -7.16
CA LEU D 103 -1.80 18.04 -6.07
C LEU D 103 -1.53 19.45 -6.57
N LEU D 104 -0.41 19.66 -7.20
CA LEU D 104 -0.09 21.02 -7.73
C LEU D 104 0.90 20.94 -8.89
N LYS D 105 2.07 20.37 -8.67
CA LYS D 105 3.10 20.27 -9.76
C LYS D 105 3.05 21.50 -10.67
N SER D 106 2.94 22.67 -10.08
CA SER D 106 2.88 23.91 -10.89
C SER D 106 4.11 24.04 -11.78
N ASP D 107 3.93 24.24 -13.05
CA ASP D 107 5.11 24.37 -13.97
C ASP D 107 5.26 25.83 -14.42
N TRP E . -0.79 -6.62 5.97
CA TRP E . -0.30 -7.44 7.11
C TRP E . 0.58 -6.60 8.02
O TRP E . 0.95 -5.52 7.61
CB TRP E . 0.51 -8.57 6.48
CG TRP E . 0.09 -9.87 7.01
CD1 TRP E . -0.02 -10.21 8.31
CD2 TRP E . -0.27 -11.02 6.25
NE1 TRP E . -0.41 -11.54 8.38
CE2 TRP E . -0.59 -12.07 7.12
CE3 TRP E . -0.35 -11.24 4.88
CZ2 TRP E . -0.97 -13.32 6.63
CZ3 TRP E . -0.75 -12.48 4.39
CH2 TRP E . -1.05 -13.51 5.26
OXT TRP E . 0.87 -7.06 9.11
H2 TRP E . -0.01 -6.47 5.30
H TRP E . -1.13 -5.69 6.32
HA TRP E . -1.12 -7.85 7.66
HB2 TRP E . 0.35 -8.59 5.42
HB3 TRP E . 1.57 -8.42 6.68
HD1 TRP E . 0.15 -9.55 9.13
HE1 TRP E . -0.55 -12.04 9.21
HE3 TRP E . -0.10 -10.45 4.20
HZ2 TRP E . -1.18 -14.13 7.29
HZ3 TRP E . -0.83 -12.62 3.33
HH2 TRP E . -1.33 -14.47 4.86
N TRP F . 5.99 6.61 5.50
CA TRP F . 4.81 6.21 6.30
C TRP F . 3.78 7.36 6.34
O TRP F . 3.61 7.95 7.39
CB TRP F . 5.35 5.86 7.69
CG TRP F . 5.73 7.09 8.47
CD1 TRP F . 5.97 7.08 9.80
CD2 TRP F . 5.90 8.47 8.04
NE1 TRP F . 6.25 8.36 10.22
CE2 TRP F . 6.21 9.25 9.16
CE3 TRP F . 5.81 9.12 6.79
CZ2 TRP F . 6.41 10.62 9.06
CZ3 TRP F . 6.01 10.49 6.68
CH2 TRP F . 6.30 11.24 7.82
OXT TRP F . 3.16 7.60 5.33
H2 TRP F . 6.74 6.96 6.13
H TRP F . 5.74 7.36 4.83
HA TRP F . 4.35 5.35 5.86
HB2 TRP F . 4.58 5.34 8.22
HB3 TRP F . 6.21 5.22 7.59
HD1 TRP F . 5.93 6.21 10.44
HE1 TRP F . 6.43 8.63 11.14
HE3 TRP F . 5.58 8.56 5.90
HZ2 TRP F . 6.62 11.20 9.93
HZ3 TRP F . 5.93 10.98 5.73
HH2 TRP F . 6.43 12.30 7.73
N GLN C 3 -30.84 29.13 -5.80
CA GLN C 3 -31.17 28.19 -6.91
C GLN C 3 -31.38 26.77 -6.37
N SER C 4 -32.43 26.56 -5.62
CA SER C 4 -32.70 25.22 -5.05
C SER C 4 -31.54 24.76 -4.15
N PRO C 5 -31.80 23.78 -3.33
CA PRO C 5 -30.75 23.26 -2.42
C PRO C 5 -29.72 22.45 -3.20
N TYR C 6 -28.61 22.14 -2.58
CA TYR C 6 -27.55 21.35 -3.28
C TYR C 6 -28.10 19.96 -3.66
N SER C 7 -28.24 19.10 -2.69
CA SER C 7 -28.76 17.72 -2.98
C SER C 7 -27.99 17.08 -4.14
N ALA C 8 -26.72 17.37 -4.24
CA ALA C 8 -25.91 16.77 -5.35
C ALA C 8 -25.85 15.25 -5.20
N ALA C 9 -25.28 14.77 -4.12
CA ALA C 9 -25.19 13.29 -3.91
C ALA C 9 -24.55 12.62 -5.13
N MET C 10 -23.42 13.10 -5.57
CA MET C 10 -22.75 12.49 -6.76
C MET C 10 -21.38 11.94 -6.36
N ALA C 11 -21.22 11.55 -5.13
CA ALA C 11 -19.91 10.99 -4.68
C ALA C 11 -20.09 9.56 -4.17
N GLU C 12 -19.57 8.60 -4.91
CA GLU C 12 -19.71 7.18 -4.48
C GLU C 12 -18.65 6.84 -3.42
N GLN C 13 -17.40 6.88 -3.79
CA GLN C 13 -16.32 6.56 -2.82
C GLN C 13 -15.05 7.35 -3.16
N ARG C 14 -15.17 8.64 -3.34
CA ARG C 14 -13.98 9.47 -3.67
C ARG C 14 -13.44 10.15 -2.41
N HIS C 15 -13.74 9.62 -1.26
CA HIS C 15 -13.25 10.25 0.01
C HIS C 15 -13.08 9.15 1.09
N GLN C 16 -13.79 9.26 2.19
CA GLN C 16 -13.69 8.22 3.27
C GLN C 16 -12.25 7.71 3.52
N GLU C 17 -11.39 8.58 3.98
CA GLU C 17 -9.96 8.22 4.29
C GLU C 17 -9.49 6.94 3.56
N TRP C 18 -9.76 5.78 4.12
CA TRP C 18 -9.29 4.51 3.46
C TRP C 18 -9.64 4.52 1.97
N LEU C 19 -10.69 5.21 1.59
CA LEU C 19 -11.07 5.26 0.15
C LEU C 19 -10.42 6.48 -0.50
N ARG C 20 -10.06 7.46 0.28
CA ARG C 20 -9.40 8.67 -0.30
C ARG C 20 -8.05 8.25 -0.88
N PHE C 21 -7.31 7.46 -0.16
CA PHE C 21 -5.99 6.99 -0.63
C PHE C 21 -6.15 5.85 -1.64
N VAL C 22 -7.19 5.05 -1.50
CA VAL C 22 -7.39 3.93 -2.47
C VAL C 22 -7.56 4.50 -3.89
N ASP C 23 -8.13 5.66 -3.98
CA ASP C 23 -8.34 6.29 -5.31
C ASP C 23 -7.04 6.90 -5.82
N LEU C 24 -6.24 7.39 -4.93
CA LEU C 24 -4.96 8.02 -5.35
C LEU C 24 -3.93 6.96 -5.80
N LEU C 25 -3.88 5.83 -5.15
CA LEU C 25 -2.87 4.81 -5.55
C LEU C 25 -3.23 4.12 -6.88
N LYS C 26 -4.45 3.69 -7.05
CA LYS C 26 -4.84 3.01 -8.34
C LYS C 26 -4.61 3.95 -9.55
N ASN C 27 -4.97 5.19 -9.37
CA ASN C 27 -4.80 6.19 -10.47
C ASN C 27 -3.33 6.31 -10.76
N ALA C 28 -2.55 6.04 -9.76
CA ALA C 28 -1.07 6.09 -9.92
C ALA C 28 -0.53 4.65 -9.91
N TYR C 29 -1.43 3.71 -10.05
CA TYR C 29 -1.05 2.27 -10.06
C TYR C 29 -0.75 1.85 -11.50
N GLN C 30 -1.29 2.57 -12.46
CA GLN C 30 -1.03 2.23 -13.88
C GLN C 30 0.48 2.23 -14.14
N ASN C 31 1.21 2.97 -13.34
CA ASN C 31 2.69 3.04 -13.52
C ASN C 31 3.37 3.14 -12.15
N ASP C 32 4.43 3.88 -12.05
CA ASP C 32 5.14 4.03 -10.73
C ASP C 32 4.62 5.28 -10.02
N LEU C 33 3.48 5.77 -10.40
CA LEU C 33 2.93 7.00 -9.77
C LEU C 33 2.34 6.68 -8.39
N HIS C 34 2.35 5.44 -7.99
CA HIS C 34 1.79 5.09 -6.64
C HIS C 34 2.92 4.72 -5.68
N LEU C 35 4.01 4.24 -6.21
CA LEU C 35 5.16 3.86 -5.35
C LEU C 35 5.55 5.04 -4.45
N PRO C 36 5.49 6.24 -4.98
CA PRO C 36 5.86 7.44 -4.17
C PRO C 36 4.79 7.67 -3.09
N LEU C 37 3.78 6.85 -3.12
CA LEU C 37 2.68 6.96 -2.13
C LEU C 37 2.96 5.97 -1.03
N LEU C 38 3.37 4.79 -1.40
CA LEU C 38 3.73 3.80 -0.36
C LEU C 38 5.12 4.18 0.12
N ASN C 39 5.76 5.04 -0.62
CA ASN C 39 7.12 5.49 -0.27
C ASN C 39 7.09 6.68 0.68
N LEU C 40 5.94 7.22 0.99
CA LEU C 40 5.94 8.38 1.93
C LEU C 40 4.60 8.56 2.68
N MET C 41 4.01 7.50 3.16
CA MET C 41 2.71 7.67 3.89
C MET C 41 2.61 6.82 5.17
N LEU C 42 2.98 5.55 5.13
CA LEU C 42 2.85 4.69 6.36
C LEU C 42 4.15 3.97 6.62
N THR C 43 4.55 3.19 5.68
CA THR C 43 5.82 2.44 5.77
C THR C 43 6.18 2.12 4.36
N PRO C 44 7.22 2.71 3.94
CA PRO C 44 7.66 2.51 2.58
C PRO C 44 8.51 1.24 2.53
N ASP C 45 8.91 0.77 3.68
CA ASP C 45 9.56 -0.56 3.72
C ASP C 45 8.50 -1.54 3.19
N GLU C 46 7.24 -1.10 3.16
CA GLU C 46 6.13 -1.94 2.64
C GLU C 46 6.56 -2.56 1.33
N ARG C 47 7.40 -1.88 0.59
CA ARG C 47 7.90 -2.45 -0.69
C ARG C 47 8.22 -3.92 -0.41
N GLU C 48 8.70 -4.18 0.78
CA GLU C 48 8.98 -5.59 1.17
C GLU C 48 7.74 -6.19 1.83
N ALA C 49 7.18 -5.50 2.80
CA ALA C 49 5.96 -6.03 3.50
C ALA C 49 4.89 -6.38 2.47
N LEU C 50 4.51 -5.46 1.62
CA LEU C 50 3.47 -5.81 0.60
C LEU C 50 3.99 -7.00 -0.20
N GLY C 51 5.20 -6.91 -0.68
CA GLY C 51 5.78 -8.04 -1.46
C GLY C 51 5.58 -9.34 -0.70
N THR C 52 5.80 -9.33 0.59
CA THR C 52 5.63 -10.60 1.38
C THR C 52 4.18 -10.80 1.83
N ARG C 53 3.36 -9.78 1.85
CA ARG C 53 1.95 -9.98 2.31
C ARG C 53 1.08 -10.60 1.21
N VAL C 54 1.12 -10.11 -0.01
CA VAL C 54 0.29 -10.77 -1.06
C VAL C 54 0.96 -12.06 -1.47
N ARG C 55 2.27 -12.03 -1.65
CA ARG C 55 3.00 -13.27 -2.02
C ARG C 55 2.52 -14.44 -1.16
N ILE C 56 2.49 -14.28 0.13
CA ILE C 56 1.99 -15.40 0.99
C ILE C 56 0.61 -15.86 0.54
N VAL C 57 -0.23 -14.94 0.11
CA VAL C 57 -1.61 -15.37 -0.31
C VAL C 57 -1.61 -15.71 -1.79
N GLU C 58 -1.15 -14.80 -2.59
CA GLU C 58 -1.10 -15.05 -4.04
C GLU C 58 -0.22 -16.27 -4.35
N GLU C 59 0.66 -16.63 -3.45
CA GLU C 59 1.51 -17.83 -3.70
C GLU C 59 0.83 -19.06 -3.10
N LEU C 60 -0.06 -18.86 -2.16
CA LEU C 60 -0.76 -20.00 -1.53
C LEU C 60 -1.89 -20.47 -2.44
N LEU C 61 -2.53 -19.55 -3.11
CA LEU C 61 -3.65 -19.94 -4.02
C LEU C 61 -3.10 -20.38 -5.38
N ARG C 62 -1.91 -19.94 -5.72
CA ARG C 62 -1.32 -20.33 -7.04
C ARG C 62 0.16 -20.71 -6.87
N GLY C 63 0.87 -20.01 -6.02
CA GLY C 63 2.32 -20.32 -5.81
C GLY C 63 2.49 -21.76 -5.31
N GLU C 64 2.88 -21.93 -4.07
CA GLU C 64 3.08 -23.32 -3.55
C GLU C 64 2.57 -23.44 -2.10
N MET C 65 1.55 -22.71 -1.75
CA MET C 65 0.99 -22.79 -0.36
C MET C 65 2.05 -22.58 0.72
N SER C 66 2.87 -21.56 0.59
CA SER C 66 3.91 -21.29 1.63
C SER C 66 4.68 -22.57 1.99
N GLN C 67 5.04 -22.76 3.26
CA GLN C 67 5.80 -23.98 3.71
C GLN C 67 7.29 -23.67 3.76
N ARG C 68 8.05 -24.50 4.42
CA ARG C 68 9.53 -24.27 4.50
C ARG C 68 10.09 -23.99 3.11
N GLU C 69 9.31 -24.26 2.09
CA GLU C 69 9.76 -24.01 0.70
C GLU C 69 9.24 -22.66 0.18
N LEU C 70 8.29 -22.03 0.84
CA LEU C 70 7.80 -20.72 0.29
C LEU C 70 7.59 -19.67 1.39
N LYS C 71 6.84 -19.98 2.41
CA LYS C 71 6.60 -18.98 3.50
C LYS C 71 7.89 -18.30 3.97
N ASN C 72 9.04 -18.86 3.70
CA ASN C 72 10.29 -18.19 4.20
C ASN C 72 11.51 -18.42 3.28
N GLU C 73 11.44 -19.31 2.34
CA GLU C 73 12.62 -19.55 1.46
C GLU C 73 13.20 -18.22 0.94
N LEU C 74 12.39 -17.20 0.88
CA LEU C 74 12.89 -15.88 0.41
C LEU C 74 11.84 -14.81 0.67
N GLY C 75 11.30 -14.75 1.86
CA GLY C 75 10.26 -13.73 2.16
C GLY C 75 10.04 -13.58 3.67
N ALA C 76 9.02 -14.20 4.19
CA ALA C 76 8.67 -14.10 5.64
C ALA C 76 7.20 -14.33 5.74
N GLY C 77 6.80 -15.37 5.15
CA GLY C 77 5.38 -15.73 5.14
C GLY C 77 5.09 -16.66 6.30
N ILE C 78 6.08 -17.31 6.84
CA ILE C 78 5.81 -18.29 7.94
C ILE C 78 4.91 -17.68 8.98
N ALA C 79 5.45 -16.84 9.79
CA ALA C 79 4.61 -16.15 10.80
C ALA C 79 3.48 -15.46 10.06
N THR C 80 3.74 -15.18 8.82
CA THR C 80 2.73 -14.54 7.94
C THR C 80 1.81 -15.65 7.41
N ILE C 81 2.27 -16.43 6.46
CA ILE C 81 1.44 -17.55 5.93
C ILE C 81 0.61 -18.18 7.09
N THR C 82 1.23 -18.38 8.23
CA THR C 82 0.49 -18.92 9.41
C THR C 82 -0.46 -17.83 9.92
N ARG C 83 -0.01 -16.60 9.98
CA ARG C 83 -0.93 -15.53 10.40
C ARG C 83 -1.94 -15.32 9.27
N GLY C 84 -1.61 -15.76 8.06
CA GLY C 84 -2.57 -15.63 6.91
C GLY C 84 -3.91 -16.13 7.39
N SER C 85 -3.94 -17.23 8.09
CA SER C 85 -5.24 -17.70 8.64
C SER C 85 -5.73 -16.59 9.57
N ASN C 86 -4.86 -16.13 10.42
CA ASN C 86 -5.23 -15.00 11.30
C ASN C 86 -5.71 -13.84 10.42
N SER C 87 -5.10 -13.68 9.27
CA SER C 87 -5.53 -12.58 8.34
C SER C 87 -7.05 -12.63 8.23
N LEU C 88 -7.61 -13.82 8.22
CA LEU C 88 -9.08 -13.95 8.20
C LEU C 88 -9.63 -13.05 9.29
N LYS C 89 -8.85 -12.86 10.33
CA LYS C 89 -9.30 -11.93 11.41
C LYS C 89 -9.62 -10.57 10.80
N ALA C 90 -8.75 -10.08 9.94
CA ALA C 90 -9.05 -8.77 9.31
C ALA C 90 -10.30 -8.97 8.47
N ALA C 91 -10.53 -10.19 8.05
CA ALA C 91 -11.72 -10.46 7.22
C ALA C 91 -12.18 -11.93 7.23
N PRO C 92 -13.47 -12.14 7.33
CA PRO C 92 -14.01 -13.52 7.30
C PRO C 92 -14.00 -14.04 5.85
N VAL C 93 -15.05 -13.79 5.09
CA VAL C 93 -15.09 -14.26 3.68
C VAL C 93 -15.24 -13.06 2.73
N GLU C 94 -15.57 -11.92 3.27
CA GLU C 94 -15.72 -10.69 2.42
C GLU C 94 -14.45 -10.50 1.58
N LEU C 95 -13.38 -10.25 2.26
CA LEU C 95 -12.10 -10.04 1.56
C LEU C 95 -11.73 -11.29 0.78
N ARG C 96 -12.04 -12.45 1.30
CA ARG C 96 -11.72 -13.67 0.51
C ARG C 96 -12.52 -13.62 -0.76
N GLN C 97 -13.59 -12.87 -0.75
CA GLN C 97 -14.42 -12.75 -1.96
C GLN C 97 -13.58 -12.19 -3.11
N TRP C 98 -12.84 -11.10 -2.92
CA TRP C 98 -12.02 -10.61 -4.06
C TRP C 98 -10.99 -11.68 -4.42
N LEU C 99 -10.28 -12.19 -3.45
CA LEU C 99 -9.26 -13.24 -3.73
C LEU C 99 -9.88 -14.32 -4.61
N GLU C 100 -11.15 -14.55 -4.45
CA GLU C 100 -11.85 -15.56 -5.27
C GLU C 100 -12.28 -14.92 -6.60
N GLU C 101 -12.55 -13.62 -6.58
CA GLU C 101 -12.94 -12.92 -7.85
C GLU C 101 -11.90 -13.19 -8.93
N VAL C 102 -10.67 -13.34 -8.53
CA VAL C 102 -9.58 -13.63 -9.50
C VAL C 102 -9.02 -15.03 -9.25
N LEU C 103 -9.82 -15.91 -8.69
CA LEU C 103 -9.33 -17.29 -8.42
C LEU C 103 -10.46 -18.32 -8.47
N LEU C 104 -11.60 -18.05 -7.87
CA LEU C 104 -12.70 -19.06 -7.90
C LEU C 104 -14.09 -18.42 -7.85
N LYS C 105 -14.22 -17.28 -7.21
CA LYS C 105 -15.56 -16.60 -7.12
C LYS C 105 -16.29 -16.70 -8.46
N SER C 106 -15.64 -16.33 -9.52
CA SER C 106 -16.29 -16.38 -10.87
C SER C 106 -17.55 -15.52 -10.92
N ASP C 107 -17.76 -14.81 -11.99
CA ASP C 107 -18.97 -13.94 -12.11
C ASP C 107 -19.00 -12.91 -10.98
N GLN D 3 36.99 -17.06 -11.63
CA GLN D 3 36.05 -16.42 -12.60
C GLN D 3 35.33 -15.24 -11.93
N SER D 4 34.69 -15.48 -10.81
CA SER D 4 33.96 -14.39 -10.11
C SER D 4 32.94 -13.73 -11.05
N PRO D 5 32.16 -12.83 -10.51
CA PRO D 5 31.14 -12.13 -11.32
C PRO D 5 31.79 -11.13 -12.26
N TYR D 6 31.02 -10.23 -12.82
CA TYR D 6 31.60 -9.22 -13.75
C TYR D 6 30.95 -7.86 -13.53
N SER D 7 31.74 -6.86 -13.20
CA SER D 7 31.19 -5.49 -12.96
C SER D 7 30.08 -5.54 -11.90
N ALA D 8 28.85 -5.77 -12.29
CA ALA D 8 27.74 -5.82 -11.29
C ALA D 8 26.48 -6.39 -11.95
N ALA D 9 26.13 -5.90 -13.10
CA ALA D 9 24.91 -6.41 -13.80
C ALA D 9 23.69 -6.34 -12.87
N MET D 10 23.62 -5.33 -12.03
CA MET D 10 22.47 -5.19 -11.10
C MET D 10 22.31 -3.75 -10.65
N ALA D 11 21.69 -3.52 -9.52
CA ALA D 11 21.50 -2.13 -9.02
C ALA D 11 20.82 -1.26 -10.10
N GLU D 12 20.06 -1.87 -10.97
CA GLU D 12 19.37 -1.09 -12.03
C GLU D 12 18.01 -1.72 -12.36
N GLN D 13 17.02 -0.91 -12.59
CA GLN D 13 15.64 -1.42 -12.92
C GLN D 13 15.30 -2.67 -12.09
N ARG D 14 14.37 -3.46 -12.56
CA ARG D 14 13.98 -4.69 -11.80
C ARG D 14 12.97 -5.51 -12.60
N HIS D 15 12.57 -6.63 -12.09
CA HIS D 15 11.58 -7.49 -12.81
C HIS D 15 10.15 -7.08 -12.43
N GLN D 16 9.82 -5.82 -12.60
CA GLN D 16 8.45 -5.31 -12.25
C GLN D 16 7.78 -6.17 -11.18
N GLU D 17 8.46 -6.40 -10.09
CA GLU D 17 7.87 -7.24 -8.99
C GLU D 17 6.78 -6.46 -8.26
N TRP D 18 6.63 -5.19 -8.54
CA TRP D 18 5.58 -4.40 -7.82
C TRP D 18 4.39 -4.12 -8.75
N LEU D 19 4.63 -3.90 -10.02
CA LEU D 19 3.49 -3.62 -10.94
C LEU D 19 2.56 -4.83 -10.93
N ARG D 20 3.10 -6.01 -10.86
CA ARG D 20 2.22 -7.21 -10.78
C ARG D 20 1.46 -7.15 -9.45
N PHE D 21 1.93 -6.31 -8.56
CA PHE D 21 1.27 -6.14 -7.24
C PHE D 21 0.29 -4.96 -7.27
N VAL D 22 0.25 -4.22 -8.35
CA VAL D 22 -0.65 -3.05 -8.40
C VAL D 22 -1.78 -3.32 -9.40
N ASP D 23 -1.53 -4.16 -10.38
CA ASP D 23 -2.61 -4.46 -11.36
C ASP D 23 -3.69 -5.32 -10.71
N LEU D 24 -3.29 -6.25 -9.89
CA LEU D 24 -4.29 -7.11 -9.19
C LEU D 24 -4.81 -6.39 -7.96
N LEU D 25 -3.95 -5.63 -7.33
CA LEU D 25 -4.37 -4.87 -6.10
C LEU D 25 -5.57 -3.99 -6.41
N LYS D 26 -5.47 -3.16 -7.41
CA LYS D 26 -6.62 -2.27 -7.74
C LYS D 26 -7.67 -3.04 -8.52
N ASN D 27 -7.26 -4.05 -9.26
CA ASN D 27 -8.26 -4.85 -10.01
C ASN D 27 -9.33 -5.24 -9.01
N ALA D 28 -8.98 -5.15 -7.76
CA ALA D 28 -9.94 -5.41 -6.67
C ALA D 28 -10.63 -4.08 -6.34
N TYR D 29 -9.84 -3.04 -6.32
CA TYR D 29 -10.36 -1.66 -6.03
C TYR D 29 -11.61 -1.39 -6.88
N GLN D 30 -11.54 -1.64 -8.16
CA GLN D 30 -12.73 -1.40 -9.03
C GLN D 30 -13.89 -2.30 -8.61
N ASN D 31 -13.60 -3.53 -8.29
CA ASN D 31 -14.69 -4.46 -7.86
C ASN D 31 -15.14 -4.12 -6.43
N ASP D 32 -14.28 -4.37 -5.47
CA ASP D 32 -14.65 -4.04 -4.06
C ASP D 32 -13.93 -2.76 -3.63
N LEU D 33 -12.70 -2.87 -3.16
CA LEU D 33 -11.95 -1.65 -2.75
C LEU D 33 -10.52 -2.04 -2.36
N HIS D 34 -10.32 -2.52 -1.16
CA HIS D 34 -8.95 -2.92 -0.71
C HIS D 34 -9.02 -3.59 0.65
N LEU D 35 -10.17 -4.08 1.00
CA LEU D 35 -10.33 -4.78 2.29
C LEU D 35 -9.89 -6.25 2.12
N PRO D 36 -9.88 -6.75 0.89
CA PRO D 36 -9.42 -8.12 0.66
C PRO D 36 -7.93 -8.11 0.42
N LEU D 37 -7.29 -7.17 1.00
CA LEU D 37 -5.83 -7.05 0.85
C LEU D 37 -5.30 -6.28 2.04
N LEU D 38 -6.07 -5.34 2.54
CA LEU D 38 -5.63 -4.62 3.74
C LEU D 38 -6.14 -5.39 4.97
N ASN D 39 -6.75 -6.50 4.74
CA ASN D 39 -7.21 -7.34 5.87
C ASN D 39 -6.67 -8.74 5.61
N LEU D 40 -6.79 -9.13 4.38
CA LEU D 40 -6.29 -10.44 3.92
C LEU D 40 -4.95 -10.80 4.57
N MET D 41 -4.12 -9.84 4.90
CA MET D 41 -2.78 -10.22 5.46
C MET D 41 -2.57 -9.94 6.97
N LEU D 42 -3.57 -10.14 7.80
CA LEU D 42 -3.41 -9.99 9.30
C LEU D 42 -3.09 -8.55 9.77
N THR D 43 -1.87 -8.07 9.59
CA THR D 43 -1.54 -6.68 10.05
C THR D 43 -1.85 -5.61 8.99
N PRO D 44 -2.67 -5.92 8.02
CA PRO D 44 -2.98 -4.90 7.02
C PRO D 44 -4.14 -4.03 7.50
N ASP D 45 -4.59 -4.26 8.72
CA ASP D 45 -5.66 -3.40 9.30
C ASP D 45 -5.00 -2.10 9.69
N GLU D 46 -4.10 -1.63 8.87
CA GLU D 46 -3.38 -0.38 9.17
C GLU D 46 -4.30 0.82 8.95
N ARG D 47 -5.57 0.70 9.24
CA ARG D 47 -6.48 1.87 9.08
C ARG D 47 -5.92 3.03 9.89
N GLU D 48 -5.06 2.72 10.84
CA GLU D 48 -4.41 3.76 11.67
C GLU D 48 -3.23 4.30 10.88
N ALA D 49 -2.33 3.44 10.50
CA ALA D 49 -1.17 3.86 9.66
C ALA D 49 -1.71 4.54 8.41
N LEU D 50 -2.67 3.93 7.75
CA LEU D 50 -3.28 4.58 6.55
C LEU D 50 -4.12 5.76 7.00
N GLY D 51 -4.88 5.58 8.05
CA GLY D 51 -5.72 6.69 8.57
C GLY D 51 -4.81 7.89 8.82
N THR D 52 -3.54 7.63 9.06
CA THR D 52 -2.58 8.74 9.30
C THR D 52 -1.80 9.01 8.01
N ARG D 53 -1.64 8.01 7.17
CA ARG D 53 -0.90 8.21 5.88
C ARG D 53 -1.37 9.48 5.17
N VAL D 54 -2.65 9.62 5.01
CA VAL D 54 -3.19 10.84 4.33
C VAL D 54 -3.25 12.01 5.32
N ARG D 55 -2.72 11.83 6.50
CA ARG D 55 -2.74 12.92 7.52
C ARG D 55 -1.31 13.32 7.88
N ILE D 56 -0.33 12.81 7.19
CA ILE D 56 1.07 13.17 7.52
C ILE D 56 1.72 13.92 6.35
N VAL D 57 1.30 13.64 5.15
CA VAL D 57 1.85 14.39 3.98
C VAL D 57 0.95 15.59 3.77
N GLU D 58 -0.31 15.33 3.82
CA GLU D 58 -1.34 16.39 3.68
C GLU D 58 -1.02 17.57 4.60
N GLU D 59 -0.33 17.32 5.69
CA GLU D 59 0.01 18.41 6.63
C GLU D 59 1.40 18.99 6.31
N LEU D 60 2.21 18.23 5.63
CA LEU D 60 3.58 18.74 5.28
C LEU D 60 3.59 19.30 3.86
N LEU D 61 2.92 18.65 2.95
CA LEU D 61 2.89 19.15 1.55
C LEU D 61 2.27 20.55 1.48
N ARG D 62 1.31 20.81 2.32
CA ARG D 62 0.66 22.16 2.32
C ARG D 62 1.31 23.07 3.37
N GLY D 63 1.38 22.63 4.59
CA GLY D 63 1.99 23.47 5.66
C GLY D 63 3.51 23.30 5.62
N GLU D 64 3.99 22.08 5.52
CA GLU D 64 5.47 21.85 5.47
C GLU D 64 6.14 22.46 6.71
N MET D 65 5.40 22.66 7.77
CA MET D 65 5.99 23.25 9.00
C MET D 65 5.86 22.27 10.18
N SER D 66 4.89 21.40 10.13
CA SER D 66 4.70 20.42 11.25
C SER D 66 5.95 19.54 11.39
N GLN D 67 6.01 18.73 12.42
CA GLN D 67 7.18 17.85 12.64
C GLN D 67 6.99 17.10 13.96
N ARG D 68 6.71 17.82 14.99
CA ARG D 68 6.50 17.20 16.33
C ARG D 68 5.68 18.17 17.19
N GLU D 69 4.69 18.78 16.61
CA GLU D 69 3.87 19.76 17.38
C GLU D 69 2.37 19.57 17.14
N LEU D 70 1.97 18.86 16.12
CA LEU D 70 0.50 18.70 15.89
C LEU D 70 0.16 17.22 15.66
N LYS D 71 0.17 16.79 14.43
CA LYS D 71 -0.12 15.36 14.08
C LYS D 71 -0.58 14.53 15.29
N ASN D 72 0.33 14.08 16.11
CA ASN D 72 -0.06 13.26 17.31
C ASN D 72 -1.04 14.01 18.20
N GLU D 73 -0.71 15.21 18.61
CA GLU D 73 -1.63 16.00 19.51
C GLU D 73 -3.09 15.80 19.08
N LEU D 74 -3.32 15.65 17.81
CA LEU D 74 -4.70 15.44 17.31
C LEU D 74 -4.69 14.37 16.21
N GLY D 75 -3.82 13.40 16.34
CA GLY D 75 -3.74 12.34 15.30
C GLY D 75 -2.77 11.23 15.74
N ALA D 76 -1.52 11.31 15.33
CA ALA D 76 -0.49 10.27 15.70
C ALA D 76 0.50 10.14 14.56
N GLY D 77 0.92 11.25 14.08
CA GLY D 77 1.88 11.23 12.96
C GLY D 77 3.12 12.06 13.33
N ILE D 78 3.13 12.71 14.47
CA ILE D 78 4.33 13.53 14.86
C ILE D 78 5.59 12.84 14.36
N ALA D 79 5.59 11.55 14.41
CA ALA D 79 6.73 10.78 13.87
C ALA D 79 6.31 10.32 12.48
N THR D 80 5.09 9.90 12.35
CA THR D 80 4.61 9.45 11.03
C THR D 80 4.37 10.68 10.10
N ILE D 81 4.75 11.86 10.56
CA ILE D 81 4.64 13.12 9.76
C ILE D 81 6.04 13.72 9.60
N THR D 82 6.87 13.54 10.59
CA THR D 82 8.26 14.08 10.53
C THR D 82 9.24 12.92 10.40
N ARG D 83 8.96 11.81 11.03
CA ARG D 83 9.91 10.67 10.89
C ARG D 83 9.98 10.32 9.42
N GLY D 84 8.92 10.56 8.68
CA GLY D 84 8.97 10.28 7.22
C GLY D 84 10.07 11.13 6.60
N SER D 85 10.57 12.11 7.32
CA SER D 85 11.68 12.96 6.75
C SER D 85 12.70 12.05 6.08
N ASN D 86 12.84 10.84 6.59
CA ASN D 86 13.79 9.87 5.95
C ASN D 86 13.14 9.21 4.75
N SER D 87 12.01 9.71 4.31
CA SER D 87 11.33 9.12 3.12
C SER D 87 12.33 8.98 1.97
N LEU D 88 13.39 9.75 1.99
CA LEU D 88 14.43 9.66 0.91
C LEU D 88 14.63 8.20 0.52
N LYS D 89 14.56 7.31 1.48
CA LYS D 89 14.72 5.86 1.15
C LYS D 89 13.63 5.44 0.14
N ALA D 90 12.37 5.70 0.44
CA ALA D 90 11.30 5.39 -0.55
C ALA D 90 11.25 6.52 -1.57
N ALA D 91 12.06 7.53 -1.35
CA ALA D 91 12.14 8.73 -2.24
C ALA D 91 10.83 9.01 -2.97
N PRO D 92 10.10 9.95 -2.46
CA PRO D 92 8.84 10.33 -3.13
C PRO D 92 9.17 11.16 -4.37
N VAL D 93 10.17 12.00 -4.28
CA VAL D 93 10.56 12.86 -5.44
C VAL D 93 10.69 12.06 -6.73
N GLU D 94 11.38 10.96 -6.72
CA GLU D 94 11.54 10.14 -7.97
C GLU D 94 10.17 9.95 -8.63
N LEU D 95 9.14 9.92 -7.84
CA LEU D 95 7.75 9.75 -8.39
C LEU D 95 6.83 10.76 -7.72
N ARG D 96 7.34 11.59 -6.85
CA ARG D 96 6.48 12.64 -6.21
C ARG D 96 5.73 13.35 -7.33
N GLN D 97 6.32 13.38 -8.51
CA GLN D 97 5.67 14.02 -9.67
C GLN D 97 4.19 13.69 -9.67
N TRP D 98 3.82 12.46 -9.44
CA TRP D 98 2.36 12.16 -9.40
C TRP D 98 1.81 12.52 -8.02
N LEU D 99 2.51 12.20 -6.96
CA LEU D 99 2.00 12.56 -5.59
C LEU D 99 1.62 14.02 -5.57
N GLU D 100 2.40 14.83 -6.24
CA GLU D 100 2.10 16.28 -6.30
C GLU D 100 1.06 16.50 -7.40
N GLU D 101 1.02 15.65 -8.39
CA GLU D 101 0.01 15.80 -9.48
C GLU D 101 -1.40 15.76 -8.88
N VAL D 102 -1.61 14.88 -7.93
CA VAL D 102 -2.95 14.78 -7.29
C VAL D 102 -3.03 15.73 -6.09
N LEU D 103 -2.01 16.53 -5.87
CA LEU D 103 -2.04 17.48 -4.71
C LEU D 103 -1.74 18.90 -5.19
N LEU D 104 -0.68 19.06 -5.93
CA LEU D 104 -0.33 20.42 -6.45
C LEU D 104 0.53 20.31 -7.73
N LYS D 105 1.64 19.61 -7.65
CA LYS D 105 2.55 19.48 -8.85
C LYS D 105 2.67 20.83 -9.56
N SER D 106 3.09 21.83 -8.85
CA SER D 106 3.23 23.20 -9.46
C SER D 106 4.02 23.12 -10.77
N ASP D 107 4.03 24.18 -11.54
CA ASP D 107 4.77 24.18 -12.84
C ASP D 107 4.33 22.98 -13.69
N TRP E . -0.33 -6.93 6.00
CA TRP E . 0.56 -7.36 7.11
C TRP E . 1.49 -6.21 7.50
O TRP E . 2.17 -6.34 8.50
CB TRP E . 1.38 -8.53 6.54
CG TRP E . 1.13 -9.77 7.31
CD1 TRP E . 1.28 -9.94 8.64
CD2 TRP E . 0.65 -11.02 6.79
NE1 TRP E . 0.94 -11.25 8.96
CE2 TRP E . 0.54 -11.95 7.83
CE3 TRP E . 0.32 -11.44 5.50
CZ2 TRP E . 0.10 -13.26 7.61
CZ3 TRP E . -0.12 -12.73 5.26
CH2 TRP E . -0.23 -13.65 6.32
OXT TRP E . 1.50 -5.22 6.80
H2 TRP E . 0.16 -7.02 5.10
H TRP E . -0.62 -5.94 6.16
HA TRP E . 0.00 -7.69 7.95
HB2 TRP E . 1.09 -8.70 5.52
HB3 TRP E . 2.44 -8.29 6.58
HD1 TRP E . 1.62 -9.18 9.33
HE1 TRP E . 0.96 -11.64 9.86
HE3 TRP E . 0.40 -10.75 4.68
HZ2 TRP E . 0.04 -13.96 8.41
HZ3 TRP E . -0.39 -13.02 4.28
HH2 TRP E . -0.57 -14.65 6.12
N TRP F . 5.79 5.37 4.61
CA TRP F . 5.91 6.68 5.29
C TRP F . 7.34 7.22 5.13
O TRP F . 8.26 6.56 5.59
CB TRP F . 5.60 6.43 6.76
CG TRP F . 5.94 7.64 7.52
CD1 TRP F . 6.38 7.68 8.80
CD2 TRP F . 5.89 9.01 7.07
NE1 TRP F . 6.58 9.00 9.15
CE2 TRP F . 6.28 9.86 8.11
CE3 TRP F . 5.53 9.57 5.84
CZ2 TRP F . 6.31 11.23 7.96
CZ3 TRP F . 5.57 10.95 5.67
CH2 TRP F . 5.95 11.79 6.72
OXT TRP F . 7.50 8.29 4.57
H2 TRP F . 6.11 4.63 5.24
H TRP F . 6.36 5.37 3.74
HA TRP F . 5.20 7.38 4.89
HB2 TRP F . 4.54 6.23 6.89
HB3 TRP F . 6.18 5.59 7.12
HD1 TRP F . 6.55 6.82 9.43
HE1 TRP F . 6.88 9.31 10.03
HE3 TRP F . 5.23 8.95 5.03
HZ2 TRP F . 6.61 11.86 8.78
HZ3 TRP F . 5.31 11.35 4.70
HH2 TRP F . 5.98 12.86 6.58
N GLN C 3 -24.71 0.68 7.07
CA GLN C 3 -24.10 1.80 6.29
C GLN C 3 -25.08 2.96 6.14
N SER C 4 -24.77 3.93 5.33
CA SER C 4 -25.69 5.09 5.15
C SER C 4 -26.78 4.75 4.13
N PRO C 5 -27.86 5.48 4.19
CA PRO C 5 -28.99 5.24 3.25
C PRO C 5 -28.62 5.73 1.84
N TYR C 6 -28.78 7.00 1.56
CA TYR C 6 -28.45 7.51 0.20
C TYR C 6 -27.43 8.65 0.31
N SER C 7 -27.54 9.46 1.33
CA SER C 7 -26.57 10.59 1.49
C SER C 7 -25.15 10.06 1.72
N ALA C 8 -24.33 10.06 0.71
CA ALA C 8 -22.94 9.55 0.88
C ALA C 8 -22.08 9.94 -0.33
N ALA C 9 -22.62 9.81 -1.51
CA ALA C 9 -21.85 10.19 -2.75
C ALA C 9 -20.54 9.38 -2.82
N MET C 10 -19.50 9.83 -2.16
CA MET C 10 -18.21 9.09 -2.19
C MET C 10 -17.86 8.58 -0.79
N ALA C 11 -18.67 7.71 -0.24
CA ALA C 11 -18.38 7.17 1.11
C ALA C 11 -18.10 5.67 1.05
N GLU C 12 -19.13 4.87 0.90
CA GLU C 12 -18.94 3.38 0.85
C GLU C 12 -18.14 2.90 2.07
N GLN C 13 -16.84 2.85 1.97
CA GLN C 13 -16.03 2.40 3.14
C GLN C 13 -15.75 3.58 4.07
N ARG C 14 -14.53 3.80 4.49
CA ARG C 14 -14.23 4.95 5.39
C ARG C 14 -14.64 6.27 4.69
N HIS C 15 -13.70 6.99 4.12
CA HIS C 15 -14.06 8.25 3.42
C HIS C 15 -13.06 8.53 2.27
N GLN C 16 -12.49 9.69 2.22
CA GLN C 16 -11.51 9.97 1.12
C GLN C 16 -10.11 9.52 1.53
N GLU C 17 -9.76 9.68 2.79
CA GLU C 17 -8.40 9.27 3.27
C GLU C 17 -7.88 8.07 2.46
N TRP C 18 -8.49 6.93 2.62
CA TRP C 18 -8.04 5.74 1.85
C TRP C 18 -8.56 5.81 0.42
N LEU C 19 -9.64 6.51 0.20
CA LEU C 19 -10.19 6.59 -1.19
C LEU C 19 -9.35 7.50 -2.07
N ARG C 20 -9.29 8.79 -1.82
CA ARG C 20 -8.45 9.65 -2.70
C ARG C 20 -7.03 9.06 -2.76
N PHE C 21 -6.65 8.30 -1.77
CA PHE C 21 -5.30 7.67 -1.80
C PHE C 21 -5.32 6.46 -2.75
N VAL C 22 -6.46 5.85 -2.96
CA VAL C 22 -6.52 4.70 -3.90
C VAL C 22 -6.49 5.23 -5.32
N ASP C 23 -7.35 6.16 -5.64
CA ASP C 23 -7.36 6.74 -7.02
C ASP C 23 -5.94 7.11 -7.45
N LEU C 24 -5.22 7.76 -6.59
CA LEU C 24 -3.81 8.16 -6.93
C LEU C 24 -2.90 6.93 -6.90
N LEU C 25 -3.25 5.93 -6.15
CA LEU C 25 -2.38 4.71 -6.07
C LEU C 25 -2.47 3.86 -7.33
N LYS C 26 -3.30 4.21 -8.27
CA LYS C 26 -3.40 3.40 -9.51
C LYS C 26 -2.80 4.19 -10.64
N ASN C 27 -3.35 5.34 -10.90
CA ASN C 27 -2.79 6.23 -11.97
C ASN C 27 -1.27 6.23 -11.86
N ALA C 28 -0.76 6.08 -10.66
CA ALA C 28 0.70 6.04 -10.45
C ALA C 28 1.18 4.58 -10.52
N TYR C 29 0.36 3.67 -10.07
CA TYR C 29 0.73 2.22 -10.10
C TYR C 29 0.86 1.74 -11.56
N GLN C 30 0.36 2.50 -12.50
CA GLN C 30 0.45 2.09 -13.92
C GLN C 30 1.80 2.55 -14.51
N ASN C 31 2.64 3.12 -13.70
CA ASN C 31 3.98 3.57 -14.18
C ASN C 31 5.00 3.39 -13.05
N ASP C 32 5.90 4.32 -12.87
CA ASP C 32 6.90 4.17 -11.76
C ASP C 32 6.47 4.98 -10.54
N LEU C 33 5.21 5.31 -10.46
CA LEU C 33 4.75 6.14 -9.31
C LEU C 33 4.08 5.26 -8.24
N HIS C 34 4.45 4.02 -8.14
CA HIS C 34 3.82 3.15 -7.10
C HIS C 34 4.74 3.02 -5.88
N LEU C 35 6.01 3.22 -6.05
CA LEU C 35 6.94 3.10 -4.89
C LEU C 35 7.28 4.47 -4.27
N PRO C 36 7.02 5.56 -4.96
CA PRO C 36 7.32 6.90 -4.38
C PRO C 36 6.22 7.27 -3.38
N LEU C 37 5.05 6.75 -3.63
CA LEU C 37 3.89 7.01 -2.74
C LEU C 37 3.87 5.98 -1.64
N LEU C 38 4.16 4.75 -1.96
CA LEU C 38 4.23 3.73 -0.88
C LEU C 38 5.52 4.01 -0.10
N ASN C 39 6.25 5.00 -0.53
CA ASN C 39 7.53 5.34 0.11
C ASN C 39 7.35 6.32 1.29
N LEU C 40 7.18 7.59 1.03
CA LEU C 40 7.08 8.57 2.16
C LEU C 40 5.66 8.69 2.72
N MET C 41 4.74 7.87 2.32
CA MET C 41 3.37 8.05 2.86
C MET C 41 3.28 7.76 4.36
N LEU C 42 3.70 6.61 4.81
CA LEU C 42 3.65 6.31 6.29
C LEU C 42 4.44 5.05 6.59
N THR C 43 4.55 4.20 5.64
CA THR C 43 5.36 2.98 5.83
C THR C 43 5.75 2.45 4.47
N PRO C 44 7.01 2.61 4.18
CA PRO C 44 7.56 2.17 2.91
C PRO C 44 8.17 0.77 3.09
N ASP C 45 8.54 0.44 4.31
CA ASP C 45 9.02 -0.94 4.57
C ASP C 45 7.91 -1.88 4.10
N GLU C 46 6.70 -1.39 4.16
CA GLU C 46 5.55 -2.20 3.69
C GLU C 46 5.83 -2.63 2.26
N ARG C 47 6.57 -1.82 1.52
CA ARG C 47 6.91 -2.24 0.13
C ARG C 47 7.56 -3.62 0.21
N GLU C 48 8.16 -3.89 1.33
CA GLU C 48 8.76 -5.23 1.56
C GLU C 48 7.65 -6.13 2.08
N ALA C 49 6.79 -5.56 2.88
CA ALA C 49 5.63 -6.32 3.40
C ALA C 49 4.72 -6.71 2.25
N LEU C 50 4.08 -5.78 1.58
CA LEU C 50 3.15 -6.17 0.46
C LEU C 50 3.85 -7.22 -0.42
N GLY C 51 5.14 -7.18 -0.49
CA GLY C 51 5.87 -8.21 -1.28
C GLY C 51 5.94 -9.48 -0.44
N THR C 52 6.19 -9.35 0.83
CA THR C 52 6.28 -10.56 1.72
C THR C 52 4.90 -10.99 2.23
N ARG C 53 4.18 -10.11 2.88
CA ARG C 53 2.83 -10.51 3.42
C ARG C 53 1.88 -10.80 2.25
N VAL C 54 1.52 -9.79 1.50
CA VAL C 54 0.60 -10.02 0.36
C VAL C 54 1.05 -11.26 -0.42
N ARG C 55 2.35 -11.52 -0.48
CA ARG C 55 2.85 -12.74 -1.18
C ARG C 55 2.42 -14.01 -0.43
N ILE C 56 1.84 -13.89 0.72
CA ILE C 56 1.43 -15.12 1.46
C ILE C 56 -0.01 -15.53 1.10
N VAL C 57 -0.74 -14.72 0.37
CA VAL C 57 -2.14 -15.10 -0.02
C VAL C 57 -2.19 -15.06 -1.52
N GLU C 58 -1.78 -13.97 -2.07
CA GLU C 58 -1.71 -13.85 -3.54
C GLU C 58 -0.85 -15.00 -4.06
N GLU C 59 0.03 -15.49 -3.21
CA GLU C 59 0.92 -16.60 -3.60
C GLU C 59 0.43 -17.92 -3.00
N LEU C 60 -0.05 -17.92 -1.78
CA LEU C 60 -0.55 -19.22 -1.19
C LEU C 60 -1.63 -19.80 -2.11
N LEU C 61 -2.27 -18.97 -2.88
CA LEU C 61 -3.33 -19.45 -3.80
C LEU C 61 -2.73 -19.68 -5.19
N ARG C 62 -2.09 -18.68 -5.74
CA ARG C 62 -1.48 -18.84 -7.09
C ARG C 62 -0.37 -19.89 -7.02
N GLY C 63 0.32 -19.95 -5.92
CA GLY C 63 1.42 -20.95 -5.78
C GLY C 63 1.20 -21.82 -4.54
N GLU C 64 1.95 -21.59 -3.50
CA GLU C 64 1.82 -22.39 -2.24
C GLU C 64 3.03 -22.11 -1.36
N MET C 65 4.15 -21.81 -2.01
CA MET C 65 5.44 -21.49 -1.30
C MET C 65 5.33 -21.60 0.23
N SER C 66 4.61 -20.70 0.85
CA SER C 66 4.47 -20.74 2.34
C SER C 66 4.33 -22.19 2.83
N GLN C 67 5.00 -22.58 3.90
CA GLN C 67 4.88 -24.02 4.37
C GLN C 67 6.01 -24.36 5.35
N ARG C 68 7.14 -23.72 5.22
CA ARG C 68 8.29 -24.03 6.12
C ARG C 68 9.51 -23.19 5.75
N GLU C 69 9.68 -22.91 4.48
CA GLU C 69 10.86 -22.10 4.06
C GLU C 69 10.51 -21.16 2.90
N LEU C 70 9.33 -20.63 2.91
CA LEU C 70 8.91 -19.68 1.85
C LEU C 70 8.15 -18.56 2.56
N LYS C 71 7.27 -18.94 3.44
CA LYS C 71 6.53 -17.95 4.26
C LYS C 71 7.55 -17.09 5.03
N ASN C 72 8.80 -17.49 5.05
CA ASN C 72 9.83 -16.70 5.79
C ASN C 72 11.09 -16.49 4.95
N GLU C 73 11.75 -17.57 4.57
CA GLU C 73 13.01 -17.46 3.76
C GLU C 73 12.91 -16.30 2.76
N LEU C 74 11.90 -16.31 1.94
CA LEU C 74 11.73 -15.21 0.95
C LEU C 74 10.53 -14.35 1.37
N GLY C 75 10.28 -14.26 2.66
CA GLY C 75 9.12 -13.44 3.11
C GLY C 75 9.17 -13.24 4.64
N ALA C 76 8.20 -13.78 5.34
CA ALA C 76 8.10 -13.64 6.83
C ALA C 76 6.65 -13.64 7.20
N GLY C 77 5.95 -14.52 6.60
CA GLY C 77 4.52 -14.62 6.87
C GLY C 77 4.22 -15.91 7.59
N ILE C 78 5.20 -16.68 7.98
CA ILE C 78 4.88 -17.94 8.69
C ILE C 78 3.71 -17.67 9.62
N ALA C 79 3.76 -16.53 10.24
CA ALA C 79 2.62 -16.09 11.09
C ALA C 79 1.68 -15.33 10.17
N THR C 80 2.23 -14.53 9.29
CA THR C 80 1.40 -13.79 8.32
C THR C 80 0.80 -14.82 7.30
N ILE C 81 1.59 -15.64 6.64
CA ILE C 81 0.97 -16.69 5.73
C ILE C 81 -0.19 -17.40 6.46
N THR C 82 0.08 -17.94 7.63
CA THR C 82 -1.02 -18.61 8.38
C THR C 82 -2.08 -17.57 8.75
N ARG C 83 -1.68 -16.46 9.31
CA ARG C 83 -2.68 -15.42 9.64
C ARG C 83 -3.43 -15.04 8.37
N GLY C 84 -2.87 -15.30 7.21
CA GLY C 84 -3.60 -14.99 5.93
C GLY C 84 -4.97 -15.61 6.02
N SER C 85 -5.06 -16.86 6.40
CA SER C 85 -6.42 -17.46 6.55
C SER C 85 -7.17 -16.58 7.55
N ASN C 86 -6.54 -16.29 8.65
CA ASN C 86 -7.18 -15.39 9.65
C ASN C 86 -7.58 -14.11 8.92
N SER C 87 -6.79 -13.68 7.96
CA SER C 87 -7.15 -12.44 7.21
C SER C 87 -8.60 -12.53 6.77
N LEU C 88 -9.10 -13.73 6.56
CA LEU C 88 -10.54 -13.87 6.23
C LEU C 88 -11.27 -13.05 7.28
N LYS C 89 -10.68 -12.95 8.45
CA LYS C 89 -11.27 -12.10 9.52
C LYS C 89 -11.38 -10.68 9.01
N ALA C 90 -10.34 -10.17 8.40
CA ALA C 90 -10.42 -8.79 7.89
C ALA C 90 -11.49 -8.78 6.81
N ALA C 91 -11.79 -9.93 6.24
CA ALA C 91 -12.81 -9.95 5.17
C ALA C 91 -13.48 -11.32 4.98
N PRO C 92 -14.80 -11.30 4.86
CA PRO C 92 -15.57 -12.54 4.65
C PRO C 92 -15.75 -12.87 3.15
N VAL C 93 -14.91 -13.73 2.62
CA VAL C 93 -14.99 -14.16 1.17
C VAL C 93 -15.29 -13.01 0.20
N GLU C 94 -15.09 -11.78 0.61
CA GLU C 94 -15.34 -10.65 -0.33
C GLU C 94 -14.12 -10.51 -1.23
N LEU C 95 -12.98 -10.67 -0.63
CA LEU C 95 -11.71 -10.60 -1.39
C LEU C 95 -11.61 -11.84 -2.26
N ARG C 96 -11.86 -12.99 -1.68
CA ARG C 96 -11.81 -14.23 -2.50
C ARG C 96 -12.58 -13.99 -3.79
N GLN C 97 -13.62 -13.19 -3.70
CA GLN C 97 -14.39 -12.85 -4.94
C GLN C 97 -13.45 -12.24 -5.97
N TRP C 98 -12.63 -11.28 -5.59
CA TRP C 98 -11.68 -10.68 -6.56
C TRP C 98 -10.42 -11.56 -6.63
N LEU C 99 -9.93 -11.98 -5.49
CA LEU C 99 -8.72 -12.86 -5.47
C LEU C 99 -8.94 -14.02 -6.42
N GLU C 100 -10.17 -14.47 -6.54
CA GLU C 100 -10.47 -15.58 -7.48
C GLU C 100 -10.59 -15.01 -8.89
N GLU C 101 -11.04 -13.78 -9.01
CA GLU C 101 -11.16 -13.15 -10.36
C GLU C 101 -9.77 -13.16 -11.02
N VAL C 102 -8.76 -13.03 -10.21
CA VAL C 102 -7.37 -13.03 -10.76
C VAL C 102 -6.73 -14.41 -10.57
N LEU C 103 -7.53 -15.42 -10.29
CA LEU C 103 -6.97 -16.79 -10.10
C LEU C 103 -7.89 -17.81 -10.80
N LEU C 104 -9.15 -17.78 -10.47
CA LEU C 104 -10.11 -18.73 -11.11
C LEU C 104 -11.53 -18.16 -11.07
N LYS C 105 -12.03 -17.82 -9.89
CA LYS C 105 -13.42 -17.27 -9.75
C LYS C 105 -14.37 -17.93 -10.76
N SER C 106 -14.17 -19.19 -11.03
CA SER C 106 -15.05 -19.91 -12.00
C SER C 106 -15.21 -19.10 -13.30
N ASP C 107 -14.23 -18.29 -13.62
CA ASP C 107 -14.32 -17.47 -14.87
C ASP C 107 -13.85 -18.29 -16.07
N GLN D 3 18.59 -11.31 -3.42
CA GLN D 3 19.10 -11.59 -2.06
C GLN D 3 19.64 -10.31 -1.42
N SER D 4 20.78 -9.84 -1.88
CA SER D 4 21.35 -8.59 -1.30
C SER D 4 22.48 -8.07 -2.20
N PRO D 5 22.11 -7.73 -3.42
CA PRO D 5 23.12 -7.21 -4.39
C PRO D 5 23.52 -5.78 -4.01
N TYR D 6 22.59 -4.98 -3.59
CA TYR D 6 22.91 -3.57 -3.21
C TYR D 6 23.66 -2.87 -4.35
N SER D 7 24.06 -1.64 -4.13
CA SER D 7 24.79 -0.90 -5.20
C SER D 7 25.44 0.36 -4.62
N ALA D 8 26.26 1.02 -5.39
CA ALA D 8 26.92 2.27 -4.89
C ALA D 8 25.92 3.43 -4.88
N ALA D 9 25.34 3.73 -6.00
CA ALA D 9 24.35 4.85 -6.06
C ALA D 9 23.01 4.40 -5.45
N MET D 10 22.48 5.17 -4.53
CA MET D 10 21.18 4.79 -3.91
C MET D 10 21.24 3.37 -3.37
N ALA D 11 20.11 2.84 -2.95
CA ALA D 11 20.10 1.44 -2.41
C ALA D 11 18.73 0.81 -2.62
N GLU D 12 18.37 -0.15 -1.80
CA GLU D 12 17.04 -0.83 -1.93
C GLU D 12 16.92 -1.53 -3.29
N GLN D 13 16.77 -0.78 -4.35
CA GLN D 13 16.64 -1.40 -5.71
C GLN D 13 15.48 -2.39 -5.73
N ARG D 14 15.11 -2.88 -6.90
CA ARG D 14 13.98 -3.85 -6.98
C ARG D 14 13.86 -4.42 -8.40
N HIS D 15 12.90 -5.29 -8.61
CA HIS D 15 12.71 -5.89 -9.96
C HIS D 15 11.21 -6.19 -10.18
N GLN D 16 10.86 -7.41 -10.51
CA GLN D 16 9.42 -7.73 -10.72
C GLN D 16 8.83 -8.36 -9.45
N GLU D 17 9.41 -8.07 -8.31
CA GLU D 17 8.88 -8.64 -7.04
C GLU D 17 7.96 -7.63 -6.36
N TRP D 18 7.32 -6.79 -7.12
CA TRP D 18 6.40 -5.78 -6.52
C TRP D 18 5.34 -5.35 -7.54
N LEU D 19 5.75 -5.09 -8.75
CA LEU D 19 4.80 -4.65 -9.81
C LEU D 19 3.62 -5.62 -9.90
N ARG D 20 3.78 -6.83 -9.45
CA ARG D 20 2.64 -7.79 -9.50
C ARG D 20 1.46 -7.14 -8.80
N PHE D 21 1.69 -6.56 -7.64
CA PHE D 21 0.59 -5.88 -6.91
C PHE D 21 0.14 -4.65 -7.65
N VAL D 22 1.09 -3.81 -7.96
CA VAL D 22 0.77 -2.56 -8.67
C VAL D 22 -0.11 -2.88 -9.88
N ASP D 23 -0.09 -4.11 -10.33
CA ASP D 23 -0.98 -4.50 -11.45
C ASP D 23 -2.08 -5.45 -10.94
N LEU D 24 -1.91 -6.01 -9.77
CA LEU D 24 -2.95 -6.93 -9.22
C LEU D 24 -3.58 -6.32 -7.96
N LEU D 25 -2.80 -5.64 -7.15
CA LEU D 25 -3.37 -5.01 -5.92
C LEU D 25 -4.24 -3.85 -6.36
N LYS D 26 -3.97 -3.31 -7.52
CA LYS D 26 -4.78 -2.18 -8.02
C LYS D 26 -5.86 -2.68 -8.96
N ASN D 27 -5.59 -3.75 -9.65
CA ASN D 27 -6.61 -4.28 -10.59
C ASN D 27 -7.91 -4.49 -9.80
N ALA D 28 -7.78 -4.42 -8.51
CA ALA D 28 -9.00 -4.54 -7.63
C ALA D 28 -9.22 -3.18 -6.95
N TYR D 29 -8.58 -2.16 -7.46
CA TYR D 29 -8.69 -0.79 -6.88
C TYR D 29 -9.76 0.03 -7.63
N GLN D 30 -10.70 -0.62 -8.26
CA GLN D 30 -11.75 0.14 -9.01
C GLN D 30 -13.14 -0.17 -8.47
N ASN D 31 -13.34 -1.34 -7.92
CA ASN D 31 -14.69 -1.69 -7.39
C ASN D 31 -14.62 -1.82 -5.86
N ASP D 32 -15.40 -2.70 -5.30
CA ASP D 32 -15.37 -2.89 -3.82
C ASP D 32 -14.27 -3.89 -3.45
N LEU D 33 -13.54 -4.36 -4.43
CA LEU D 33 -12.46 -5.33 -4.14
C LEU D 33 -11.13 -4.60 -3.95
N HIS D 34 -11.19 -3.35 -3.56
CA HIS D 34 -9.93 -2.57 -3.33
C HIS D 34 -9.62 -2.46 -1.85
N LEU D 35 -10.60 -2.62 -1.01
CA LEU D 35 -10.32 -2.55 0.43
C LEU D 35 -10.38 -3.93 1.11
N PRO D 36 -10.54 -5.00 0.35
CA PRO D 36 -10.52 -6.34 0.96
C PRO D 36 -9.05 -6.68 1.10
N LEU D 37 -8.26 -6.12 0.23
CA LEU D 37 -6.80 -6.32 0.27
C LEU D 37 -6.30 -5.69 1.57
N LEU D 38 -6.94 -4.63 1.98
CA LEU D 38 -6.58 -3.99 3.28
C LEU D 38 -7.28 -4.83 4.36
N ASN D 39 -7.93 -5.87 3.95
CA ASN D 39 -8.60 -6.76 4.88
C ASN D 39 -8.34 -8.21 4.44
N LEU D 40 -7.25 -8.42 3.74
CA LEU D 40 -6.90 -9.78 3.24
C LEU D 40 -5.56 -10.21 3.81
N MET D 41 -4.81 -9.28 4.33
CA MET D 41 -3.48 -9.65 4.87
C MET D 41 -3.34 -9.41 6.40
N LEU D 42 -4.25 -9.95 7.18
CA LEU D 42 -4.23 -9.84 8.70
C LEU D 42 -4.02 -8.42 9.22
N THR D 43 -2.88 -7.83 8.97
CA THR D 43 -2.64 -6.44 9.44
C THR D 43 -2.74 -5.48 8.23
N PRO D 44 -3.77 -5.65 7.45
CA PRO D 44 -3.99 -4.81 6.29
C PRO D 44 -4.93 -3.68 6.68
N ASP D 45 -5.33 -3.66 7.93
CA ASP D 45 -6.19 -2.56 8.43
C ASP D 45 -5.27 -1.36 8.62
N GLU D 46 -4.43 -1.11 7.65
CA GLU D 46 -3.48 0.02 7.74
C GLU D 46 -4.21 1.36 7.78
N ARG D 47 -5.48 1.36 8.15
CA ARG D 47 -6.22 2.64 8.25
C ARG D 47 -5.43 3.63 9.11
N GLU D 48 -4.52 3.13 9.91
CA GLU D 48 -3.67 4.02 10.75
C GLU D 48 -2.49 4.50 9.89
N ALA D 49 -1.60 3.60 9.52
CA ALA D 49 -0.45 4.01 8.65
C ALA D 49 -1.00 4.62 7.36
N LEU D 50 -1.91 3.92 6.70
CA LEU D 50 -2.50 4.47 5.45
C LEU D 50 -3.36 5.69 5.76
N GLY D 51 -4.28 5.56 6.68
CA GLY D 51 -5.14 6.73 7.04
C GLY D 51 -4.25 7.96 7.24
N THR D 52 -3.05 7.73 7.71
CA THR D 52 -2.09 8.86 7.89
C THR D 52 -1.22 9.01 6.64
N ARG D 53 -0.99 7.93 5.92
CA ARG D 53 -0.14 8.01 4.68
C ARG D 53 -0.54 9.24 3.88
N VAL D 54 -1.78 9.61 3.94
CA VAL D 54 -2.25 10.80 3.22
C VAL D 54 -2.17 11.99 4.17
N ARG D 55 -2.46 11.76 5.41
CA ARG D 55 -2.41 12.85 6.43
C ARG D 55 -1.03 13.52 6.50
N ILE D 56 0.01 12.83 6.10
CA ILE D 56 1.36 13.48 6.19
C ILE D 56 1.81 14.09 4.87
N VAL D 57 1.26 13.64 3.78
CA VAL D 57 1.66 14.20 2.45
C VAL D 57 0.70 15.33 2.13
N GLU D 58 -0.54 15.04 2.30
CA GLU D 58 -1.62 16.02 2.04
C GLU D 58 -1.37 17.31 2.83
N GLU D 59 -0.52 17.27 3.82
CA GLU D 59 -0.23 18.50 4.61
C GLU D 59 1.07 19.15 4.13
N LEU D 60 2.06 18.36 3.80
CA LEU D 60 3.36 18.92 3.33
C LEU D 60 3.27 19.30 1.85
N LEU D 61 2.45 18.61 1.10
CA LEU D 61 2.33 18.94 -0.36
C LEU D 61 1.63 20.28 -0.56
N ARG D 62 1.08 20.85 0.48
CA ARG D 62 0.36 22.15 0.33
C ARG D 62 1.06 23.26 1.12
N GLY D 63 1.32 23.04 2.38
CA GLY D 63 1.98 24.09 3.21
C GLY D 63 3.50 23.87 3.20
N GLU D 64 4.13 24.01 4.33
CA GLU D 64 5.61 23.82 4.42
C GLU D 64 6.06 23.96 5.87
N MET D 65 5.49 24.87 6.60
CA MET D 65 5.88 25.05 8.03
C MET D 65 5.18 23.99 8.89
N SER D 66 5.43 22.74 8.61
CA SER D 66 4.79 21.64 9.38
C SER D 66 5.13 21.76 10.88
N GLN D 67 4.90 20.70 11.64
CA GLN D 67 5.21 20.73 13.10
C GLN D 67 4.32 21.75 13.82
N ARG D 68 3.19 21.30 14.34
CA ARG D 68 2.24 22.21 15.06
C ARG D 68 1.31 22.88 14.06
N GLU D 69 0.60 22.10 13.31
CA GLU D 69 -0.34 22.67 12.32
C GLU D 69 -1.60 21.80 12.23
N LEU D 70 -1.44 20.50 12.08
CA LEU D 70 -2.66 19.61 12.00
C LEU D 70 -2.28 18.18 11.61
N LYS D 71 -1.09 17.75 11.94
CA LYS D 71 -0.68 16.37 11.57
C LYS D 71 -0.83 15.41 12.75
N ASN D 72 -0.96 15.91 13.94
CA ASN D 72 -1.10 14.99 15.10
C ASN D 72 -2.15 15.51 16.09
N GLU D 73 -2.23 16.80 16.27
CA GLU D 73 -3.23 17.37 17.23
C GLU D 73 -4.61 16.75 16.96
N LEU D 74 -4.86 16.36 15.75
CA LEU D 74 -6.17 15.75 15.40
C LEU D 74 -5.95 14.59 14.42
N GLY D 75 -4.78 14.00 14.43
CA GLY D 75 -4.50 12.87 13.49
C GLY D 75 -3.25 12.11 13.94
N ALA D 76 -2.15 12.31 13.27
CA ALA D 76 -0.87 11.60 13.63
C ALA D 76 0.09 11.73 12.47
N GLY D 77 1.11 12.49 12.67
CA GLY D 77 2.10 12.69 11.61
C GLY D 77 3.16 13.67 12.10
N ILE D 78 2.86 14.49 13.08
CA ILE D 78 3.86 15.47 13.62
C ILE D 78 5.28 14.89 13.50
N ALA D 79 5.41 13.63 13.78
CA ALA D 79 6.74 12.96 13.66
C ALA D 79 6.80 12.18 12.35
N THR D 80 5.77 12.26 11.56
CA THR D 80 5.74 11.53 10.26
C THR D 80 5.25 12.48 9.13
N ILE D 81 5.14 13.76 9.45
CA ILE D 81 4.78 14.82 8.46
C ILE D 81 6.01 15.72 8.29
N THR D 82 6.56 16.14 9.40
CA THR D 82 7.76 16.98 9.38
C THR D 82 8.95 16.05 9.29
N ARG D 83 8.85 14.89 9.87
CA ARG D 83 9.95 13.92 9.74
C ARG D 83 10.19 13.73 8.23
N GLY D 84 9.15 13.95 7.44
CA GLY D 84 9.31 13.85 5.95
C GLY D 84 10.48 14.70 5.51
N SER D 85 10.90 15.64 6.33
CA SER D 85 12.09 16.47 5.95
C SER D 85 13.18 15.52 5.46
N ASN D 86 13.15 14.31 5.97
CA ASN D 86 14.12 13.26 5.52
C ASN D 86 13.53 12.49 4.34
N SER D 87 12.58 13.09 3.65
CA SER D 87 11.92 12.44 2.48
C SER D 87 12.92 11.58 1.70
N LEU D 88 14.15 12.02 1.62
CA LEU D 88 15.18 11.23 0.89
C LEU D 88 15.02 9.74 1.21
N LYS D 89 14.59 9.44 2.40
CA LYS D 89 14.38 8.00 2.78
C LYS D 89 13.50 7.30 1.73
N ALA D 90 12.30 7.77 1.51
CA ALA D 90 11.42 7.15 0.47
C ALA D 90 11.34 8.09 -0.75
N ALA D 91 12.32 8.96 -0.85
CA ALA D 91 12.42 9.95 -1.98
C ALA D 91 11.10 10.30 -2.65
N PRO D 92 10.45 11.31 -2.12
CA PRO D 92 9.20 11.79 -2.71
C PRO D 92 9.53 12.97 -3.64
N VAL D 93 10.38 12.74 -4.61
CA VAL D 93 10.76 13.85 -5.55
C VAL D 93 11.04 13.29 -6.94
N GLU D 94 11.72 12.17 -7.02
CA GLU D 94 12.02 11.58 -8.36
C GLU D 94 10.71 11.21 -9.07
N LEU D 95 9.73 10.81 -8.31
CA LEU D 95 8.41 10.44 -8.89
C LEU D 95 7.30 11.23 -8.22
N ARG D 96 7.58 11.85 -7.08
CA ARG D 96 6.52 12.69 -6.45
C ARG D 96 5.94 13.61 -7.54
N GLN D 97 6.71 13.85 -8.58
CA GLN D 97 6.24 14.69 -9.70
C GLN D 97 4.82 14.30 -10.13
N TRP D 98 4.50 13.02 -10.20
CA TRP D 98 3.11 12.69 -10.59
C TRP D 98 2.18 12.93 -9.40
N LEU D 99 2.61 12.57 -8.22
CA LEU D 99 1.75 12.80 -7.02
C LEU D 99 1.34 14.26 -6.97
N GLU D 100 2.17 15.12 -7.50
CA GLU D 100 1.82 16.57 -7.52
C GLU D 100 0.79 16.82 -8.63
N GLU D 101 0.74 15.94 -9.60
CA GLU D 101 -0.25 16.10 -10.71
C GLU D 101 -1.68 16.06 -10.15
N VAL D 102 -1.85 15.53 -8.97
CA VAL D 102 -3.20 15.47 -8.36
C VAL D 102 -3.33 16.53 -7.27
N LEU D 103 -2.40 17.46 -7.20
CA LEU D 103 -2.48 18.55 -6.18
C LEU D 103 -1.79 19.82 -6.68
N LEU D 104 -0.55 19.71 -7.08
CA LEU D 104 0.20 20.92 -7.54
C LEU D 104 0.60 20.81 -9.03
N LYS D 105 1.40 19.83 -9.38
CA LYS D 105 1.85 19.69 -10.80
C LYS D 105 0.66 19.82 -11.76
N SER D 106 -0.48 19.30 -11.39
CA SER D 106 -1.68 19.38 -12.28
C SER D 106 -1.33 18.94 -13.70
N ASP D 107 -2.25 19.11 -14.62
CA ASP D 107 -1.98 18.70 -16.03
C ASP D 107 -2.79 19.58 -17.00
N TRP E . -1.41 -6.60 5.82
CA TRP E . -0.44 -6.87 6.93
C TRP E . 0.42 -5.64 7.17
O TRP E . 1.40 -5.76 7.89
CB TRP E . 0.40 -8.03 6.44
CG TRP E . 0.04 -9.26 7.15
CD1 TRP E . 0.10 -9.47 8.48
CD2 TRP E . -0.46 -10.47 6.56
NE1 TRP E . -0.30 -10.77 8.73
CE2 TRP E . -0.67 -11.42 7.56
CE3 TRP E . -0.75 -10.82 5.23
CZ2 TRP E . -1.15 -12.68 7.27
CZ3 TRP E . -1.24 -12.09 4.94
CH2 TRP E . -1.43 -13.01 5.94
OXT TRP E . 0.09 -4.59 6.64
H2 TRP E . -0.97 -6.78 4.90
H TRP E . -1.71 -5.60 5.87
HA TRP E . -0.96 -7.16 7.81
HB2 TRP E . 0.19 -8.22 5.40
HB3 TRP E . 1.45 -7.83 6.57
HD1 TRP E . 0.43 -8.75 9.21
HE1 TRP E . -0.33 -11.20 9.61
HE3 TRP E . -0.60 -10.11 4.44
HZ2 TRP E . -1.28 -13.42 8.05
HZ3 TRP E . -1.47 -12.34 3.92
HH2 TRP E . -1.80 -14.00 5.70
N TRP F . 6.76 5.91 4.90
CA TRP F . 7.65 6.55 5.91
C TRP F . 8.92 5.73 6.17
O TRP F . 9.90 5.96 5.47
CB TRP F . 6.81 6.63 7.18
CG TRP F . 7.19 7.86 7.84
CD1 TRP F . 7.61 7.99 9.09
CD2 TRP F . 7.18 9.15 7.24
NE1 TRP F . 7.86 9.34 9.33
CE2 TRP F . 7.60 10.10 8.19
CE3 TRP F . 6.85 9.56 5.96
CZ2 TRP F . 7.67 11.45 7.85
CZ3 TRP F . 6.92 10.89 5.60
CH2 TRP F . 7.32 11.85 6.55
OXT TRP F . 8.91 4.91 7.08
H2 TRP F . 5.89 6.47 4.79
H TRP F . 6.51 4.95 5.21
HA TRP F . 7.91 7.53 5.59
HB2 TRP F . 5.74 6.68 6.95
HB3 TRP F . 7.02 5.79 7.83
HD1 TRP F . 7.73 7.17 9.79
HE1 TRP F . 8.16 9.73 10.18
HE3 TRP F . 6.53 8.83 5.23
HZ2 TRP F . 7.97 12.18 8.58
HZ3 TRP F . 6.66 11.17 4.60
HH2 TRP F . 7.37 12.89 6.27
N GLN C 3 -19.21 21.36 6.32
CA GLN C 3 -20.26 21.92 5.42
C GLN C 3 -21.58 22.08 6.19
N SER C 4 -22.62 22.50 5.51
CA SER C 4 -23.93 22.68 6.20
C SER C 4 -24.57 21.31 6.51
N PRO C 5 -24.72 20.51 5.48
CA PRO C 5 -25.33 19.17 5.67
C PRO C 5 -24.35 18.22 6.37
N TYR C 6 -23.08 18.49 6.28
CA TYR C 6 -22.08 17.60 6.95
C TYR C 6 -22.34 17.53 8.45
N SER C 7 -22.41 16.35 9.00
CA SER C 7 -22.67 16.22 10.47
C SER C 7 -22.27 14.83 10.95
N ALA C 8 -23.04 13.83 10.58
CA ALA C 8 -22.70 12.44 11.02
C ALA C 8 -21.86 11.74 9.95
N ALA C 9 -21.51 10.51 10.18
CA ALA C 9 -20.68 9.76 9.19
C ALA C 9 -21.55 8.73 8.46
N MET C 10 -21.83 7.62 9.11
CA MET C 10 -22.67 6.56 8.45
C MET C 10 -22.08 6.15 7.10
N ALA C 11 -22.45 6.83 6.04
CA ALA C 11 -21.91 6.46 4.70
C ALA C 11 -21.63 7.73 3.89
N GLU C 12 -21.38 8.83 4.55
CA GLU C 12 -21.11 10.10 3.82
C GLU C 12 -19.69 10.59 4.12
N GLN C 13 -19.04 10.04 5.13
CA GLN C 13 -17.66 10.48 5.47
C GLN C 13 -16.74 10.33 4.25
N ARG C 14 -17.05 9.41 3.38
CA ARG C 14 -16.21 9.21 2.16
C ARG C 14 -14.75 8.94 2.54
N HIS C 15 -14.32 7.72 2.48
CA HIS C 15 -12.90 7.39 2.83
C HIS C 15 -11.96 7.78 1.69
N GLN C 16 -12.00 9.02 1.27
CA GLN C 16 -11.12 9.47 0.16
C GLN C 16 -9.64 9.23 0.52
N GLU C 17 -9.32 9.16 1.78
CA GLU C 17 -7.91 8.93 2.19
C GLU C 17 -7.39 7.63 1.58
N TRP C 18 -8.11 6.56 1.76
CA TRP C 18 -7.66 5.24 1.21
C TRP C 18 -7.69 5.26 -0.32
N LEU C 19 -8.75 5.76 -0.91
CA LEU C 19 -8.84 5.75 -2.40
C LEU C 19 -7.89 6.80 -3.00
N ARG C 20 -7.67 7.89 -2.31
CA ARG C 20 -6.74 8.93 -2.87
C ARG C 20 -5.36 8.29 -3.09
N PHE C 21 -5.01 7.36 -2.24
CA PHE C 21 -3.70 6.67 -2.38
C PHE C 21 -3.81 5.52 -3.39
N VAL C 22 -4.99 5.22 -3.85
CA VAL C 22 -5.15 4.13 -4.84
C VAL C 22 -5.00 4.74 -6.22
N ASP C 23 -5.67 5.83 -6.45
CA ASP C 23 -5.58 6.49 -7.77
C ASP C 23 -4.13 6.92 -8.02
N LEU C 24 -3.49 7.52 -7.05
CA LEU C 24 -2.08 7.94 -7.25
C LEU C 24 -1.20 6.71 -7.43
N LEU C 25 -1.65 5.57 -6.97
CA LEU C 25 -0.84 4.33 -7.14
C LEU C 25 -0.96 3.84 -8.58
N LYS C 26 -2.04 3.18 -8.91
CA LYS C 26 -2.26 2.66 -10.32
C LYS C 26 -1.58 3.55 -11.37
N ASN C 27 -1.72 4.84 -11.25
CA ASN C 27 -1.09 5.77 -12.23
C ASN C 27 0.43 5.59 -12.19
N ALA C 28 0.98 5.69 -11.02
CA ALA C 28 2.46 5.50 -10.87
C ALA C 28 2.77 4.00 -10.73
N TYR C 29 1.75 3.19 -10.71
CA TYR C 29 1.91 1.72 -10.57
C TYR C 29 2.26 1.10 -11.93
N GLN C 30 1.91 1.79 -13.00
CA GLN C 30 2.23 1.26 -14.35
C GLN C 30 3.74 1.05 -14.48
N ASN C 31 4.51 1.82 -13.76
CA ASN C 31 6.00 1.67 -13.82
C ASN C 31 6.54 1.65 -12.38
N ASP C 32 7.64 2.31 -12.12
CA ASP C 32 8.19 2.33 -10.73
C ASP C 32 7.72 3.58 -9.98
N LEU C 33 7.02 4.45 -10.65
CA LEU C 33 6.55 5.71 -9.98
C LEU C 33 5.73 5.41 -8.72
N HIS C 34 5.29 4.18 -8.53
CA HIS C 34 4.51 3.85 -7.30
C HIS C 34 5.45 3.43 -6.17
N LEU C 35 6.54 2.81 -6.51
CA LEU C 35 7.52 2.37 -5.47
C LEU C 35 7.89 3.53 -4.52
N PRO C 36 8.05 4.72 -5.08
CA PRO C 36 8.39 5.91 -4.24
C PRO C 36 7.20 6.28 -3.35
N LEU C 37 6.12 5.61 -3.54
CA LEU C 37 4.90 5.88 -2.76
C LEU C 37 4.57 4.65 -1.92
N LEU C 38 4.88 3.49 -2.44
CA LEU C 38 4.61 2.25 -1.67
C LEU C 38 5.55 2.21 -0.47
N ASN C 39 6.68 2.84 -0.58
CA ASN C 39 7.64 2.84 0.55
C ASN C 39 7.73 4.23 1.19
N LEU C 40 7.49 5.26 0.43
CA LEU C 40 7.53 6.62 1.04
C LEU C 40 6.08 7.08 1.28
N MET C 41 5.13 6.20 1.08
CA MET C 41 3.71 6.62 1.31
C MET C 41 2.77 5.44 1.54
N LEU C 42 3.25 4.34 2.01
CA LEU C 42 2.35 3.18 2.26
C LEU C 42 3.04 2.32 3.29
N THR C 43 4.22 1.94 2.97
CA THR C 43 5.07 1.16 3.89
C THR C 43 6.26 0.67 3.10
N PRO C 44 7.38 1.19 3.48
CA PRO C 44 8.64 0.91 2.79
C PRO C 44 9.25 -0.41 3.34
N ASP C 45 9.56 -0.49 4.61
CA ASP C 45 10.08 -1.79 5.15
C ASP C 45 9.06 -2.88 4.80
N GLU C 46 7.80 -2.51 4.77
CA GLU C 46 6.77 -3.50 4.39
C GLU C 46 6.87 -3.78 2.91
N ARG C 47 7.67 -3.02 2.17
CA ARG C 47 7.83 -3.35 0.73
C ARG C 47 8.20 -4.83 0.71
N GLU C 48 8.90 -5.26 1.73
CA GLU C 48 9.21 -6.70 1.85
C GLU C 48 7.94 -7.38 2.35
N ALA C 49 7.26 -6.75 3.27
CA ALA C 49 5.99 -7.32 3.79
C ALA C 49 5.01 -7.57 2.62
N LEU C 50 4.80 -6.62 1.75
CA LEU C 50 3.86 -6.87 0.61
C LEU C 50 4.30 -8.12 -0.13
N GLY C 51 5.57 -8.20 -0.43
CA GLY C 51 6.11 -9.39 -1.14
C GLY C 51 5.85 -10.65 -0.32
N THR C 52 6.09 -10.60 0.97
CA THR C 52 5.90 -11.83 1.82
C THR C 52 4.50 -11.94 2.44
N ARG C 53 3.74 -10.89 2.47
CA ARG C 53 2.38 -10.99 3.08
C ARG C 53 1.35 -11.36 2.00
N VAL C 54 1.32 -10.68 0.89
CA VAL C 54 0.37 -11.12 -0.16
C VAL C 54 0.84 -12.50 -0.61
N ARG C 55 2.13 -12.72 -0.56
CA ARG C 55 2.69 -14.04 -0.94
C ARG C 55 1.98 -15.13 -0.16
N ILE C 56 2.11 -15.12 1.14
CA ILE C 56 1.44 -16.15 1.99
C ILE C 56 0.06 -16.53 1.43
N VAL C 57 -0.64 -15.59 0.86
CA VAL C 57 -2.01 -15.91 0.33
C VAL C 57 -1.91 -16.31 -1.13
N GLU C 58 -1.36 -15.45 -1.91
CA GLU C 58 -1.22 -15.75 -3.35
C GLU C 58 -0.30 -16.97 -3.55
N GLU C 59 0.45 -17.32 -2.54
CA GLU C 59 1.35 -18.50 -2.63
C GLU C 59 0.62 -19.74 -2.13
N LEU C 60 -0.31 -19.58 -1.22
CA LEU C 60 -1.06 -20.75 -0.71
C LEU C 60 -2.02 -21.25 -1.79
N LEU C 61 -2.74 -20.35 -2.40
CA LEU C 61 -3.69 -20.76 -3.47
C LEU C 61 -2.90 -21.22 -4.71
N ARG C 62 -1.66 -20.81 -4.82
CA ARG C 62 -0.84 -21.21 -6.01
C ARG C 62 0.09 -22.38 -5.65
N GLY C 63 0.61 -22.40 -4.45
CA GLY C 63 1.53 -23.49 -4.04
C GLY C 63 0.79 -24.53 -3.20
N GLU C 64 1.33 -24.89 -2.07
CA GLU C 64 0.66 -25.91 -1.21
C GLU C 64 -0.06 -25.23 -0.04
N MET C 65 0.65 -24.89 1.02
CA MET C 65 -0.02 -24.25 2.19
C MET C 65 1.00 -23.89 3.27
N SER C 66 2.12 -23.31 2.90
CA SER C 66 3.16 -22.92 3.91
C SER C 66 3.47 -24.10 4.84
N GLN C 67 4.07 -23.83 5.99
CA GLN C 67 4.42 -24.92 6.96
C GLN C 67 5.67 -25.71 6.51
N ARG C 68 6.80 -25.36 7.07
CA ARG C 68 8.07 -26.06 6.72
C ARG C 68 8.19 -26.25 5.21
N GLU C 69 7.77 -25.27 4.46
CA GLU C 69 7.85 -25.39 2.97
C GLU C 69 7.60 -24.03 2.29
N LEU C 70 6.90 -23.14 2.93
CA LEU C 70 6.65 -21.82 2.28
C LEU C 70 6.54 -20.69 3.32
N LYS C 71 5.80 -20.88 4.39
CA LYS C 71 5.68 -19.79 5.40
C LYS C 71 7.06 -19.27 5.79
N ASN C 72 8.01 -20.14 5.92
CA ASN C 72 9.37 -19.69 6.30
C ASN C 72 10.29 -19.78 5.08
N GLU C 73 10.14 -20.82 4.30
CA GLU C 73 11.00 -20.98 3.09
C GLU C 73 10.93 -19.71 2.24
N LEU C 74 9.88 -18.95 2.38
CA LEU C 74 9.76 -17.69 1.59
C LEU C 74 10.44 -16.52 2.30
N GLY C 75 9.92 -16.08 3.43
CA GLY C 75 10.59 -14.94 4.10
C GLY C 75 9.82 -14.39 5.30
N ALA C 76 8.79 -15.05 5.76
CA ALA C 76 8.00 -14.56 6.94
C ALA C 76 6.56 -14.74 6.64
N GLY C 77 6.20 -15.95 6.56
CA GLY C 77 4.81 -16.28 6.31
C GLY C 77 4.30 -17.01 7.54
N ILE C 78 5.16 -17.55 8.37
CA ILE C 78 4.66 -18.29 9.54
C ILE C 78 3.68 -17.45 10.29
N ALA C 79 4.14 -16.64 11.17
CA ALA C 79 3.19 -15.75 11.90
C ALA C 79 2.22 -15.17 10.86
N THR C 80 2.69 -14.99 9.67
CA THR C 80 1.81 -14.49 8.58
C THR C 80 0.88 -15.65 8.16
N ILE C 81 1.37 -16.59 7.41
CA ILE C 81 0.54 -17.77 6.97
C ILE C 81 -0.43 -18.19 8.08
N THR C 82 0.04 -18.27 9.29
CA THR C 82 -0.87 -18.62 10.41
C THR C 82 -1.83 -17.45 10.63
N ARG C 83 -1.33 -16.26 10.79
CA ARG C 83 -2.27 -15.12 10.92
C ARG C 83 -3.13 -15.09 9.65
N GLY C 84 -2.64 -15.71 8.57
CA GLY C 84 -3.42 -15.77 7.31
C GLY C 84 -4.84 -16.20 7.63
N SER C 85 -5.00 -17.22 8.43
CA SER C 85 -6.39 -17.61 8.82
C SER C 85 -7.03 -16.37 9.46
N ASN C 86 -6.35 -15.79 10.41
CA ASN C 86 -6.90 -14.55 11.02
C ASN C 86 -7.07 -13.51 9.90
N SER C 87 -6.22 -13.55 8.91
CA SER C 87 -6.35 -12.60 7.77
C SER C 87 -7.77 -12.69 7.24
N LEU C 88 -8.35 -13.88 7.30
CA LEU C 88 -9.75 -14.04 6.87
C LEU C 88 -10.56 -13.00 7.62
N LYS C 89 -10.12 -12.66 8.80
CA LYS C 89 -10.83 -11.59 9.58
C LYS C 89 -10.87 -10.31 8.76
N ALA C 90 -9.77 -9.99 8.11
CA ALA C 90 -9.75 -8.76 7.28
C ALA C 90 -10.72 -8.98 6.13
N ALA C 91 -11.14 -10.21 5.91
CA ALA C 91 -12.09 -10.48 4.82
C ALA C 91 -12.92 -11.75 5.06
N PRO C 92 -14.19 -11.57 5.33
CA PRO C 92 -15.08 -12.74 5.57
C PRO C 92 -15.35 -13.47 4.25
N VAL C 93 -14.32 -13.95 3.59
CA VAL C 93 -14.49 -14.68 2.29
C VAL C 93 -15.04 -13.75 1.20
N GLU C 94 -15.32 -12.52 1.53
CA GLU C 94 -15.85 -11.57 0.50
C GLU C 94 -14.66 -10.98 -0.27
N LEU C 95 -13.94 -10.12 0.37
CA LEU C 95 -12.76 -9.52 -0.29
C LEU C 95 -11.82 -10.65 -0.70
N ARG C 96 -11.70 -11.65 0.13
CA ARG C 96 -10.85 -12.82 -0.23
C ARG C 96 -11.30 -13.30 -1.61
N GLN C 97 -12.56 -13.09 -1.92
CA GLN C 97 -13.09 -13.49 -3.24
C GLN C 97 -12.36 -12.74 -4.36
N TRP C 98 -12.04 -11.46 -4.20
CA TRP C 98 -11.31 -10.78 -5.30
C TRP C 98 -10.02 -11.54 -5.57
N LEU C 99 -9.30 -11.90 -4.54
CA LEU C 99 -8.03 -12.66 -4.76
C LEU C 99 -8.33 -13.86 -5.67
N GLU C 100 -9.45 -14.47 -5.44
CA GLU C 100 -9.85 -15.62 -6.29
C GLU C 100 -10.27 -15.12 -7.67
N GLU C 101 -10.74 -13.89 -7.75
CA GLU C 101 -11.16 -13.32 -9.07
C GLU C 101 -10.02 -13.50 -10.08
N VAL C 102 -8.82 -13.22 -9.68
CA VAL C 102 -7.66 -13.40 -10.60
C VAL C 102 -6.98 -14.74 -10.31
N LEU C 103 -7.70 -15.66 -9.71
CA LEU C 103 -7.09 -16.99 -9.40
C LEU C 103 -8.09 -18.13 -9.65
N LEU C 104 -9.19 -18.16 -8.93
CA LEU C 104 -10.18 -19.25 -9.12
C LEU C 104 -11.61 -18.71 -9.27
N LYS C 105 -11.95 -17.67 -8.54
CA LYS C 105 -13.34 -17.12 -8.65
C LYS C 105 -13.70 -16.85 -10.11
N SER C 106 -12.92 -16.05 -10.79
CA SER C 106 -13.20 -15.75 -12.22
C SER C 106 -14.65 -15.28 -12.39
N ASP C 107 -15.01 -14.19 -11.79
CA ASP C 107 -16.42 -13.68 -11.91
C ASP C 107 -16.74 -13.37 -13.37
N GLN D 3 22.01 -4.00 -12.59
CA GLN D 3 20.74 -4.57 -12.11
C GLN D 3 20.74 -4.65 -10.58
N SER D 4 21.80 -5.13 -10.00
CA SER D 4 21.86 -5.26 -8.52
C SER D 4 22.26 -3.91 -7.88
N PRO D 5 23.35 -3.35 -8.33
CA PRO D 5 23.82 -2.06 -7.77
C PRO D 5 23.00 -0.88 -8.32
N TYR D 6 21.70 -0.94 -8.21
CA TYR D 6 20.83 0.17 -8.72
C TYR D 6 21.22 0.55 -10.15
N SER D 7 20.52 0.01 -11.13
CA SER D 7 20.84 0.35 -12.54
C SER D 7 19.56 0.68 -13.31
N ALA D 8 19.15 1.92 -13.29
CA ALA D 8 17.90 2.31 -14.02
C ALA D 8 17.97 3.79 -14.43
N ALA D 9 18.54 4.08 -15.57
CA ALA D 9 18.62 5.50 -16.02
C ALA D 9 18.00 5.66 -17.40
N MET D 10 18.43 4.88 -18.36
CA MET D 10 17.87 4.97 -19.73
C MET D 10 17.10 3.69 -20.09
N ALA D 11 17.37 2.61 -19.40
CA ALA D 11 16.66 1.34 -19.71
C ALA D 11 16.59 0.46 -18.46
N GLU D 12 15.41 0.14 -18.02
CA GLU D 12 15.26 -0.72 -16.80
C GLU D 12 15.84 -2.11 -17.07
N GLN D 13 16.24 -2.80 -16.04
CA GLN D 13 16.81 -4.17 -16.22
C GLN D 13 15.78 -5.23 -15.82
N ARG D 14 15.56 -5.39 -14.54
CA ARG D 14 14.57 -6.41 -14.08
C ARG D 14 13.30 -5.72 -13.57
N HIS D 15 13.27 -5.31 -12.31
CA HIS D 15 12.07 -4.63 -11.76
C HIS D 15 10.80 -5.44 -12.08
N GLN D 16 10.77 -6.70 -11.70
CA GLN D 16 9.57 -7.53 -11.98
C GLN D 16 9.06 -8.18 -10.69
N GLU D 17 9.92 -8.40 -9.74
CA GLU D 17 9.48 -9.04 -8.46
C GLU D 17 8.39 -8.20 -7.79
N TRP D 18 8.33 -6.92 -8.07
CA TRP D 18 7.29 -6.07 -7.46
C TRP D 18 6.24 -5.65 -8.49
N LEU D 19 6.63 -5.49 -9.73
CA LEU D 19 5.64 -5.08 -10.77
C LEU D 19 4.62 -6.20 -10.94
N ARG D 20 5.03 -7.44 -10.76
CA ARG D 20 4.06 -8.56 -10.85
C ARG D 20 3.06 -8.43 -9.69
N PHE D 21 3.38 -7.59 -8.74
CA PHE D 21 2.51 -7.38 -7.57
C PHE D 21 1.46 -6.30 -7.87
N VAL D 22 1.90 -5.23 -8.49
CA VAL D 22 0.98 -4.12 -8.81
C VAL D 22 -0.07 -4.54 -9.83
N ASP D 23 0.32 -5.13 -10.92
CA ASP D 23 -0.69 -5.56 -11.93
C ASP D 23 -1.79 -6.40 -11.27
N LEU D 24 -1.50 -6.96 -10.12
CA LEU D 24 -2.53 -7.76 -9.40
C LEU D 24 -3.04 -6.97 -8.19
N LEU D 25 -2.42 -5.86 -7.89
CA LEU D 25 -2.86 -5.04 -6.73
C LEU D 25 -3.69 -3.85 -7.20
N LYS D 26 -3.27 -3.19 -8.23
CA LYS D 26 -4.04 -2.02 -8.73
C LYS D 26 -5.19 -2.49 -9.60
N ASN D 27 -5.02 -3.60 -10.27
CA ASN D 27 -6.13 -4.11 -11.11
C ASN D 27 -7.35 -4.23 -10.21
N ALA D 28 -7.10 -4.10 -8.93
CA ALA D 28 -8.18 -4.16 -7.93
C ALA D 28 -8.21 -2.83 -7.17
N TYR D 29 -7.65 -1.81 -7.76
CA TYR D 29 -7.61 -0.45 -7.12
C TYR D 29 -8.75 0.43 -7.64
N GLN D 30 -9.22 0.14 -8.82
CA GLN D 30 -10.33 0.97 -9.41
C GLN D 30 -11.61 0.83 -8.58
N ASN D 31 -11.73 -0.19 -7.78
CA ASN D 31 -12.96 -0.38 -6.97
C ASN D 31 -12.59 -0.81 -5.55
N ASP D 32 -13.41 -1.61 -4.93
CA ASP D 32 -13.09 -2.10 -3.55
C ASP D 32 -12.27 -3.39 -3.67
N LEU D 33 -11.59 -3.55 -4.77
CA LEU D 33 -10.80 -4.78 -4.98
C LEU D 33 -9.39 -4.64 -4.35
N HIS D 34 -9.14 -3.58 -3.63
CA HIS D 34 -7.83 -3.42 -2.93
C HIS D 34 -8.02 -3.73 -1.44
N LEU D 35 -9.24 -3.73 -1.01
CA LEU D 35 -9.55 -4.09 0.40
C LEU D 35 -9.47 -5.61 0.57
N PRO D 36 -9.53 -6.36 -0.54
CA PRO D 36 -9.42 -7.83 -0.47
C PRO D 36 -7.94 -8.19 -0.51
N LEU D 37 -7.14 -7.26 -0.14
CA LEU D 37 -5.67 -7.46 -0.09
C LEU D 37 -5.18 -6.63 1.08
N LEU D 38 -5.75 -5.46 1.25
CA LEU D 38 -5.41 -4.61 2.42
C LEU D 38 -6.26 -5.11 3.60
N ASN D 39 -7.20 -5.95 3.32
CA ASN D 39 -8.00 -6.54 4.41
C ASN D 39 -8.09 -8.02 4.11
N LEU D 40 -6.96 -8.57 3.78
CA LEU D 40 -6.87 -10.00 3.45
C LEU D 40 -5.69 -10.60 4.20
N MET D 41 -4.69 -9.81 4.45
CA MET D 41 -3.47 -10.33 5.13
C MET D 41 -3.43 -9.98 6.64
N LEU D 42 -4.54 -10.11 7.33
CA LEU D 42 -4.61 -9.83 8.82
C LEU D 42 -4.22 -8.40 9.20
N THR D 43 -2.96 -8.04 9.11
CA THR D 43 -2.56 -6.65 9.49
C THR D 43 -2.45 -5.72 8.25
N PRO D 44 -3.30 -5.90 7.28
CA PRO D 44 -3.26 -5.05 6.11
C PRO D 44 -4.21 -3.88 6.32
N ASP D 45 -4.80 -3.78 7.48
CA ASP D 45 -5.71 -2.64 7.78
C ASP D 45 -4.84 -1.40 7.97
N GLU D 46 -3.88 -1.23 7.12
CA GLU D 46 -2.97 -0.06 7.23
C GLU D 46 -3.71 1.24 6.89
N ARG D 47 -5.03 1.23 6.88
CA ARG D 47 -5.78 2.49 6.59
C ARG D 47 -5.25 3.60 7.50
N GLU D 48 -4.72 3.24 8.64
CA GLU D 48 -4.15 4.25 9.57
C GLU D 48 -2.70 4.49 9.20
N ALA D 49 -1.91 3.45 9.13
CA ALA D 49 -0.47 3.61 8.76
C ALA D 49 -0.39 4.22 7.36
N LEU D 50 -1.22 3.77 6.46
CA LEU D 50 -1.20 4.35 5.08
C LEU D 50 -2.06 5.61 5.05
N GLY D 51 -3.09 5.65 5.85
CA GLY D 51 -3.96 6.86 5.89
C GLY D 51 -3.08 8.05 6.28
N THR D 52 -2.12 7.80 7.12
CA THR D 52 -1.19 8.88 7.54
C THR D 52 -0.11 9.03 6.48
N ARG D 53 0.46 7.94 6.03
CA ARG D 53 1.53 8.05 4.99
C ARG D 53 1.08 8.95 3.84
N VAL D 54 -0.19 8.99 3.58
CA VAL D 54 -0.71 9.88 2.51
C VAL D 54 -1.06 11.21 3.14
N ARG D 55 -1.43 11.20 4.40
CA ARG D 55 -1.76 12.46 5.10
C ARG D 55 -0.46 13.14 5.55
N ILE D 56 0.62 12.40 5.64
CA ILE D 56 1.91 13.02 6.05
C ILE D 56 2.55 13.69 4.82
N VAL D 57 2.50 13.05 3.68
CA VAL D 57 3.08 13.70 2.46
C VAL D 57 2.35 15.01 2.26
N GLU D 58 1.05 14.95 2.35
CA GLU D 58 0.20 16.16 2.23
C GLU D 58 0.92 17.37 2.81
N GLU D 59 1.53 17.19 3.95
CA GLU D 59 2.23 18.31 4.62
C GLU D 59 3.74 18.23 4.33
N LEU D 60 4.22 17.05 4.03
CA LEU D 60 5.67 16.90 3.72
C LEU D 60 5.99 17.45 2.33
N LEU D 61 5.08 17.31 1.40
CA LEU D 61 5.33 17.84 0.02
C LEU D 61 4.75 19.24 -0.11
N ARG D 62 4.21 19.79 0.95
CA ARG D 62 3.61 21.16 0.87
C ARG D 62 4.18 22.06 1.98
N GLY D 63 4.04 21.67 3.21
CA GLY D 63 4.57 22.51 4.32
C GLY D 63 5.53 21.70 5.20
N GLU D 64 5.51 21.95 6.48
CA GLU D 64 6.41 21.21 7.43
C GLU D 64 6.27 21.81 8.82
N MET D 65 5.10 22.28 9.17
CA MET D 65 4.89 22.88 10.52
C MET D 65 5.12 21.82 11.60
N SER D 66 5.14 20.57 11.22
CA SER D 66 5.37 19.49 12.24
C SER D 66 4.35 19.60 13.38
N GLN D 67 4.72 19.22 14.59
CA GLN D 67 3.78 19.30 15.75
C GLN D 67 3.02 20.62 15.77
N ARG D 68 1.90 20.70 15.10
CA ARG D 68 1.11 21.97 15.07
C ARG D 68 -0.16 21.80 14.24
N GLU D 69 -0.14 20.93 13.27
CA GLU D 69 -1.35 20.74 12.41
C GLU D 69 -2.25 19.64 12.99
N LEU D 70 -1.95 18.39 12.72
CA LEU D 70 -2.81 17.27 13.24
C LEU D 70 -2.24 15.89 12.91
N LYS D 71 -1.07 15.84 12.35
CA LYS D 71 -0.43 14.54 11.98
C LYS D 71 -0.71 13.44 13.00
N ASN D 72 -0.69 13.74 14.27
CA ASN D 72 -0.96 12.67 15.26
C ASN D 72 -2.16 13.02 16.14
N GLU D 73 -2.63 14.24 16.08
CA GLU D 73 -3.80 14.64 16.92
C GLU D 73 -4.94 13.63 16.75
N LEU D 74 -4.99 12.96 15.64
CA LEU D 74 -6.06 11.94 15.41
C LEU D 74 -5.67 11.04 14.25
N GLY D 75 -4.41 10.78 14.07
CA GLY D 75 -3.96 9.90 12.96
C GLY D 75 -2.62 9.24 13.30
N ALA D 76 -1.54 9.75 12.76
CA ALA D 76 -0.19 9.18 13.02
C ALA D 76 0.77 9.74 12.02
N GLY D 77 1.12 10.94 12.25
CA GLY D 77 2.04 11.63 11.36
C GLY D 77 3.21 12.13 12.18
N ILE D 78 2.95 12.65 13.36
CA ILE D 78 4.07 13.16 14.22
C ILE D 78 5.32 12.30 14.03
N ALA D 79 5.11 11.02 13.97
CA ALA D 79 6.24 10.07 13.76
C ALA D 79 6.27 9.63 12.29
N THR D 80 5.45 10.23 11.49
CA THR D 80 5.38 9.86 10.05
C THR D 80 5.28 11.14 9.18
N ILE D 81 5.22 12.30 9.80
CA ILE D 81 5.18 13.59 9.05
C ILE D 81 6.50 14.32 9.27
N THR D 82 6.95 14.30 10.48
CA THR D 82 8.25 14.90 10.82
C THR D 82 9.29 13.83 10.65
N ARG D 83 8.93 12.61 10.92
CA ARG D 83 9.87 11.49 10.68
C ARG D 83 10.24 11.52 9.19
N GLY D 84 9.36 12.08 8.37
CA GLY D 84 9.65 12.18 6.91
C GLY D 84 11.02 12.84 6.72
N SER D 85 11.51 13.56 7.71
CA SER D 85 12.87 14.16 7.57
C SER D 85 13.82 13.04 7.14
N ASN D 86 13.47 11.83 7.49
CA ASN D 86 14.29 10.64 7.09
C ASN D 86 13.77 10.10 5.75
N SER D 87 13.04 10.90 5.01
CA SER D 87 12.48 10.47 3.69
C SER D 87 13.48 9.57 2.95
N LEU D 88 14.75 9.80 3.13
CA LEU D 88 15.79 8.95 2.46
C LEU D 88 15.39 7.48 2.59
N LYS D 89 14.73 7.13 3.67
CA LYS D 89 14.27 5.71 3.86
C LYS D 89 13.56 5.22 2.59
N ALA D 90 12.54 5.92 2.14
CA ALA D 90 11.84 5.51 0.90
C ALA D 90 12.18 6.52 -0.21
N ALA D 91 13.24 7.25 0.00
CA ALA D 91 13.74 8.28 -0.97
C ALA D 91 12.64 8.87 -1.86
N PRO D 92 12.17 10.02 -1.48
CA PRO D 92 11.15 10.72 -2.26
C PRO D 92 11.83 11.67 -3.26
N VAL D 93 12.66 11.15 -4.10
CA VAL D 93 13.36 12.02 -5.09
C VAL D 93 13.57 11.27 -6.43
N GLU D 94 13.93 10.02 -6.36
CA GLU D 94 14.14 9.24 -7.62
C GLU D 94 12.86 9.23 -8.46
N LEU D 95 11.75 8.91 -7.84
CA LEU D 95 10.46 8.87 -8.57
C LEU D 95 9.44 9.77 -7.89
N ARG D 96 9.75 10.29 -6.73
CA ARG D 96 8.78 11.22 -6.10
C ARG D 96 8.45 12.32 -7.13
N GLN D 97 9.33 12.49 -8.10
CA GLN D 97 9.09 13.48 -9.16
C GLN D 97 7.68 13.30 -9.70
N TRP D 98 7.25 12.08 -9.94
CA TRP D 98 5.86 11.90 -10.43
C TRP D 98 4.90 12.22 -9.27
N LEU D 99 5.31 11.91 -8.05
CA LEU D 99 4.43 12.22 -6.87
C LEU D 99 3.97 13.66 -6.98
N GLU D 100 4.87 14.53 -7.37
CA GLU D 100 4.52 15.96 -7.53
C GLU D 100 3.74 16.14 -8.84
N GLU D 101 3.99 15.30 -9.81
CA GLU D 101 3.23 15.40 -11.10
C GLU D 101 1.74 15.18 -10.83
N VAL D 102 1.43 14.59 -9.71
CA VAL D 102 -0.01 14.35 -9.37
C VAL D 102 -0.55 15.53 -8.55
N LEU D 103 0.31 16.45 -8.19
CA LEU D 103 -0.14 17.64 -7.41
C LEU D 103 0.43 18.92 -8.03
N LEU D 104 1.73 19.04 -8.08
CA LEU D 104 2.34 20.27 -8.66
C LEU D 104 3.55 19.91 -9.55
N LYS D 105 4.49 19.18 -9.02
CA LYS D 105 5.71 18.82 -9.83
C LYS D 105 6.44 20.09 -10.29
N SER D 106 6.15 21.21 -9.69
CA SER D 106 6.84 22.48 -10.09
C SER D 106 6.71 22.71 -11.60
N ASP D 107 5.56 22.44 -12.16
CA ASP D 107 5.37 22.65 -13.63
C ASP D 107 3.89 22.58 -13.98
N TRP E . -1.26 -7.33 5.84
CA TRP E . -0.38 -7.50 7.04
C TRP E . 0.48 -6.25 7.22
O TRP E . 0.18 -5.25 6.57
CB TRP E . 0.50 -8.71 6.73
CG TRP E . 0.15 -9.86 7.57
CD1 TRP E . 0.18 -9.91 8.92
CD2 TRP E . -0.29 -11.15 7.12
NE1 TRP E . -0.19 -11.19 9.31
CE2 TRP E . -0.50 -11.98 8.23
CE3 TRP E . -0.53 -11.65 5.85
CZ2 TRP E . -0.92 -13.30 8.05
CZ3 TRP E . -0.96 -12.95 5.67
CH2 TRP E . -1.16 -13.79 6.77
OXT TRP E . 1.42 -6.29 7.99
H2 TRP E . -0.87 -7.85 5.03
H TRP E . -1.32 -6.33 5.60
HA TRP E . -0.96 -7.69 7.91
HB2 TRP E . 0.35 -9.01 5.71
HB3 TRP E . 1.54 -8.45 6.88
HD1 TRP E . 0.45 -9.10 9.57
HE1 TRP E . -0.24 -11.51 10.24
HE3 TRP E . -0.36 -11.02 4.99
HZ2 TRP E . -1.07 -13.95 8.90
HZ3 TRP E . -1.15 -13.30 4.69
HH2 TRP E . -1.49 -14.80 6.62
N TRP F . 6.53 3.14 8.12
CA TRP F . 6.39 3.87 6.83
C TRP F . 7.74 4.44 6.38
O TRP F . 7.75 5.35 5.57
CB TRP F . 5.40 5.00 7.10
CG TRP F . 6.09 6.12 7.77
CD1 TRP F . 6.52 6.13 9.04
CD2 TRP F . 6.47 7.39 7.20
NE1 TRP F . 7.10 7.36 9.31
CE2 TRP F . 7.09 8.17 8.19
CE3 TRP F . 6.32 7.94 5.92
CZ2 TRP F . 7.55 9.46 7.93
CZ3 TRP F . 6.77 9.22 5.63
CH2 TRP F . 7.39 9.99 6.64
OXT TRP F . 8.75 3.94 6.86
H2 TRP F . 6.00 3.64 8.86
H TRP F . 7.54 3.10 8.39
HA TRP F . 5.99 3.22 6.07
HB2 TRP F . 4.98 5.36 6.18
HB3 TRP F . 4.61 4.64 7.74
HD1 TRP F . 6.40 5.32 9.74
HE1 TRP F . 7.48 7.63 10.17
HE3 TRP F . 5.84 7.36 5.14
HZ2 TRP F . 8.01 10.04 8.71
HZ3 TRP F . 6.66 9.62 4.64
HH2 TRP F . 7.74 10.99 6.42
N GLN C 3 -22.96 20.05 -2.71
CA GLN C 3 -24.06 19.08 -2.43
C GLN C 3 -24.45 18.34 -3.71
N SER C 4 -24.32 17.04 -3.73
CA SER C 4 -24.69 16.26 -4.94
C SER C 4 -25.71 15.16 -4.59
N PRO C 5 -26.55 14.84 -5.53
CA PRO C 5 -27.58 13.81 -5.30
C PRO C 5 -26.94 12.41 -5.30
N TYR C 6 -26.25 12.07 -4.25
CA TYR C 6 -25.60 10.72 -4.19
C TYR C 6 -26.32 9.84 -3.16
N SER C 7 -26.08 10.06 -1.89
CA SER C 7 -26.75 9.24 -0.83
C SER C 7 -26.50 7.74 -1.08
N ALA C 8 -27.36 7.11 -1.85
CA ALA C 8 -27.18 5.65 -2.13
C ALA C 8 -27.09 4.86 -0.82
N ALA C 9 -26.97 3.57 -0.90
CA ALA C 9 -26.88 2.74 0.34
C ALA C 9 -25.44 2.26 0.55
N MET C 10 -24.51 3.17 0.55
CA MET C 10 -23.08 2.77 0.76
C MET C 10 -22.32 3.87 1.49
N ALA C 11 -21.13 3.59 1.95
CA ALA C 11 -20.34 4.62 2.68
C ALA C 11 -19.54 5.47 1.68
N GLU C 12 -20.09 6.57 1.25
CA GLU C 12 -19.36 7.44 0.27
C GLU C 12 -18.31 8.29 0.99
N GLN C 13 -18.47 8.49 2.28
CA GLN C 13 -17.48 9.30 3.05
C GLN C 13 -16.83 8.44 4.13
N ARG C 14 -16.32 9.07 5.16
CA ARG C 14 -15.65 8.30 6.26
C ARG C 14 -14.41 7.58 5.74
N HIS C 15 -14.59 6.50 5.03
CA HIS C 15 -13.41 5.76 4.49
C HIS C 15 -12.89 6.42 3.21
N GLN C 16 -13.54 7.47 2.76
CA GLN C 16 -13.09 8.16 1.51
C GLN C 16 -11.57 8.44 1.56
N GLU C 17 -11.03 8.56 2.75
CA GLU C 17 -9.57 8.84 2.86
C GLU C 17 -8.77 7.70 2.22
N TRP C 18 -9.13 6.47 2.49
CA TRP C 18 -8.39 5.33 1.88
C TRP C 18 -8.64 5.27 0.38
N LEU C 19 -9.83 5.56 -0.06
CA LEU C 19 -10.12 5.52 -1.53
C LEU C 19 -9.31 6.59 -2.24
N ARG C 20 -9.24 7.77 -1.68
CA ARG C 20 -8.44 8.86 -2.34
C ARG C 20 -7.01 8.36 -2.54
N PHE C 21 -6.54 7.49 -1.68
CA PHE C 21 -5.16 6.96 -1.82
C PHE C 21 -5.16 5.72 -2.72
N VAL C 22 -6.31 5.21 -3.09
CA VAL C 22 -6.33 4.03 -3.98
C VAL C 22 -6.38 4.49 -5.43
N ASP C 23 -7.13 5.52 -5.72
CA ASP C 23 -7.20 6.02 -7.12
C ASP C 23 -5.94 6.80 -7.48
N LEU C 24 -5.37 7.50 -6.53
CA LEU C 24 -4.12 8.28 -6.84
C LEU C 24 -2.94 7.32 -6.95
N LEU C 25 -2.95 6.26 -6.19
CA LEU C 25 -1.82 5.28 -6.23
C LEU C 25 -1.75 4.59 -7.60
N LYS C 26 -2.73 3.78 -7.93
CA LYS C 26 -2.74 3.07 -9.25
C LYS C 26 -2.45 4.06 -10.41
N ASN C 27 -2.99 5.25 -10.29
CA ASN C 27 -2.81 6.29 -11.35
C ASN C 27 -1.33 6.49 -11.56
N ALA C 28 -0.60 6.23 -10.53
CA ALA C 28 0.87 6.38 -10.58
C ALA C 28 1.49 5.00 -10.68
N TYR C 29 0.81 4.01 -10.17
CA TYR C 29 1.31 2.61 -10.22
C TYR C 29 1.81 2.31 -11.64
N GLN C 30 1.24 2.97 -12.61
CA GLN C 30 1.70 2.78 -14.03
C GLN C 30 2.85 3.76 -14.27
N ASN C 31 2.80 4.91 -13.65
CA ASN C 31 3.88 5.92 -13.82
C ASN C 31 4.97 5.69 -12.76
N ASP C 32 4.81 6.20 -11.56
CA ASP C 32 5.86 5.97 -10.51
C ASP C 32 5.53 6.69 -9.19
N LEU C 33 4.63 6.16 -8.39
CA LEU C 33 4.36 6.82 -7.08
C LEU C 33 4.08 5.79 -5.99
N HIS C 34 4.08 4.54 -6.31
CA HIS C 34 3.83 3.54 -5.25
C HIS C 34 4.97 3.55 -4.24
N LEU C 35 6.08 4.14 -4.58
CA LEU C 35 7.23 4.17 -3.61
C LEU C 35 7.40 5.53 -2.90
N PRO C 36 7.05 6.63 -3.55
CA PRO C 36 7.20 7.95 -2.88
C PRO C 36 6.10 8.12 -1.84
N LEU C 37 5.06 7.36 -2.01
CA LEU C 37 3.89 7.46 -1.11
C LEU C 37 3.84 6.30 -0.13
N LEU C 38 4.29 5.14 -0.53
CA LEU C 38 4.27 4.02 0.45
C LEU C 38 5.46 4.15 1.37
N ASN C 39 6.41 4.95 1.00
CA ASN C 39 7.60 5.08 1.86
C ASN C 39 7.59 6.40 2.63
N LEU C 40 7.03 7.46 2.08
CA LEU C 40 7.07 8.75 2.83
C LEU C 40 5.71 9.09 3.46
N MET C 41 4.84 8.12 3.66
CA MET C 41 3.50 8.51 4.23
C MET C 41 3.25 8.00 5.66
N LEU C 42 3.64 6.82 6.01
CA LEU C 42 3.39 6.34 7.41
C LEU C 42 4.19 5.09 7.68
N THR C 43 4.44 4.32 6.67
CA THR C 43 5.25 3.11 6.87
C THR C 43 5.92 2.71 5.58
N PRO C 44 7.18 2.96 5.55
CA PRO C 44 7.99 2.60 4.40
C PRO C 44 8.56 1.18 4.64
N ASP C 45 8.92 0.88 5.87
CA ASP C 45 9.36 -0.51 6.17
C ASP C 45 8.21 -1.45 5.78
N GLU C 46 6.99 -0.95 5.79
CA GLU C 46 5.83 -1.78 5.39
C GLU C 46 6.05 -2.21 3.95
N ARG C 47 6.87 -1.49 3.22
CA ARG C 47 7.18 -1.90 1.82
C ARG C 47 7.63 -3.36 1.88
N GLU C 48 8.17 -3.73 3.01
CA GLU C 48 8.58 -5.16 3.21
C GLU C 48 7.35 -5.92 3.69
N ALA C 49 6.53 -5.28 4.47
CA ALA C 49 5.28 -5.93 4.96
C ALA C 49 4.49 -6.43 3.77
N LEU C 50 4.16 -5.61 2.79
CA LEU C 50 3.41 -6.21 1.63
C LEU C 50 4.29 -7.26 1.00
N GLY C 51 5.58 -7.07 1.05
CA GLY C 51 6.49 -8.09 0.48
C GLY C 51 6.10 -9.44 1.06
N THR C 52 6.15 -9.56 2.35
CA THR C 52 5.77 -10.85 3.00
C THR C 52 4.25 -10.90 3.23
N ARG C 53 3.55 -9.84 3.01
CA ARG C 53 2.07 -9.87 3.25
C ARG C 53 1.32 -10.32 1.99
N VAL C 54 1.09 -9.48 1.03
CA VAL C 54 0.34 -10.01 -0.17
C VAL C 54 1.06 -11.27 -0.66
N ARG C 55 2.34 -11.40 -0.39
CA ARG C 55 3.07 -12.61 -0.85
C ARG C 55 2.67 -13.84 0.00
N ILE C 56 2.02 -13.65 1.12
CA ILE C 56 1.60 -14.85 1.93
C ILE C 56 0.23 -15.34 1.44
N VAL C 57 -0.47 -14.53 0.70
CA VAL C 57 -1.81 -14.92 0.17
C VAL C 57 -1.68 -15.16 -1.31
N GLU C 58 -1.09 -14.22 -1.98
CA GLU C 58 -0.88 -14.35 -3.43
C GLU C 58 -0.03 -15.60 -3.72
N GLU C 59 0.78 -15.98 -2.78
CA GLU C 59 1.61 -17.21 -2.97
C GLU C 59 0.91 -18.41 -2.35
N LEU C 60 0.36 -18.26 -1.17
CA LEU C 60 -0.35 -19.40 -0.54
C LEU C 60 -1.42 -19.93 -1.52
N LEU C 61 -1.86 -19.08 -2.41
CA LEU C 61 -2.87 -19.50 -3.41
C LEU C 61 -2.19 -19.97 -4.70
N ARG C 62 -0.95 -19.60 -4.90
CA ARG C 62 -0.25 -20.01 -6.15
C ARG C 62 1.12 -20.64 -5.84
N GLY C 63 1.90 -20.02 -5.01
CA GLY C 63 3.25 -20.56 -4.67
C GLY C 63 3.15 -22.01 -4.18
N GLU C 64 3.31 -22.23 -2.90
CA GLU C 64 3.25 -23.63 -2.37
C GLU C 64 2.41 -23.68 -1.08
N MET C 65 1.53 -22.74 -0.89
CA MET C 65 0.67 -22.74 0.35
C MET C 65 1.53 -22.82 1.62
N SER C 66 2.76 -22.36 1.57
CA SER C 66 3.64 -22.42 2.78
C SER C 66 3.68 -23.85 3.34
N GLN C 67 4.38 -24.10 4.42
CA GLN C 67 4.43 -25.51 4.97
C GLN C 67 5.50 -25.67 6.06
N ARG C 68 6.74 -25.45 5.70
CA ARG C 68 7.85 -25.60 6.67
C ARG C 68 9.11 -24.95 6.09
N GLU C 69 8.95 -24.03 5.18
CA GLU C 69 10.15 -23.37 4.57
C GLU C 69 9.76 -22.20 3.65
N LEU C 70 8.59 -22.20 3.04
CA LEU C 70 8.22 -21.06 2.15
C LEU C 70 7.82 -19.89 3.03
N LYS C 71 6.86 -20.12 3.86
CA LYS C 71 6.40 -19.09 4.83
C LYS C 71 7.60 -18.36 5.46
N ASN C 72 8.70 -19.05 5.63
CA ASN C 72 9.89 -18.42 6.26
C ASN C 72 11.13 -18.49 5.36
N GLU C 73 11.00 -19.05 4.19
CA GLU C 73 12.17 -19.16 3.25
C GLU C 73 13.03 -17.88 3.33
N LEU C 74 12.39 -16.76 3.50
CA LEU C 74 13.12 -15.47 3.61
C LEU C 74 12.11 -14.35 3.83
N GLY C 75 11.09 -14.61 4.62
CA GLY C 75 10.06 -13.57 4.84
C GLY C 75 9.52 -13.61 6.28
N ALA C 76 8.43 -14.32 6.50
CA ALA C 76 7.78 -14.41 7.84
C ALA C 76 6.35 -14.67 7.58
N GLY C 77 6.14 -15.67 6.82
CA GLY C 77 4.78 -16.05 6.45
C GLY C 77 4.27 -17.07 7.45
N ILE C 78 5.13 -17.81 8.09
CA ILE C 78 4.65 -18.88 9.03
C ILE C 78 3.49 -18.39 9.84
N ALA C 79 3.72 -17.43 10.67
CA ALA C 79 2.57 -16.88 11.44
C ALA C 79 1.67 -16.18 10.44
N THR C 80 2.28 -15.67 9.42
CA THR C 80 1.52 -14.99 8.34
C THR C 80 0.80 -16.06 7.49
N ILE C 81 1.52 -16.84 6.72
CA ILE C 81 0.87 -17.92 5.91
C ILE C 81 -0.32 -18.51 6.70
N THR C 82 -0.10 -18.82 7.95
CA THR C 82 -1.22 -19.34 8.79
C THR C 82 -2.19 -18.19 9.12
N ARG C 83 -1.68 -17.07 9.54
CA ARG C 83 -2.60 -15.94 9.79
C ARG C 83 -3.32 -15.64 8.45
N GLY C 84 -2.82 -16.17 7.35
CA GLY C 84 -3.50 -15.99 6.03
C GLY C 84 -4.91 -16.47 6.20
N SER C 85 -5.09 -17.58 6.86
CA SER C 85 -6.50 -18.03 7.12
C SER C 85 -7.17 -16.84 7.84
N ASN C 86 -6.44 -16.26 8.76
CA ASN C 86 -6.97 -15.07 9.47
C ASN C 86 -7.18 -13.96 8.43
N SER C 87 -6.30 -13.84 7.46
CA SER C 87 -6.50 -12.79 6.41
C SER C 87 -7.94 -12.85 5.93
N LEU C 88 -8.50 -14.04 5.90
CA LEU C 88 -9.92 -14.17 5.50
C LEU C 88 -10.75 -13.29 6.44
N LYS C 89 -10.30 -13.17 7.66
CA LYS C 89 -11.03 -12.28 8.63
C LYS C 89 -11.12 -10.87 8.05
N ALA C 90 -10.08 -10.42 7.40
CA ALA C 90 -10.12 -9.06 6.82
C ALA C 90 -11.02 -9.08 5.59
N ALA C 91 -11.54 -10.24 5.25
CA ALA C 91 -12.45 -10.33 4.08
C ALA C 91 -13.41 -11.53 4.18
N PRO C 92 -14.68 -11.25 4.33
CA PRO C 92 -15.68 -12.34 4.43
C PRO C 92 -15.89 -13.02 3.07
N VAL C 93 -14.85 -13.62 2.53
CA VAL C 93 -14.96 -14.32 1.20
C VAL C 93 -15.28 -13.33 0.07
N GLU C 94 -15.54 -12.09 0.37
CA GLU C 94 -15.83 -11.10 -0.70
C GLU C 94 -14.52 -10.53 -1.21
N LEU C 95 -13.80 -9.90 -0.34
CA LEU C 95 -12.50 -9.33 -0.72
C LEU C 95 -11.56 -10.49 -1.09
N ARG C 96 -11.65 -11.58 -0.38
CA ARG C 96 -10.81 -12.75 -0.77
C ARG C 96 -11.17 -13.09 -2.21
N GLN C 97 -12.36 -12.74 -2.62
CA GLN C 97 -12.80 -13.01 -4.02
C GLN C 97 -11.83 -12.35 -5.00
N TRP C 98 -11.43 -11.09 -4.81
CA TRP C 98 -10.47 -10.53 -5.80
C TRP C 98 -9.22 -11.40 -5.80
N LEU C 99 -8.65 -11.63 -4.63
CA LEU C 99 -7.43 -12.48 -4.56
C LEU C 99 -7.67 -13.78 -5.34
N GLU C 100 -8.87 -14.27 -5.30
CA GLU C 100 -9.20 -15.51 -6.05
C GLU C 100 -9.50 -15.18 -7.51
N GLU C 101 -9.93 -13.97 -7.79
CA GLU C 101 -10.23 -13.60 -9.19
C GLU C 101 -8.97 -13.74 -10.04
N VAL C 102 -7.84 -13.41 -9.49
CA VAL C 102 -6.56 -13.53 -10.24
C VAL C 102 -5.91 -14.89 -9.98
N LEU C 103 -6.50 -15.70 -9.14
CA LEU C 103 -5.93 -17.04 -8.83
C LEU C 103 -6.88 -18.13 -9.33
N LEU C 104 -8.10 -18.11 -8.88
CA LEU C 104 -9.09 -19.13 -9.32
C LEU C 104 -10.52 -18.57 -9.19
N LYS C 105 -10.85 -18.04 -8.03
CA LYS C 105 -12.23 -17.48 -7.81
C LYS C 105 -13.30 -18.45 -8.35
N SER C 106 -12.98 -19.71 -8.43
CA SER C 106 -13.97 -20.72 -8.93
C SER C 106 -14.55 -20.27 -10.28
N ASP C 107 -13.82 -19.48 -11.02
CA ASP C 107 -14.32 -19.01 -12.34
C ASP C 107 -13.95 -20.01 -13.44
N GLN D 3 19.39 -3.62 -18.95
CA GLN D 3 19.59 -4.71 -19.96
C GLN D 3 20.95 -4.55 -20.64
N SER D 4 21.27 -5.43 -21.57
CA SER D 4 22.58 -5.34 -22.27
C SER D 4 23.73 -5.27 -21.26
N PRO D 5 23.94 -6.35 -20.57
CA PRO D 5 25.02 -6.41 -19.56
C PRO D 5 26.40 -6.49 -20.24
N TYR D 6 27.39 -5.88 -19.65
CA TYR D 6 28.75 -5.92 -20.27
C TYR D 6 29.83 -5.95 -19.18
N SER D 7 31.01 -5.48 -19.47
CA SER D 7 32.09 -5.49 -18.44
C SER D 7 31.63 -4.77 -17.17
N ALA D 8 32.25 -5.05 -16.05
CA ALA D 8 31.84 -4.39 -14.78
C ALA D 8 30.34 -4.57 -14.54
N ALA D 9 29.94 -5.73 -14.10
CA ALA D 9 28.48 -5.97 -13.84
C ALA D 9 27.95 -4.99 -12.80
N MET D 10 26.93 -4.23 -13.14
CA MET D 10 26.37 -3.26 -12.17
C MET D 10 24.91 -3.61 -11.86
N ALA D 11 24.02 -3.33 -12.77
CA ALA D 11 22.57 -3.65 -12.54
C ALA D 11 22.11 -3.09 -11.20
N GLU D 12 20.91 -3.42 -10.78
CA GLU D 12 20.40 -2.92 -9.48
C GLU D 12 19.28 -3.83 -8.96
N GLN D 13 19.62 -4.80 -8.16
CA GLN D 13 18.58 -5.72 -7.62
C GLN D 13 17.53 -4.94 -6.83
N ARG D 14 16.68 -5.63 -6.11
CA ARG D 14 15.63 -4.93 -5.31
C ARG D 14 14.84 -3.97 -6.19
N HIS D 15 14.68 -4.29 -7.45
CA HIS D 15 13.92 -3.39 -8.36
C HIS D 15 12.74 -4.14 -9.01
N GLN D 16 12.46 -5.33 -8.57
CA GLN D 16 11.33 -6.10 -9.17
C GLN D 16 10.49 -6.76 -8.06
N GLU D 17 10.78 -6.46 -6.82
CA GLU D 17 10.00 -7.08 -5.72
C GLU D 17 8.84 -6.15 -5.32
N TRP D 18 8.38 -5.34 -6.23
CA TRP D 18 7.25 -4.41 -5.90
C TRP D 18 6.46 -4.03 -7.14
N LEU D 19 7.07 -3.96 -8.29
CA LEU D 19 6.31 -3.58 -9.51
C LEU D 19 5.40 -4.74 -9.90
N ARG D 20 5.86 -5.96 -9.77
CA ARG D 20 4.96 -7.11 -10.07
C ARG D 20 3.79 -7.04 -9.07
N PHE D 21 3.94 -6.22 -8.06
CA PHE D 21 2.90 -6.05 -7.03
C PHE D 21 1.90 -4.97 -7.45
N VAL D 22 2.38 -3.79 -7.65
CA VAL D 22 1.53 -2.64 -8.03
C VAL D 22 0.70 -2.94 -9.27
N ASP D 23 1.13 -3.84 -10.11
CA ASP D 23 0.31 -4.13 -11.32
C ASP D 23 -0.89 -5.02 -10.93
N LEU D 24 -0.67 -6.01 -10.12
CA LEU D 24 -1.81 -6.87 -9.69
C LEU D 24 -2.54 -6.19 -8.53
N LEU D 25 -1.80 -5.45 -7.75
CA LEU D 25 -2.39 -4.73 -6.59
C LEU D 25 -3.52 -3.80 -7.04
N LYS D 26 -3.21 -2.88 -7.90
CA LYS D 26 -4.25 -1.93 -8.38
C LYS D 26 -5.20 -2.62 -9.34
N ASN D 27 -4.72 -3.62 -10.05
CA ASN D 27 -5.60 -4.32 -11.01
C ASN D 27 -6.90 -4.61 -10.26
N ALA D 28 -6.80 -4.57 -8.95
CA ALA D 28 -8.00 -4.75 -8.11
C ALA D 28 -8.54 -3.37 -7.73
N TYR D 29 -7.65 -2.46 -7.44
CA TYR D 29 -8.05 -1.06 -7.07
C TYR D 29 -9.15 -0.52 -7.99
N GLN D 30 -9.21 -1.01 -9.21
CA GLN D 30 -10.27 -0.51 -10.16
C GLN D 30 -11.64 -0.54 -9.48
N ASN D 31 -11.83 -1.44 -8.56
CA ASN D 31 -13.15 -1.52 -7.86
C ASN D 31 -12.90 -1.64 -6.35
N ASP D 32 -13.68 -2.43 -5.66
CA ASP D 32 -13.46 -2.61 -4.18
C ASP D 32 -12.44 -3.72 -3.96
N LEU D 33 -11.63 -4.01 -4.94
CA LEU D 33 -10.66 -5.11 -4.80
C LEU D 33 -9.32 -4.59 -4.24
N HIS D 34 -9.32 -3.43 -3.62
CA HIS D 34 -8.06 -2.90 -2.99
C HIS D 34 -8.11 -3.15 -1.48
N LEU D 35 -9.30 -3.30 -0.96
CA LEU D 35 -9.46 -3.62 0.48
C LEU D 35 -9.14 -5.11 0.72
N PRO D 36 -9.32 -5.92 -0.30
CA PRO D 36 -9.03 -7.37 -0.17
C PRO D 36 -7.54 -7.60 -0.34
N LEU D 37 -6.82 -6.55 -0.16
CA LEU D 37 -5.34 -6.60 -0.28
C LEU D 37 -4.80 -5.97 0.98
N LEU D 38 -5.42 -4.91 1.40
CA LEU D 38 -5.02 -4.29 2.68
C LEU D 38 -5.74 -5.10 3.74
N ASN D 39 -6.94 -5.56 3.42
CA ASN D 39 -7.68 -6.42 4.38
C ASN D 39 -7.50 -7.87 3.95
N LEU D 40 -6.30 -8.21 3.61
CA LEU D 40 -5.98 -9.60 3.17
C LEU D 40 -4.69 -10.06 3.84
N MET D 41 -3.95 -9.14 4.40
CA MET D 41 -2.64 -9.52 4.98
C MET D 41 -2.52 -9.09 6.46
N LEU D 42 -3.37 -9.64 7.29
CA LEU D 42 -3.41 -9.38 8.79
C LEU D 42 -3.22 -7.92 9.19
N THR D 43 -2.63 -7.10 8.37
CA THR D 43 -2.58 -5.65 8.72
C THR D 43 -3.68 -5.01 7.91
N PRO D 44 -4.81 -5.64 8.02
CA PRO D 44 -6.00 -5.29 7.29
C PRO D 44 -6.93 -4.52 8.23
N ASP D 45 -6.43 -4.23 9.41
CA ASP D 45 -7.15 -3.45 10.43
C ASP D 45 -6.25 -2.29 10.84
N GLU D 46 -5.09 -2.19 10.22
CA GLU D 46 -4.18 -1.08 10.55
C GLU D 46 -4.94 0.23 10.39
N ARG D 47 -5.85 0.28 9.43
CA ARG D 47 -6.68 1.51 9.18
C ARG D 47 -6.14 2.73 9.94
N GLU D 48 -4.85 2.94 9.86
CA GLU D 48 -4.22 4.07 10.57
C GLU D 48 -2.95 4.46 9.81
N ALA D 49 -2.15 3.49 9.43
CA ALA D 49 -0.93 3.81 8.65
C ALA D 49 -1.33 4.31 7.26
N LEU D 50 -2.59 4.23 6.92
CA LEU D 50 -3.07 4.71 5.60
C LEU D 50 -4.07 5.84 5.80
N GLY D 51 -4.96 5.67 6.74
CA GLY D 51 -5.95 6.75 7.02
C GLY D 51 -5.23 7.92 7.67
N THR D 52 -4.04 7.69 8.20
CA THR D 52 -3.28 8.80 8.84
C THR D 52 -2.05 9.15 8.01
N ARG D 53 -1.65 8.29 7.10
CA ARG D 53 -0.45 8.61 6.26
C ARG D 53 -0.78 9.78 5.33
N VAL D 54 -1.99 9.87 4.88
CA VAL D 54 -2.36 11.01 4.00
C VAL D 54 -2.64 12.25 4.86
N ARG D 55 -2.33 12.17 6.13
CA ARG D 55 -2.57 13.33 7.03
C ARG D 55 -1.23 13.96 7.46
N ILE D 56 -0.12 13.44 7.00
CA ILE D 56 1.19 14.04 7.40
C ILE D 56 1.78 14.88 6.26
N VAL D 57 1.48 14.53 5.04
CA VAL D 57 2.01 15.34 3.89
C VAL D 57 1.00 16.44 3.62
N GLU D 58 -0.22 16.04 3.60
CA GLU D 58 -1.33 16.97 3.37
C GLU D 58 -1.27 18.14 4.37
N GLU D 59 -0.63 17.94 5.48
CA GLU D 59 -0.52 19.03 6.49
C GLU D 59 0.79 19.81 6.27
N LEU D 60 1.69 19.27 5.49
CA LEU D 60 2.98 19.96 5.23
C LEU D 60 2.92 20.72 3.91
N LEU D 61 2.57 20.06 2.84
CA LEU D 61 2.50 20.75 1.52
C LEU D 61 1.48 21.89 1.57
N ARG D 62 0.49 21.77 2.40
CA ARG D 62 -0.54 22.86 2.51
C ARG D 62 -0.17 23.82 3.65
N GLY D 63 0.37 23.30 4.71
CA GLY D 63 0.76 24.18 5.85
C GLY D 63 2.24 24.54 5.75
N GLU D 64 2.94 24.53 6.85
CA GLU D 64 4.40 24.87 6.82
C GLU D 64 4.96 24.90 8.24
N MET D 65 4.53 24.00 9.08
CA MET D 65 5.03 23.97 10.48
C MET D 65 5.30 22.53 10.93
N SER D 66 4.24 21.76 11.11
CA SER D 66 4.41 20.33 11.55
C SER D 66 5.24 20.26 12.84
N GLN D 67 4.59 20.10 13.97
CA GLN D 67 5.32 20.02 15.27
C GLN D 67 4.33 19.90 16.43
N ARG D 68 3.14 20.45 16.27
CA ARG D 68 2.11 20.38 17.37
C ARG D 68 0.93 21.29 17.00
N GLU D 69 0.43 21.17 15.80
CA GLU D 69 -0.71 22.04 15.40
C GLU D 69 -1.91 21.22 14.88
N LEU D 70 -1.70 20.05 14.33
CA LEU D 70 -2.90 19.31 13.82
C LEU D 70 -2.58 17.85 13.48
N LYS D 71 -1.55 17.28 14.04
CA LYS D 71 -1.26 15.85 13.72
C LYS D 71 -1.53 14.94 14.91
N ASN D 72 -1.22 15.35 16.10
CA ASN D 72 -1.48 14.47 17.27
C ASN D 72 -2.76 14.89 17.98
N GLU D 73 -3.11 16.16 17.91
CA GLU D 73 -4.34 16.64 18.59
C GLU D 73 -5.55 15.80 18.18
N LEU D 74 -5.55 15.28 16.99
CA LEU D 74 -6.69 14.45 16.52
C LEU D 74 -6.20 13.39 15.53
N GLY D 75 -5.00 12.91 15.71
CA GLY D 75 -4.47 11.88 14.78
C GLY D 75 -3.27 11.17 15.42
N ALA D 76 -2.10 11.37 14.87
CA ALA D 76 -0.87 10.72 15.42
C ALA D 76 0.25 10.91 14.43
N GLY D 77 0.41 12.10 14.00
CA GLY D 77 1.45 12.41 13.02
C GLY D 77 2.51 13.35 13.61
N ILE D 78 2.29 13.88 14.79
CA ILE D 78 3.32 14.79 15.41
C ILE D 78 4.73 14.21 15.21
N ALA D 79 4.81 12.92 15.15
CA ALA D 79 6.12 12.25 14.94
C ALA D 79 6.12 11.59 13.57
N THR D 80 5.09 11.81 12.81
CA THR D 80 4.99 11.23 11.44
C THR D 80 4.57 12.34 10.45
N ILE D 81 4.54 13.56 10.95
CA ILE D 81 4.23 14.77 10.14
C ILE D 81 5.47 15.66 10.19
N THR D 82 6.07 15.71 11.36
CA THR D 82 7.29 16.52 11.56
C THR D 82 8.47 15.63 11.20
N ARG D 83 8.36 14.36 11.50
CA ARG D 83 9.47 13.44 11.12
C ARG D 83 9.69 13.57 9.62
N GLY D 84 8.66 13.94 8.89
CA GLY D 84 8.79 14.14 7.41
C GLY D 84 10.03 14.96 7.11
N SER D 85 10.45 15.78 8.04
CA SER D 85 11.70 16.57 7.80
C SER D 85 12.80 15.59 7.36
N ASN D 86 12.68 14.37 7.82
CA ASN D 86 13.65 13.30 7.44
C ASN D 86 13.06 12.46 6.32
N SER D 87 12.09 12.98 5.61
CA SER D 87 11.47 12.20 4.50
C SER D 87 12.56 11.65 3.59
N LEU D 88 13.73 12.25 3.59
CA LEU D 88 14.86 11.74 2.75
C LEU D 88 14.85 10.21 2.78
N LYS D 89 14.50 9.64 3.91
CA LYS D 89 14.43 8.15 3.98
C LYS D 89 13.56 7.60 2.84
N ALA D 90 12.33 8.05 2.73
CA ALA D 90 11.45 7.61 1.59
C ALA D 90 11.52 8.67 0.48
N ALA D 91 12.49 9.55 0.59
CA ALA D 91 12.74 10.65 -0.40
C ALA D 91 11.49 11.08 -1.18
N PRO D 92 10.97 12.22 -0.83
CA PRO D 92 9.81 12.79 -1.54
C PRO D 92 10.30 13.62 -2.74
N VAL D 93 11.03 13.03 -3.65
CA VAL D 93 11.54 13.81 -4.82
C VAL D 93 11.65 12.92 -6.07
N GLU D 94 12.18 11.73 -5.93
CA GLU D 94 12.30 10.84 -7.12
C GLU D 94 10.93 10.59 -7.75
N LEU D 95 10.01 10.10 -6.98
CA LEU D 95 8.63 9.84 -7.50
C LEU D 95 7.68 10.90 -6.95
N ARG D 96 8.12 11.70 -6.01
CA ARG D 96 7.23 12.79 -5.51
C ARG D 96 6.75 13.59 -6.73
N GLN D 97 7.52 13.56 -7.79
CA GLN D 97 7.13 14.26 -9.03
C GLN D 97 5.68 13.92 -9.38
N TRP D 98 5.32 12.66 -9.38
CA TRP D 98 3.90 12.33 -9.69
C TRP D 98 3.00 12.88 -8.58
N LEU D 99 3.49 12.96 -7.36
CA LEU D 99 2.63 13.48 -6.26
C LEU D 99 2.07 14.84 -6.66
N GLU D 100 2.84 15.62 -7.36
CA GLU D 100 2.34 16.94 -7.81
C GLU D 100 1.51 16.75 -9.09
N GLU D 101 1.61 15.59 -9.71
CA GLU D 101 0.79 15.33 -10.93
C GLU D 101 -0.69 15.52 -10.59
N VAL D 102 -1.06 15.19 -9.38
CA VAL D 102 -2.47 15.37 -8.96
C VAL D 102 -2.57 16.55 -7.97
N LEU D 103 -1.60 17.41 -7.95
CA LEU D 103 -1.63 18.57 -7.01
C LEU D 103 -1.11 19.83 -7.70
N LEU D 104 -0.09 19.68 -8.49
CA LEU D 104 0.48 20.85 -9.21
C LEU D 104 1.10 20.41 -10.55
N LYS D 105 2.21 19.68 -10.49
CA LYS D 105 2.90 19.19 -11.75
C LYS D 105 2.66 20.17 -12.92
N SER D 106 2.70 21.45 -12.63
CA SER D 106 2.49 22.47 -13.69
C SER D 106 3.39 22.20 -14.90
N ASP D 107 4.50 21.53 -14.69
CA ASP D 107 5.43 21.23 -15.82
C ASP D 107 5.78 22.51 -16.60
N TRP E . 1.11 -6.97 8.71
CA TRP E . 0.27 -8.15 9.06
C TRP E . 0.67 -8.65 10.45
O TRP E . -0.22 -8.81 11.27
CB TRP E . 0.57 -9.16 7.93
CG TRP E . 0.22 -10.55 8.29
CD1 TRP E . 0.36 -11.14 9.49
CD2 TRP E . -0.38 -11.51 7.42
NE1 TRP E . -0.08 -12.45 9.38
CE2 TRP E . -0.56 -12.71 8.12
CE3 TRP E . -0.77 -11.46 6.10
CZ2 TRP E . -1.11 -13.83 7.51
CZ3 TRP E . -1.34 -12.56 5.47
CH2 TRP E . -1.52 -13.75 6.17
OXT TRP E . 1.85 -8.84 10.68
H2 TRP E . 1.98 -7.29 8.28
H TRP E . 1.32 -6.42 9.58
HA TRP E . -0.77 -7.88 9.05
HB2 TRP E . -0.01 -8.92 7.05
HB3 TRP E . 1.62 -9.11 7.68
HD1 TRP E . 0.74 -10.70 10.36
HE1 TRP E . -0.08 -13.10 10.10
HE3 TRP E . -0.62 -10.55 5.56
HZ2 TRP E . -1.24 -14.74 8.04
HZ3 TRP E . -1.67 -12.48 4.46
HH2 TRP E . -1.94 -14.60 5.68
N TRP F . 6.48 5.92 5.48
CA TRP F . 6.75 7.18 6.23
C TRP F . 8.26 7.49 6.26
O TRP F . 8.71 8.19 5.37
CB TRP F . 6.25 6.93 7.67
CG TRP F . 6.60 8.09 8.50
CD1 TRP F . 6.95 8.05 9.81
CD2 TRP F . 6.60 9.45 8.10
NE1 TRP F . 7.16 9.35 10.22
CE2 TRP F . 6.95 10.26 9.20
CE3 TRP F . 6.32 10.05 6.88
CZ2 TRP F . 7.02 11.64 9.07
CZ3 TRP F . 6.39 11.42 6.74
CH2 TRP F . 6.73 12.23 7.83
OXT TRP F . 8.93 7.02 7.16
H2 TRP F . 6.29 5.15 6.14
H TRP F . 7.29 5.69 4.88
HA TRP F . 6.22 7.99 5.79
HB2 TRP F . 5.17 6.87 7.65
HB3 TRP F . 6.67 6.03 8.07
HD1 TRP F . 7.04 7.16 10.41
HE1 TRP F . 7.43 9.63 11.14
HE3 TRP F . 6.05 9.46 6.03
HZ2 TRP F . 7.28 12.25 9.91
HZ3 TRP F . 6.18 11.85 5.78
HH2 TRP F . 6.77 13.30 7.72
N GLN C 3 -37.11 2.62 1.08
CA GLN C 3 -36.94 3.72 0.09
C GLN C 3 -37.08 3.17 -1.34
N SER C 4 -37.61 3.96 -2.24
CA SER C 4 -37.78 3.48 -3.65
C SER C 4 -36.41 3.38 -4.34
N PRO C 5 -36.38 2.69 -5.44
CA PRO C 5 -35.11 2.53 -6.20
C PRO C 5 -34.74 3.84 -6.91
N TYR C 6 -33.46 4.07 -7.10
CA TYR C 6 -33.03 5.33 -7.78
C TYR C 6 -31.56 5.24 -8.17
N SER C 7 -30.90 6.36 -8.31
CA SER C 7 -29.45 6.34 -8.69
C SER C 7 -28.64 5.55 -7.65
N ALA C 8 -28.56 6.05 -6.45
CA ALA C 8 -27.78 5.34 -5.38
C ALA C 8 -26.34 5.11 -5.83
N ALA C 9 -25.68 4.12 -5.28
CA ALA C 9 -24.28 3.83 -5.67
C ALA C 9 -23.38 5.05 -5.39
N MET C 10 -23.36 6.00 -6.28
CA MET C 10 -22.51 7.22 -6.08
C MET C 10 -21.06 6.81 -5.77
N ALA C 11 -20.35 6.34 -6.74
CA ALA C 11 -18.93 5.93 -6.50
C ALA C 11 -17.99 7.11 -6.76
N GLU C 12 -17.92 8.04 -5.84
CA GLU C 12 -17.02 9.21 -6.02
C GLU C 12 -16.45 9.67 -4.67
N GLN C 13 -17.22 10.40 -3.90
CA GLN C 13 -16.73 10.89 -2.57
C GLN C 13 -15.39 11.62 -2.74
N ARG C 14 -14.84 12.10 -1.66
CA ARG C 14 -13.54 12.83 -1.75
C ARG C 14 -12.75 12.69 -0.45
N HIS C 15 -11.46 12.84 -0.51
CA HIS C 15 -10.60 12.71 0.71
C HIS C 15 -10.66 11.27 1.26
N GLN C 16 -11.72 10.93 1.96
CA GLN C 16 -11.84 9.56 2.52
C GLN C 16 -10.43 8.99 2.79
N GLU C 17 -9.70 9.71 3.61
CA GLU C 17 -8.29 9.33 3.99
C GLU C 17 -7.66 8.29 3.06
N TRP C 18 -7.83 7.03 3.34
CA TRP C 18 -7.23 5.97 2.49
C TRP C 18 -7.64 6.13 1.03
N LEU C 19 -8.76 6.75 0.75
CA LEU C 19 -9.17 6.86 -0.68
C LEU C 19 -8.29 7.89 -1.35
N ARG C 20 -7.83 8.86 -0.62
CA ARG C 20 -6.90 9.85 -1.24
C ARG C 20 -5.60 9.12 -1.60
N PHE C 21 -5.30 8.08 -0.86
CA PHE C 21 -4.07 7.28 -1.13
C PHE C 21 -4.37 6.18 -2.17
N VAL C 22 -5.61 5.98 -2.52
CA VAL C 22 -5.94 4.94 -3.54
C VAL C 22 -5.88 5.58 -4.90
N ASP C 23 -6.29 6.82 -4.98
CA ASP C 23 -6.27 7.54 -6.29
C ASP C 23 -4.84 7.93 -6.67
N LEU C 24 -4.12 8.53 -5.76
CA LEU C 24 -2.72 8.94 -6.07
C LEU C 24 -1.82 7.71 -6.26
N LEU C 25 -2.21 6.58 -5.75
CA LEU C 25 -1.35 5.37 -5.91
C LEU C 25 -1.56 4.73 -7.30
N LYS C 26 -2.75 4.28 -7.57
CA LYS C 26 -3.05 3.66 -8.92
C LYS C 26 -2.51 4.50 -10.09
N ASN C 27 -2.52 5.78 -9.93
CA ASN C 27 -2.06 6.69 -11.02
C ASN C 27 -0.56 6.62 -11.11
N ALA C 28 0.06 6.67 -9.98
CA ALA C 28 1.54 6.56 -9.94
C ALA C 28 1.92 5.07 -9.91
N TYR C 29 0.92 4.23 -9.91
CA TYR C 29 1.12 2.75 -9.90
C TYR C 29 1.46 2.30 -11.32
N GLN C 30 0.96 3.01 -12.30
CA GLN C 30 1.23 2.65 -13.72
C GLN C 30 2.75 2.58 -13.96
N ASN C 31 3.52 3.24 -13.14
CA ASN C 31 5.00 3.21 -13.29
C ASN C 31 5.66 3.22 -11.91
N ASP C 32 6.77 3.88 -11.77
CA ASP C 32 7.45 3.95 -10.43
C ASP C 32 7.10 5.26 -9.74
N LEU C 33 5.95 5.81 -10.03
CA LEU C 33 5.56 7.10 -9.42
C LEU C 33 4.84 6.87 -8.08
N HIS C 34 4.56 5.64 -7.74
CA HIS C 34 3.87 5.37 -6.44
C HIS C 34 4.90 4.94 -5.39
N LEU C 35 5.93 4.25 -5.80
CA LEU C 35 6.98 3.84 -4.85
C LEU C 35 7.47 5.06 -4.03
N PRO C 36 7.56 6.21 -4.69
CA PRO C 36 7.98 7.48 -3.99
C PRO C 36 6.91 7.88 -2.97
N LEU C 37 5.79 7.23 -3.03
CA LEU C 37 4.66 7.51 -2.12
C LEU C 37 4.59 6.37 -1.14
N LEU C 38 4.81 5.17 -1.63
CA LEU C 38 4.86 3.99 -0.73
C LEU C 38 6.11 4.18 0.12
N ASN C 39 6.92 5.12 -0.26
CA ASN C 39 8.15 5.41 0.49
C ASN C 39 7.90 6.50 1.52
N LEU C 40 7.38 7.63 1.11
CA LEU C 40 7.17 8.74 2.08
C LEU C 40 5.69 9.06 2.33
N MET C 41 4.82 8.09 2.36
CA MET C 41 3.38 8.45 2.61
C MET C 41 2.58 7.34 3.28
N LEU C 42 3.24 6.38 3.85
CA LEU C 42 2.51 5.28 4.56
C LEU C 42 3.49 4.53 5.46
N THR C 43 4.11 3.54 4.93
CA THR C 43 5.15 2.78 5.64
C THR C 43 6.00 2.21 4.53
N PRO C 44 7.20 2.63 4.51
CA PRO C 44 8.08 2.27 3.40
C PRO C 44 8.74 0.93 3.71
N ASP C 45 9.03 0.67 4.95
CA ASP C 45 9.53 -0.69 5.30
C ASP C 45 8.41 -1.64 4.88
N GLU C 46 7.19 -1.12 4.84
CA GLU C 46 6.03 -1.93 4.41
C GLU C 46 6.21 -2.31 2.95
N ARG C 47 7.06 -1.60 2.23
CA ARG C 47 7.33 -1.98 0.82
C ARG C 47 7.73 -3.45 0.85
N GLU C 48 8.28 -3.86 1.95
CA GLU C 48 8.64 -5.29 2.11
C GLU C 48 7.41 -6.02 2.67
N ALA C 49 6.59 -5.30 3.40
CA ALA C 49 5.35 -5.90 3.98
C ALA C 49 4.36 -6.29 2.87
N LEU C 50 4.09 -5.45 1.90
CA LEU C 50 3.12 -5.90 0.83
C LEU C 50 3.80 -7.02 0.05
N GLY C 51 5.08 -6.91 -0.15
CA GLY C 51 5.83 -7.98 -0.87
C GLY C 51 5.86 -9.22 0.01
N THR C 52 5.84 -9.07 1.31
CA THR C 52 5.87 -10.27 2.22
C THR C 52 4.45 -10.73 2.55
N ARG C 53 3.57 -9.81 2.85
CA ARG C 53 2.16 -10.17 3.19
C ARG C 53 1.43 -10.55 1.91
N VAL C 54 1.16 -9.58 1.11
CA VAL C 54 0.46 -9.84 -0.17
C VAL C 54 1.14 -11.02 -0.89
N ARG C 55 2.39 -11.29 -0.56
CA ARG C 55 3.07 -12.45 -1.19
C ARG C 55 2.67 -13.76 -0.49
N ILE C 56 2.14 -13.69 0.72
CA ILE C 56 1.74 -14.96 1.41
C ILE C 56 0.35 -15.42 0.93
N VAL C 57 -0.44 -14.53 0.39
CA VAL C 57 -1.79 -14.95 -0.09
C VAL C 57 -1.75 -15.05 -1.59
N GLU C 58 -1.19 -14.06 -2.21
CA GLU C 58 -1.09 -14.08 -3.68
C GLU C 58 -0.40 -15.36 -4.13
N GLU C 59 0.52 -15.88 -3.35
CA GLU C 59 1.20 -17.15 -3.73
C GLU C 59 0.40 -18.33 -3.17
N LEU C 60 0.09 -18.31 -1.89
CA LEU C 60 -0.69 -19.41 -1.28
C LEU C 60 -1.98 -19.63 -2.08
N LEU C 61 -2.66 -18.55 -2.40
CA LEU C 61 -3.92 -18.68 -3.19
C LEU C 61 -3.58 -19.26 -4.57
N ARG C 62 -2.43 -18.93 -5.09
CA ARG C 62 -2.03 -19.47 -6.42
C ARG C 62 -1.70 -20.97 -6.28
N GLY C 63 -1.20 -21.35 -5.14
CA GLY C 63 -0.87 -22.79 -4.91
C GLY C 63 -1.21 -23.18 -3.48
N GLU C 64 -0.23 -23.59 -2.71
CA GLU C 64 -0.49 -24.01 -1.30
C GLU C 64 0.82 -24.48 -0.67
N MET C 65 1.92 -23.92 -1.08
CA MET C 65 3.25 -24.34 -0.52
C MET C 65 3.34 -23.95 0.96
N SER C 66 2.45 -23.12 1.43
CA SER C 66 2.50 -22.73 2.87
C SER C 66 2.43 -23.99 3.75
N GLN C 67 3.16 -24.05 4.85
CA GLN C 67 3.16 -25.26 5.76
C GLN C 67 4.52 -25.39 6.45
N ARG C 68 5.57 -25.24 5.70
CA ARG C 68 6.94 -25.34 6.28
C ARG C 68 7.95 -25.27 5.13
N GLU C 69 7.88 -24.22 4.33
CA GLU C 69 8.82 -24.13 3.16
C GLU C 69 8.62 -22.81 2.38
N LEU C 70 7.49 -22.61 1.75
CA LEU C 70 7.27 -21.34 1.00
C LEU C 70 7.05 -20.23 2.00
N LYS C 71 6.40 -20.54 3.09
CA LYS C 71 6.17 -19.54 4.14
C LYS C 71 7.48 -18.83 4.47
N ASN C 72 8.59 -19.50 4.30
CA ASN C 72 9.91 -18.91 4.63
C ASN C 72 10.68 -18.57 3.35
N GLU C 73 10.42 -19.28 2.28
CA GLU C 73 11.15 -18.98 1.00
C GLU C 73 11.14 -17.47 0.77
N LEU C 74 10.09 -16.82 1.21
CA LEU C 74 10.00 -15.35 1.10
C LEU C 74 10.41 -14.77 2.46
N GLY C 75 10.10 -15.49 3.51
CA GLY C 75 10.48 -15.06 4.88
C GLY C 75 9.30 -14.42 5.61
N ALA C 76 8.73 -15.14 6.56
CA ALA C 76 7.56 -14.64 7.33
C ALA C 76 6.36 -15.03 6.58
N GLY C 77 6.20 -16.28 6.55
CA GLY C 77 5.07 -16.85 5.85
C GLY C 77 4.27 -17.63 6.87
N ILE C 78 4.89 -18.49 7.66
CA ILE C 78 4.08 -19.27 8.63
C ILE C 78 3.04 -18.38 9.25
N ALA C 79 3.49 -17.49 10.06
CA ALA C 79 2.53 -16.55 10.70
C ALA C 79 1.89 -15.67 9.65
N THR C 80 2.43 -15.66 8.47
CA THR C 80 1.87 -14.82 7.39
C THR C 80 1.17 -15.72 6.34
N ILE C 81 1.42 -17.00 6.38
CA ILE C 81 0.75 -17.95 5.47
C ILE C 81 -0.43 -18.54 6.26
N THR C 82 -0.22 -18.76 7.54
CA THR C 82 -1.30 -19.26 8.41
C THR C 82 -2.29 -18.12 8.64
N ARG C 83 -1.80 -16.96 9.00
CA ARG C 83 -2.73 -15.84 9.18
C ARG C 83 -3.40 -15.57 7.82
N GLY C 84 -2.79 -16.02 6.74
CA GLY C 84 -3.46 -15.85 5.40
C GLY C 84 -4.88 -16.36 5.58
N SER C 85 -5.04 -17.48 6.24
CA SER C 85 -6.43 -17.95 6.52
C SER C 85 -7.11 -16.83 7.30
N ASN C 86 -6.42 -16.31 8.28
CA ASN C 86 -6.98 -15.17 9.04
C ASN C 86 -7.37 -14.08 8.03
N SER C 87 -6.69 -13.98 6.91
CA SER C 87 -7.10 -12.95 5.90
C SER C 87 -8.61 -13.04 5.74
N LEU C 88 -9.13 -14.23 5.85
CA LEU C 88 -10.61 -14.41 5.79
C LEU C 88 -11.23 -13.47 6.82
N LYS C 89 -10.47 -13.14 7.84
CA LYS C 89 -11.00 -12.21 8.89
C LYS C 89 -11.05 -10.76 8.37
N ALA C 90 -9.96 -10.22 7.85
CA ALA C 90 -10.04 -8.84 7.32
C ALA C 90 -11.08 -8.87 6.20
N ALA C 91 -11.32 -10.05 5.66
CA ALA C 91 -12.36 -10.24 4.62
C ALA C 91 -12.82 -11.70 4.59
N PRO C 92 -14.09 -11.93 4.78
CA PRO C 92 -14.60 -13.31 4.74
C PRO C 92 -14.44 -13.87 3.32
N VAL C 93 -15.42 -13.66 2.48
CA VAL C 93 -15.29 -14.15 1.07
C VAL C 93 -15.72 -13.03 0.12
N GLU C 94 -15.87 -11.83 0.62
CA GLU C 94 -16.28 -10.69 -0.23
C GLU C 94 -15.11 -10.16 -1.02
N LEU C 95 -14.36 -9.30 -0.43
CA LEU C 95 -13.20 -8.73 -1.12
C LEU C 95 -12.25 -9.87 -1.47
N ARG C 96 -12.25 -10.91 -0.68
CA ARG C 96 -11.40 -12.09 -1.03
C ARG C 96 -11.81 -12.53 -2.44
N GLN C 97 -13.06 -12.28 -2.78
CA GLN C 97 -13.54 -12.62 -4.15
C GLN C 97 -12.71 -11.87 -5.18
N TRP C 98 -12.30 -10.63 -4.90
CA TRP C 98 -11.46 -9.92 -5.90
C TRP C 98 -10.14 -10.70 -6.05
N LEU C 99 -9.49 -10.98 -4.95
CA LEU C 99 -8.22 -11.76 -5.01
C LEU C 99 -8.44 -13.00 -5.87
N GLU C 100 -9.65 -13.49 -5.88
CA GLU C 100 -9.97 -14.67 -6.71
C GLU C 100 -10.28 -14.17 -8.13
N GLU C 101 -10.89 -13.01 -8.24
CA GLU C 101 -11.19 -12.45 -9.60
C GLU C 101 -9.89 -12.33 -10.38
N VAL C 102 -8.82 -12.05 -9.69
CA VAL C 102 -7.50 -11.93 -10.37
C VAL C 102 -6.70 -13.23 -10.16
N LEU C 103 -7.38 -14.32 -9.86
CA LEU C 103 -6.67 -15.61 -9.66
C LEU C 103 -7.60 -16.81 -9.93
N LEU C 104 -8.63 -16.98 -9.14
CA LEU C 104 -9.54 -18.14 -9.35
C LEU C 104 -10.92 -17.69 -9.85
N LYS C 105 -11.56 -16.78 -9.16
CA LYS C 105 -12.93 -16.32 -9.60
C LYS C 105 -12.92 -15.98 -11.10
N SER C 106 -12.02 -15.12 -11.52
CA SER C 106 -11.95 -14.75 -12.96
C SER C 106 -13.35 -14.38 -13.49
N ASP C 107 -14.22 -13.92 -12.63
CA ASP C 107 -15.60 -13.55 -13.08
C ASP C 107 -15.56 -12.27 -13.92
N GLN D 3 28.37 8.76 -3.37
CA GLN D 3 27.92 7.37 -3.69
C GLN D 3 27.06 7.37 -4.96
N SER D 4 27.09 6.30 -5.71
CA SER D 4 26.28 6.22 -6.95
C SER D 4 24.95 5.52 -6.69
N PRO D 5 23.97 5.82 -7.50
CA PRO D 5 22.63 5.21 -7.34
C PRO D 5 22.65 3.74 -7.80
N TYR D 6 22.63 3.50 -9.08
CA TYR D 6 22.66 2.10 -9.60
C TYR D 6 21.37 1.36 -9.21
N SER D 7 21.18 1.08 -7.95
CA SER D 7 19.95 0.36 -7.50
C SER D 7 19.74 -0.91 -8.32
N ALA D 8 18.56 -1.45 -8.31
CA ALA D 8 18.29 -2.70 -9.09
C ALA D 8 18.51 -2.45 -10.59
N ALA D 9 17.79 -1.50 -11.14
CA ALA D 9 17.94 -1.18 -12.60
C ALA D 9 17.52 -2.38 -13.46
N MET D 10 18.33 -3.41 -13.51
CA MET D 10 17.98 -4.59 -14.34
C MET D 10 16.65 -5.20 -13.86
N ALA D 11 16.69 -6.22 -13.04
CA ALA D 11 15.42 -6.85 -12.55
C ALA D 11 15.74 -7.96 -11.54
N GLU D 12 14.84 -8.90 -11.38
CA GLU D 12 15.09 -10.00 -10.40
C GLU D 12 15.12 -11.35 -11.14
N GLN D 13 14.84 -12.42 -10.45
CA GLN D 13 14.85 -13.76 -11.11
C GLN D 13 13.44 -14.16 -11.55
N ARG D 14 12.55 -13.21 -11.65
CA ARG D 14 11.15 -13.54 -12.08
C ARG D 14 10.56 -12.35 -12.84
N HIS D 15 9.25 -12.29 -12.94
CA HIS D 15 8.61 -11.15 -13.67
C HIS D 15 9.12 -9.83 -13.11
N GLN D 16 8.95 -9.61 -11.83
CA GLN D 16 9.43 -8.34 -11.20
C GLN D 16 9.70 -8.58 -9.71
N GLU D 17 9.16 -7.76 -8.85
CA GLU D 17 9.36 -7.96 -7.39
C GLU D 17 8.25 -7.26 -6.60
N TRP D 18 7.87 -6.08 -7.01
CA TRP D 18 6.81 -5.33 -6.28
C TRP D 18 5.75 -4.78 -7.25
N LEU D 19 6.01 -4.79 -8.54
CA LEU D 19 5.01 -4.25 -9.51
C LEU D 19 3.87 -5.25 -9.70
N ARG D 20 4.10 -6.50 -9.39
CA ARG D 20 2.99 -7.48 -9.54
C ARG D 20 1.80 -7.03 -8.69
N PHE D 21 2.06 -6.22 -7.70
CA PHE D 21 0.97 -5.69 -6.84
C PHE D 21 0.35 -4.46 -7.48
N VAL D 22 1.18 -3.49 -7.68
CA VAL D 22 0.75 -2.20 -8.25
C VAL D 22 -0.23 -2.45 -9.39
N ASP D 23 -0.11 -3.59 -10.04
CA ASP D 23 -1.09 -3.91 -11.12
C ASP D 23 -2.23 -4.77 -10.54
N LEU D 24 -1.98 -5.49 -9.48
CA LEU D 24 -3.06 -6.32 -8.86
C LEU D 24 -3.59 -5.64 -7.59
N LEU D 25 -2.70 -5.10 -6.77
CA LEU D 25 -3.15 -4.40 -5.53
C LEU D 25 -4.11 -3.28 -5.91
N LYS D 26 -3.90 -2.68 -7.04
CA LYS D 26 -4.80 -1.57 -7.45
C LYS D 26 -5.96 -2.09 -8.27
N ASN D 27 -5.74 -3.14 -9.01
CA ASN D 27 -6.85 -3.69 -9.84
C ASN D 27 -8.05 -3.85 -8.92
N ALA D 28 -7.80 -3.79 -7.64
CA ALA D 28 -8.91 -3.85 -6.65
C ALA D 28 -9.18 -2.42 -6.14
N TYR D 29 -8.15 -1.61 -6.09
CA TYR D 29 -8.28 -0.18 -5.63
C TYR D 29 -9.52 0.48 -6.24
N GLN D 30 -9.84 0.15 -7.47
CA GLN D 30 -11.03 0.77 -8.14
C GLN D 30 -12.25 0.81 -7.21
N ASN D 31 -12.46 -0.22 -6.44
CA ASN D 31 -13.64 -0.22 -5.52
C ASN D 31 -13.16 -0.44 -4.08
N ASP D 32 -13.88 -1.21 -3.30
CA ASP D 32 -13.45 -1.45 -1.89
C ASP D 32 -12.62 -2.73 -1.80
N LEU D 33 -11.85 -3.03 -2.82
CA LEU D 33 -11.03 -4.27 -2.78
C LEU D 33 -9.62 -3.95 -2.28
N HIS D 34 -9.39 -2.73 -1.83
CA HIS D 34 -8.04 -2.37 -1.30
C HIS D 34 -8.07 -2.46 0.23
N LEU D 35 -9.21 -2.20 0.81
CA LEU D 35 -9.35 -2.28 2.30
C LEU D 35 -9.22 -3.73 2.80
N PRO D 36 -9.54 -4.68 1.96
CA PRO D 36 -9.42 -6.10 2.35
C PRO D 36 -7.96 -6.45 2.22
N LEU D 37 -7.38 -5.91 1.18
CA LEU D 37 -5.96 -6.11 0.90
C LEU D 37 -5.17 -5.50 2.03
N LEU D 38 -5.62 -4.39 2.54
CA LEU D 38 -4.90 -3.81 3.68
C LEU D 38 -5.61 -4.27 4.95
N ASN D 39 -5.98 -5.51 4.96
CA ASN D 39 -6.64 -6.10 6.14
C ASN D 39 -6.45 -7.62 6.08
N LEU D 40 -6.69 -8.18 4.93
CA LEU D 40 -6.56 -9.66 4.74
C LEU D 40 -5.19 -10.17 5.20
N MET D 41 -4.20 -9.34 5.15
CA MET D 41 -2.85 -9.82 5.51
C MET D 41 -2.57 -9.69 7.02
N LEU D 42 -3.55 -10.05 7.83
CA LEU D 42 -3.42 -10.02 9.34
C LEU D 42 -3.36 -8.61 9.92
N THR D 43 -2.24 -7.93 9.77
CA THR D 43 -2.15 -6.54 10.31
C THR D 43 -1.97 -5.55 9.16
N PRO D 44 -2.79 -5.69 8.18
CA PRO D 44 -2.77 -4.81 7.05
C PRO D 44 -3.82 -3.72 7.26
N ASP D 45 -4.57 -3.84 8.33
CA ASP D 45 -5.58 -2.80 8.69
C ASP D 45 -4.83 -1.59 9.22
N GLU D 46 -3.79 -1.21 8.55
CA GLU D 46 -3.00 -0.04 8.99
C GLU D 46 -3.81 1.25 8.90
N ARG D 47 -5.11 1.19 9.04
CA ARG D 47 -5.94 2.42 8.98
C ARG D 47 -5.39 3.42 10.00
N GLU D 48 -4.68 2.93 10.98
CA GLU D 48 -4.04 3.82 11.99
C GLU D 48 -2.79 4.38 11.35
N ALA D 49 -1.98 3.52 10.82
CA ALA D 49 -0.77 3.99 10.09
C ALA D 49 -1.27 4.93 8.99
N LEU D 50 -2.19 4.49 8.17
CA LEU D 50 -2.74 5.39 7.11
C LEU D 50 -3.41 6.60 7.74
N GLY D 51 -4.20 6.38 8.77
CA GLY D 51 -4.87 7.55 9.44
C GLY D 51 -3.80 8.59 9.73
N THR D 52 -2.60 8.15 9.97
CA THR D 52 -1.47 9.08 10.25
C THR D 52 -0.63 9.29 8.99
N ARG D 53 -0.48 8.26 8.19
CA ARG D 53 0.33 8.38 6.94
C ARG D 53 -0.18 9.52 6.07
N VAL D 54 -1.39 9.45 5.60
CA VAL D 54 -1.92 10.56 4.77
C VAL D 54 -2.13 11.78 5.67
N ARG D 55 -1.88 11.62 6.95
CA ARG D 55 -2.05 12.74 7.90
C ARG D 55 -0.67 13.24 8.40
N ILE D 56 0.41 12.77 7.80
CA ILE D 56 1.75 13.27 8.24
C ILE D 56 2.41 14.06 7.11
N VAL D 57 2.29 13.61 5.90
CA VAL D 57 2.89 14.36 4.76
C VAL D 57 1.98 15.52 4.43
N GLU D 58 0.71 15.22 4.36
CA GLU D 58 -0.30 16.27 4.07
C GLU D 58 -0.09 17.46 5.01
N GLU D 59 0.45 17.21 6.16
CA GLU D 59 0.71 18.32 7.13
C GLU D 59 2.02 19.01 6.77
N LEU D 60 2.96 18.27 6.23
CA LEU D 60 4.26 18.87 5.84
C LEU D 60 4.13 19.54 4.47
N LEU D 61 3.43 18.92 3.56
CA LEU D 61 3.25 19.51 2.20
C LEU D 61 2.53 20.86 2.33
N ARG D 62 1.86 21.10 3.42
CA ARG D 62 1.13 22.39 3.61
C ARG D 62 1.77 23.18 4.76
N GLY D 63 2.26 22.51 5.76
CA GLY D 63 2.89 23.23 6.90
C GLY D 63 4.39 23.39 6.63
N GLU D 64 5.23 22.94 7.52
CA GLU D 64 6.70 23.07 7.30
C GLU D 64 7.37 21.73 7.53
N MET D 65 7.40 21.27 8.76
CA MET D 65 8.05 19.96 9.08
C MET D 65 8.16 19.76 10.61
N SER D 66 8.04 20.82 11.36
CA SER D 66 8.15 20.69 12.85
C SER D 66 6.76 20.73 13.50
N GLN D 67 6.62 20.11 14.65
CA GLN D 67 5.31 20.11 15.35
C GLN D 67 4.78 21.52 15.57
N ARG D 68 3.76 21.65 16.40
CA ARG D 68 3.12 22.97 16.72
C ARG D 68 1.84 23.11 15.90
N GLU D 69 1.26 22.00 15.52
CA GLU D 69 0.01 22.04 14.73
C GLU D 69 -0.90 20.90 15.21
N LEU D 70 -0.53 19.67 14.91
CA LEU D 70 -1.34 18.49 15.35
C LEU D 70 -0.91 17.24 14.59
N LYS D 71 0.18 16.66 14.99
CA LYS D 71 0.67 15.44 14.32
C LYS D 71 0.66 14.25 15.26
N ASN D 72 0.83 14.48 16.54
CA ASN D 72 0.82 13.34 17.49
C ASN D 72 -0.25 13.54 18.58
N GLU D 73 -0.59 14.77 18.86
CA GLU D 73 -1.62 15.05 19.92
C GLU D 73 -2.82 14.12 19.77
N LEU D 74 -3.12 13.70 18.57
CA LEU D 74 -4.28 12.79 18.37
C LEU D 74 -4.08 11.95 17.10
N GLY D 75 -2.89 11.46 16.88
CA GLY D 75 -2.63 10.65 15.65
C GLY D 75 -1.23 10.04 15.71
N ALA D 76 -0.28 10.66 15.05
CA ALA D 76 1.13 10.14 15.04
C ALA D 76 1.85 10.79 13.89
N GLY D 77 2.41 11.90 14.20
CA GLY D 77 3.15 12.67 13.19
C GLY D 77 4.43 13.16 13.84
N ILE D 78 4.35 13.64 15.04
CA ILE D 78 5.59 14.12 15.74
C ILE D 78 6.75 13.18 15.39
N ALA D 79 6.44 11.93 15.22
CA ALA D 79 7.47 10.92 14.85
C ALA D 79 7.20 10.42 13.43
N THR D 80 6.30 11.07 12.74
CA THR D 80 5.95 10.66 11.36
C THR D 80 5.70 11.90 10.46
N ILE D 81 5.72 13.09 11.02
CA ILE D 81 5.57 14.34 10.21
C ILE D 81 6.91 15.04 10.20
N THR D 82 7.53 15.09 11.33
CA THR D 82 8.87 15.72 11.44
C THR D 82 9.89 14.64 11.16
N ARG D 83 9.57 13.42 11.53
CA ARG D 83 10.52 12.32 11.23
C ARG D 83 10.78 12.37 9.72
N GLY D 84 9.80 12.79 8.95
CA GLY D 84 9.99 12.89 7.46
C GLY D 84 11.30 13.58 7.16
N SER D 85 11.82 14.37 8.07
CA SER D 85 13.14 15.03 7.83
C SER D 85 14.11 13.96 7.32
N ASN D 86 13.87 12.73 7.71
CA ASN D 86 14.73 11.59 7.25
C ASN D 86 14.14 10.94 6.00
N SER D 87 13.25 11.64 5.31
CA SER D 87 12.62 11.09 4.07
C SER D 87 13.63 10.25 3.27
N LEU D 88 14.89 10.63 3.32
CA LEU D 88 15.94 9.85 2.58
C LEU D 88 15.69 8.35 2.77
N LYS D 89 15.16 7.96 3.91
CA LYS D 89 14.87 6.51 4.13
C LYS D 89 14.09 5.94 2.94
N ALA D 90 12.96 6.52 2.62
CA ALA D 90 12.18 6.04 1.43
C ALA D 90 12.43 7.00 0.26
N ALA D 91 13.45 7.82 0.39
CA ALA D 91 13.86 8.82 -0.65
C ALA D 91 12.69 9.31 -1.51
N PRO D 92 12.29 10.53 -1.29
CA PRO D 92 11.20 11.12 -2.08
C PRO D 92 11.76 11.73 -3.38
N VAL D 93 12.70 12.64 -3.27
CA VAL D 93 13.29 13.30 -4.48
C VAL D 93 13.46 12.31 -5.64
N GLU D 94 13.71 11.07 -5.36
CA GLU D 94 13.89 10.07 -6.47
C GLU D 94 12.65 10.06 -7.38
N LEU D 95 11.50 9.88 -6.79
CA LEU D 95 10.23 9.85 -7.60
C LEU D 95 9.12 10.62 -6.89
N ARG D 96 9.36 11.11 -5.69
CA ARG D 96 8.30 11.94 -5.04
C ARG D 96 7.92 13.05 -6.02
N GLN D 97 8.77 13.31 -6.99
CA GLN D 97 8.47 14.35 -8.00
C GLN D 97 7.06 14.17 -8.54
N TRP D 98 6.62 12.94 -8.76
CA TRP D 98 5.22 12.79 -9.25
C TRP D 98 4.24 13.10 -8.10
N LEU D 99 4.68 12.95 -6.87
CA LEU D 99 3.76 13.24 -5.73
C LEU D 99 3.14 14.62 -5.91
N GLU D 100 3.95 15.62 -6.17
CA GLU D 100 3.38 16.97 -6.38
C GLU D 100 2.61 17.00 -7.70
N GLU D 101 2.80 16.02 -8.55
CA GLU D 101 2.04 16.01 -9.86
C GLU D 101 0.55 16.14 -9.55
N VAL D 102 0.13 15.60 -8.44
CA VAL D 102 -1.30 15.72 -8.04
C VAL D 102 -1.43 16.79 -6.96
N LEU D 103 -0.45 17.66 -6.86
CA LEU D 103 -0.49 18.75 -5.83
C LEU D 103 0.10 20.05 -6.39
N LEU D 104 1.19 19.95 -7.13
CA LEU D 104 1.82 21.19 -7.69
C LEU D 104 2.53 20.90 -9.02
N LYS D 105 3.30 19.82 -9.10
CA LYS D 105 4.03 19.51 -10.38
C LYS D 105 3.07 19.65 -11.57
N SER D 106 1.88 19.11 -11.46
CA SER D 106 0.89 19.21 -12.58
C SER D 106 1.51 18.70 -13.88
N ASP D 107 1.29 17.44 -14.20
CA ASP D 107 1.87 16.87 -15.46
C ASP D 107 0.74 16.41 -16.38
N TRP E . 1.19 -7.13 8.87
CA TRP E . 0.98 -8.54 9.30
C TRP E . 1.94 -8.90 10.44
O TRP E . 1.59 -8.68 11.58
CB TRP E . 1.27 -9.39 8.07
CG TRP E . 0.70 -10.72 8.23
CD1 TRP E . 0.69 -11.43 9.36
CD2 TRP E . 0.01 -11.49 7.25
NE1 TRP E . 0.08 -12.64 9.11
CE2 TRP E . -0.36 -12.72 7.81
CE3 TRP E . -0.30 -11.24 5.92
CZ2 TRP E . -1.03 -13.67 7.06
CZ3 TRP E . -0.98 -12.18 5.16
CH2 TRP E . -1.34 -13.41 5.73
OXT TRP E . 3.01 -9.41 10.15
H2 TRP E . 2.04 -7.07 8.27
H TRP E . 1.33 -6.52 9.71
HA TRP E . -0.03 -8.68 9.61
HB2 TRP E . 0.83 -8.95 7.19
HB3 TRP E . 2.33 -9.48 7.93
HD1 TRP E . 1.10 -11.10 10.30
HE1 TRP E . -0.03 -13.36 9.76
HE3 TRP E . -0.02 -10.30 5.47
HZ2 TRP E . -1.28 -14.63 7.49
HZ3 TRP E . -1.21 -11.96 4.14
HH2 TRP E . -1.85 -14.14 5.13
N TRP F . 6.04 5.52 4.98
CA TRP F . 6.39 6.68 5.83
C TRP F . 7.89 6.99 5.70
O TRP F . 8.66 6.34 6.41
CB TRP F . 6.03 6.30 7.28
CG TRP F . 6.63 7.31 8.18
CD1 TRP F . 7.05 7.13 9.45
CD2 TRP F . 6.91 8.70 7.85
NE1 TRP F . 7.56 8.33 9.92
CE2 TRP F . 7.49 9.32 8.97
CE3 TRP F . 6.70 9.45 6.69
CZ2 TRP F . 7.85 10.67 8.92
CZ3 TRP F . 7.06 10.78 6.64
CH2 TRP F . 7.64 11.40 7.75
OXT TRP F . 8.24 7.85 4.93
H2 TRP F . 5.86 4.71 5.58
H TRP F . 6.82 5.31 4.33
HA TRP F . 5.81 7.54 5.52
HB2 TRP F . 4.95 6.31 7.41
HB3 TRP F . 6.43 5.32 7.51
HD1 TRP F . 7.00 6.21 10.00
HE1 TRP F . 7.94 8.47 10.82
HE3 TRP F . 6.25 8.99 5.84
HZ2 TRP F . 8.30 11.14 9.78
HZ3 TRP F . 6.90 11.32 5.73
HH2 TRP F . 7.90 12.44 7.70
N GLN C 3 -27.38 4.82 -4.26
CA GLN C 3 -26.86 5.80 -3.27
C GLN C 3 -26.92 5.20 -1.85
N SER C 4 -25.80 4.82 -1.31
CA SER C 4 -25.79 4.23 0.06
C SER C 4 -25.69 5.34 1.11
N PRO C 5 -26.19 5.05 2.29
CA PRO C 5 -26.15 6.05 3.40
C PRO C 5 -24.73 6.20 3.93
N TYR C 6 -24.50 7.20 4.74
CA TYR C 6 -23.13 7.40 5.29
C TYR C 6 -23.19 8.26 6.57
N SER C 7 -22.06 8.67 7.08
CA SER C 7 -22.05 9.50 8.32
C SER C 7 -22.90 8.85 9.41
N ALA C 8 -23.16 9.56 10.48
CA ALA C 8 -23.98 8.99 11.60
C ALA C 8 -23.36 7.70 12.13
N ALA C 9 -23.68 6.58 11.52
CA ALA C 9 -23.10 5.29 11.99
C ALA C 9 -21.70 5.09 11.41
N MET C 10 -21.02 4.04 11.80
CA MET C 10 -19.65 3.79 11.26
C MET C 10 -19.70 2.73 10.15
N ALA C 11 -20.66 2.84 9.28
CA ALA C 11 -20.75 1.85 8.16
C ALA C 11 -20.08 2.39 6.90
N GLU C 12 -19.12 3.25 7.06
CA GLU C 12 -18.43 3.82 5.86
C GLU C 12 -16.91 3.78 6.07
N GLN C 13 -16.15 4.05 5.04
CA GLN C 13 -14.67 4.03 5.18
C GLN C 13 -14.07 5.34 4.66
N ARG C 14 -13.97 6.33 5.52
CA ARG C 14 -13.39 7.67 5.12
C ARG C 14 -13.65 7.97 3.65
N HIS C 15 -12.74 8.64 2.97
CA HIS C 15 -12.97 8.96 1.53
C HIS C 15 -11.71 9.54 0.88
N GLN C 16 -11.24 10.67 1.35
CA GLN C 16 -10.04 11.29 0.74
C GLN C 16 -8.75 10.65 1.25
N GLU C 17 -8.82 9.85 2.29
CA GLU C 17 -7.58 9.21 2.83
C GLU C 17 -7.31 7.87 2.15
N TRP C 18 -8.18 6.92 2.31
CA TRP C 18 -7.95 5.58 1.69
C TRP C 18 -7.95 5.67 0.17
N LEU C 19 -8.63 6.63 -0.39
CA LEU C 19 -8.66 6.72 -1.88
C LEU C 19 -7.48 7.55 -2.39
N ARG C 20 -6.93 8.41 -1.58
CA ARG C 20 -5.75 9.20 -2.03
C ARG C 20 -4.57 8.24 -2.22
N PHE C 21 -4.51 7.23 -1.39
CA PHE C 21 -3.41 6.22 -1.51
C PHE C 21 -3.69 5.29 -2.67
N VAL C 22 -4.94 5.00 -2.92
CA VAL C 22 -5.31 4.07 -4.01
C VAL C 22 -5.28 4.79 -5.36
N ASP C 23 -5.49 6.08 -5.37
CA ASP C 23 -5.49 6.81 -6.66
C ASP C 23 -4.06 7.03 -7.18
N LEU C 24 -3.23 7.68 -6.42
CA LEU C 24 -1.84 7.92 -6.89
C LEU C 24 -1.12 6.58 -7.15
N LEU C 25 -1.53 5.54 -6.47
CA LEU C 25 -0.86 4.22 -6.70
C LEU C 25 -1.17 3.69 -8.10
N LYS C 26 -2.40 3.33 -8.34
CA LYS C 26 -2.83 2.76 -9.68
C LYS C 26 -2.47 3.65 -10.88
N ASN C 27 -2.64 4.93 -10.71
CA ASN C 27 -2.38 5.90 -11.83
C ASN C 27 -0.94 5.85 -12.21
N ALA C 28 -0.13 5.60 -11.25
CA ALA C 28 1.32 5.52 -11.50
C ALA C 28 1.80 4.10 -11.19
N TYR C 29 0.87 3.19 -11.10
CA TYR C 29 1.19 1.77 -10.82
C TYR C 29 1.42 1.06 -12.16
N GLN C 30 0.74 1.52 -13.18
CA GLN C 30 0.89 0.90 -14.53
C GLN C 30 2.28 1.25 -15.09
N ASN C 31 2.94 2.22 -14.50
CA ASN C 31 4.28 2.62 -14.98
C ASN C 31 5.27 2.53 -13.82
N ASP C 32 6.25 3.40 -13.76
CA ASP C 32 7.22 3.38 -12.63
C ASP C 32 7.02 4.61 -11.76
N LEU C 33 5.84 5.17 -11.79
CA LEU C 33 5.58 6.39 -10.98
C LEU C 33 4.94 6.01 -9.63
N HIS C 34 4.82 4.73 -9.35
CA HIS C 34 4.23 4.31 -8.04
C HIS C 34 5.36 3.94 -7.08
N LEU C 35 6.47 3.49 -7.60
CA LEU C 35 7.63 3.14 -6.72
C LEU C 35 8.17 4.40 -6.03
N PRO C 36 8.14 5.51 -6.74
CA PRO C 36 8.62 6.80 -6.17
C PRO C 36 7.49 7.43 -5.34
N LEU C 37 6.51 6.63 -5.07
CA LEU C 37 5.35 7.04 -4.24
C LEU C 37 5.47 6.19 -3.01
N LEU C 38 5.72 4.92 -3.22
CA LEU C 38 5.99 4.04 -2.08
C LEU C 38 7.48 4.15 -1.83
N ASN C 39 7.96 5.36 -1.95
CA ASN C 39 9.38 5.69 -1.73
C ASN C 39 9.42 7.06 -1.07
N LEU C 40 9.06 8.10 -1.78
CA LEU C 40 9.05 9.47 -1.17
C LEU C 40 8.22 9.47 0.14
N MET C 41 7.66 8.34 0.48
CA MET C 41 6.86 8.22 1.71
C MET C 41 7.74 7.66 2.85
N LEU C 42 8.83 8.35 3.13
CA LEU C 42 9.81 7.96 4.24
C LEU C 42 9.80 6.46 4.57
N THR C 43 8.75 5.94 5.19
CA THR C 43 8.71 4.46 5.47
C THR C 43 7.72 3.83 4.52
N PRO C 44 8.16 3.72 3.33
CA PRO C 44 7.39 3.11 2.28
C PRO C 44 7.88 1.65 2.20
N ASP C 45 8.23 1.13 3.35
CA ASP C 45 8.64 -0.30 3.43
C ASP C 45 7.53 -1.11 2.78
N GLU C 46 6.41 -0.46 2.51
CA GLU C 46 5.30 -1.14 1.83
C GLU C 46 5.89 -1.86 0.61
N ARG C 47 6.97 -1.34 0.06
CA ARG C 47 7.61 -2.04 -1.08
C ARG C 47 7.89 -3.46 -0.62
N GLU C 48 8.28 -3.59 0.63
CA GLU C 48 8.52 -4.95 1.19
C GLU C 48 7.20 -5.47 1.78
N ALA C 49 6.57 -4.68 2.61
CA ALA C 49 5.26 -5.10 3.21
C ALA C 49 4.32 -5.55 2.08
N LEU C 50 4.09 -4.75 1.08
CA LEU C 50 3.21 -5.19 -0.04
C LEU C 50 3.71 -6.51 -0.61
N GLY C 51 4.91 -6.52 -1.12
CA GLY C 51 5.47 -7.76 -1.69
C GLY C 51 5.14 -8.93 -0.77
N THR C 52 5.51 -8.82 0.47
CA THR C 52 5.22 -9.91 1.45
C THR C 52 3.76 -9.87 1.92
N ARG C 53 3.06 -8.81 1.60
CA ARG C 53 1.64 -8.67 2.04
C ARG C 53 0.73 -9.49 1.15
N VAL C 54 0.37 -8.97 0.04
CA VAL C 54 -0.50 -9.74 -0.86
C VAL C 54 0.10 -11.13 -1.05
N ARG C 55 1.42 -11.23 -0.91
CA ARG C 55 2.12 -12.56 -1.06
C ARG C 55 1.55 -13.63 -0.13
N ILE C 56 1.70 -13.46 1.15
CA ILE C 56 1.20 -14.53 2.08
C ILE C 56 -0.25 -14.92 1.74
N VAL C 57 -1.00 -14.05 1.12
CA VAL C 57 -2.41 -14.43 0.75
C VAL C 57 -2.46 -14.91 -0.69
N GLU C 58 -1.92 -14.13 -1.60
CA GLU C 58 -1.92 -14.55 -3.02
C GLU C 58 -1.10 -15.83 -3.17
N GLU C 59 -0.26 -16.15 -2.21
CA GLU C 59 0.54 -17.40 -2.29
C GLU C 59 -0.20 -18.52 -1.56
N LEU C 60 -1.01 -18.19 -0.59
CA LEU C 60 -1.75 -19.24 0.15
C LEU C 60 -2.80 -19.85 -0.78
N LEU C 61 -3.43 -19.05 -1.59
CA LEU C 61 -4.47 -19.58 -2.52
C LEU C 61 -3.84 -20.07 -3.83
N ARG C 62 -2.75 -19.48 -4.26
CA ARG C 62 -2.12 -19.92 -5.55
C ARG C 62 -0.70 -20.45 -5.32
N GLY C 63 0.00 -19.89 -4.38
CA GLY C 63 1.40 -20.33 -4.09
C GLY C 63 1.47 -21.85 -3.99
N GLU C 64 1.45 -22.40 -2.81
CA GLU C 64 1.51 -23.88 -2.68
C GLU C 64 1.26 -24.29 -1.23
N MET C 65 2.03 -23.76 -0.33
CA MET C 65 1.85 -24.10 1.11
C MET C 65 2.86 -23.32 1.96
N SER C 66 2.48 -22.15 2.41
CA SER C 66 3.38 -21.29 3.25
C SER C 66 4.24 -22.12 4.23
N GLN C 67 4.46 -21.65 5.45
CA GLN C 67 5.29 -22.43 6.42
C GLN C 67 6.75 -22.49 5.97
N ARG C 68 7.47 -23.46 6.49
CA ARG C 68 8.89 -23.63 6.11
C ARG C 68 9.03 -23.74 4.60
N GLU C 69 7.93 -23.94 3.92
CA GLU C 69 7.98 -24.06 2.44
C GLU C 69 7.75 -22.70 1.77
N LEU C 70 7.31 -21.69 2.50
CA LEU C 70 7.09 -20.39 1.78
C LEU C 70 7.02 -19.16 2.72
N LYS C 71 5.98 -19.04 3.52
CA LYS C 71 5.80 -17.85 4.42
C LYS C 71 7.10 -17.05 4.65
N ASN C 72 8.19 -17.70 5.03
CA ASN C 72 9.44 -16.92 5.28
C ASN C 72 10.53 -17.36 4.33
N GLU C 73 10.38 -18.52 3.74
CA GLU C 73 11.39 -19.01 2.76
C GLU C 73 11.82 -17.84 1.85
N LEU C 74 10.93 -16.91 1.68
CA LEU C 74 11.22 -15.71 0.86
C LEU C 74 10.12 -14.68 1.12
N GLY C 75 9.67 -14.55 2.36
CA GLY C 75 8.58 -13.58 2.65
C GLY C 75 8.55 -13.11 4.12
N ALA C 76 7.77 -13.79 4.95
CA ALA C 76 7.57 -13.40 6.39
C ALA C 76 6.11 -13.56 6.62
N GLY C 77 5.65 -14.73 6.43
CA GLY C 77 4.23 -14.97 6.56
C GLY C 77 3.87 -15.92 7.69
N ILE C 78 4.78 -16.64 8.26
CA ILE C 78 4.34 -17.60 9.32
C ILE C 78 3.33 -16.93 10.24
N ALA C 79 3.60 -15.73 10.67
CA ALA C 79 2.56 -15.02 11.47
C ALA C 79 1.62 -14.38 10.46
N THR C 80 2.17 -14.04 9.33
CA THR C 80 1.39 -13.45 8.22
C THR C 80 0.57 -14.58 7.53
N ILE C 81 1.19 -15.53 6.84
CA ILE C 81 0.38 -16.64 6.23
C ILE C 81 -0.74 -17.11 7.19
N THR C 82 -0.41 -17.30 8.45
CA THR C 82 -1.45 -17.70 9.44
C THR C 82 -2.40 -16.52 9.64
N ARG C 83 -1.87 -15.34 9.85
CA ARG C 83 -2.78 -14.18 9.98
C ARG C 83 -3.56 -14.09 8.64
N GLY C 84 -3.08 -14.76 7.61
CA GLY C 84 -3.83 -14.78 6.31
C GLY C 84 -5.26 -15.20 6.66
N SER C 85 -5.42 -16.14 7.53
CA SER C 85 -6.81 -16.49 7.95
C SER C 85 -7.39 -15.18 8.51
N ASN C 86 -6.58 -14.49 9.27
CA ASN C 86 -7.01 -13.17 9.78
C ASN C 86 -7.33 -12.27 8.58
N SER C 87 -6.81 -12.58 7.40
CA SER C 87 -7.15 -11.75 6.19
C SER C 87 -8.66 -11.56 6.19
N LEU C 88 -9.36 -12.63 6.40
CA LEU C 88 -10.84 -12.55 6.44
C LEU C 88 -11.25 -11.54 7.52
N LYS C 89 -10.39 -11.33 8.48
CA LYS C 89 -10.73 -10.34 9.57
C LYS C 89 -10.91 -8.91 9.03
N ALA C 90 -9.96 -8.39 8.31
CA ALA C 90 -10.13 -7.01 7.78
C ALA C 90 -11.19 -7.06 6.70
N ALA C 91 -11.56 -8.25 6.28
CA ALA C 91 -12.56 -8.34 5.20
C ALA C 91 -13.33 -9.69 5.19
N PRO C 92 -14.62 -9.60 4.96
CA PRO C 92 -15.46 -10.82 4.91
C PRO C 92 -15.42 -11.47 3.51
N VAL C 93 -16.29 -11.07 2.61
CA VAL C 93 -16.30 -11.68 1.24
C VAL C 93 -15.85 -10.68 0.18
N GLU C 94 -15.59 -9.45 0.57
CA GLU C 94 -15.12 -8.46 -0.43
C GLU C 94 -13.90 -9.02 -1.16
N LEU C 95 -13.19 -9.92 -0.52
CA LEU C 95 -11.98 -10.53 -1.16
C LEU C 95 -12.42 -11.68 -2.04
N ARG C 96 -13.08 -12.66 -1.49
CA ARG C 96 -13.53 -13.80 -2.34
C ARG C 96 -14.19 -13.25 -3.58
N GLN C 97 -14.62 -12.03 -3.54
CA GLN C 97 -15.23 -11.45 -4.75
C GLN C 97 -14.12 -11.06 -5.75
N TRP C 98 -13.11 -10.31 -5.32
CA TRP C 98 -12.02 -9.95 -6.26
C TRP C 98 -10.92 -11.02 -6.21
N LEU C 99 -10.57 -11.47 -5.02
CA LEU C 99 -9.52 -12.51 -4.92
C LEU C 99 -9.92 -13.69 -5.82
N GLU C 100 -11.21 -13.88 -6.00
CA GLU C 100 -11.67 -14.96 -6.91
C GLU C 100 -11.58 -14.47 -8.36
N GLU C 101 -11.70 -13.18 -8.58
CA GLU C 101 -11.59 -12.65 -9.97
C GLU C 101 -10.29 -13.15 -10.59
N VAL C 102 -9.31 -13.42 -9.77
CA VAL C 102 -8.01 -13.95 -10.27
C VAL C 102 -7.76 -15.34 -9.68
N LEU C 103 -8.82 -16.05 -9.36
CA LEU C 103 -8.67 -17.41 -8.77
C LEU C 103 -9.85 -18.29 -9.17
N LEU C 104 -11.05 -17.77 -9.16
CA LEU C 104 -12.24 -18.59 -9.54
C LEU C 104 -13.32 -17.73 -10.19
N LYS C 105 -13.57 -16.55 -9.67
CA LYS C 105 -14.64 -15.67 -10.25
C LYS C 105 -14.38 -15.48 -11.76
N SER C 106 -13.17 -15.14 -12.13
CA SER C 106 -12.86 -14.94 -13.57
C SER C 106 -13.83 -13.93 -14.19
N ASP C 107 -13.64 -12.67 -13.94
CA ASP C 107 -14.56 -11.63 -14.52
C ASP C 107 -13.76 -10.61 -15.33
N GLN D 3 26.71 -5.55 -1.40
CA GLN D 3 26.57 -7.03 -1.51
C GLN D 3 26.02 -7.40 -2.90
N SER D 4 26.90 -7.71 -3.82
CA SER D 4 26.43 -8.09 -5.19
C SER D 4 27.53 -8.86 -5.92
N PRO D 5 27.68 -10.12 -5.57
CA PRO D 5 28.70 -10.97 -6.21
C PRO D 5 28.28 -11.34 -7.63
N TYR D 6 27.09 -11.82 -7.80
CA TYR D 6 26.62 -12.19 -9.17
C TYR D 6 25.09 -12.41 -9.17
N SER D 7 24.49 -12.44 -10.32
CA SER D 7 23.01 -12.65 -10.39
C SER D 7 22.59 -13.03 -11.82
N ALA D 8 22.55 -14.30 -12.12
CA ALA D 8 22.15 -14.73 -13.49
C ALA D 8 21.05 -15.79 -13.41
N ALA D 9 20.60 -16.27 -14.53
CA ALA D 9 19.51 -17.31 -14.54
C ALA D 9 18.27 -16.80 -13.81
N MET D 10 18.23 -16.93 -12.51
CA MET D 10 17.04 -16.45 -11.74
C MET D 10 17.10 -14.94 -11.58
N ALA D 11 16.01 -14.27 -11.83
CA ALA D 11 15.99 -12.78 -11.70
C ALA D 11 14.86 -12.33 -10.78
N GLU D 12 14.45 -13.18 -9.86
CA GLU D 12 13.34 -12.81 -8.93
C GLU D 12 13.76 -11.59 -8.09
N GLN D 13 13.10 -11.39 -6.97
CA GLN D 13 13.44 -10.23 -6.08
C GLN D 13 13.09 -8.90 -6.76
N ARG D 14 13.73 -8.61 -7.87
CA ARG D 14 13.44 -7.33 -8.58
C ARG D 14 12.90 -7.61 -9.99
N HIS D 15 13.06 -6.68 -10.89
CA HIS D 15 12.57 -6.88 -12.29
C HIS D 15 11.06 -7.23 -12.29
N GLN D 16 10.73 -8.49 -12.22
CA GLN D 16 9.28 -8.88 -12.21
C GLN D 16 8.84 -9.28 -10.81
N GLU D 17 9.05 -8.42 -9.84
CA GLU D 17 8.65 -8.75 -8.44
C GLU D 17 7.61 -7.74 -7.92
N TRP D 18 7.59 -6.55 -8.47
CA TRP D 18 6.60 -5.54 -7.99
C TRP D 18 5.54 -5.26 -9.06
N LEU D 19 5.91 -5.25 -10.31
CA LEU D 19 4.90 -4.98 -11.38
C LEU D 19 3.86 -6.09 -11.35
N ARG D 20 4.27 -7.31 -11.16
CA ARG D 20 3.29 -8.43 -11.08
C ARG D 20 2.38 -8.19 -9.86
N PHE D 21 2.82 -7.33 -8.96
CA PHE D 21 2.00 -7.02 -7.76
C PHE D 21 0.96 -5.95 -8.11
N VAL D 22 1.36 -4.97 -8.86
CA VAL D 22 0.44 -3.87 -9.24
C VAL D 22 -0.73 -4.38 -10.10
N ASP D 23 -0.42 -5.00 -11.21
CA ASP D 23 -1.53 -5.51 -12.08
C ASP D 23 -2.46 -6.43 -11.29
N LEU D 24 -2.00 -6.95 -10.19
CA LEU D 24 -2.87 -7.83 -9.36
C LEU D 24 -3.27 -7.08 -8.08
N LEU D 25 -3.03 -5.80 -8.05
CA LEU D 25 -3.37 -5.01 -6.84
C LEU D 25 -4.34 -3.90 -7.23
N LYS D 26 -4.01 -3.18 -8.25
CA LYS D 26 -4.89 -2.08 -8.72
C LYS D 26 -6.02 -2.64 -9.55
N ASN D 27 -5.78 -3.76 -10.21
CA ASN D 27 -6.86 -4.35 -11.04
C ASN D 27 -8.10 -4.44 -10.17
N ALA D 28 -7.89 -4.31 -8.89
CA ALA D 28 -9.02 -4.32 -7.93
C ALA D 28 -9.28 -2.88 -7.46
N TYR D 29 -8.24 -2.08 -7.42
CA TYR D 29 -8.36 -0.64 -7.00
C TYR D 29 -9.60 0.03 -7.60
N GLN D 30 -9.86 -0.21 -8.85
CA GLN D 30 -11.03 0.43 -9.55
C GLN D 30 -12.30 0.41 -8.69
N ASN D 31 -12.44 -0.55 -7.82
CA ASN D 31 -13.66 -0.61 -6.97
C ASN D 31 -13.30 -1.10 -5.57
N ASP D 32 -14.18 -1.83 -4.94
CA ASP D 32 -13.88 -2.37 -3.59
C ASP D 32 -13.10 -3.68 -3.74
N LEU D 33 -12.51 -3.89 -4.87
CA LEU D 33 -11.73 -5.13 -5.10
C LEU D 33 -10.33 -4.98 -4.47
N HIS D 34 -9.99 -3.79 -4.06
CA HIS D 34 -8.65 -3.57 -3.41
C HIS D 34 -8.80 -3.50 -1.89
N LEU D 35 -10.00 -3.30 -1.42
CA LEU D 35 -10.23 -3.26 0.05
C LEU D 35 -10.01 -4.65 0.65
N PRO D 36 -10.18 -5.68 -0.16
CA PRO D 36 -9.93 -7.04 0.33
C PRO D 36 -8.47 -7.35 0.07
N LEU D 37 -7.69 -6.33 0.05
CA LEU D 37 -6.24 -6.47 -0.18
C LEU D 37 -5.54 -5.66 0.90
N LEU D 38 -6.14 -4.55 1.28
CA LEU D 38 -5.56 -3.76 2.39
C LEU D 38 -6.25 -4.27 3.65
N ASN D 39 -6.99 -5.33 3.51
CA ASN D 39 -7.68 -5.91 4.67
C ASN D 39 -7.24 -7.38 4.78
N LEU D 40 -7.38 -8.13 3.73
CA LEU D 40 -6.97 -9.56 3.77
C LEU D 40 -5.55 -9.72 4.33
N MET D 41 -4.80 -8.67 4.45
CA MET D 41 -3.43 -8.85 4.94
C MET D 41 -3.33 -8.58 6.48
N LEU D 42 -4.35 -8.95 7.24
CA LEU D 42 -4.36 -8.77 8.75
C LEU D 42 -3.93 -7.36 9.23
N THR D 43 -2.66 -6.98 9.12
CA THR D 43 -2.26 -5.60 9.57
C THR D 43 -2.22 -4.61 8.38
N PRO D 44 -3.12 -4.79 7.44
CA PRO D 44 -3.19 -3.88 6.29
C PRO D 44 -4.22 -2.80 6.56
N ASP D 45 -4.81 -2.81 7.74
CA ASP D 45 -5.77 -1.75 8.10
C ASP D 45 -4.98 -0.47 8.33
N GLU D 46 -4.02 -0.24 7.47
CA GLU D 46 -3.15 0.94 7.60
C GLU D 46 -3.91 2.22 7.28
N ARG D 47 -5.22 2.17 7.13
CA ARG D 47 -5.99 3.42 6.85
C ARG D 47 -5.49 4.52 7.80
N GLU D 48 -4.98 4.13 8.94
CA GLU D 48 -4.41 5.12 9.89
C GLU D 48 -2.98 5.41 9.45
N ALA D 49 -2.19 4.38 9.22
CA ALA D 49 -0.81 4.61 8.73
C ALA D 49 -0.89 5.11 7.29
N LEU D 50 -1.44 4.32 6.39
CA LEU D 50 -1.58 4.78 4.97
C LEU D 50 -2.40 6.08 4.92
N GLY D 51 -3.36 6.23 5.80
CA GLY D 51 -4.19 7.48 5.79
C GLY D 51 -3.26 8.68 5.88
N THR D 52 -2.56 8.81 6.97
CA THR D 52 -1.63 9.95 7.12
C THR D 52 -0.45 9.75 6.17
N ARG D 53 -0.04 8.53 5.99
CA ARG D 53 1.11 8.22 5.09
C ARG D 53 0.97 8.95 3.75
N VAL D 54 -0.23 9.27 3.36
CA VAL D 54 -0.41 10.03 2.09
C VAL D 54 -0.70 11.49 2.45
N ARG D 55 -1.18 11.73 3.64
CA ARG D 55 -1.44 13.12 4.10
C ARG D 55 -0.17 13.65 4.79
N ILE D 56 0.92 12.94 4.67
CA ILE D 56 2.17 13.38 5.33
C ILE D 56 3.13 14.00 4.32
N VAL D 57 3.01 13.62 3.08
CA VAL D 57 3.88 14.20 2.01
C VAL D 57 3.05 15.23 1.28
N GLU D 58 1.89 14.80 0.88
CA GLU D 58 0.94 15.69 0.17
C GLU D 58 0.72 16.97 1.00
N GLU D 59 0.92 16.88 2.29
CA GLU D 59 0.75 18.07 3.17
C GLU D 59 2.10 18.75 3.39
N LEU D 60 3.15 17.98 3.48
CA LEU D 60 4.50 18.57 3.71
C LEU D 60 4.88 19.49 2.55
N LEU D 61 4.50 19.14 1.35
CA LEU D 61 4.84 20.01 0.18
C LEU D 61 4.39 21.45 0.44
N ARG D 62 3.40 21.63 1.28
CA ARG D 62 2.92 23.00 1.59
C ARG D 62 2.53 23.11 3.07
N GLY D 63 1.30 22.81 3.41
CA GLY D 63 0.84 22.86 4.83
C GLY D 63 1.50 24.02 5.57
N GLU D 64 2.58 23.74 6.25
CA GLU D 64 3.31 24.80 7.01
C GLU D 64 4.54 24.20 7.70
N MET D 65 5.32 23.43 6.98
CA MET D 65 6.54 22.81 7.59
C MET D 65 6.19 22.02 8.84
N SER D 66 5.54 20.90 8.69
CA SER D 66 5.17 20.06 9.88
C SER D 66 4.45 20.89 10.94
N GLN D 67 4.15 20.30 12.08
CA GLN D 67 3.46 21.05 13.18
C GLN D 67 2.49 22.10 12.61
N ARG D 68 1.52 21.68 11.85
CA ARG D 68 0.56 22.66 11.26
C ARG D 68 -0.88 22.26 11.57
N GLU D 69 -1.16 20.98 11.69
CA GLU D 69 -2.56 20.57 12.00
C GLU D 69 -2.62 19.78 13.32
N LEU D 70 -2.05 18.60 13.38
CA LEU D 70 -2.09 17.78 14.63
C LEU D 70 -1.76 16.32 14.28
N LYS D 71 -0.85 16.15 13.36
CA LYS D 71 -0.47 14.77 12.91
C LYS D 71 -0.34 13.79 14.07
N ASN D 72 0.39 14.14 15.10
CA ASN D 72 0.55 13.18 16.23
C ASN D 72 -0.79 12.85 16.85
N GLU D 73 -1.44 13.83 17.40
CA GLU D 73 -2.77 13.60 18.05
C GLU D 73 -3.78 13.07 17.04
N LEU D 74 -4.18 13.89 16.10
CA LEU D 74 -5.17 13.42 15.08
C LEU D 74 -4.49 12.49 14.08
N GLY D 75 -3.97 11.38 14.54
CA GLY D 75 -3.29 10.44 13.62
C GLY D 75 -1.97 9.97 14.23
N ALA D 76 -0.86 10.39 13.65
CA ALA D 76 0.48 9.99 14.16
C ALA D 76 1.48 10.26 13.07
N GLY D 77 1.44 11.44 12.58
CA GLY D 77 2.35 11.82 11.48
C GLY D 77 3.48 12.72 11.97
N ILE D 78 3.43 13.23 13.17
CA ILE D 78 4.57 14.10 13.65
C ILE D 78 5.90 13.42 13.30
N ALA D 79 5.89 12.13 13.28
CA ALA D 79 7.11 11.35 12.94
C ALA D 79 6.95 10.77 11.53
N THR D 80 5.90 11.14 10.86
CA THR D 80 5.63 10.63 9.49
C THR D 80 5.18 11.81 8.58
N ILE D 81 5.00 12.98 9.14
CA ILE D 81 4.63 14.19 8.34
C ILE D 81 5.85 15.11 8.33
N THR D 82 6.50 15.18 9.43
CA THR D 82 7.72 15.99 9.56
C THR D 82 8.88 15.12 9.16
N ARG D 83 8.80 13.86 9.48
CA ARG D 83 9.89 12.95 9.06
C ARG D 83 10.06 13.08 7.54
N GLY D 84 8.98 13.39 6.85
CA GLY D 84 9.04 13.57 5.36
C GLY D 84 10.22 14.48 5.01
N SER D 85 10.63 15.33 5.91
CA SER D 85 11.79 16.21 5.61
C SER D 85 12.95 15.33 5.12
N ASN D 86 12.96 14.10 5.56
CA ASN D 86 14.02 13.14 5.12
C ASN D 86 13.50 12.25 3.99
N SER D 87 12.40 12.62 3.38
CA SER D 87 11.84 11.79 2.27
C SER D 87 12.88 11.64 1.16
N LEU D 88 13.87 12.50 1.13
CA LEU D 88 14.93 12.40 0.07
C LEU D 88 15.43 10.96 -0.03
N LYS D 89 15.44 10.25 1.08
CA LYS D 89 15.90 8.83 1.04
C LYS D 89 15.21 8.06 -0.10
N ALA D 90 13.94 8.30 -0.29
CA ALA D 90 13.18 7.63 -1.39
C ALA D 90 12.50 8.71 -2.23
N ALA D 91 13.18 9.81 -2.40
CA ALA D 91 12.63 10.99 -3.16
C ALA D 91 11.63 10.60 -4.25
N PRO D 92 10.66 11.46 -4.42
CA PRO D 92 9.67 11.26 -5.48
C PRO D 92 10.22 11.89 -6.76
N VAL D 93 11.15 12.83 -6.63
CA VAL D 93 11.75 13.51 -7.82
C VAL D 93 11.93 12.56 -9.00
N GLU D 94 12.27 11.34 -8.74
CA GLU D 94 12.43 10.37 -9.86
C GLU D 94 11.16 10.42 -10.72
N LEU D 95 10.05 10.56 -10.04
CA LEU D 95 8.73 10.65 -10.74
C LEU D 95 7.90 11.75 -10.08
N ARG D 96 8.50 12.56 -9.22
CA ARG D 96 7.71 13.67 -8.61
C ARG D 96 6.87 14.31 -9.71
N GLN D 97 7.41 14.30 -10.90
CA GLN D 97 6.67 14.87 -12.07
C GLN D 97 5.25 14.29 -12.12
N TRP D 98 5.08 12.99 -11.94
CA TRP D 98 3.71 12.44 -11.96
C TRP D 98 2.98 12.86 -10.68
N LEU D 99 3.59 12.68 -9.54
CA LEU D 99 2.94 13.10 -8.27
C LEU D 99 2.51 14.56 -8.40
N GLU D 100 3.29 15.31 -9.13
CA GLU D 100 2.94 16.74 -9.35
C GLU D 100 1.72 16.80 -10.25
N GLU D 101 1.59 15.85 -11.15
CA GLU D 101 0.40 15.82 -12.05
C GLU D 101 -0.87 15.72 -11.21
N VAL D 102 -0.94 14.73 -10.37
CA VAL D 102 -2.13 14.56 -9.50
C VAL D 102 -2.23 15.70 -8.47
N LEU D 103 -1.22 16.53 -8.37
CA LEU D 103 -1.28 17.65 -7.39
C LEU D 103 -1.38 18.98 -8.15
N LEU D 104 -0.36 19.32 -8.89
CA LEU D 104 -0.39 20.59 -9.67
C LEU D 104 0.57 20.49 -10.85
N LYS D 105 1.75 19.98 -10.63
CA LYS D 105 2.76 19.84 -11.74
C LYS D 105 2.88 21.15 -12.55
N SER D 106 2.39 22.26 -12.03
CA SER D 106 2.48 23.54 -12.80
C SER D 106 1.82 23.36 -14.17
N ASP D 107 0.62 23.83 -14.33
CA ASP D 107 -0.09 23.68 -15.64
C ASP D 107 -0.20 22.21 -16.01
N TRP E . 1.09 -8.15 5.34
CA TRP E . 0.05 -7.35 6.06
C TRP E . 0.23 -5.85 5.79
O TRP E . 1.14 -5.27 6.36
CB TRP E . 0.31 -7.62 7.52
CG TRP E . -0.11 -8.98 7.89
CD1 TRP E . 0.00 -9.45 9.13
CD2 TRP E . -0.66 -10.05 7.09
NE1 TRP E . -0.43 -10.76 9.16
CE2 TRP E . -0.85 -11.16 7.91
CE3 TRP E . -1.02 -10.15 5.74
CZ2 TRP E . -1.37 -12.35 7.42
CZ3 TRP E . -1.54 -11.34 5.25
CH2 TRP E . -1.73 -12.44 6.08
OXT TRP E . -0.54 -5.31 5.02
H2 TRP E . 1.30 -9.02 5.88
H TRP E . 1.96 -7.59 5.25
HA TRP E . -0.93 -7.66 5.79
HB2 TRP E . 1.34 -7.54 7.68
HB3 TRP E . -0.22 -6.90 8.11
HD1 TRP E . 0.36 -8.89 9.97
HE1 TRP E . -0.42 -11.34 9.93
HE3 TRP E . -0.87 -9.32 5.09
HZ2 TRP E . -1.49 -13.20 8.06
HZ3 TRP E . -1.82 -11.40 4.21
HH2 TRP E . -2.12 -13.35 5.68
N TRP F . 3.86 7.74 4.59
CA TRP F . 4.88 6.77 4.10
C TRP F . 4.23 5.66 3.28
O TRP F . 3.19 5.91 2.70
CB TRP F . 5.54 6.19 5.35
CG TRP F . 6.17 7.27 6.15
CD1 TRP F . 6.63 7.09 7.40
CD2 TRP F . 6.44 8.65 5.80
NE1 TRP F . 7.10 8.30 7.88
CE2 TRP F . 7.01 9.29 6.92
CE3 TRP F . 6.22 9.40 4.65
CZ2 TRP F . 7.35 10.64 6.88
CZ3 TRP F . 6.56 10.73 4.60
CH2 TRP F . 7.13 11.36 5.72
OXT TRP F . 4.78 4.57 3.25
H2 TRP F . 3.81 7.72 5.61
H TRP F . 2.94 7.47 4.18
HA TRP F . 5.60 7.29 3.52
HB2 TRP F . 4.81 5.71 5.95
HB3 TRP F . 6.30 5.48 5.06
HD1 TRP F . 6.61 6.17 7.92
HE1 TRP F . 7.48 8.45 8.78
HE3 TRP F . 5.79 8.93 3.79
HZ2 TRP F . 7.78 11.12 7.76
HZ3 TRP F . 6.41 11.28 3.70
HH2 TRP F . 7.37 12.41 5.68
N GLN C 3 -24.11 19.63 1.92
CA GLN C 3 -23.55 18.59 1.01
C GLN C 3 -22.31 19.15 0.29
N SER C 4 -21.20 18.46 0.41
CA SER C 4 -19.95 18.94 -0.27
C SER C 4 -18.82 17.92 -0.07
N PRO C 5 -18.48 17.66 1.17
CA PRO C 5 -17.40 16.69 1.47
C PRO C 5 -17.85 15.26 1.16
N TYR C 6 -18.57 14.63 2.06
CA TYR C 6 -19.03 13.24 1.80
C TYR C 6 -20.19 12.89 2.75
N SER C 7 -21.33 12.56 2.21
CA SER C 7 -22.50 12.21 3.07
C SER C 7 -22.73 13.29 4.15
N ALA C 8 -23.57 13.01 5.10
CA ALA C 8 -23.84 14.00 6.18
C ALA C 8 -24.59 13.35 7.34
N ALA C 9 -25.55 12.51 7.03
CA ALA C 9 -26.34 11.84 8.12
C ALA C 9 -25.51 10.69 8.72
N MET C 10 -25.34 9.62 7.99
CA MET C 10 -24.55 8.47 8.52
C MET C 10 -23.70 7.85 7.40
N ALA C 11 -22.40 7.90 7.55
CA ALA C 11 -21.51 7.32 6.50
C ALA C 11 -20.13 7.01 7.09
N GLU C 12 -20.07 6.76 8.37
CA GLU C 12 -18.75 6.45 9.01
C GLU C 12 -17.72 7.54 8.67
N GLN C 13 -16.50 7.37 9.12
CA GLN C 13 -15.45 8.38 8.82
C GLN C 13 -14.35 7.76 7.96
N ARG C 14 -13.23 8.42 7.84
CA ARG C 14 -12.11 7.87 7.02
C ARG C 14 -12.61 7.52 5.60
N HIS C 15 -12.11 6.47 5.01
CA HIS C 15 -12.56 6.07 3.64
C HIS C 15 -12.09 7.10 2.60
N GLN C 16 -12.57 8.31 2.70
CA GLN C 16 -12.15 9.37 1.72
C GLN C 16 -10.63 9.43 1.61
N GLU C 17 -9.93 9.02 2.64
CA GLU C 17 -8.44 9.04 2.60
C GLU C 17 -7.92 7.85 1.79
N TRP C 18 -8.61 6.74 1.86
CA TRP C 18 -8.15 5.53 1.11
C TRP C 18 -8.43 5.67 -0.39
N LEU C 19 -9.62 6.06 -0.75
CA LEU C 19 -9.94 6.20 -2.21
C LEU C 19 -9.08 7.29 -2.84
N ARG C 20 -8.78 8.34 -2.11
CA ARG C 20 -7.93 9.41 -2.68
C ARG C 20 -6.56 8.82 -3.05
N PHE C 21 -6.07 7.95 -2.21
CA PHE C 21 -4.74 7.30 -2.48
C PHE C 21 -4.95 6.01 -3.30
N VAL C 22 -6.17 5.71 -3.68
CA VAL C 22 -6.41 4.51 -4.50
C VAL C 22 -6.31 4.90 -5.95
N ASP C 23 -6.85 6.06 -6.27
CA ASP C 23 -6.79 6.54 -7.66
C ASP C 23 -5.41 7.12 -7.97
N LEU C 24 -4.78 7.73 -7.01
CA LEU C 24 -3.43 8.29 -7.25
C LEU C 24 -2.44 7.16 -7.49
N LEU C 25 -2.61 6.06 -6.80
CA LEU C 25 -1.69 4.91 -6.99
C LEU C 25 -1.85 4.34 -8.41
N LYS C 26 -2.90 3.60 -8.64
CA LYS C 26 -3.17 3.01 -10.01
C LYS C 26 -2.63 3.90 -11.15
N ASN C 27 -2.75 5.19 -11.01
CA ASN C 27 -2.27 6.13 -12.07
C ASN C 27 -0.79 5.94 -12.25
N ALA C 28 -0.07 5.97 -11.18
CA ALA C 28 1.41 5.78 -11.26
C ALA C 28 1.72 4.29 -11.07
N TYR C 29 0.85 3.58 -10.42
CA TYR C 29 1.07 2.12 -10.19
C TYR C 29 1.48 1.48 -11.52
N GLN C 30 1.00 2.04 -12.61
CA GLN C 30 1.40 1.53 -13.96
C GLN C 30 2.78 2.10 -14.26
N ASN C 31 3.01 3.32 -13.83
CA ASN C 31 4.34 3.96 -14.03
C ASN C 31 5.24 3.63 -12.84
N ASP C 32 5.09 4.32 -11.73
CA ASP C 32 5.93 4.01 -10.53
C ASP C 32 5.74 5.03 -9.39
N LEU C 33 4.70 4.90 -8.59
CA LEU C 33 4.54 5.86 -7.43
C LEU C 33 4.20 5.13 -6.14
N HIS C 34 3.71 3.92 -6.20
CA HIS C 34 3.41 3.22 -4.94
C HIS C 34 4.71 3.09 -4.16
N LEU C 35 5.82 3.15 -4.83
CA LEU C 35 7.13 3.04 -4.12
C LEU C 35 7.52 4.36 -3.47
N PRO C 36 7.46 5.44 -4.20
CA PRO C 36 7.83 6.76 -3.61
C PRO C 36 6.75 7.18 -2.63
N LEU C 37 5.61 6.59 -2.75
CA LEU C 37 4.48 6.92 -1.87
C LEU C 37 4.40 5.90 -0.76
N LEU C 38 4.67 4.66 -1.03
CA LEU C 38 4.70 3.70 0.11
C LEU C 38 6.06 3.91 0.78
N ASN C 39 6.82 4.84 0.25
CA ASN C 39 8.16 5.14 0.80
C ASN C 39 8.08 6.18 1.92
N LEU C 40 8.05 7.45 1.58
CA LEU C 40 8.03 8.50 2.66
C LEU C 40 6.64 8.83 3.16
N MET C 41 5.68 7.97 2.98
CA MET C 41 4.33 8.35 3.47
C MET C 41 3.98 7.68 4.82
N LEU C 42 4.32 6.43 5.02
CA LEU C 42 4.00 5.79 6.35
C LEU C 42 4.73 4.47 6.52
N THR C 43 5.02 3.81 5.45
CA THR C 43 5.75 2.54 5.60
C THR C 43 6.44 2.16 4.31
N PRO C 44 7.70 2.43 4.31
CA PRO C 44 8.57 2.16 3.16
C PRO C 44 9.21 0.76 3.33
N ASP C 45 9.79 0.47 4.47
CA ASP C 45 10.33 -0.90 4.68
C ASP C 45 9.19 -1.90 4.40
N GLU C 46 7.96 -1.45 4.55
CA GLU C 46 6.81 -2.34 4.26
C GLU C 46 6.86 -2.72 2.79
N ARG C 47 7.66 -2.04 1.99
CA ARG C 47 7.76 -2.43 0.56
C ARG C 47 8.02 -3.93 0.56
N GLU C 48 8.78 -4.39 1.51
CA GLU C 48 9.00 -5.87 1.59
C GLU C 48 7.78 -6.47 2.27
N ALA C 49 7.19 -5.76 3.20
CA ALA C 49 5.97 -6.28 3.86
C ALA C 49 4.93 -6.63 2.80
N LEU C 50 4.81 -5.81 1.77
CA LEU C 50 3.84 -6.14 0.68
C LEU C 50 4.35 -7.38 -0.03
N GLY C 51 5.63 -7.41 -0.30
CA GLY C 51 6.22 -8.59 -0.98
C GLY C 51 6.01 -9.82 -0.10
N THR C 52 5.83 -9.63 1.17
CA THR C 52 5.61 -10.82 2.05
C THR C 52 4.13 -11.00 2.37
N ARG C 53 3.37 -9.94 2.33
CA ARG C 53 1.93 -10.08 2.65
C ARG C 53 1.18 -10.68 1.43
N VAL C 54 1.47 -10.23 0.25
CA VAL C 54 0.76 -10.82 -0.90
C VAL C 54 1.44 -12.13 -1.27
N ARG C 55 2.74 -12.14 -1.36
CA ARG C 55 3.46 -13.41 -1.72
C ARG C 55 3.02 -14.55 -0.81
N ILE C 56 2.51 -14.26 0.37
CA ILE C 56 2.03 -15.37 1.25
C ILE C 56 0.65 -15.82 0.79
N VAL C 57 -0.10 -14.95 0.18
CA VAL C 57 -1.47 -15.35 -0.28
C VAL C 57 -1.46 -15.62 -1.76
N GLU C 58 -0.88 -14.74 -2.52
CA GLU C 58 -0.82 -14.96 -3.97
C GLU C 58 -0.09 -16.27 -4.27
N GLU C 59 0.69 -16.77 -3.33
CA GLU C 59 1.38 -18.08 -3.56
C GLU C 59 0.56 -19.20 -2.92
N LEU C 60 -0.02 -18.95 -1.78
CA LEU C 60 -0.84 -20.00 -1.11
C LEU C 60 -1.90 -20.53 -2.08
N LEU C 61 -2.44 -19.68 -2.90
CA LEU C 61 -3.47 -20.12 -3.88
C LEU C 61 -2.79 -20.64 -5.15
N ARG C 62 -1.85 -19.92 -5.68
CA ARG C 62 -1.15 -20.39 -6.91
C ARG C 62 -0.24 -21.57 -6.58
N GLY C 63 0.64 -21.40 -5.63
CA GLY C 63 1.56 -22.51 -5.25
C GLY C 63 1.34 -22.85 -3.76
N GLU C 64 2.25 -22.46 -2.92
CA GLU C 64 2.12 -22.74 -1.47
C GLU C 64 3.32 -22.13 -0.78
N MET C 65 3.47 -20.83 -0.85
CA MET C 65 4.63 -20.16 -0.20
C MET C 65 4.50 -20.27 1.33
N SER C 66 3.90 -21.33 1.79
CA SER C 66 3.73 -21.49 3.27
C SER C 66 3.67 -22.97 3.67
N GLN C 67 3.73 -23.26 4.96
CA GLN C 67 3.66 -24.68 5.47
C GLN C 67 5.05 -25.31 5.61
N ARG C 68 5.88 -24.74 6.44
CA ARG C 68 7.26 -25.29 6.66
C ARG C 68 7.97 -25.54 5.32
N GLU C 69 7.58 -24.81 4.31
CA GLU C 69 8.22 -25.01 2.98
C GLU C 69 8.50 -23.65 2.32
N LEU C 70 7.84 -22.60 2.75
CA LEU C 70 8.09 -21.27 2.13
C LEU C 70 7.66 -20.12 3.06
N LYS C 71 6.74 -20.35 3.97
CA LYS C 71 6.30 -19.27 4.89
C LYS C 71 7.52 -18.48 5.40
N ASN C 72 8.67 -19.12 5.45
CA ASN C 72 9.88 -18.41 5.95
C ASN C 72 11.11 -18.72 5.08
N GLU C 73 10.92 -19.31 3.93
CA GLU C 73 12.11 -19.61 3.07
C GLU C 73 12.95 -18.34 2.90
N LEU C 74 12.31 -17.21 3.00
CA LEU C 74 13.03 -15.91 2.86
C LEU C 74 12.05 -14.74 3.02
N GLY C 75 11.32 -14.70 4.10
CA GLY C 75 10.34 -13.58 4.27
C GLY C 75 9.86 -13.47 5.72
N ALA C 76 8.74 -14.07 6.03
CA ALA C 76 8.13 -14.00 7.40
C ALA C 76 6.68 -14.25 7.21
N GLY C 77 6.40 -15.31 6.57
CA GLY C 77 5.02 -15.67 6.29
C GLY C 77 4.49 -16.54 7.41
N ILE C 78 5.34 -17.24 8.11
CA ILE C 78 4.84 -18.16 9.18
C ILE C 78 3.79 -17.49 10.02
N ALA C 79 4.19 -16.56 10.82
CA ALA C 79 3.19 -15.80 11.63
C ALA C 79 2.26 -15.10 10.66
N THR C 80 2.74 -14.90 9.47
CA THR C 80 1.92 -14.25 8.41
C THR C 80 1.08 -15.33 7.71
N ILE C 81 1.71 -16.18 6.91
CA ILE C 81 0.95 -17.27 6.23
C ILE C 81 -0.18 -17.75 7.17
N THR C 82 0.11 -17.86 8.44
CA THR C 82 -0.96 -18.24 9.40
C THR C 82 -1.86 -17.03 9.66
N ARG C 83 -1.29 -15.88 9.93
CA ARG C 83 -2.15 -14.69 10.14
C ARG C 83 -2.98 -14.45 8.88
N GLY C 84 -2.49 -14.87 7.72
CA GLY C 84 -3.28 -14.70 6.47
C GLY C 84 -4.67 -15.28 6.74
N SER C 85 -4.74 -16.42 7.38
CA SER C 85 -6.08 -16.96 7.75
C SER C 85 -6.77 -15.88 8.60
N ASN C 86 -6.06 -15.40 9.59
CA ASN C 86 -6.63 -14.31 10.43
C ASN C 86 -7.09 -13.20 9.50
N SER C 87 -6.42 -13.04 8.38
CA SER C 87 -6.86 -11.98 7.42
C SER C 87 -8.33 -12.18 7.13
N LEU C 88 -8.83 -13.41 7.29
CA LEU C 88 -10.28 -13.61 7.12
C LEU C 88 -10.97 -12.55 7.97
N LYS C 89 -10.27 -12.11 8.99
CA LYS C 89 -10.81 -11.02 9.84
C LYS C 89 -10.91 -9.75 9.00
N ALA C 90 -9.88 -9.43 8.26
CA ALA C 90 -9.98 -8.21 7.40
C ALA C 90 -11.06 -8.50 6.35
N ALA C 91 -11.36 -9.76 6.14
CA ALA C 91 -12.42 -10.11 5.17
C ALA C 91 -13.04 -11.49 5.45
N PRO C 92 -14.34 -11.53 5.60
CA PRO C 92 -15.02 -12.82 5.85
C PRO C 92 -14.96 -13.70 4.59
N VAL C 93 -15.08 -13.09 3.43
CA VAL C 93 -15.02 -13.87 2.15
C VAL C 93 -15.20 -12.93 0.96
N GLU C 94 -15.90 -11.83 1.14
CA GLU C 94 -16.11 -10.88 0.01
C GLU C 94 -14.78 -10.48 -0.58
N LEU C 95 -13.97 -9.82 0.20
CA LEU C 95 -12.66 -9.40 -0.32
C LEU C 95 -11.85 -10.63 -0.73
N ARG C 96 -11.87 -11.67 0.06
CA ARG C 96 -11.15 -12.90 -0.35
C ARG C 96 -11.60 -13.27 -1.76
N GLN C 97 -12.81 -12.89 -2.10
CA GLN C 97 -13.33 -13.17 -3.47
C GLN C 97 -12.45 -12.52 -4.54
N TRP C 98 -12.06 -11.26 -4.42
CA TRP C 98 -11.20 -10.68 -5.50
C TRP C 98 -9.92 -11.51 -5.60
N LEU C 99 -9.33 -11.86 -4.48
CA LEU C 99 -8.08 -12.68 -4.54
C LEU C 99 -8.33 -13.88 -5.45
N GLU C 100 -9.52 -14.41 -5.38
CA GLU C 100 -9.87 -15.56 -6.26
C GLU C 100 -10.17 -15.05 -7.67
N GLU C 101 -10.59 -13.82 -7.80
CA GLU C 101 -10.88 -13.26 -9.16
C GLU C 101 -9.66 -13.47 -10.07
N VAL C 102 -8.49 -13.33 -9.51
CA VAL C 102 -7.25 -13.54 -10.31
C VAL C 102 -6.64 -14.90 -9.97
N LEU C 103 -7.42 -15.79 -9.40
CA LEU C 103 -6.88 -17.14 -9.03
C LEU C 103 -7.91 -18.24 -9.34
N LEU C 104 -9.09 -18.13 -8.80
CA LEU C 104 -10.13 -19.17 -9.05
C LEU C 104 -11.50 -18.55 -9.35
N LYS C 105 -11.89 -17.52 -8.63
CA LYS C 105 -13.22 -16.89 -8.89
C LYS C 105 -13.38 -16.55 -10.38
N SER C 106 -12.36 -15.99 -10.97
CA SER C 106 -12.44 -15.63 -12.43
C SER C 106 -13.63 -14.72 -12.69
N ASP C 107 -14.80 -15.27 -12.94
CA ASP C 107 -15.99 -14.42 -13.20
C ASP C 107 -15.70 -13.41 -14.31
N GLN D 3 27.77 -16.19 -28.27
CA GLN D 3 28.07 -17.59 -27.87
C GLN D 3 28.00 -17.73 -26.35
N SER D 4 28.71 -16.89 -25.63
CA SER D 4 28.68 -16.97 -24.14
C SER D 4 27.26 -16.74 -23.62
N PRO D 5 26.67 -17.76 -23.07
CA PRO D 5 25.29 -17.64 -22.53
C PRO D 5 25.29 -16.81 -21.24
N TYR D 6 25.21 -15.51 -21.35
CA TYR D 6 25.20 -14.66 -20.14
C TYR D 6 24.61 -13.28 -20.46
N SER D 7 23.44 -12.99 -19.96
CA SER D 7 22.81 -11.66 -20.24
C SER D 7 23.43 -10.59 -19.34
N ALA D 8 22.78 -9.45 -19.23
CA ALA D 8 23.32 -8.37 -18.36
C ALA D 8 22.63 -8.38 -17.00
N ALA D 9 21.37 -8.05 -16.97
CA ALA D 9 20.62 -8.05 -15.66
C ALA D 9 21.38 -7.21 -14.63
N MET D 10 22.09 -6.20 -15.06
CA MET D 10 22.84 -5.34 -14.10
C MET D 10 22.46 -3.86 -14.30
N ALA D 11 22.46 -3.41 -15.53
CA ALA D 11 22.11 -1.98 -15.79
C ALA D 11 20.59 -1.84 -15.99
N GLU D 12 20.05 -2.53 -16.96
CA GLU D 12 18.58 -2.44 -17.21
C GLU D 12 17.86 -3.57 -16.47
N GLN D 13 16.68 -3.91 -16.91
CA GLN D 13 15.90 -5.00 -16.24
C GLN D 13 15.79 -4.73 -14.73
N ARG D 14 15.59 -5.76 -13.95
CA ARG D 14 15.47 -5.57 -12.47
C ARG D 14 14.42 -4.50 -12.15
N HIS D 15 13.22 -4.66 -12.65
CA HIS D 15 12.14 -3.67 -12.39
C HIS D 15 10.77 -4.33 -12.57
N GLN D 16 10.57 -5.48 -11.99
CA GLN D 16 9.27 -6.18 -12.12
C GLN D 16 8.80 -6.69 -10.75
N GLU D 17 9.71 -7.02 -9.89
CA GLU D 17 9.33 -7.55 -8.53
C GLU D 17 8.16 -6.76 -7.93
N TRP D 18 8.02 -5.51 -8.28
CA TRP D 18 6.89 -4.71 -7.70
C TRP D 18 5.82 -4.44 -8.76
N LEU D 19 6.20 -4.33 -10.01
CA LEU D 19 5.19 -4.06 -11.07
C LEU D 19 4.27 -5.26 -11.20
N ARG D 20 4.80 -6.46 -11.15
CA ARG D 20 3.91 -7.65 -11.23
C ARG D 20 3.00 -7.65 -10.00
N PHE D 21 3.34 -6.87 -9.01
CA PHE D 21 2.51 -6.77 -7.77
C PHE D 21 1.38 -5.77 -8.01
N VAL D 22 1.67 -4.68 -8.67
CA VAL D 22 0.66 -3.63 -8.94
C VAL D 22 -0.43 -4.11 -9.89
N ASP D 23 -0.07 -4.76 -10.97
CA ASP D 23 -1.13 -5.23 -11.92
C ASP D 23 -2.18 -6.06 -11.17
N LEU D 24 -1.84 -6.55 -10.02
CA LEU D 24 -2.82 -7.34 -9.21
C LEU D 24 -3.19 -6.56 -7.96
N LEU D 25 -2.84 -5.29 -7.93
CA LEU D 25 -3.16 -4.44 -6.74
C LEU D 25 -4.12 -3.34 -7.15
N LYS D 26 -3.87 -2.74 -8.28
CA LYS D 26 -4.75 -1.64 -8.75
C LYS D 26 -5.86 -2.22 -9.64
N ASN D 27 -5.56 -3.28 -10.35
CA ASN D 27 -6.60 -3.90 -11.21
C ASN D 27 -7.82 -4.12 -10.34
N ALA D 28 -7.59 -4.11 -9.06
CA ALA D 28 -8.68 -4.27 -8.08
C ALA D 28 -9.08 -2.89 -7.53
N TYR D 29 -8.13 -1.99 -7.50
CA TYR D 29 -8.40 -0.60 -7.00
C TYR D 29 -9.66 -0.01 -7.66
N GLN D 30 -9.82 -0.22 -8.94
CA GLN D 30 -11.00 0.33 -9.68
C GLN D 30 -12.28 0.24 -8.85
N ASN D 31 -12.39 -0.76 -8.01
CA ASN D 31 -13.61 -0.92 -7.18
C ASN D 31 -13.19 -1.32 -5.76
N ASP D 32 -13.96 -2.16 -5.11
CA ASP D 32 -13.58 -2.61 -3.74
C ASP D 32 -12.69 -3.84 -3.85
N LEU D 33 -12.03 -4.00 -4.97
CA LEU D 33 -11.16 -5.18 -5.17
C LEU D 33 -9.76 -4.92 -4.62
N HIS D 34 -9.51 -3.76 -4.05
CA HIS D 34 -8.16 -3.49 -3.44
C HIS D 34 -8.26 -3.67 -1.92
N LEU D 35 -9.46 -3.70 -1.41
CA LEU D 35 -9.68 -3.94 0.03
C LEU D 35 -9.48 -5.45 0.33
N PRO D 36 -9.52 -6.29 -0.71
CA PRO D 36 -9.30 -7.73 -0.52
C PRO D 36 -7.80 -7.99 -0.62
N LEU D 37 -7.06 -6.98 -0.33
CA LEU D 37 -5.58 -7.07 -0.33
C LEU D 37 -5.16 -6.29 0.91
N LEU D 38 -5.79 -5.17 1.13
CA LEU D 38 -5.50 -4.40 2.36
C LEU D 38 -6.31 -5.02 3.51
N ASN D 39 -7.00 -6.08 3.22
CA ASN D 39 -7.76 -6.82 4.25
C ASN D 39 -7.66 -8.29 3.90
N LEU D 40 -6.53 -8.65 3.38
CA LEU D 40 -6.28 -10.05 2.96
C LEU D 40 -5.02 -10.53 3.68
N MET D 41 -4.18 -9.61 4.08
CA MET D 41 -2.92 -10.01 4.75
C MET D 41 -2.91 -9.66 6.26
N LEU D 42 -3.96 -9.99 6.96
CA LEU D 42 -4.05 -9.77 8.46
C LEU D 42 -3.78 -8.32 8.91
N THR D 43 -2.56 -7.83 8.82
CA THR D 43 -2.29 -6.42 9.26
C THR D 43 -2.36 -5.42 8.08
N PRO D 44 -3.19 -5.69 7.11
CA PRO D 44 -3.32 -4.76 6.00
C PRO D 44 -4.37 -3.72 6.32
N ASP D 45 -4.86 -3.74 7.55
CA ASP D 45 -5.85 -2.71 7.97
C ASP D 45 -5.08 -1.41 8.20
N GLU D 46 -4.12 -1.15 7.36
CA GLU D 46 -3.29 0.06 7.51
C GLU D 46 -4.09 1.33 7.20
N ARG D 47 -5.40 1.31 7.38
CA ARG D 47 -6.20 2.54 7.12
C ARG D 47 -5.53 3.68 7.88
N GLU D 48 -4.87 3.36 8.97
CA GLU D 48 -4.15 4.37 9.76
C GLU D 48 -2.91 4.76 8.96
N ALA D 49 -1.99 3.83 8.77
CA ALA D 49 -0.78 4.13 7.96
C ALA D 49 -1.20 4.85 6.67
N LEU D 50 -2.40 4.61 6.18
CA LEU D 50 -2.85 5.31 4.95
C LEU D 50 -3.45 6.68 5.30
N GLY D 51 -4.20 6.74 6.37
CA GLY D 51 -4.83 8.03 6.78
C GLY D 51 -3.77 9.03 7.22
N THR D 52 -2.62 8.56 7.63
CA THR D 52 -1.54 9.49 8.08
C THR D 52 -0.49 9.67 6.99
N ARG D 53 -0.32 8.69 6.15
CA ARG D 53 0.71 8.82 5.08
C ARG D 53 0.25 9.82 4.02
N VAL D 54 -0.98 9.77 3.62
CA VAL D 54 -1.47 10.79 2.65
C VAL D 54 -1.89 12.01 3.47
N ARG D 55 -1.39 12.08 4.68
CA ARG D 55 -1.71 13.18 5.59
C ARG D 55 -0.41 13.81 6.15
N ILE D 56 0.73 13.25 5.80
CA ILE D 56 2.01 13.86 6.28
C ILE D 56 2.66 14.69 5.17
N VAL D 57 2.37 14.35 3.94
CA VAL D 57 2.94 15.14 2.81
C VAL D 57 1.95 16.23 2.45
N GLU D 58 0.72 15.85 2.33
CA GLU D 58 -0.36 16.81 2.01
C GLU D 58 -0.37 17.94 3.04
N GLU D 59 0.09 17.68 4.23
CA GLU D 59 0.12 18.73 5.28
C GLU D 59 1.47 19.45 5.28
N LEU D 60 2.24 19.29 4.23
CA LEU D 60 3.57 19.97 4.15
C LEU D 60 3.72 20.67 2.81
N LEU D 61 3.23 20.07 1.75
CA LEU D 61 3.34 20.71 0.40
C LEU D 61 2.27 21.78 0.23
N ARG D 62 1.18 21.69 0.97
CA ARG D 62 0.10 22.70 0.82
C ARG D 62 -0.71 22.81 2.13
N GLY D 63 -1.35 21.73 2.51
CA GLY D 63 -2.18 21.73 3.76
C GLY D 63 -1.51 22.55 4.87
N GLU D 64 -0.28 22.21 5.21
CA GLU D 64 0.41 22.96 6.29
C GLU D 64 -0.33 22.78 7.61
N MET D 65 -0.93 21.64 7.79
CA MET D 65 -1.67 21.37 9.06
C MET D 65 -0.80 20.52 10.00
N SER D 66 0.40 20.19 9.61
CA SER D 66 1.29 19.37 10.49
C SER D 66 2.76 19.76 10.32
N GLN D 67 3.67 19.03 10.92
CA GLN D 67 5.13 19.36 10.78
C GLN D 67 5.51 20.56 11.66
N ARG D 68 5.63 20.35 12.94
CA ARG D 68 6.01 21.47 13.87
C ARG D 68 4.98 22.59 13.77
N GLU D 69 3.76 22.30 14.12
CA GLU D 69 2.68 23.33 14.05
C GLU D 69 1.35 22.70 14.49
N LEU D 70 1.07 21.50 14.05
CA LEU D 70 -0.20 20.83 14.45
C LEU D 70 -0.18 19.38 13.97
N LYS D 71 0.98 18.84 13.78
CA LYS D 71 1.12 17.44 13.30
C LYS D 71 0.28 16.47 14.13
N ASN D 72 -0.12 16.83 15.31
CA ASN D 72 -0.95 15.89 16.09
C ASN D 72 -2.35 15.88 15.48
N GLU D 73 -3.07 16.94 15.64
CA GLU D 73 -4.44 17.03 15.05
C GLU D 73 -5.27 15.78 15.40
N LEU D 74 -5.05 14.70 14.70
CA LEU D 74 -5.81 13.45 14.99
C LEU D 74 -5.44 12.38 13.95
N GLY D 75 -4.19 12.30 13.58
CA GLY D 75 -3.77 11.29 12.58
C GLY D 75 -2.52 10.55 13.06
N ALA D 76 -1.36 11.03 12.69
CA ALA D 76 -0.07 10.37 13.08
C ALA D 76 0.99 10.85 12.17
N GLY D 77 1.03 12.12 12.05
CA GLY D 77 2.04 12.74 11.21
C GLY D 77 3.18 13.20 12.11
N ILE D 78 2.90 13.51 13.35
CA ILE D 78 3.96 13.99 14.29
C ILE D 78 5.25 13.20 14.10
N ALA D 79 5.20 11.94 14.38
CA ALA D 79 6.41 11.08 14.18
C ALA D 79 6.51 10.76 12.70
N THR D 80 6.03 11.66 11.92
CA THR D 80 6.00 11.50 10.46
C THR D 80 6.28 12.89 9.85
N ILE D 81 5.34 13.77 10.00
CA ILE D 81 5.48 15.19 9.54
C ILE D 81 6.89 15.73 9.83
N THR D 82 7.37 15.45 11.00
CA THR D 82 8.70 15.91 11.41
C THR D 82 9.67 14.81 11.09
N ARG D 83 9.30 13.60 11.38
CA ARG D 83 10.20 12.47 11.04
C ARG D 83 10.51 12.56 9.53
N GLY D 84 9.62 13.18 8.78
CA GLY D 84 9.84 13.33 7.31
C GLY D 84 11.22 13.93 7.06
N SER D 85 11.75 14.66 8.01
CA SER D 85 13.12 15.22 7.82
C SER D 85 14.04 14.10 7.37
N ASN D 86 13.72 12.89 7.77
CA ASN D 86 14.53 11.70 7.36
C ASN D 86 13.80 10.93 6.26
N SER D 87 12.89 11.57 5.58
CA SER D 87 12.14 10.89 4.48
C SER D 87 13.14 10.37 3.42
N LEU D 88 14.33 10.91 3.40
CA LEU D 88 15.34 10.44 2.41
C LEU D 88 15.40 8.92 2.40
N LYS D 89 15.14 8.31 3.54
CA LYS D 89 15.15 6.82 3.61
C LYS D 89 14.32 6.21 2.48
N ALA D 90 13.11 6.69 2.26
CA ALA D 90 12.28 6.15 1.15
C ALA D 90 12.25 7.18 -0.01
N ALA D 91 12.96 8.27 0.16
CA ALA D 91 13.05 9.36 -0.88
C ALA D 91 11.85 9.45 -1.81
N PRO D 92 11.12 10.52 -1.70
CA PRO D 92 9.99 10.76 -2.61
C PRO D 92 10.56 11.34 -3.92
N VAL D 93 11.70 11.98 -3.86
CA VAL D 93 12.34 12.60 -5.06
C VAL D 93 12.56 11.58 -6.18
N GLU D 94 13.01 10.39 -5.87
CA GLU D 94 13.24 9.36 -6.93
C GLU D 94 12.05 9.33 -7.89
N LEU D 95 10.89 9.61 -7.37
CA LEU D 95 9.65 9.63 -8.21
C LEU D 95 8.79 10.82 -7.81
N ARG D 96 9.27 11.67 -6.92
CA ARG D 96 8.47 12.88 -6.55
C ARG D 96 7.91 13.47 -7.84
N GLN D 97 8.64 13.31 -8.91
CA GLN D 97 8.17 13.81 -10.24
C GLN D 97 6.71 13.42 -10.43
N TRP D 98 6.35 12.18 -10.20
CA TRP D 98 4.92 11.82 -10.35
C TRP D 98 4.11 12.46 -9.23
N LEU D 99 4.56 12.33 -8.00
CA LEU D 99 3.81 12.94 -6.86
C LEU D 99 3.48 14.39 -7.19
N GLU D 100 4.42 15.09 -7.77
CA GLU D 100 4.17 16.50 -8.15
C GLU D 100 3.34 16.52 -9.45
N GLU D 101 3.47 15.48 -10.25
CA GLU D 101 2.68 15.44 -11.52
C GLU D 101 1.19 15.52 -11.20
N VAL D 102 0.74 14.81 -10.21
CA VAL D 102 -0.70 14.86 -9.84
C VAL D 102 -0.97 16.09 -8.95
N LEU D 103 0.02 16.91 -8.72
CA LEU D 103 -0.19 18.11 -7.87
C LEU D 103 0.25 19.37 -8.62
N LEU D 104 1.46 19.39 -9.10
CA LEU D 104 1.95 20.59 -9.85
C LEU D 104 3.08 20.21 -10.81
N LYS D 105 4.09 19.53 -10.33
CA LYS D 105 5.26 19.14 -11.20
C LYS D 105 5.61 20.29 -12.16
N SER D 106 5.66 21.50 -11.66
CA SER D 106 5.98 22.67 -12.52
C SER D 106 5.11 22.66 -13.78
N ASP D 107 3.85 22.35 -13.65
CA ASP D 107 2.95 22.33 -14.83
C ASP D 107 1.75 23.26 -14.61
N TRP E . -0.95 -6.95 5.49
CA TRP E . -0.04 -7.06 6.67
C TRP E . 0.76 -5.76 6.83
O TRP E . 0.20 -4.71 6.56
CB TRP E . 0.89 -8.24 6.37
CG TRP E . 0.54 -9.42 7.18
CD1 TRP E . 0.52 -9.50 8.52
CD2 TRP E . 0.14 -10.69 6.68
NE1 TRP E . 0.16 -10.80 8.88
CE2 TRP E . -0.10 -11.56 7.75
CE3 TRP E . -0.04 -11.17 5.39
CZ2 TRP E . -0.50 -12.88 7.53
CZ3 TRP E . -0.44 -12.47 5.16
CH2 TRP E . -0.67 -13.34 6.22
OXT TRP E . 1.91 -5.84 7.21
H2 TRP E . -0.45 -7.27 4.63
H TRP E . -1.23 -5.95 5.36
HA TRP E . -0.62 -7.26 7.56
HB2 TRP E . 0.79 -8.53 5.34
HB3 TRP E . 1.91 -7.95 6.56
HD1 TRP E . 0.76 -8.71 9.20
HE1 TRP E . 0.08 -11.14 9.79
HE3 TRP E . 0.14 -10.51 4.55
HZ2 TRP E . -0.66 -13.55 8.34
HZ3 TRP E . -0.59 -12.81 4.17
HH2 TRP E . -0.98 -14.34 6.04
N TRP F . 8.47 4.77 7.91
CA TRP F . 7.60 5.55 6.97
C TRP F . 8.43 6.62 6.24
O TRP F . 7.99 7.07 5.21
CB TRP F . 6.55 6.18 7.86
CG TRP F . 7.08 7.37 8.51
CD1 TRP F . 7.57 7.45 9.75
CD2 TRP F . 7.20 8.66 7.93
NE1 TRP F . 7.96 8.75 9.99
CE2 TRP F . 7.75 9.54 8.87
CE3 TRP F . 6.86 9.15 6.68
CZ2 TRP F . 7.95 10.88 8.56
CZ3 TRP F . 7.07 10.48 6.35
CH2 TRP F . 7.61 11.35 7.29
OXT TRP F . 9.48 6.97 6.75
H2 TRP F . 8.88 5.42 8.62
H TRP F . 9.25 4.33 7.37
HA TRP F . 7.14 4.90 6.25
HB2 TRP F . 5.70 6.50 7.25
HB3 TRP F . 6.22 5.48 8.60
HD1 TRP F . 7.63 6.62 10.45
HE1 TRP F . 8.34 9.09 10.83
HE3 TRP F . 6.43 8.47 5.95
HZ2 TRP F . 8.34 11.55 9.30
HZ3 TRP F . 6.82 10.81 5.35
HH2 TRP F . 7.76 12.39 7.03
N GLN C 3 -17.79 19.24 -3.39
CA GLN C 3 -18.96 19.99 -3.93
C GLN C 3 -20.16 19.07 -4.06
N SER C 4 -19.96 17.88 -4.58
CA SER C 4 -21.10 16.92 -4.74
C SER C 4 -22.25 17.58 -5.51
N PRO C 5 -22.21 17.45 -6.81
CA PRO C 5 -23.27 18.05 -7.66
C PRO C 5 -24.57 17.25 -7.54
N TYR C 6 -24.47 15.95 -7.44
CA TYR C 6 -25.70 15.12 -7.30
C TYR C 6 -26.14 15.05 -5.85
N SER C 7 -27.35 14.62 -5.60
CA SER C 7 -27.85 14.53 -4.19
C SER C 7 -27.51 13.15 -3.61
N ALA C 8 -26.26 12.78 -3.64
CA ALA C 8 -25.86 11.45 -3.09
C ALA C 8 -24.98 11.62 -1.85
N ALA C 9 -24.23 12.71 -1.80
CA ALA C 9 -23.34 12.95 -0.62
C ALA C 9 -22.45 11.73 -0.37
N MET C 10 -21.78 11.70 0.75
CA MET C 10 -20.89 10.53 1.06
C MET C 10 -21.33 9.84 2.35
N ALA C 11 -22.59 10.02 2.72
CA ALA C 11 -23.09 9.37 3.97
C ALA C 11 -22.20 9.73 5.17
N GLU C 12 -21.18 8.96 5.44
CA GLU C 12 -20.29 9.27 6.59
C GLU C 12 -19.04 8.39 6.54
N GLN C 13 -19.20 7.09 6.68
CA GLN C 13 -18.02 6.18 6.63
C GLN C 13 -17.49 6.06 5.20
N ARG C 14 -16.86 7.10 4.70
CA ARG C 14 -16.32 7.05 3.32
C ARG C 14 -14.83 6.70 3.34
N HIS C 15 -14.15 7.04 4.41
CA HIS C 15 -12.69 6.74 4.51
C HIS C 15 -11.95 7.27 3.28
N GLN C 16 -12.22 8.48 2.89
CA GLN C 16 -11.54 9.07 1.69
C GLN C 16 -10.02 8.90 1.81
N GLU C 17 -9.52 8.79 3.00
CA GLU C 17 -8.04 8.61 3.18
C GLU C 17 -7.52 7.44 2.34
N TRP C 18 -8.17 6.31 2.44
CA TRP C 18 -7.72 5.13 1.65
C TRP C 18 -8.14 5.24 0.18
N LEU C 19 -9.34 5.70 -0.08
CA LEU C 19 -9.78 5.82 -1.51
C LEU C 19 -8.85 6.77 -2.26
N ARG C 20 -8.59 7.93 -1.73
CA ARG C 20 -7.66 8.86 -2.43
C ARG C 20 -6.33 8.15 -2.67
N PHE C 21 -5.96 7.28 -1.77
CA PHE C 21 -4.70 6.52 -1.92
C PHE C 21 -4.90 5.34 -2.88
N VAL C 22 -6.13 5.04 -3.25
CA VAL C 22 -6.37 3.90 -4.19
C VAL C 22 -6.30 4.39 -5.64
N ASP C 23 -7.07 5.38 -5.97
CA ASP C 23 -7.06 5.92 -7.37
C ASP C 23 -5.67 6.43 -7.73
N LEU C 24 -5.10 7.24 -6.89
CA LEU C 24 -3.74 7.78 -7.19
C LEU C 24 -2.72 6.63 -7.26
N LEU C 25 -2.82 5.68 -6.37
CA LEU C 25 -1.83 4.55 -6.34
C LEU C 25 -1.72 3.84 -7.70
N LYS C 26 -2.77 3.82 -8.48
CA LYS C 26 -2.68 3.12 -9.81
C LYS C 26 -1.99 4.02 -10.77
N ASN C 27 -2.47 5.22 -10.84
CA ASN C 27 -1.83 6.24 -11.71
C ASN C 27 -0.32 6.14 -11.52
N ALA C 28 0.07 5.76 -10.33
CA ALA C 28 1.51 5.58 -10.01
C ALA C 28 1.88 4.10 -10.25
N TYR C 29 0.98 3.19 -9.94
CA TYR C 29 1.25 1.73 -10.18
C TYR C 29 1.71 1.55 -11.62
N GLN C 30 1.17 2.35 -12.50
CA GLN C 30 1.52 2.25 -13.94
C GLN C 30 3.04 2.22 -14.13
N ASN C 31 3.79 2.75 -13.19
CA ASN C 31 5.28 2.74 -13.30
C ASN C 31 5.91 2.36 -11.95
N ASP C 32 6.53 3.28 -11.26
CA ASP C 32 7.15 2.96 -9.94
C ASP C 32 6.85 4.06 -8.92
N LEU C 33 5.94 4.94 -9.25
CA LEU C 33 5.61 6.05 -8.31
C LEU C 33 4.53 5.62 -7.32
N HIS C 34 4.52 4.38 -6.92
CA HIS C 34 3.47 3.94 -5.94
C HIS C 34 4.13 3.41 -4.66
N LEU C 35 5.38 3.06 -4.71
CA LEU C 35 6.06 2.59 -3.46
C LEU C 35 6.78 3.76 -2.75
N PRO C 36 7.00 4.87 -3.43
CA PRO C 36 7.66 6.02 -2.78
C PRO C 36 6.65 6.68 -1.84
N LEU C 37 5.41 6.43 -2.09
CA LEU C 37 4.30 7.00 -1.28
C LEU C 37 3.94 6.02 -0.18
N LEU C 38 3.91 4.76 -0.52
CA LEU C 38 3.58 3.74 0.51
C LEU C 38 4.72 3.62 1.52
N ASN C 39 5.77 4.38 1.34
CA ASN C 39 6.90 4.30 2.29
C ASN C 39 7.04 5.59 3.10
N LEU C 40 6.98 6.73 2.47
CA LEU C 40 7.14 8.00 3.26
C LEU C 40 5.83 8.44 3.90
N MET C 41 4.83 7.61 3.91
CA MET C 41 3.54 8.08 4.51
C MET C 41 3.33 7.57 5.95
N LEU C 42 3.81 6.42 6.29
CA LEU C 42 3.68 5.93 7.71
C LEU C 42 4.36 4.59 7.86
N THR C 43 4.46 3.85 6.81
CA THR C 43 5.18 2.57 6.92
C THR C 43 5.76 2.17 5.58
N PRO C 44 7.05 2.30 5.54
CA PRO C 44 7.83 2.00 4.35
C PRO C 44 8.41 0.58 4.49
N ASP C 45 8.97 0.25 5.62
CA ASP C 45 9.44 -1.14 5.82
C ASP C 45 8.24 -2.07 5.58
N GLU C 46 7.04 -1.54 5.76
CA GLU C 46 5.83 -2.36 5.50
C GLU C 46 5.78 -2.67 4.01
N ARG C 47 6.34 -1.82 3.19
CA ARG C 47 6.34 -2.11 1.74
C ARG C 47 6.86 -3.53 1.58
N GLU C 48 7.76 -3.92 2.45
CA GLU C 48 8.26 -5.33 2.44
C GLU C 48 7.17 -6.20 3.06
N ALA C 49 6.58 -5.72 4.13
CA ALA C 49 5.46 -6.48 4.78
C ALA C 49 4.40 -6.81 3.74
N LEU C 50 3.99 -5.83 2.96
CA LEU C 50 2.98 -6.09 1.90
C LEU C 50 3.36 -7.33 1.12
N GLY C 51 4.51 -7.30 0.51
CA GLY C 51 4.96 -8.49 -0.27
C GLY C 51 4.85 -9.72 0.61
N THR C 52 5.66 -9.78 1.64
CA THR C 52 5.62 -10.95 2.56
C THR C 52 4.19 -11.30 2.98
N ARG C 53 3.32 -10.33 3.08
CA ARG C 53 1.90 -10.64 3.48
C ARG C 53 1.25 -11.47 2.39
N VAL C 54 0.84 -10.83 1.34
CA VAL C 54 0.18 -11.55 0.22
C VAL C 54 1.08 -12.70 -0.18
N ARG C 55 2.37 -12.50 -0.21
CA ARG C 55 3.29 -13.61 -0.59
C ARG C 55 2.88 -14.90 0.14
N ILE C 56 2.23 -14.78 1.27
CA ILE C 56 1.80 -16.01 1.99
C ILE C 56 0.45 -16.50 1.43
N VAL C 57 -0.26 -15.66 0.68
CA VAL C 57 -1.55 -16.12 0.06
C VAL C 57 -1.28 -16.27 -1.42
N GLU C 58 -0.55 -15.32 -1.95
CA GLU C 58 -0.15 -15.37 -3.38
C GLU C 58 0.34 -16.79 -3.68
N GLU C 59 1.11 -17.32 -2.76
CA GLU C 59 1.65 -18.70 -2.92
C GLU C 59 0.63 -19.71 -2.39
N LEU C 60 -0.15 -19.34 -1.40
CA LEU C 60 -1.16 -20.30 -0.85
C LEU C 60 -2.04 -20.83 -2.00
N LEU C 61 -2.34 -19.98 -2.94
CA LEU C 61 -3.18 -20.43 -4.10
C LEU C 61 -2.30 -21.09 -5.15
N ARG C 62 -1.08 -20.62 -5.30
CA ARG C 62 -0.16 -21.24 -6.30
C ARG C 62 0.34 -22.58 -5.78
N GLY C 63 0.51 -22.70 -4.49
CA GLY C 63 0.99 -23.97 -3.90
C GLY C 63 0.41 -24.14 -2.50
N GLU C 64 1.17 -24.71 -1.59
CA GLU C 64 0.69 -24.93 -0.19
C GLU C 64 1.62 -25.92 0.49
N MET C 65 2.87 -25.97 0.09
CA MET C 65 3.83 -26.93 0.69
C MET C 65 4.69 -26.22 1.74
N SER C 66 4.16 -25.21 2.39
CA SER C 66 4.94 -24.46 3.44
C SER C 66 5.58 -25.46 4.44
N GLN C 67 5.69 -25.12 5.70
CA GLN C 67 6.32 -26.07 6.69
C GLN C 67 7.83 -26.12 6.50
N ARG C 68 8.53 -25.11 6.95
CA ARG C 68 10.02 -25.09 6.82
C ARG C 68 10.42 -25.15 5.34
N GLU C 69 9.98 -24.18 4.56
CA GLU C 69 10.35 -24.16 3.12
C GLU C 69 9.87 -22.86 2.45
N LEU C 70 8.86 -22.21 2.99
CA LEU C 70 8.39 -20.93 2.35
C LEU C 70 7.92 -19.96 3.43
N LYS C 71 7.05 -20.38 4.30
CA LYS C 71 6.53 -19.50 5.37
C LYS C 71 7.64 -18.71 6.08
N ASN C 72 8.85 -19.21 6.11
CA ASN C 72 9.93 -18.46 6.85
C ASN C 72 11.30 -18.55 6.18
N GLU C 73 11.48 -19.43 5.24
CA GLU C 73 12.82 -19.54 4.58
C GLU C 73 13.38 -18.17 4.23
N LEU C 74 12.52 -17.19 4.04
CA LEU C 74 12.99 -15.82 3.72
C LEU C 74 11.80 -14.85 3.69
N GLY C 75 11.08 -14.73 4.77
CA GLY C 75 9.91 -13.80 4.77
C GLY C 75 9.32 -13.61 6.18
N ALA C 76 8.35 -14.43 6.54
CA ALA C 76 7.65 -14.34 7.86
C ALA C 76 6.23 -14.66 7.57
N GLY C 77 6.06 -15.76 6.94
CA GLY C 77 4.73 -16.19 6.56
C GLY C 77 4.19 -17.17 7.59
N ILE C 78 5.03 -17.81 8.36
CA ILE C 78 4.50 -18.83 9.34
C ILE C 78 3.24 -18.35 9.99
N ALA C 79 3.35 -17.35 10.81
CA ALA C 79 2.11 -16.81 11.43
C ALA C 79 1.29 -16.17 10.32
N THR C 80 1.97 -15.73 9.31
CA THR C 80 1.31 -15.09 8.14
C THR C 80 0.71 -16.16 7.21
N ILE C 81 1.44 -17.21 6.96
CA ILE C 81 0.92 -18.30 6.07
C ILE C 81 -0.29 -18.93 6.78
N THR C 82 -0.19 -19.11 8.07
CA THR C 82 -1.34 -19.66 8.83
C THR C 82 -2.39 -18.55 8.97
N ARG C 83 -2.01 -17.36 9.37
CA ARG C 83 -3.01 -16.28 9.41
C ARG C 83 -3.53 -16.09 7.97
N GLY C 84 -2.80 -16.63 6.99
CA GLY C 84 -3.26 -16.56 5.59
C GLY C 84 -4.67 -17.13 5.54
N SER C 85 -4.89 -18.22 6.22
CA SER C 85 -6.29 -18.75 6.27
C SER C 85 -7.15 -17.63 6.86
N ASN C 86 -6.62 -16.97 7.86
CA ASN C 86 -7.35 -15.81 8.43
C ASN C 86 -7.63 -14.82 7.30
N SER C 87 -6.80 -14.80 6.27
CA SER C 87 -7.08 -13.87 5.14
C SER C 87 -8.49 -14.12 4.65
N LEU C 88 -8.91 -15.36 4.67
CA LEU C 88 -10.30 -15.67 4.26
C LEU C 88 -11.23 -14.77 5.08
N LYS C 89 -10.80 -14.41 6.26
CA LYS C 89 -11.64 -13.52 7.14
C LYS C 89 -11.71 -12.10 6.56
N ALA C 90 -10.59 -11.51 6.20
CA ALA C 90 -10.64 -10.13 5.65
C ALA C 90 -11.23 -10.19 4.25
N ALA C 91 -11.46 -11.38 3.74
CA ALA C 91 -12.03 -11.47 2.38
C ALA C 91 -13.07 -12.60 2.29
N PRO C 92 -14.33 -12.21 2.23
CA PRO C 92 -15.41 -13.22 2.10
C PRO C 92 -15.46 -13.72 0.64
N VAL C 93 -14.56 -14.61 0.29
CA VAL C 93 -14.50 -15.15 -1.12
C VAL C 93 -14.52 -14.02 -2.16
N GLU C 94 -14.38 -12.78 -1.75
CA GLU C 94 -14.37 -11.67 -2.74
C GLU C 94 -12.97 -11.58 -3.33
N LEU C 95 -11.99 -11.70 -2.49
CA LEU C 95 -10.58 -11.64 -2.98
C LEU C 95 -10.29 -12.87 -3.81
N ARG C 96 -10.46 -14.04 -3.25
CA ARG C 96 -10.19 -15.27 -4.03
C ARG C 96 -10.83 -15.11 -5.42
N GLN C 97 -11.90 -14.38 -5.50
CA GLN C 97 -12.54 -14.16 -6.82
C GLN C 97 -11.58 -13.42 -7.76
N TRP C 98 -10.96 -12.35 -7.32
CA TRP C 98 -10.00 -11.64 -8.20
C TRP C 98 -8.62 -12.28 -8.05
N LEU C 99 -8.24 -12.59 -6.83
CA LEU C 99 -6.93 -13.24 -6.60
C LEU C 99 -6.82 -14.44 -7.53
N GLU C 100 -7.94 -15.04 -7.84
CA GLU C 100 -7.93 -16.20 -8.78
C GLU C 100 -7.94 -15.66 -10.21
N GLU C 101 -8.60 -14.55 -10.44
CA GLU C 101 -8.62 -13.97 -11.80
C GLU C 101 -7.18 -13.66 -12.22
N VAL C 102 -6.36 -13.31 -11.26
CA VAL C 102 -4.94 -13.01 -11.56
C VAL C 102 -4.07 -14.24 -11.29
N LEU C 103 -4.67 -15.40 -11.16
CA LEU C 103 -3.89 -16.64 -10.91
C LEU C 103 -4.47 -17.79 -11.72
N LEU C 104 -5.74 -18.04 -11.57
CA LEU C 104 -6.39 -19.14 -12.34
C LEU C 104 -7.90 -18.88 -12.48
N LYS C 105 -8.58 -18.66 -11.38
CA LYS C 105 -10.08 -18.42 -11.41
C LYS C 105 -10.73 -19.25 -12.53
N SER C 106 -10.25 -20.45 -12.75
CA SER C 106 -10.82 -21.33 -13.81
C SER C 106 -10.65 -20.69 -15.20
N ASP C 107 -11.37 -19.63 -15.47
CA ASP C 107 -11.28 -18.94 -16.80
C ASP C 107 -11.19 -19.96 -17.95
N GLN D 3 18.73 5.20 -21.60
CA GLN D 3 18.66 5.52 -20.15
C GLN D 3 18.66 4.23 -19.33
N SER D 4 19.82 3.71 -19.02
CA SER D 4 19.89 2.44 -18.21
C SER D 4 19.02 1.35 -18.86
N PRO D 5 19.59 0.66 -19.81
CA PRO D 5 18.85 -0.43 -20.50
C PRO D 5 18.71 -1.65 -19.58
N TYR D 6 19.79 -2.09 -19.00
CA TYR D 6 19.71 -3.27 -18.09
C TYR D 6 21.01 -3.41 -17.29
N SER D 7 21.65 -2.32 -16.99
CA SER D 7 22.93 -2.37 -16.21
C SER D 7 23.25 -1.00 -15.62
N ALA D 8 22.25 -0.21 -15.35
CA ALA D 8 22.50 1.14 -14.77
C ALA D 8 21.18 1.75 -14.26
N ALA D 9 20.30 0.93 -13.77
CA ALA D 9 19.00 1.45 -13.26
C ALA D 9 18.90 1.23 -11.74
N MET D 10 18.57 2.25 -11.00
CA MET D 10 18.45 2.11 -9.52
C MET D 10 19.71 1.46 -8.93
N ALA D 11 19.67 1.05 -7.70
CA ALA D 11 20.86 0.41 -7.07
C ALA D 11 20.44 -0.45 -5.88
N GLU D 12 19.25 -1.00 -5.92
CA GLU D 12 18.78 -1.85 -4.79
C GLU D 12 18.27 -3.20 -5.31
N GLN D 13 18.66 -3.58 -6.51
CA GLN D 13 18.22 -4.88 -7.10
C GLN D 13 16.78 -5.24 -6.69
N ARG D 14 15.84 -4.37 -6.97
CA ARG D 14 14.42 -4.66 -6.59
C ARG D 14 13.50 -4.42 -7.79
N HIS D 15 12.96 -3.23 -7.94
CA HIS D 15 12.05 -2.92 -9.08
C HIS D 15 11.11 -4.10 -9.39
N GLN D 16 10.73 -4.85 -8.40
CA GLN D 16 9.82 -6.02 -8.63
C GLN D 16 9.04 -6.35 -7.36
N GLU D 17 9.66 -6.23 -6.22
CA GLU D 17 8.96 -6.55 -4.94
C GLU D 17 7.59 -5.84 -4.86
N TRP D 18 7.43 -4.75 -5.56
CA TRP D 18 6.12 -4.03 -5.52
C TRP D 18 5.61 -3.76 -6.94
N LEU D 19 5.53 -4.78 -7.76
CA LEU D 19 5.03 -4.58 -9.17
C LEU D 19 3.97 -5.63 -9.50
N ARG D 20 4.36 -6.86 -9.70
CA ARG D 20 3.34 -7.92 -10.01
C ARG D 20 2.25 -7.88 -8.94
N PHE D 21 2.61 -7.39 -7.78
CA PHE D 21 1.64 -7.26 -6.65
C PHE D 21 0.75 -6.04 -6.90
N VAL D 22 1.26 -5.03 -7.58
CA VAL D 22 0.45 -3.82 -7.85
C VAL D 22 -0.54 -4.08 -8.97
N ASP D 23 -0.07 -4.63 -10.07
CA ASP D 23 -0.99 -4.91 -11.21
C ASP D 23 -2.20 -5.69 -10.71
N LEU D 24 -2.04 -6.44 -9.65
CA LEU D 24 -3.17 -7.19 -9.08
C LEU D 24 -3.87 -6.33 -8.03
N LEU D 25 -3.10 -5.52 -7.35
CA LEU D 25 -3.67 -4.62 -6.30
C LEU D 25 -4.78 -3.75 -6.88
N LYS D 26 -4.45 -3.00 -7.89
CA LYS D 26 -5.45 -2.10 -8.51
C LYS D 26 -6.38 -2.89 -9.43
N ASN D 27 -5.88 -3.92 -10.09
CA ASN D 27 -6.78 -4.72 -10.96
C ASN D 27 -8.00 -5.06 -10.12
N ALA D 28 -7.81 -5.01 -8.83
CA ALA D 28 -8.92 -5.26 -7.89
C ALA D 28 -9.58 -3.92 -7.54
N TYR D 29 -8.78 -2.90 -7.40
CA TYR D 29 -9.29 -1.53 -7.08
C TYR D 29 -10.48 -1.17 -7.97
N GLN D 30 -10.56 -1.73 -9.14
CA GLN D 30 -11.70 -1.41 -10.05
C GLN D 30 -13.05 -1.59 -9.34
N ASN D 31 -13.10 -2.46 -8.36
CA ASN D 31 -14.39 -2.70 -7.64
C ASN D 31 -14.13 -2.65 -6.13
N ASP D 32 -14.80 -3.50 -5.38
CA ASP D 32 -14.59 -3.52 -3.90
C ASP D 32 -13.48 -4.51 -3.55
N LEU D 33 -12.61 -4.80 -4.48
CA LEU D 33 -11.52 -5.75 -4.21
C LEU D 33 -10.27 -5.02 -3.68
N HIS D 34 -10.44 -3.80 -3.23
CA HIS D 34 -9.28 -3.05 -2.67
C HIS D 34 -9.29 -3.13 -1.15
N LEU D 35 -10.42 -3.45 -0.57
CA LEU D 35 -10.52 -3.57 0.91
C LEU D 35 -10.25 -5.00 1.41
N PRO D 36 -10.42 -5.98 0.55
CA PRO D 36 -10.15 -7.37 0.96
C PRO D 36 -8.66 -7.62 0.89
N LEU D 37 -8.01 -6.86 0.07
CA LEU D 37 -6.55 -6.97 -0.10
C LEU D 37 -5.87 -6.31 1.09
N LEU D 38 -6.44 -5.26 1.61
CA LEU D 38 -5.82 -4.63 2.79
C LEU D 38 -6.47 -5.20 4.04
N ASN D 39 -6.82 -6.44 3.98
CA ASN D 39 -7.45 -7.08 5.14
C ASN D 39 -7.11 -8.58 5.10
N LEU D 40 -7.14 -9.18 3.93
CA LEU D 40 -6.84 -10.65 3.84
C LEU D 40 -5.49 -10.98 4.46
N MET D 41 -4.52 -10.14 4.33
CA MET D 41 -3.20 -10.52 4.93
C MET D 41 -3.25 -10.32 6.46
N LEU D 42 -4.35 -10.75 7.06
CA LEU D 42 -4.59 -10.66 8.55
C LEU D 42 -4.51 -9.23 9.08
N THR D 43 -3.35 -8.62 9.12
CA THR D 43 -3.28 -7.21 9.59
C THR D 43 -2.91 -6.29 8.42
N PRO D 44 -3.64 -6.43 7.36
CA PRO D 44 -3.46 -5.61 6.18
C PRO D 44 -4.43 -4.46 6.27
N ASP D 45 -5.18 -4.44 7.35
CA ASP D 45 -6.13 -3.33 7.61
C ASP D 45 -5.31 -2.14 8.08
N GLU D 46 -4.19 -1.93 7.44
CA GLU D 46 -3.28 -0.82 7.83
C GLU D 46 -3.96 0.55 7.67
N ARG D 47 -5.27 0.60 7.65
CA ARG D 47 -5.96 1.92 7.55
C ARG D 47 -5.42 2.84 8.65
N GLU D 48 -4.84 2.27 9.67
CA GLU D 48 -4.26 3.10 10.77
C GLU D 48 -2.90 3.64 10.30
N ALA D 49 -2.23 2.89 9.47
CA ALA D 49 -0.92 3.36 8.91
C ALA D 49 -1.23 4.05 7.57
N LEU D 50 -2.17 3.51 6.84
CA LEU D 50 -2.57 4.10 5.53
C LEU D 50 -3.45 5.32 5.77
N GLY D 51 -4.51 5.17 6.53
CA GLY D 51 -5.41 6.33 6.81
C GLY D 51 -4.55 7.50 7.28
N THR D 52 -3.49 7.19 7.97
CA THR D 52 -2.57 8.27 8.45
C THR D 52 -1.53 8.56 7.37
N ARG D 53 -1.14 7.53 6.64
CA ARG D 53 -0.12 7.72 5.59
C ARG D 53 -0.55 8.83 4.64
N VAL D 54 -1.81 8.92 4.35
CA VAL D 54 -2.30 10.02 3.48
C VAL D 54 -2.78 11.16 4.38
N ARG D 55 -2.25 11.22 5.58
CA ARG D 55 -2.65 12.27 6.54
C ARG D 55 -1.40 12.99 7.11
N ILE D 56 -0.27 12.34 7.11
CA ILE D 56 0.96 13.02 7.65
C ILE D 56 1.67 13.80 6.54
N VAL D 57 1.42 13.46 5.32
CA VAL D 57 2.08 14.17 4.17
C VAL D 57 1.09 15.18 3.62
N GLU D 58 -0.10 14.73 3.44
CA GLU D 58 -1.18 15.60 2.94
C GLU D 58 -1.23 16.91 3.74
N GLU D 59 -0.71 16.89 4.94
CA GLU D 59 -0.71 18.14 5.76
C GLU D 59 0.57 18.94 5.52
N LEU D 60 1.56 18.33 4.90
CA LEU D 60 2.83 19.06 4.62
C LEU D 60 2.82 19.61 3.19
N LEU D 61 2.26 18.87 2.27
CA LEU D 61 2.21 19.35 0.85
C LEU D 61 1.34 20.60 0.74
N ARG D 62 0.62 20.94 1.78
CA ARG D 62 -0.25 22.15 1.71
C ARG D 62 0.32 23.27 2.60
N GLY D 63 0.67 22.96 3.82
CA GLY D 63 1.22 24.01 4.73
C GLY D 63 2.73 23.81 4.89
N GLU D 64 3.24 23.97 6.08
CA GLU D 64 4.70 23.79 6.31
C GLU D 64 5.03 23.94 7.81
N MET D 65 4.24 24.70 8.53
CA MET D 65 4.51 24.88 9.98
C MET D 65 3.88 23.74 10.78
N SER D 66 4.20 22.53 10.45
CA SER D 66 3.62 21.35 11.16
C SER D 66 3.95 21.43 12.66
N GLN D 67 3.78 20.34 13.37
CA GLN D 67 4.08 20.32 14.83
C GLN D 67 3.25 21.39 15.55
N ARG D 68 2.07 21.67 15.08
CA ARG D 68 1.21 22.70 15.73
C ARG D 68 -0.07 22.90 14.92
N GLU D 69 -0.60 21.85 14.35
CA GLU D 69 -1.84 21.98 13.54
C GLU D 69 -2.90 20.99 14.03
N LEU D 70 -2.67 19.71 13.84
CA LEU D 70 -3.68 18.70 14.31
C LEU D 70 -3.26 17.29 13.89
N LYS D 71 -2.00 17.05 13.69
CA LYS D 71 -1.56 15.69 13.28
C LYS D 71 -1.65 14.71 14.45
N ASN D 72 -1.77 15.19 15.64
CA ASN D 72 -1.87 14.26 16.80
C ASN D 72 -3.23 14.41 17.48
N GLU D 73 -3.75 15.61 17.55
CA GLU D 73 -5.07 15.83 18.20
C GLU D 73 -6.12 14.86 17.64
N LEU D 74 -6.29 14.86 16.35
CA LEU D 74 -7.29 13.94 15.73
C LEU D 74 -6.60 12.96 14.78
N GLY D 75 -5.43 12.50 15.14
CA GLY D 75 -4.70 11.55 14.26
C GLY D 75 -3.49 10.98 15.00
N ALA D 76 -2.31 11.19 14.48
CA ALA D 76 -1.07 10.67 15.13
C ALA D 76 0.10 10.81 14.18
N GLY D 77 0.41 12.02 13.88
CA GLY D 77 1.52 12.30 12.96
C GLY D 77 2.45 13.36 13.56
N ILE D 78 2.08 14.02 14.63
CA ILE D 78 2.99 15.04 15.25
C ILE D 78 4.44 14.57 15.17
N ALA D 79 4.62 13.29 15.28
CA ALA D 79 5.99 12.70 15.17
C ALA D 79 6.08 11.89 13.88
N THR D 80 5.03 11.91 13.10
CA THR D 80 5.03 11.16 11.82
C THR D 80 4.53 12.09 10.67
N ILE D 81 4.34 13.36 10.98
CA ILE D 81 3.96 14.38 9.94
C ILE D 81 5.17 15.27 9.71
N THR D 82 5.76 15.67 10.79
CA THR D 82 6.97 16.53 10.73
C THR D 82 8.17 15.61 10.62
N ARG D 83 8.10 14.47 11.24
CA ARG D 83 9.23 13.51 11.10
C ARG D 83 9.42 13.26 9.60
N GLY D 84 8.38 13.44 8.82
CA GLY D 84 8.51 13.26 7.34
C GLY D 84 9.64 14.14 6.83
N SER D 85 10.01 15.16 7.57
CA SER D 85 11.15 16.02 7.13
C SER D 85 12.25 15.10 6.59
N ASN D 86 12.33 13.91 7.12
CA ASN D 86 13.31 12.90 6.63
C ASN D 86 13.26 12.84 5.10
N SER D 87 12.07 12.77 4.54
CA SER D 87 11.92 12.70 3.04
C SER D 87 13.15 12.06 2.40
N LEU D 88 13.65 11.06 3.05
CA LEU D 88 14.83 10.32 2.55
C LEU D 88 14.62 8.86 2.93
N LYS D 89 14.14 8.64 4.13
CA LYS D 89 13.85 7.24 4.59
C LYS D 89 13.01 6.50 3.54
N ALA D 90 11.96 7.11 3.03
CA ALA D 90 11.14 6.43 1.99
C ALA D 90 11.32 7.19 0.67
N ALA D 91 12.42 7.88 0.57
CA ALA D 91 12.77 8.68 -0.65
C ALA D 91 11.54 9.15 -1.44
N PRO D 92 11.14 10.36 -1.16
CA PRO D 92 9.98 10.94 -1.86
C PRO D 92 10.41 11.72 -3.10
N VAL D 93 11.24 12.71 -2.95
CA VAL D 93 11.69 13.54 -4.12
C VAL D 93 11.88 12.70 -5.38
N GLU D 94 12.27 11.46 -5.24
CA GLU D 94 12.47 10.61 -6.45
C GLU D 94 11.15 10.42 -7.20
N LEU D 95 10.12 9.99 -6.52
CA LEU D 95 8.80 9.77 -7.18
C LEU D 95 7.69 10.47 -6.41
N ARG D 96 7.94 10.97 -5.23
CA ARG D 96 6.86 11.71 -4.50
C ARG D 96 6.30 12.75 -5.46
N GLN D 97 7.08 13.15 -6.44
CA GLN D 97 6.61 14.13 -7.45
C GLN D 97 5.27 13.71 -8.03
N TRP D 98 5.04 12.43 -8.29
CA TRP D 98 3.72 12.07 -8.86
C TRP D 98 2.65 12.24 -7.77
N LEU D 99 2.86 11.66 -6.62
CA LEU D 99 1.86 11.76 -5.51
C LEU D 99 1.47 13.22 -5.31
N GLU D 100 2.41 14.11 -5.44
CA GLU D 100 2.06 15.54 -5.29
C GLU D 100 1.44 16.02 -6.61
N GLU D 101 1.85 15.45 -7.71
CA GLU D 101 1.27 15.86 -9.04
C GLU D 101 -0.22 15.54 -9.06
N VAL D 102 -0.60 14.37 -8.62
CA VAL D 102 -2.04 14.01 -8.63
C VAL D 102 -2.86 15.00 -7.77
N LEU D 103 -2.22 15.81 -6.96
CA LEU D 103 -3.01 16.80 -6.15
C LEU D 103 -2.48 18.21 -6.35
N LEU D 104 -1.26 18.46 -5.94
CA LEU D 104 -0.71 19.85 -6.10
C LEU D 104 0.71 19.83 -6.69
N LYS D 105 1.62 19.08 -6.10
CA LYS D 105 3.04 19.07 -6.62
C LYS D 105 3.58 20.51 -6.71
N SER D 106 2.95 21.44 -6.06
CA SER D 106 3.45 22.86 -6.08
C SER D 106 3.72 23.30 -7.52
N ASP D 107 4.35 24.44 -7.69
CA ASP D 107 4.65 24.93 -9.07
C ASP D 107 5.55 26.17 -9.00
N TRP E . 0.45 -6.98 8.40
CA TRP E . 0.03 -8.30 8.92
C TRP E . 0.66 -8.54 10.32
O TRP E . 1.42 -9.48 10.46
CB TRP E . 0.56 -9.33 7.91
CG TRP E . -0.01 -10.66 8.17
CD1 TRP E . -0.24 -11.22 9.36
CD2 TRP E . -0.45 -11.60 7.18
NE1 TRP E . -0.75 -12.49 9.16
CE2 TRP E . -0.90 -12.76 7.82
CE3 TRP E . -0.48 -11.55 5.78
CZ2 TRP E . -1.36 -13.85 7.10
CZ3 TRP E . -0.96 -12.63 5.06
CH2 TRP E . -1.40 -13.78 5.71
OXT TRP E . 0.34 -7.79 11.21
H2 TRP E . 1.29 -7.09 7.79
H TRP E . 0.67 -6.34 9.18
HA TRP E . -1.03 -8.37 8.98
HB2 TRP E . 0.27 -9.03 6.93
HB3 TRP E . 1.62 -9.37 7.98
HD1 TRP E . -0.06 -10.77 10.30
HE1 TRP E . -0.98 -13.12 9.86
HE3 TRP E . -0.14 -10.67 5.28
HZ2 TRP E . -1.67 -14.75 7.61
HZ3 TRP E . -0.98 -12.57 3.98
HH2 TRP E . -1.76 -14.62 5.14
N TRP F . 6.77 5.56 6.73
CA TRP F . 7.52 6.00 7.94
C TRP F . 8.59 4.98 8.36
O TRP F . 8.27 4.09 9.12
CB TRP F . 6.48 6.14 9.04
CG TRP F . 6.72 7.42 9.65
CD1 TRP F . 7.07 7.63 10.90
CD2 TRP F . 6.66 8.67 8.98
NE1 TRP F . 7.21 9.01 11.07
CE2 TRP F . 6.96 9.68 9.88
CE3 TRP F . 6.35 8.99 7.66
CZ2 TRP F . 6.96 11.02 9.48
CZ3 TRP F . 6.34 10.30 7.24
CH2 TRP F . 6.64 11.32 8.15
OXT TRP F . 9.72 5.13 7.92
H2 TRP F . 5.90 6.13 6.65
H TRP F . 6.52 4.56 6.82
HA TRP F . 7.98 6.95 7.75
HB2 TRP F . 5.46 6.17 8.63
HB3 TRP F . 6.58 5.36 9.77
HD1 TRP F . 7.21 6.85 11.64
HE1 TRP F . 7.46 9.46 11.92
HE3 TRP F . 6.12 8.19 6.96
HZ2 TRP F . 7.18 11.81 10.18
HZ3 TRP F . 6.12 10.53 6.21
HH2 TRP F . 6.62 12.35 7.82
N GLN C 3 -23.33 5.04 -1.55
CA GLN C 3 -24.12 4.20 -0.61
C GLN C 3 -24.27 2.77 -1.14
N SER C 4 -25.10 2.59 -2.14
CA SER C 4 -25.29 1.23 -2.71
C SER C 4 -24.05 0.80 -3.49
N PRO C 5 -23.65 1.61 -4.45
CA PRO C 5 -22.46 1.28 -5.27
C PRO C 5 -21.17 1.50 -4.46
N TYR C 6 -21.26 2.21 -3.36
CA TYR C 6 -20.05 2.45 -2.52
C TYR C 6 -18.92 3.10 -3.36
N SER C 7 -18.11 2.30 -4.02
CA SER C 7 -17.02 2.87 -4.85
C SER C 7 -16.17 3.86 -4.03
N ALA C 8 -15.48 4.75 -4.70
CA ALA C 8 -14.63 5.74 -3.96
C ALA C 8 -14.77 7.12 -4.60
N ALA C 9 -13.77 7.96 -4.47
CA ALA C 9 -13.84 9.33 -5.07
C ALA C 9 -15.07 10.07 -4.54
N MET C 10 -15.62 10.96 -5.33
CA MET C 10 -16.82 11.74 -4.88
C MET C 10 -17.99 10.78 -4.60
N ALA C 11 -19.20 11.28 -4.65
CA ALA C 11 -20.39 10.42 -4.38
C ALA C 11 -20.38 9.91 -2.94
N GLU C 12 -19.53 8.97 -2.63
CA GLU C 12 -19.47 8.44 -1.23
C GLU C 12 -18.12 8.76 -0.61
N GLN C 13 -18.11 9.30 0.58
CA GLN C 13 -16.82 9.64 1.24
C GLN C 13 -16.49 8.60 2.32
N ARG C 14 -17.14 8.69 3.46
CA ARG C 14 -16.88 7.72 4.56
C ARG C 14 -15.38 7.69 4.91
N HIS C 15 -14.60 6.89 4.23
CA HIS C 15 -13.14 6.83 4.53
C HIS C 15 -12.35 7.54 3.44
N GLN C 16 -12.67 8.79 3.18
CA GLN C 16 -11.94 9.56 2.12
C GLN C 16 -10.42 9.40 2.29
N GLU C 17 -9.98 9.15 3.49
CA GLU C 17 -8.51 8.99 3.72
C GLU C 17 -7.95 7.86 2.85
N TRP C 18 -8.58 6.70 2.88
CA TRP C 18 -8.08 5.57 2.06
C TRP C 18 -8.27 5.84 0.57
N LEU C 19 -9.46 6.23 0.17
CA LEU C 19 -9.69 6.51 -1.28
C LEU C 19 -8.67 7.54 -1.79
N ARG C 20 -8.27 8.46 -0.96
CA ARG C 20 -7.24 9.44 -1.40
C ARG C 20 -5.96 8.69 -1.76
N PHE C 21 -5.67 7.66 -0.99
CA PHE C 21 -4.45 6.84 -1.26
C PHE C 21 -4.78 5.76 -2.29
N VAL C 22 -6.02 5.64 -2.69
CA VAL C 22 -6.37 4.62 -3.69
C VAL C 22 -6.22 5.22 -5.08
N ASP C 23 -6.44 6.50 -5.18
CA ASP C 23 -6.29 7.16 -6.50
C ASP C 23 -4.81 7.45 -6.78
N LEU C 24 -4.10 7.97 -5.81
CA LEU C 24 -2.65 8.23 -6.04
C LEU C 24 -1.92 6.91 -6.25
N LEU C 25 -2.48 5.83 -5.78
CA LEU C 25 -1.81 4.51 -5.98
C LEU C 25 -2.01 4.05 -7.43
N LYS C 26 -3.17 3.54 -7.75
CA LYS C 26 -3.49 3.06 -9.14
C LYS C 26 -2.80 3.85 -10.27
N ASN C 27 -2.61 5.13 -10.08
CA ASN C 27 -1.99 5.96 -11.15
C ASN C 27 -0.49 5.79 -11.11
N ALA C 28 0.06 6.06 -9.97
CA ALA C 28 1.53 5.89 -9.81
C ALA C 28 1.83 4.39 -9.72
N TYR C 29 0.79 3.61 -9.56
CA TYR C 29 0.93 2.13 -9.48
C TYR C 29 1.30 1.60 -10.87
N GLN C 30 0.76 2.23 -11.89
CA GLN C 30 1.08 1.78 -13.28
C GLN C 30 2.60 1.72 -13.48
N ASN C 31 3.33 2.47 -12.71
CA ASN C 31 4.81 2.47 -12.81
C ASN C 31 5.41 2.41 -11.40
N ASP C 32 6.48 3.13 -11.15
CA ASP C 32 7.09 3.12 -9.79
C ASP C 32 6.69 4.38 -9.01
N LEU C 33 5.98 5.28 -9.65
CA LEU C 33 5.57 6.54 -8.96
C LEU C 33 4.80 6.26 -7.65
N HIS C 34 4.38 5.04 -7.43
CA HIS C 34 3.63 4.73 -6.17
C HIS C 34 4.60 4.30 -5.06
N LEU C 35 5.65 3.63 -5.43
CA LEU C 35 6.65 3.16 -4.40
C LEU C 35 7.13 4.33 -3.52
N PRO C 36 7.31 5.48 -4.11
CA PRO C 36 7.76 6.66 -3.31
C PRO C 36 6.67 7.05 -2.32
N LEU C 37 5.48 6.59 -2.59
CA LEU C 37 4.32 6.89 -1.72
C LEU C 37 4.26 5.85 -0.61
N LEU C 38 4.45 4.61 -0.95
CA LEU C 38 4.45 3.57 0.11
C LEU C 38 5.77 3.72 0.87
N ASN C 39 6.60 4.62 0.41
CA ASN C 39 7.91 4.83 1.04
C ASN C 39 7.81 5.80 2.23
N LEU C 40 7.72 7.08 2.00
CA LEU C 40 7.71 8.04 3.15
C LEU C 40 6.31 8.39 3.66
N MET C 41 5.30 7.63 3.34
CA MET C 41 3.96 8.05 3.86
C MET C 41 3.71 7.61 5.31
N LEU C 42 4.20 6.47 5.73
CA LEU C 42 3.98 6.07 7.16
C LEU C 42 4.75 4.80 7.46
N THR C 43 4.93 3.99 6.47
CA THR C 43 5.73 2.75 6.65
C THR C 43 6.11 2.25 5.28
N PRO C 44 7.37 2.31 5.01
CA PRO C 44 7.92 1.89 3.74
C PRO C 44 8.33 0.41 3.89
N ASP C 45 8.29 -0.09 5.11
CA ASP C 45 8.51 -1.53 5.30
C ASP C 45 7.41 -2.21 4.49
N GLU C 46 6.35 -1.47 4.22
CA GLU C 46 5.23 -2.00 3.38
C GLU C 46 5.84 -2.55 2.10
N ARG C 47 6.97 -2.02 1.69
CA ARG C 47 7.64 -2.57 0.48
C ARG C 47 7.86 -4.05 0.78
N GLU C 48 8.18 -4.35 2.00
CA GLU C 48 8.36 -5.78 2.41
C GLU C 48 7.03 -6.30 2.96
N ALA C 49 6.43 -5.59 3.87
CA ALA C 49 5.11 -6.01 4.45
C ALA C 49 4.10 -6.26 3.33
N LEU C 50 3.94 -5.34 2.41
CA LEU C 50 2.99 -5.60 1.29
C LEU C 50 3.47 -6.83 0.55
N GLY C 51 4.72 -6.82 0.13
CA GLY C 51 5.28 -7.99 -0.59
C GLY C 51 4.92 -9.26 0.18
N THR C 52 5.30 -9.33 1.42
CA THR C 52 4.98 -10.54 2.26
C THR C 52 3.48 -10.58 2.59
N ARG C 53 2.77 -9.52 2.36
CA ARG C 53 1.31 -9.50 2.67
C ARG C 53 0.54 -10.23 1.56
N VAL C 54 0.21 -9.57 0.50
CA VAL C 54 -0.55 -10.28 -0.57
C VAL C 54 0.19 -11.57 -0.91
N ARG C 55 1.49 -11.61 -0.73
CA ARG C 55 2.26 -12.86 -1.01
C ARG C 55 1.60 -14.04 -0.29
N ILE C 56 1.59 -14.00 1.00
CA ILE C 56 1.01 -15.13 1.79
C ILE C 56 -0.36 -15.60 1.25
N VAL C 57 -1.09 -14.77 0.56
CA VAL C 57 -2.41 -15.25 0.03
C VAL C 57 -2.28 -15.45 -1.46
N GLU C 58 -1.76 -14.46 -2.12
CA GLU C 58 -1.54 -14.54 -3.57
C GLU C 58 -0.55 -15.68 -3.90
N GLU C 59 0.19 -16.11 -2.92
CA GLU C 59 1.16 -17.23 -3.14
C GLU C 59 0.56 -18.54 -2.63
N LEU C 60 -0.05 -18.51 -1.46
CA LEU C 60 -0.66 -19.77 -0.91
C LEU C 60 -1.65 -20.33 -1.94
N LEU C 61 -2.23 -19.49 -2.74
CA LEU C 61 -3.20 -19.97 -3.76
C LEU C 61 -2.45 -20.28 -5.06
N ARG C 62 -1.58 -19.39 -5.49
CA ARG C 62 -0.80 -19.64 -6.74
C ARG C 62 0.12 -20.85 -6.53
N GLY C 63 0.73 -20.93 -5.38
CA GLY C 63 1.64 -22.08 -5.09
C GLY C 63 0.95 -23.06 -4.15
N GLU C 64 1.62 -23.46 -3.10
CA GLU C 64 1.01 -24.42 -2.12
C GLU C 64 2.06 -24.87 -1.10
N MET C 65 3.31 -24.83 -1.47
CA MET C 65 4.40 -25.27 -0.54
C MET C 65 4.20 -24.68 0.87
N SER C 66 4.56 -23.43 1.07
CA SER C 66 4.39 -22.81 2.43
C SER C 66 5.05 -23.69 3.50
N GLN C 67 5.10 -23.24 4.73
CA GLN C 67 5.73 -24.07 5.81
C GLN C 67 7.14 -24.53 5.41
N ARG C 68 8.15 -23.81 5.83
CA ARG C 68 9.54 -24.22 5.49
C ARG C 68 9.74 -24.15 3.97
N GLU C 69 8.91 -23.39 3.28
CA GLU C 69 9.04 -23.28 1.80
C GLU C 69 8.66 -21.88 1.33
N LEU C 70 7.67 -21.28 1.93
CA LEU C 70 7.25 -19.91 1.50
C LEU C 70 6.95 -19.04 2.72
N LYS C 71 6.13 -19.53 3.62
CA LYS C 71 5.78 -18.76 4.84
C LYS C 71 7.03 -18.21 5.55
N ASN C 72 8.19 -18.78 5.31
CA ASN C 72 9.39 -18.29 6.05
C ASN C 72 10.68 -18.31 5.23
N GLU C 73 10.76 -19.12 4.21
CA GLU C 73 12.02 -19.21 3.41
C GLU C 73 12.63 -17.81 3.20
N LEU C 74 11.82 -16.79 3.15
CA LEU C 74 12.35 -15.41 2.96
C LEU C 74 11.22 -14.39 3.10
N GLY C 75 10.63 -14.29 4.27
CA GLY C 75 9.51 -13.30 4.43
C GLY C 75 9.04 -13.22 5.88
N ALA C 76 8.01 -13.96 6.22
CA ALA C 76 7.41 -13.94 7.59
C ALA C 76 5.96 -14.20 7.39
N GLY C 77 5.70 -15.24 6.70
CA GLY C 77 4.32 -15.61 6.42
C GLY C 77 3.85 -16.62 7.44
N ILE C 78 4.73 -17.30 8.13
CA ILE C 78 4.28 -18.35 9.09
C ILE C 78 3.16 -17.83 9.94
N ALA C 79 3.46 -17.01 10.87
CA ALA C 79 2.37 -16.43 11.71
C ALA C 79 1.42 -15.73 10.74
N THR C 80 1.97 -15.22 9.68
CA THR C 80 1.15 -14.56 8.63
C THR C 80 0.38 -15.65 7.87
N ILE C 81 1.04 -16.42 7.03
CA ILE C 81 0.34 -17.50 6.28
C ILE C 81 -0.74 -18.15 7.17
N THR C 82 -0.41 -18.42 8.41
CA THR C 82 -1.45 -18.98 9.32
C THR C 82 -2.42 -17.84 9.72
N ARG C 83 -1.91 -16.69 10.05
CA ARG C 83 -2.84 -15.55 10.34
C ARG C 83 -3.70 -15.36 9.07
N GLY C 84 -3.24 -15.88 7.94
CA GLY C 84 -4.04 -15.80 6.69
C GLY C 84 -5.40 -16.36 6.99
N SER C 85 -5.45 -17.47 7.70
CA SER C 85 -6.78 -17.99 8.10
C SER C 85 -7.47 -16.86 8.86
N ASN C 86 -6.71 -16.22 9.71
CA ASN C 86 -7.28 -15.06 10.45
C ASN C 86 -7.81 -14.06 9.41
N SER C 87 -7.14 -13.91 8.28
CA SER C 87 -7.66 -12.98 7.23
C SER C 87 -9.16 -13.23 7.07
N LEU C 88 -9.56 -14.47 7.21
CA LEU C 88 -11.02 -14.79 7.15
C LEU C 88 -11.74 -13.82 8.09
N LYS C 89 -11.03 -13.37 9.09
CA LYS C 89 -11.64 -12.38 10.03
C LYS C 89 -11.81 -11.03 9.33
N ALA C 90 -10.79 -10.52 8.67
CA ALA C 90 -10.98 -9.22 7.97
C ALA C 90 -12.02 -9.45 6.89
N ALA C 91 -12.23 -10.69 6.52
CA ALA C 91 -13.27 -11.00 5.49
C ALA C 91 -13.76 -12.45 5.58
N PRO C 92 -15.06 -12.63 5.50
CA PRO C 92 -15.63 -13.99 5.52
C PRO C 92 -15.30 -14.70 4.20
N VAL C 93 -15.80 -14.20 3.10
CA VAL C 93 -15.50 -14.82 1.77
C VAL C 93 -15.84 -13.85 0.63
N GLU C 94 -16.10 -12.60 0.94
CA GLU C 94 -16.43 -11.62 -0.12
C GLU C 94 -15.15 -10.96 -0.62
N LEU C 95 -14.26 -10.69 0.29
CA LEU C 95 -12.99 -10.06 -0.11
C LEU C 95 -12.11 -11.12 -0.74
N ARG C 96 -12.07 -12.30 -0.18
CA ARG C 96 -11.29 -13.38 -0.83
C ARG C 96 -11.86 -13.53 -2.25
N GLN C 97 -13.11 -13.18 -2.40
CA GLN C 97 -13.76 -13.26 -3.74
C GLN C 97 -12.98 -12.41 -4.75
N TRP C 98 -12.58 -11.20 -4.43
CA TRP C 98 -11.81 -10.42 -5.44
C TRP C 98 -10.48 -11.12 -5.69
N LEU C 99 -9.74 -11.43 -4.65
CA LEU C 99 -8.43 -12.14 -4.86
C LEU C 99 -8.68 -13.35 -5.76
N GLU C 100 -9.87 -13.89 -5.68
CA GLU C 100 -10.22 -15.05 -6.54
C GLU C 100 -10.61 -14.52 -7.93
N GLU C 101 -11.21 -13.35 -7.99
CA GLU C 101 -11.60 -12.78 -9.32
C GLU C 101 -10.36 -12.71 -10.21
N VAL C 102 -9.20 -12.54 -9.63
CA VAL C 102 -7.95 -12.49 -10.43
C VAL C 102 -7.18 -13.80 -10.26
N LEU C 103 -7.83 -14.83 -9.78
CA LEU C 103 -7.14 -16.14 -9.60
C LEU C 103 -8.05 -17.26 -10.10
N LEU C 104 -9.25 -17.34 -9.57
CA LEU C 104 -10.19 -18.40 -10.01
C LEU C 104 -11.65 -17.96 -9.77
N LYS C 105 -11.96 -17.55 -8.57
CA LYS C 105 -13.36 -17.12 -8.22
C LYS C 105 -14.39 -17.99 -8.95
N SER C 106 -14.10 -19.25 -9.10
CA SER C 106 -15.05 -20.19 -9.80
C SER C 106 -15.64 -19.52 -11.05
N ASP C 107 -14.98 -19.66 -12.17
CA ASP C 107 -15.50 -19.04 -13.43
C ASP C 107 -15.56 -17.51 -13.27
N GLN D 3 24.43 1.76 -24.92
CA GLN D 3 25.10 0.50 -24.50
C GLN D 3 24.21 -0.27 -23.52
N SER D 4 22.92 -0.24 -23.73
CA SER D 4 21.99 -0.97 -22.81
C SER D 4 22.11 -0.43 -21.38
N PRO D 5 21.07 -0.64 -20.61
CA PRO D 5 21.07 -0.16 -19.20
C PRO D 5 21.93 -1.08 -18.34
N TYR D 6 22.68 -0.52 -17.42
CA TYR D 6 23.55 -1.37 -16.55
C TYR D 6 23.73 -0.71 -15.17
N SER D 7 22.84 0.19 -14.81
CA SER D 7 22.95 0.87 -13.49
C SER D 7 22.42 -0.04 -12.38
N ALA D 8 21.14 -0.33 -12.41
CA ALA D 8 20.54 -1.21 -11.35
C ALA D 8 20.88 -0.69 -9.96
N ALA D 9 20.91 0.61 -9.80
CA ALA D 9 21.24 1.20 -8.46
C ALA D 9 19.99 1.24 -7.58
N MET D 10 18.83 1.32 -8.18
CA MET D 10 17.58 1.37 -7.37
C MET D 10 17.46 0.12 -6.49
N ALA D 11 17.27 0.30 -5.22
CA ALA D 11 17.15 -0.88 -4.30
C ALA D 11 15.73 -1.46 -4.37
N GLU D 12 15.33 -1.91 -5.54
CA GLU D 12 13.97 -2.50 -5.67
C GLU D 12 14.05 -4.03 -5.69
N GLN D 13 13.07 -4.68 -6.27
CA GLN D 13 13.09 -6.16 -6.33
C GLN D 13 12.96 -6.64 -7.78
N ARG D 14 14.07 -6.78 -8.46
CA ARG D 14 14.03 -7.24 -9.88
C ARG D 14 13.06 -6.37 -10.70
N HIS D 15 12.89 -5.13 -10.30
CA HIS D 15 11.96 -4.19 -11.02
C HIS D 15 10.71 -4.92 -11.53
N GLN D 16 10.24 -5.89 -10.80
CA GLN D 16 9.03 -6.65 -11.23
C GLN D 16 8.33 -7.27 -10.02
N GLU D 17 9.08 -7.78 -9.08
CA GLU D 17 8.48 -8.43 -7.87
C GLU D 17 7.39 -7.54 -7.25
N TRP D 18 7.45 -6.25 -7.47
CA TRP D 18 6.42 -5.36 -6.87
C TRP D 18 5.35 -4.98 -7.91
N LEU D 19 5.75 -4.71 -9.11
CA LEU D 19 4.76 -4.31 -10.16
C LEU D 19 3.70 -5.41 -10.29
N ARG D 20 4.08 -6.65 -10.14
CA ARG D 20 3.08 -7.75 -10.20
C ARG D 20 2.10 -7.57 -9.04
N PHE D 21 2.51 -6.84 -8.03
CA PHE D 21 1.64 -6.58 -6.85
C PHE D 21 0.69 -5.43 -7.15
N VAL D 22 1.18 -4.42 -7.82
CA VAL D 22 0.37 -3.23 -8.13
C VAL D 22 -0.73 -3.55 -9.16
N ASP D 23 -0.43 -4.36 -10.14
CA ASP D 23 -1.45 -4.69 -11.18
C ASP D 23 -2.77 -5.12 -10.54
N LEU D 24 -2.73 -6.02 -9.60
CA LEU D 24 -3.99 -6.47 -8.94
C LEU D 24 -4.39 -5.48 -7.86
N LEU D 25 -3.43 -4.85 -7.25
CA LEU D 25 -3.74 -3.86 -6.18
C LEU D 25 -4.59 -2.72 -6.71
N LYS D 26 -4.28 -2.22 -7.87
CA LYS D 26 -5.07 -1.08 -8.43
C LYS D 26 -6.28 -1.59 -9.22
N ASN D 27 -6.14 -2.67 -9.95
CA ASN D 27 -7.31 -3.22 -10.69
C ASN D 27 -8.40 -3.47 -9.67
N ALA D 28 -7.99 -3.54 -8.44
CA ALA D 28 -8.94 -3.76 -7.34
C ALA D 28 -9.03 -2.48 -6.50
N TYR D 29 -8.69 -1.38 -7.10
CA TYR D 29 -8.71 -0.07 -6.37
C TYR D 29 -9.77 0.86 -6.97
N GLN D 30 -10.20 0.59 -8.18
CA GLN D 30 -11.24 1.47 -8.80
C GLN D 30 -12.62 1.15 -8.20
N ASN D 31 -12.77 0.01 -7.60
CA ASN D 31 -14.08 -0.37 -7.01
C ASN D 31 -13.89 -0.71 -5.53
N ASP D 32 -14.62 -1.67 -5.02
CA ASP D 32 -14.45 -2.06 -3.58
C ASP D 32 -13.51 -3.27 -3.50
N LEU D 33 -12.66 -3.42 -4.48
CA LEU D 33 -11.73 -4.58 -4.48
C LEU D 33 -10.41 -4.20 -3.78
N HIS D 34 -10.40 -3.11 -3.06
CA HIS D 34 -9.16 -2.69 -2.32
C HIS D 34 -9.34 -2.99 -0.83
N LEU D 35 -10.57 -3.08 -0.40
CA LEU D 35 -10.84 -3.42 1.01
C LEU D 35 -10.63 -4.93 1.23
N PRO D 36 -10.73 -5.71 0.16
CA PRO D 36 -10.50 -7.17 0.27
C PRO D 36 -9.00 -7.43 0.14
N LEU D 37 -8.25 -6.42 0.44
CA LEU D 37 -6.77 -6.50 0.39
C LEU D 37 -6.27 -6.01 1.74
N LEU D 38 -6.96 -5.04 2.29
CA LEU D 38 -6.59 -4.56 3.64
C LEU D 38 -7.47 -5.31 4.63
N ASN D 39 -8.11 -6.35 4.16
CA ASN D 39 -8.94 -7.17 5.04
C ASN D 39 -8.82 -8.61 4.56
N LEU D 40 -7.72 -8.90 3.94
CA LEU D 40 -7.48 -10.26 3.40
C LEU D 40 -6.23 -10.85 4.03
N MET D 41 -5.44 -10.04 4.67
CA MET D 41 -4.17 -10.56 5.25
C MET D 41 -4.05 -10.31 6.79
N LEU D 42 -5.06 -10.71 7.54
CA LEU D 42 -5.07 -10.62 9.05
C LEU D 42 -4.73 -9.22 9.63
N THR D 43 -3.51 -8.72 9.48
CA THR D 43 -3.22 -7.36 10.06
C THR D 43 -3.34 -6.26 8.99
N PRO D 44 -4.27 -6.41 8.09
CA PRO D 44 -4.47 -5.39 7.07
C PRO D 44 -5.47 -4.36 7.59
N ASP D 45 -5.96 -4.56 8.79
CA ASP D 45 -6.86 -3.57 9.43
C ASP D 45 -6.00 -2.47 10.00
N GLU D 46 -4.82 -2.32 9.46
CA GLU D 46 -3.93 -1.25 9.92
C GLU D 46 -4.73 0.03 10.02
N ARG D 47 -5.56 0.30 9.01
CA ARG D 47 -6.40 1.55 9.01
C ARG D 47 -5.72 2.63 9.85
N GLU D 48 -4.43 2.68 9.75
CA GLU D 48 -3.65 3.67 10.52
C GLU D 48 -2.41 4.01 9.71
N ALA D 49 -1.38 3.19 9.73
CA ALA D 49 -0.17 3.48 8.89
C ALA D 49 -0.66 4.13 7.59
N LEU D 50 -1.66 3.53 6.97
CA LEU D 50 -2.23 4.14 5.72
C LEU D 50 -2.98 5.42 6.05
N GLY D 51 -3.93 5.34 6.95
CA GLY D 51 -4.70 6.57 7.34
C GLY D 51 -3.70 7.68 7.67
N THR D 52 -2.55 7.30 8.15
CA THR D 52 -1.50 8.31 8.48
C THR D 52 -0.68 8.58 7.23
N ARG D 53 -0.48 7.58 6.40
CA ARG D 53 0.31 7.77 5.15
C ARG D 53 -0.27 8.96 4.38
N VAL D 54 -1.54 9.21 4.53
CA VAL D 54 -2.18 10.37 3.85
C VAL D 54 -2.35 11.51 4.85
N ARG D 55 -1.62 11.45 5.94
CA ARG D 55 -1.74 12.50 6.99
C ARG D 55 -0.40 13.19 7.23
N ILE D 56 0.68 12.63 6.76
CA ILE D 56 2.01 13.29 6.98
C ILE D 56 2.52 13.92 5.67
N VAL D 57 2.11 13.39 4.56
CA VAL D 57 2.53 13.97 3.25
C VAL D 57 1.52 15.03 2.89
N GLU D 58 0.29 14.66 3.06
CA GLU D 58 -0.84 15.57 2.81
C GLU D 58 -0.59 16.92 3.49
N GLU D 59 0.21 16.92 4.54
CA GLU D 59 0.52 18.19 5.26
C GLU D 59 1.84 18.76 4.74
N LEU D 60 2.76 17.90 4.37
CA LEU D 60 4.09 18.38 3.87
C LEU D 60 3.97 18.85 2.42
N LEU D 61 3.27 18.10 1.61
CA LEU D 61 3.12 18.49 0.18
C LEU D 61 2.41 19.83 0.05
N ARG D 62 1.74 20.27 1.09
CA ARG D 62 1.02 21.56 1.03
C ARG D 62 1.89 22.67 1.66
N GLY D 63 2.42 22.43 2.82
CA GLY D 63 3.27 23.46 3.49
C GLY D 63 4.67 22.89 3.72
N GLU D 64 5.28 23.21 4.83
CA GLU D 64 6.65 22.69 5.12
C GLU D 64 7.17 23.29 6.43
N MET D 65 6.30 23.47 7.40
CA MET D 65 6.74 24.06 8.70
C MET D 65 6.90 22.95 9.75
N SER D 66 6.06 21.95 9.70
CA SER D 66 6.17 20.83 10.69
C SER D 66 6.10 21.38 12.12
N GLN D 67 5.95 20.51 13.10
CA GLN D 67 5.87 20.95 14.54
C GLN D 67 5.29 22.36 14.67
N ARG D 68 4.24 22.67 13.96
CA ARG D 68 3.64 24.04 14.06
C ARG D 68 2.30 24.10 13.32
N GLU D 69 1.63 23.00 13.19
CA GLU D 69 0.31 23.00 12.49
C GLU D 69 -0.59 21.89 13.04
N LEU D 70 -0.37 20.66 12.63
CA LEU D 70 -1.21 19.53 13.17
C LEU D 70 -0.72 18.21 12.59
N LYS D 71 0.30 17.69 13.18
CA LYS D 71 0.89 16.43 12.70
C LYS D 71 0.60 15.27 13.66
N ASN D 72 0.76 15.47 14.94
CA ASN D 72 0.46 14.37 15.91
C ASN D 72 -0.54 14.87 16.96
N GLU D 73 -0.76 16.17 17.01
CA GLU D 73 -1.72 16.72 18.00
C GLU D 73 -3.04 15.91 18.00
N LEU D 74 -3.33 15.25 16.91
CA LEU D 74 -4.57 14.44 16.84
C LEU D 74 -4.46 13.41 15.71
N GLY D 75 -3.27 12.90 15.48
CA GLY D 75 -3.10 11.90 14.38
C GLY D 75 -1.73 11.21 14.47
N ALA D 76 -0.73 11.76 13.83
CA ALA D 76 0.63 11.16 13.84
C ALA D 76 1.44 11.76 12.73
N GLY D 77 2.21 12.73 13.07
CA GLY D 77 3.04 13.41 12.07
C GLY D 77 4.31 13.86 12.77
N ILE D 78 4.18 14.43 13.93
CA ILE D 78 5.38 14.92 14.69
C ILE D 78 6.58 13.98 14.44
N ALA D 79 6.30 12.72 14.36
CA ALA D 79 7.37 11.71 14.09
C ALA D 79 7.13 11.09 12.72
N THR D 80 6.43 11.79 11.89
CA THR D 80 6.08 11.28 10.54
C THR D 80 5.95 12.45 9.52
N ILE D 81 5.81 13.66 10.00
CA ILE D 81 5.74 14.85 9.10
C ILE D 81 7.09 15.57 9.20
N THR D 82 7.58 15.70 10.39
CA THR D 82 8.90 16.35 10.60
C THR D 82 9.95 15.28 10.50
N ARG D 83 9.62 14.10 10.95
CA ARG D 83 10.60 12.99 10.78
C ARG D 83 10.94 12.94 9.29
N GLY D 84 10.01 13.37 8.45
CA GLY D 84 10.27 13.40 6.98
C GLY D 84 11.60 14.07 6.69
N SER D 85 12.10 14.87 7.61
CA SER D 85 13.44 15.50 7.39
C SER D 85 14.41 14.41 6.93
N ASN D 86 14.17 13.20 7.36
CA ASN D 86 15.03 12.05 6.94
C ASN D 86 14.24 11.16 5.98
N SER D 87 13.30 11.73 5.27
CA SER D 87 12.51 10.92 4.30
C SER D 87 13.46 10.31 3.27
N LEU D 88 14.66 10.83 3.16
CA LEU D 88 15.65 10.27 2.19
C LEU D 88 15.58 8.74 2.22
N LYS D 89 15.31 8.18 3.38
CA LYS D 89 15.19 6.69 3.46
C LYS D 89 14.16 6.20 2.41
N ALA D 90 12.95 6.71 2.45
CA ALA D 90 11.94 6.31 1.42
C ALA D 90 12.00 7.34 0.27
N ALA D 91 13.03 8.16 0.30
CA ALA D 91 13.29 9.22 -0.74
C ALA D 91 12.04 9.72 -1.46
N PRO D 92 11.60 10.89 -1.08
CA PRO D 92 10.45 11.54 -1.74
C PRO D 92 10.97 12.51 -2.82
N VAL D 93 11.74 12.03 -3.76
CA VAL D 93 12.27 12.93 -4.81
C VAL D 93 12.44 12.19 -6.15
N GLU D 94 12.94 10.98 -6.12
CA GLU D 94 13.12 10.22 -7.40
C GLU D 94 11.77 10.08 -8.11
N LEU D 95 10.73 9.83 -7.36
CA LEU D 95 9.37 9.68 -7.96
C LEU D 95 8.40 10.62 -7.27
N ARG D 96 8.80 11.28 -6.21
CA ARG D 96 7.88 12.26 -5.58
C ARG D 96 7.34 13.17 -6.70
N GLN D 97 8.10 13.29 -7.77
CA GLN D 97 7.68 14.11 -8.92
C GLN D 97 6.24 13.77 -9.30
N TRP D 98 5.88 12.51 -9.37
CA TRP D 98 4.47 12.19 -9.70
C TRP D 98 3.60 12.58 -8.50
N LEU D 99 4.07 12.32 -7.30
CA LEU D 99 3.27 12.66 -6.09
C LEU D 99 2.78 14.10 -6.19
N GLU D 100 3.54 14.95 -6.81
CA GLU D 100 3.11 16.36 -6.96
C GLU D 100 2.19 16.50 -8.18
N GLU D 101 2.31 15.63 -9.14
CA GLU D 101 1.44 15.72 -10.35
C GLU D 101 -0.03 15.60 -9.94
N VAL D 102 -0.29 14.94 -8.84
CA VAL D 102 -1.71 14.80 -8.38
C VAL D 102 -2.07 15.94 -7.43
N LEU D 103 -1.13 16.80 -7.12
CA LEU D 103 -1.45 17.96 -6.21
C LEU D 103 -1.08 19.25 -6.93
N LEU D 104 0.15 19.36 -7.36
CA LEU D 104 0.59 20.59 -8.08
C LEU D 104 1.77 20.29 -9.01
N LYS D 105 2.82 19.69 -8.50
CA LYS D 105 4.01 19.37 -9.35
C LYS D 105 4.44 20.63 -10.15
N SER D 106 4.05 21.80 -9.68
CA SER D 106 4.44 23.06 -10.39
C SER D 106 3.89 23.05 -11.82
N ASP D 107 4.58 22.41 -12.73
CA ASP D 107 4.08 22.37 -14.14
C ASP D 107 3.93 20.92 -14.60
N TRP E . -2.29 -7.65 6.76
CA TRP E . -1.01 -7.58 7.50
C TRP E . -0.34 -6.24 7.22
O TRP E . 0.67 -5.96 7.84
CB TRP E . -0.17 -8.75 6.94
CG TRP E . -0.48 -10.00 7.67
CD1 TRP E . -0.43 -10.19 9.00
CD2 TRP E . -0.91 -11.25 7.09
NE1 TRP E . -0.80 -11.50 9.28
CE2 TRP E . -1.11 -12.19 8.12
CE3 TRP E . -1.15 -11.66 5.78
CZ2 TRP E . -1.53 -13.49 7.84
CZ3 TRP E . -1.58 -12.96 5.50
CH2 TRP E . -1.76 -13.86 6.52
OXT TRP E . -0.85 -5.52 6.38
H2 TRP E . -2.16 -8.16 5.87
H TRP E . -2.63 -6.68 6.56
HA TRP E . -1.17 -7.71 8.54
HB2 TRP E . -0.42 -8.90 5.92
HB3 TRP E . 0.88 -8.52 7.04
HD1 TRP E . -0.16 -9.44 9.73
HE1 TRP E . -0.85 -11.91 10.17
HE3 TRP E . -0.99 -10.96 4.98
HZ2 TRP E . -1.66 -14.19 8.63
HZ3 TRP E . -1.78 -13.25 4.50
HH2 TRP E . -2.08 -14.87 6.30
N TRP F . 7.24 5.47 5.80
CA TRP F . 8.09 6.07 6.87
C TRP F . 9.24 5.15 7.30
O TRP F . 10.30 5.23 6.69
CB TRP F . 7.16 6.32 8.05
CG TRP F . 7.60 7.55 8.66
CD1 TRP F . 7.99 7.70 9.93
CD2 TRP F . 7.74 8.80 8.00
NE1 TRP F . 8.34 9.04 10.11
CE2 TRP F . 8.20 9.75 8.92
CE3 TRP F . 7.50 9.17 6.69
CZ2 TRP F . 8.40 11.08 8.53
CZ3 TRP F . 7.71 10.48 6.27
CH2 TRP F . 8.16 11.43 7.19
OXT TRP F . 9.05 4.40 8.24
H2 TRP F . 6.40 6.06 5.67
H TRP F . 6.96 4.52 6.08
HA TRP F . 8.49 7.01 6.53
HB2 TRP F . 6.12 6.45 7.71
HB3 TRP F . 7.22 5.51 8.75
HD1 TRP F . 8.01 6.92 10.67
HE1 TRP F . 8.65 9.44 10.94
HE3 TRP F . 7.15 8.43 5.99
HZ2 TRP F . 8.74 11.81 9.24
HZ3 TRP F . 7.53 10.73 5.25
HH2 TRP F . 8.31 12.45 6.86
N GLN C 3 -28.22 9.30 11.33
CA GLN C 3 -28.26 10.44 10.37
C GLN C 3 -29.56 10.41 9.57
N SER C 4 -30.00 11.54 9.08
CA SER C 4 -31.27 11.59 8.29
C SER C 4 -32.43 11.00 9.11
N PRO C 5 -33.61 11.07 8.55
CA PRO C 5 -34.81 10.54 9.24
C PRO C 5 -34.79 9.00 9.24
N TYR C 6 -34.33 8.41 8.17
CA TYR C 6 -34.28 6.92 8.10
C TYR C 6 -33.00 6.40 8.78
N SER C 7 -32.66 5.16 8.55
CA SER C 7 -31.43 4.60 9.18
C SER C 7 -30.28 4.62 8.18
N ALA C 8 -30.42 3.94 7.07
CA ALA C 8 -29.32 3.92 6.06
C ALA C 8 -29.45 5.13 5.12
N ALA C 9 -28.34 5.62 4.62
CA ALA C 9 -28.39 6.78 3.70
C ALA C 9 -27.24 6.71 2.70
N MET C 10 -26.77 5.53 2.40
CA MET C 10 -25.64 5.38 1.42
C MET C 10 -24.46 6.26 1.84
N ALA C 11 -23.51 5.70 2.55
CA ALA C 11 -22.33 6.50 2.99
C ALA C 11 -21.05 5.72 2.72
N GLU C 12 -20.13 6.29 1.97
CA GLU C 12 -18.85 5.58 1.68
C GLU C 12 -17.78 5.97 2.70
N GLN C 13 -18.16 6.60 3.78
CA GLN C 13 -17.16 7.02 4.82
C GLN C 13 -16.11 7.97 4.23
N ARG C 14 -16.33 8.49 3.05
CA ARG C 14 -15.35 9.43 2.42
C ARG C 14 -13.94 8.84 2.37
N HIS C 15 -13.22 8.89 3.47
CA HIS C 15 -11.81 8.35 3.52
C HIS C 15 -11.04 8.65 2.22
N GLN C 16 -11.13 9.87 1.76
CA GLN C 16 -10.38 10.24 0.52
C GLN C 16 -8.90 9.90 0.70
N GLU C 17 -8.42 9.93 1.92
CA GLU C 17 -7.00 9.60 2.17
C GLU C 17 -6.71 8.20 1.59
N TRP C 18 -7.68 7.33 1.66
CA TRP C 18 -7.52 5.97 1.11
C TRP C 18 -7.39 6.04 -0.41
N LEU C 19 -8.15 6.91 -1.03
CA LEU C 19 -8.08 7.02 -2.52
C LEU C 19 -6.89 7.86 -2.97
N ARG C 20 -6.63 8.95 -2.31
CA ARG C 20 -5.47 9.81 -2.71
C ARG C 20 -4.19 8.97 -2.76
N PHE C 21 -4.14 7.89 -2.02
CA PHE C 21 -2.92 7.04 -2.01
C PHE C 21 -3.07 5.88 -3.00
N VAL C 22 -4.25 5.62 -3.48
CA VAL C 22 -4.45 4.52 -4.46
C VAL C 22 -4.24 5.10 -5.86
N ASP C 23 -4.52 6.37 -6.01
CA ASP C 23 -4.33 7.01 -7.33
C ASP C 23 -2.88 7.43 -7.50
N LEU C 24 -2.31 8.04 -6.50
CA LEU C 24 -0.88 8.45 -6.61
C LEU C 24 0.00 7.20 -6.75
N LEU C 25 -0.47 6.07 -6.30
CA LEU C 25 0.34 4.83 -6.43
C LEU C 25 0.31 4.36 -7.89
N LYS C 26 -0.75 3.74 -8.31
CA LYS C 26 -0.89 3.24 -9.74
C LYS C 26 -0.14 4.10 -10.77
N ASN C 27 -0.11 5.39 -10.56
CA ASN C 27 0.58 6.28 -11.52
C ASN C 27 2.07 6.19 -11.29
N ALA C 28 2.48 6.44 -10.08
CA ALA C 28 3.92 6.31 -9.77
C ALA C 28 4.30 4.83 -9.82
N TYR C 29 3.31 3.98 -9.71
CA TYR C 29 3.53 2.51 -9.78
C TYR C 29 4.07 2.16 -11.17
N GLN C 30 3.82 3.00 -12.14
CA GLN C 30 4.33 2.74 -13.52
C GLN C 30 5.15 3.93 -14.04
N ASN C 31 5.11 5.05 -13.37
CA ASN C 31 5.88 6.24 -13.83
C ASN C 31 7.32 6.24 -13.31
N ASP C 32 7.54 6.68 -12.09
CA ASP C 32 8.92 6.71 -11.55
C ASP C 32 9.26 5.37 -10.88
N LEU C 33 8.91 5.21 -9.63
CA LEU C 33 9.22 3.94 -8.94
C LEU C 33 8.26 3.70 -7.76
N HIS C 34 7.21 4.50 -7.64
CA HIS C 34 6.20 4.32 -6.53
C HIS C 34 6.80 3.96 -5.16
N LEU C 35 8.09 4.12 -4.99
CA LEU C 35 8.68 3.79 -3.66
C LEU C 35 8.92 5.04 -2.78
N PRO C 36 8.75 6.22 -3.32
CA PRO C 36 8.93 7.43 -2.49
C PRO C 36 7.67 7.67 -1.68
N LEU C 37 6.61 7.06 -2.10
CA LEU C 37 5.31 7.25 -1.41
C LEU C 37 4.98 6.01 -0.60
N LEU C 38 5.31 4.85 -1.09
CA LEU C 38 5.00 3.63 -0.30
C LEU C 38 6.03 3.46 0.81
N ASN C 39 7.04 4.30 0.84
CA ASN C 39 8.04 4.15 1.92
C ASN C 39 8.08 5.42 2.77
N LEU C 40 8.12 6.57 2.17
CA LEU C 40 8.21 7.82 2.98
C LEU C 40 6.83 8.31 3.38
N MET C 41 5.80 7.53 3.20
CA MET C 41 4.45 8.08 3.55
C MET C 41 3.86 7.52 4.85
N LEU C 42 4.27 6.36 5.30
CA LEU C 42 3.69 5.83 6.59
C LEU C 42 4.33 4.50 6.92
N THR C 43 4.81 3.82 5.95
CA THR C 43 5.49 2.53 6.24
C THR C 43 6.28 2.08 5.04
N PRO C 44 7.55 2.20 5.20
CA PRO C 44 8.51 1.83 4.17
C PRO C 44 8.94 0.38 4.44
N ASP C 45 8.98 -0.01 5.69
CA ASP C 45 9.25 -1.43 6.00
C ASP C 45 8.15 -2.22 5.30
N GLU C 46 7.04 -1.55 5.01
CA GLU C 46 5.93 -2.21 4.27
C GLU C 46 6.51 -2.80 3.00
N ARG C 47 7.57 -2.19 2.50
CA ARG C 47 8.25 -2.75 1.29
C ARG C 47 8.48 -4.22 1.58
N GLU C 48 8.80 -4.52 2.81
CA GLU C 48 8.99 -5.94 3.21
C GLU C 48 7.61 -6.54 3.55
N ALA C 49 6.71 -5.74 4.07
CA ALA C 49 5.35 -6.25 4.42
C ALA C 49 4.60 -6.71 3.15
N LEU C 50 4.90 -6.15 1.99
CA LEU C 50 4.21 -6.64 0.76
C LEU C 50 4.90 -7.94 0.34
N GLY C 51 6.19 -7.92 0.35
CA GLY C 51 6.94 -9.15 -0.03
C GLY C 51 6.68 -10.23 1.02
N THR C 52 6.31 -9.83 2.21
CA THR C 52 6.05 -10.84 3.27
C THR C 52 4.55 -11.14 3.35
N ARG C 53 3.73 -10.13 3.30
CA ARG C 53 2.26 -10.36 3.43
C ARG C 53 1.65 -10.48 2.03
N VAL C 54 2.07 -9.69 1.12
CA VAL C 54 1.51 -9.81 -0.25
C VAL C 54 2.21 -11.02 -0.90
N ARG C 55 3.20 -11.57 -0.23
CA ARG C 55 3.87 -12.79 -0.77
C ARG C 55 3.07 -14.01 -0.29
N ILE C 56 2.63 -14.00 0.95
CA ILE C 56 1.85 -15.16 1.48
C ILE C 56 0.67 -15.47 0.56
N VAL C 57 -0.03 -14.48 0.09
CA VAL C 57 -1.21 -14.75 -0.80
C VAL C 57 -0.73 -15.02 -2.21
N GLU C 58 0.06 -14.15 -2.73
CA GLU C 58 0.59 -14.36 -4.10
C GLU C 58 1.38 -15.68 -4.16
N GLU C 59 1.81 -16.19 -3.03
CA GLU C 59 2.55 -17.49 -3.03
C GLU C 59 1.61 -18.62 -2.64
N LEU C 60 0.49 -18.31 -2.03
CA LEU C 60 -0.47 -19.38 -1.66
C LEU C 60 -1.17 -19.90 -2.92
N LEU C 61 -1.47 -18.99 -3.82
CA LEU C 61 -2.16 -19.40 -5.09
C LEU C 61 -1.13 -19.76 -6.18
N ARG C 62 0.06 -19.24 -6.09
CA ARG C 62 1.10 -19.55 -7.14
C ARG C 62 2.36 -20.14 -6.51
N GLY C 63 2.67 -19.74 -5.30
CA GLY C 63 3.89 -20.25 -4.62
C GLY C 63 3.82 -21.78 -4.54
N GLU C 64 3.43 -22.31 -3.41
CA GLU C 64 3.36 -23.79 -3.29
C GLU C 64 2.35 -24.18 -2.21
N MET C 65 2.64 -23.85 -0.97
CA MET C 65 1.71 -24.18 0.13
C MET C 65 2.36 -23.87 1.48
N SER C 66 2.30 -22.63 1.91
CA SER C 66 2.91 -22.23 3.24
C SER C 66 2.78 -23.37 4.27
N GLN C 67 3.67 -23.42 5.26
CA GLN C 67 3.64 -24.51 6.33
C GLN C 67 5.04 -25.14 6.44
N ARG C 68 6.01 -24.39 6.90
CA ARG C 68 7.40 -24.92 7.01
C ARG C 68 8.01 -25.07 5.62
N GLU C 69 7.37 -24.52 4.62
CA GLU C 69 7.91 -24.62 3.23
C GLU C 69 7.77 -23.27 2.51
N LEU C 70 6.86 -22.42 2.93
CA LEU C 70 6.70 -21.10 2.27
C LEU C 70 6.37 -20.03 3.32
N LYS C 71 5.49 -20.33 4.23
CA LYS C 71 5.13 -19.34 5.28
C LYS C 71 6.37 -18.82 6.01
N ASN C 72 7.38 -19.65 6.18
CA ASN C 72 8.59 -19.19 6.93
C ASN C 72 9.87 -19.35 6.11
N GLU C 73 9.91 -20.30 5.21
CA GLU C 73 11.16 -20.51 4.40
C GLU C 73 11.78 -19.17 3.99
N LEU C 74 10.97 -18.18 3.79
CA LEU C 74 11.49 -16.83 3.41
C LEU C 74 10.33 -15.86 3.21
N GLY C 75 9.58 -15.57 4.25
CA GLY C 75 8.44 -14.63 4.07
C GLY C 75 7.87 -14.16 5.41
N ALA C 76 7.68 -15.04 6.38
CA ALA C 76 7.05 -14.62 7.68
C ALA C 76 5.59 -14.60 7.43
N GLY C 77 5.16 -15.67 6.89
CA GLY C 77 3.75 -15.82 6.56
C GLY C 77 3.09 -16.72 7.59
N ILE C 78 3.83 -17.41 8.42
CA ILE C 78 3.18 -18.32 9.40
C ILE C 78 2.09 -17.61 10.13
N ALA C 79 2.44 -16.78 11.06
CA ALA C 79 1.40 -15.98 11.77
C ALA C 79 0.60 -15.25 10.70
N THR C 80 1.22 -15.04 9.57
CA THR C 80 0.58 -14.37 8.43
C THR C 80 -0.23 -15.42 7.64
N ILE C 81 0.42 -16.27 6.85
CA ILE C 81 -0.31 -17.34 6.10
C ILE C 81 -1.50 -17.84 6.93
N THR C 82 -1.31 -18.00 8.22
CA THR C 82 -2.44 -18.42 9.08
C THR C 82 -3.38 -17.23 9.24
N ARG C 83 -2.87 -16.08 9.57
CA ARG C 83 -3.75 -14.89 9.65
C ARG C 83 -4.36 -14.68 8.25
N GLY C 84 -3.73 -15.20 7.21
CA GLY C 84 -4.30 -15.07 5.84
C GLY C 84 -5.75 -15.54 5.90
N SER C 85 -6.00 -16.59 6.63
CA SER C 85 -7.42 -17.02 6.79
C SER C 85 -8.14 -15.86 7.47
N ASN C 86 -7.57 -15.37 8.53
CA ASN C 86 -8.17 -14.21 9.21
C ASN C 86 -8.33 -13.10 8.16
N SER C 87 -7.42 -13.02 7.22
CA SER C 87 -7.55 -11.98 6.15
C SER C 87 -8.96 -12.06 5.58
N LEU C 88 -9.52 -13.25 5.56
CA LEU C 88 -10.92 -13.41 5.10
C LEU C 88 -11.76 -12.44 5.91
N LYS C 89 -11.32 -12.15 7.11
CA LYS C 89 -12.07 -11.16 7.94
C LYS C 89 -12.10 -9.82 7.24
N ALA C 90 -10.97 -9.38 6.72
CA ALA C 90 -10.97 -8.09 6.02
C ALA C 90 -11.79 -8.27 4.75
N ALA C 91 -12.00 -9.51 4.35
CA ALA C 91 -12.82 -9.78 3.14
C ALA C 91 -13.42 -11.19 3.18
N PRO C 92 -14.72 -11.27 3.08
CA PRO C 92 -15.38 -12.60 3.08
C PRO C 92 -15.02 -13.37 1.79
N VAL C 93 -15.03 -12.71 0.68
CA VAL C 93 -14.68 -13.38 -0.63
C VAL C 93 -14.62 -12.36 -1.77
N GLU C 94 -15.33 -11.26 -1.65
CA GLU C 94 -15.31 -10.24 -2.73
C GLU C 94 -13.89 -9.80 -3.04
N LEU C 95 -13.23 -9.23 -2.08
CA LEU C 95 -11.84 -8.79 -2.32
C LEU C 95 -10.96 -9.98 -2.63
N ARG C 96 -11.15 -11.07 -1.93
CA ARG C 96 -10.35 -12.28 -2.24
C ARG C 96 -10.57 -12.59 -3.72
N GLN C 97 -11.70 -12.17 -4.25
CA GLN C 97 -11.99 -12.41 -5.69
C GLN C 97 -10.93 -11.73 -6.55
N TRP C 98 -10.48 -10.53 -6.24
CA TRP C 98 -9.42 -9.93 -7.10
C TRP C 98 -8.16 -10.78 -7.00
N LEU C 99 -7.68 -11.01 -5.80
CA LEU C 99 -6.44 -11.83 -5.63
C LEU C 99 -6.58 -13.11 -6.45
N GLU C 100 -7.77 -13.65 -6.50
CA GLU C 100 -8.00 -14.89 -7.30
C GLU C 100 -8.20 -14.50 -8.76
N GLU C 101 -8.66 -13.30 -9.02
CA GLU C 101 -8.86 -12.87 -10.43
C GLU C 101 -7.53 -12.94 -11.18
N VAL C 102 -6.49 -12.47 -10.55
CA VAL C 102 -5.15 -12.51 -11.19
C VAL C 102 -4.50 -13.88 -10.95
N LEU C 103 -5.18 -14.77 -10.28
CA LEU C 103 -4.60 -16.12 -10.01
C LEU C 103 -5.50 -17.20 -10.62
N LEU C 104 -6.67 -17.38 -10.06
CA LEU C 104 -7.59 -18.41 -10.62
C LEU C 104 -9.03 -17.90 -10.64
N LYS C 105 -9.51 -17.34 -9.55
CA LYS C 105 -10.93 -16.84 -9.47
C LYS C 105 -11.86 -17.79 -10.26
N SER C 106 -11.75 -19.06 -9.99
CA SER C 106 -12.61 -20.05 -10.71
C SER C 106 -14.09 -19.78 -10.40
N ASP C 107 -14.80 -19.20 -11.32
CA ASP C 107 -16.24 -18.92 -11.08
C ASP C 107 -17.09 -19.48 -12.22
N GLN D 3 23.26 6.01 -18.69
CA GLN D 3 23.30 4.64 -19.29
C GLN D 3 22.61 4.65 -20.66
N SER D 4 23.17 5.35 -21.61
CA SER D 4 22.55 5.39 -22.98
C SER D 4 22.74 4.05 -23.69
N PRO D 5 23.96 3.60 -23.79
CA PRO D 5 24.25 2.32 -24.47
C PRO D 5 23.83 1.14 -23.59
N TYR D 6 24.66 0.73 -22.67
CA TYR D 6 24.30 -0.42 -21.78
C TYR D 6 23.84 -1.62 -22.62
N SER D 7 23.32 -2.63 -21.97
CA SER D 7 22.85 -3.83 -22.73
C SER D 7 21.34 -4.02 -22.55
N ALA D 8 20.91 -4.33 -21.35
CA ALA D 8 19.45 -4.52 -21.11
C ALA D 8 19.04 -3.83 -19.81
N ALA D 9 19.54 -4.31 -18.69
CA ALA D 9 19.17 -3.69 -17.39
C ALA D 9 20.17 -4.12 -16.30
N MET D 10 21.40 -4.37 -16.69
CA MET D 10 22.45 -4.80 -15.71
C MET D 10 21.86 -5.67 -14.60
N ALA D 11 21.01 -6.60 -14.95
CA ALA D 11 20.40 -7.49 -13.91
C ALA D 11 20.09 -8.86 -14.52
N GLU D 12 19.36 -9.68 -13.81
CA GLU D 12 19.02 -11.03 -14.34
C GLU D 12 17.78 -11.58 -13.64
N GLN D 13 17.86 -11.82 -12.36
CA GLN D 13 16.69 -12.36 -11.61
C GLN D 13 16.61 -11.73 -10.22
N ARG D 14 15.51 -11.91 -9.53
CA ARG D 14 15.36 -11.34 -8.16
C ARG D 14 15.70 -9.83 -8.17
N HIS D 15 15.29 -9.14 -9.20
CA HIS D 15 15.59 -7.67 -9.27
C HIS D 15 14.28 -6.86 -9.22
N GLN D 16 13.17 -7.47 -9.50
CA GLN D 16 11.88 -6.72 -9.46
C GLN D 16 10.87 -7.45 -8.56
N GLU D 17 11.33 -8.00 -7.47
CA GLU D 17 10.40 -8.72 -6.54
C GLU D 17 9.31 -7.77 -6.03
N TRP D 18 9.55 -6.48 -6.09
CA TRP D 18 8.54 -5.50 -5.62
C TRP D 18 7.62 -5.06 -6.77
N LEU D 19 8.16 -4.93 -7.94
CA LEU D 19 7.33 -4.49 -9.10
C LEU D 19 6.25 -5.52 -9.38
N ARG D 20 6.44 -6.75 -8.95
CA ARG D 20 5.39 -7.77 -9.19
C ARG D 20 4.09 -7.27 -8.55
N PHE D 21 4.22 -6.53 -7.48
CA PHE D 21 3.02 -5.96 -6.81
C PHE D 21 2.54 -4.74 -7.58
N VAL D 22 3.43 -3.81 -7.68
CA VAL D 22 3.15 -2.53 -8.35
C VAL D 22 2.33 -2.74 -9.63
N ASP D 23 2.45 -3.87 -10.25
CA ASP D 23 1.63 -4.10 -11.47
C ASP D 23 0.41 -4.95 -11.12
N LEU D 24 0.47 -5.67 -10.03
CA LEU D 24 -0.71 -6.49 -9.62
C LEU D 24 -1.44 -5.81 -8.46
N LEU D 25 -0.69 -5.25 -7.53
CA LEU D 25 -1.33 -4.56 -6.38
C LEU D 25 -2.23 -3.43 -6.88
N LYS D 26 -1.84 -2.80 -7.96
CA LYS D 26 -2.68 -1.69 -8.49
C LYS D 26 -3.69 -2.24 -9.50
N ASN D 27 -3.32 -3.29 -10.20
CA ASN D 27 -4.27 -3.87 -11.17
C ASN D 27 -5.58 -4.11 -10.44
N ALA D 28 -5.50 -4.08 -9.14
CA ALA D 28 -6.71 -4.21 -8.29
C ALA D 28 -7.17 -2.81 -7.93
N TYR D 29 -6.22 -1.92 -7.73
CA TYR D 29 -6.54 -0.50 -7.40
C TYR D 29 -7.63 0.03 -8.34
N GLN D 30 -7.45 -0.13 -9.62
CA GLN D 30 -8.47 0.36 -10.60
C GLN D 30 -9.64 -0.63 -10.70
N ASN D 31 -9.35 -1.91 -10.71
CA ASN D 31 -10.44 -2.92 -10.79
C ASN D 31 -11.32 -2.81 -9.55
N ASP D 32 -10.75 -3.01 -8.39
CA ASP D 32 -11.53 -2.88 -7.13
C ASP D 32 -11.19 -1.55 -6.45
N LEU D 33 -10.16 -1.51 -5.64
CA LEU D 33 -9.76 -0.24 -4.95
C LEU D 33 -8.73 -0.52 -3.85
N HIS D 34 -7.82 -1.44 -4.07
CA HIS D 34 -6.81 -1.77 -3.02
C HIS D 34 -7.50 -2.30 -1.76
N LEU D 35 -8.78 -2.53 -1.83
CA LEU D 35 -9.50 -3.07 -0.65
C LEU D 35 -9.26 -4.58 -0.55
N PRO D 36 -9.05 -5.23 -1.68
CA PRO D 36 -8.78 -6.68 -1.69
C PRO D 36 -7.29 -6.89 -1.54
N LEU D 37 -6.70 -5.98 -0.85
CA LEU D 37 -5.25 -6.04 -0.60
C LEU D 37 -5.01 -5.39 0.75
N LEU D 38 -5.80 -4.39 1.09
CA LEU D 38 -5.66 -3.80 2.44
C LEU D 38 -6.64 -4.55 3.37
N ASN D 39 -7.09 -5.66 2.90
CA ASN D 39 -7.99 -6.51 3.71
C ASN D 39 -7.56 -7.95 3.46
N LEU D 40 -7.34 -8.25 2.23
CA LEU D 40 -6.89 -9.60 1.79
C LEU D 40 -5.84 -10.18 2.76
N MET D 41 -5.12 -9.36 3.48
CA MET D 41 -4.03 -9.95 4.32
C MET D 41 -4.12 -9.66 5.84
N LEU D 42 -5.30 -9.79 6.43
CA LEU D 42 -5.51 -9.63 7.93
C LEU D 42 -5.20 -8.21 8.47
N THR D 43 -3.93 -7.84 8.61
CA THR D 43 -3.61 -6.47 9.15
C THR D 43 -3.41 -5.45 8.01
N PRO D 44 -4.04 -5.65 6.87
CA PRO D 44 -3.89 -4.71 5.78
C PRO D 44 -4.93 -3.62 5.88
N ASP D 45 -5.69 -3.60 6.95
CA ASP D 45 -6.66 -2.51 7.17
C ASP D 45 -5.84 -1.31 7.61
N GLU D 46 -4.74 -1.10 6.95
CA GLU D 46 -3.83 0.01 7.31
C GLU D 46 -4.47 1.38 7.09
N ARG D 47 -5.78 1.48 7.15
CA ARG D 47 -6.41 2.83 6.98
C ARG D 47 -5.74 3.77 8.00
N GLU D 48 -5.16 3.20 9.02
CA GLU D 48 -4.43 4.02 10.04
C GLU D 48 -3.05 4.33 9.48
N ALA D 49 -2.42 3.36 8.85
CA ALA D 49 -1.09 3.58 8.21
C ALA D 49 -1.31 4.05 6.76
N LEU D 50 -2.54 4.32 6.40
CA LEU D 50 -2.84 4.81 5.04
C LEU D 50 -3.55 6.16 5.15
N GLY D 51 -4.57 6.23 5.98
CA GLY D 51 -5.26 7.53 6.18
C GLY D 51 -4.21 8.54 6.61
N THR D 52 -3.17 8.05 7.26
CA THR D 52 -2.06 8.95 7.68
C THR D 52 -1.11 9.12 6.49
N ARG D 53 -0.93 8.07 5.71
CA ARG D 53 -0.02 8.16 4.51
C ARG D 53 -0.30 9.45 3.74
N VAL D 54 -1.52 9.68 3.37
CA VAL D 54 -1.84 10.93 2.64
C VAL D 54 -2.20 12.01 3.67
N ARG D 55 -1.59 11.94 4.82
CA ARG D 55 -1.87 12.93 5.88
C ARG D 55 -0.57 13.39 6.57
N ILE D 56 0.55 12.76 6.30
CA ILE D 56 1.82 13.22 6.95
C ILE D 56 2.71 13.96 5.95
N VAL D 57 2.54 13.74 4.68
CA VAL D 57 3.37 14.47 3.67
C VAL D 57 2.57 15.64 3.16
N GLU D 58 1.34 15.36 2.87
CA GLU D 58 0.40 16.40 2.40
C GLU D 58 0.40 17.59 3.37
N GLU D 59 0.79 17.35 4.60
CA GLU D 59 0.84 18.45 5.60
C GLU D 59 2.24 19.03 5.68
N LEU D 60 3.24 18.23 5.39
CA LEU D 60 4.65 18.72 5.44
C LEU D 60 4.93 19.64 4.26
N LEU D 61 4.28 19.39 3.14
CA LEU D 61 4.51 20.24 1.93
C LEU D 61 3.48 21.38 1.88
N ARG D 62 2.85 21.69 2.98
CA ARG D 62 1.84 22.79 2.98
C ARG D 62 2.12 23.79 4.10
N GLY D 63 2.07 23.35 5.33
CA GLY D 63 2.34 24.28 6.47
C GLY D 63 3.79 24.75 6.43
N GLU D 64 4.50 24.61 7.52
CA GLU D 64 5.92 25.04 7.54
C GLU D 64 6.82 23.86 7.93
N MET D 65 6.38 23.07 8.87
CA MET D 65 7.19 21.88 9.29
C MET D 65 6.38 21.01 10.26
N SER D 66 5.89 21.58 11.33
CA SER D 66 5.10 20.77 12.32
C SER D 66 4.81 21.61 13.58
N GLN D 67 4.35 20.97 14.63
CA GLN D 67 4.07 21.68 15.92
C GLN D 67 2.87 22.64 15.83
N ARG D 68 2.15 22.67 14.74
CA ARG D 68 0.98 23.62 14.65
C ARG D 68 0.37 23.61 13.25
N GLU D 69 0.35 22.47 12.62
CA GLU D 69 -0.25 22.40 11.25
C GLU D 69 -1.49 21.51 11.29
N LEU D 70 -1.31 20.26 11.58
CA LEU D 70 -2.45 19.29 11.65
C LEU D 70 -1.93 17.86 11.74
N LYS D 71 -0.80 17.68 12.36
CA LYS D 71 -0.20 16.32 12.47
C LYS D 71 -0.67 15.62 13.73
N ASN D 72 -0.92 16.34 14.77
CA ASN D 72 -1.37 15.67 16.01
C ASN D 72 -2.87 15.83 16.16
N GLU D 73 -3.56 15.99 15.06
CA GLU D 73 -5.04 16.17 15.10
C GLU D 73 -5.73 14.85 15.46
N LEU D 74 -5.01 13.94 16.08
CA LEU D 74 -5.58 12.60 16.48
C LEU D 74 -5.37 11.60 15.36
N GLY D 75 -4.16 11.46 14.90
CA GLY D 75 -3.86 10.50 13.81
C GLY D 75 -2.46 9.93 14.03
N ALA D 76 -1.45 10.68 13.69
CA ALA D 76 -0.03 10.22 13.86
C ALA D 76 0.82 10.93 12.86
N GLY D 77 1.06 12.15 13.14
CA GLY D 77 1.87 12.98 12.25
C GLY D 77 3.08 13.48 13.02
N ILE D 78 2.86 14.02 14.17
CA ILE D 78 3.98 14.55 15.02
C ILE D 78 5.24 13.69 14.88
N ALA D 79 5.07 12.43 14.70
CA ALA D 79 6.25 11.52 14.53
C ALA D 79 6.21 10.90 13.13
N THR D 80 5.38 11.43 12.29
CA THR D 80 5.25 10.91 10.91
C THR D 80 5.22 12.08 9.90
N ILE D 81 4.96 13.27 10.38
CA ILE D 81 4.95 14.48 9.51
C ILE D 81 6.26 15.24 9.75
N THR D 82 6.67 15.26 10.97
CA THR D 82 7.92 15.93 11.36
C THR D 82 9.02 14.90 11.26
N ARG D 83 8.71 13.70 11.67
CA ARG D 83 9.73 12.62 11.53
C ARG D 83 10.13 12.56 10.06
N GLY D 84 9.25 13.00 9.18
CA GLY D 84 9.57 13.00 7.72
C GLY D 84 10.90 13.73 7.50
N SER D 85 11.31 14.55 8.43
CA SER D 85 12.63 15.24 8.27
C SER D 85 13.67 14.17 7.96
N ASN D 86 13.42 12.97 8.43
CA ASN D 86 14.33 11.82 8.15
C ASN D 86 13.86 11.07 6.91
N SER D 87 13.04 11.70 6.10
CA SER D 87 12.54 11.05 4.84
C SER D 87 13.65 10.23 4.18
N LEU D 88 14.90 10.63 4.35
CA LEU D 88 16.03 9.86 3.75
C LEU D 88 15.75 8.36 3.90
N LYS D 89 15.13 7.98 5.00
CA LYS D 89 14.78 6.54 5.19
C LYS D 89 14.08 5.99 3.94
N ALA D 90 12.99 6.59 3.54
CA ALA D 90 12.29 6.14 2.31
C ALA D 90 12.57 7.16 1.19
N ALA D 91 13.64 7.91 1.36
CA ALA D 91 14.09 8.96 0.39
C ALA D 91 12.96 9.55 -0.47
N PRO D 92 12.67 10.80 -0.22
CA PRO D 92 11.64 11.50 -1.02
C PRO D 92 12.26 12.01 -2.33
N VAL D 93 13.38 12.68 -2.25
CA VAL D 93 14.04 13.23 -3.47
C VAL D 93 14.38 12.14 -4.50
N GLU D 94 14.87 11.00 -4.07
CA GLU D 94 15.21 9.92 -5.04
C GLU D 94 14.07 9.74 -6.06
N LEU D 95 12.87 10.03 -5.65
CA LEU D 95 11.69 9.91 -6.55
C LEU D 95 10.75 11.08 -6.33
N ARG D 96 11.14 12.04 -5.51
CA ARG D 96 10.28 13.24 -5.31
C ARG D 96 9.86 13.72 -6.70
N GLN D 97 10.70 13.49 -7.67
CA GLN D 97 10.39 13.86 -9.07
C GLN D 97 8.94 13.46 -9.38
N TRP D 98 8.54 12.25 -9.07
CA TRP D 98 7.13 11.89 -9.34
C TRP D 98 6.23 12.57 -8.30
N LEU D 99 6.63 12.56 -7.05
CA LEU D 99 5.80 13.21 -5.99
C LEU D 99 5.44 14.62 -6.44
N GLU D 100 6.35 15.28 -7.10
CA GLU D 100 6.07 16.64 -7.60
C GLU D 100 5.27 16.54 -8.89
N GLU D 101 5.45 15.48 -9.64
CA GLU D 101 4.68 15.32 -10.91
C GLU D 101 3.19 15.54 -10.66
N VAL D 102 2.74 15.16 -9.48
CA VAL D 102 1.30 15.36 -9.14
C VAL D 102 1.17 16.51 -8.14
N LEU D 103 2.11 17.42 -8.14
CA LEU D 103 2.05 18.55 -7.18
C LEU D 103 2.75 19.80 -7.77
N LEU D 104 4.00 19.67 -8.16
CA LEU D 104 4.72 20.85 -8.73
C LEU D 104 5.39 20.48 -10.06
N LYS D 105 5.90 19.28 -10.18
CA LYS D 105 6.57 18.87 -11.45
C LYS D 105 5.56 18.28 -12.43
N SER D 106 4.35 18.76 -12.41
CA SER D 106 3.33 18.21 -13.35
C SER D 106 3.63 18.71 -14.78
N ASP D 107 4.78 18.38 -15.29
CA ASP D 107 5.13 18.83 -16.67
C ASP D 107 4.62 17.82 -17.70
N TRP E . -1.78 -6.96 6.22
CA TRP E . -0.66 -7.11 7.19
C TRP E . 0.26 -5.89 7.13
O TRP E . 0.93 -5.64 8.12
CB TRP E . 0.07 -8.36 6.74
CG TRP E . -0.48 -9.57 7.39
CD1 TRP E . -0.70 -9.74 8.71
CD2 TRP E . -0.89 -10.79 6.74
NE1 TRP E . -1.20 -11.02 8.91
CE2 TRP E . -1.33 -11.71 7.71
CE3 TRP E . -0.90 -11.19 5.41
CZ2 TRP E . -1.78 -12.98 7.36
CZ3 TRP E . -1.36 -12.45 5.05
CH2 TRP E . -1.79 -13.35 6.01
OXT TRP E . 0.26 -5.22 6.12
H2 TRP E . -1.53 -7.40 5.31
H TRP E . -1.96 -5.94 6.06
HA TRP E . -1.05 -7.26 8.18
HB2 TRP E . -0.06 -8.48 5.68
HB3 TRP E . 1.12 -8.28 6.97
HD1 TRP E . -0.50 -9.01 9.48
HE1 TRP E . -1.44 -11.41 9.77
HE3 TRP E . -0.56 -10.50 4.64
HZ2 TRP E . -2.11 -13.67 8.10
HZ3 TRP E . -1.36 -12.73 4.02
HH2 TRP E . -2.14 -14.32 5.73
N TRP F . 7.57 3.96 9.04
CA TRP F . 7.21 4.98 8.00
C TRP F . 8.44 5.83 7.64
O TRP F . 9.44 5.73 8.34
CB TRP F . 6.12 5.81 8.66
CG TRP F . 6.68 7.06 9.19
CD1 TRP F . 7.10 7.22 10.44
CD2 TRP F . 6.89 8.29 8.49
NE1 TRP F . 7.53 8.54 10.58
CE2 TRP F . 7.42 9.23 9.38
CE3 TRP F . 6.66 8.66 7.16
CZ2 TRP F . 7.71 10.53 8.97
CZ3 TRP F . 6.95 9.95 6.73
CH2 TRP F . 7.47 10.90 7.64
OXT TRP F . 8.36 6.56 6.68
H2 TRP F . 7.68 4.42 9.96
H TRP F . 8.47 3.51 8.76
HA TRP F . 6.81 4.51 7.13
HB2 TRP F . 5.37 6.08 7.93
HB3 TRP F . 5.67 5.26 9.47
HD1 TRP F . 7.08 6.47 11.21
HE1 TRP F . 7.87 8.95 11.41
HE3 TRP F . 6.27 7.94 6.46
HZ2 TRP F . 8.08 11.25 9.67
HZ3 TRP F . 6.78 10.22 5.72
HH2 TRP F . 7.68 11.90 7.30
N GLN C 3 -30.80 28.29 6.88
CA GLN C 3 -29.59 29.16 6.83
C GLN C 3 -28.36 28.40 7.30
N SER C 4 -28.30 28.04 8.56
CA SER C 4 -27.13 27.29 9.07
C SER C 4 -27.04 25.91 8.39
N PRO C 5 -28.11 25.17 8.47
CA PRO C 5 -28.13 23.82 7.84
C PRO C 5 -28.26 23.94 6.32
N TYR C 6 -27.23 24.41 5.67
CA TYR C 6 -27.29 24.54 4.17
C TYR C 6 -26.67 23.31 3.50
N SER C 7 -25.93 22.52 4.25
CA SER C 7 -25.29 21.31 3.65
C SER C 7 -25.22 20.20 4.70
N ALA C 8 -26.30 19.52 4.94
CA ALA C 8 -26.30 18.43 5.96
C ALA C 8 -25.31 17.32 5.54
N ALA C 9 -25.69 16.49 4.61
CA ALA C 9 -24.78 15.40 4.14
C ALA C 9 -24.35 14.52 5.33
N MET C 10 -23.32 14.90 6.04
CA MET C 10 -22.86 14.09 7.20
C MET C 10 -22.64 12.63 6.78
N ALA C 11 -22.36 12.40 5.53
CA ALA C 11 -22.13 11.00 5.06
C ALA C 11 -20.69 10.83 4.55
N GLU C 12 -20.25 11.72 3.71
CA GLU C 12 -18.85 11.63 3.18
C GLU C 12 -18.59 10.23 2.62
N GLN C 13 -17.34 9.89 2.40
CA GLN C 13 -17.02 8.54 1.85
C GLN C 13 -15.73 8.02 2.49
N ARG C 14 -15.85 7.26 3.55
CA ARG C 14 -14.64 6.71 4.22
C ARG C 14 -14.00 5.61 3.35
N HIS C 15 -13.47 5.99 2.22
CA HIS C 15 -12.83 4.98 1.32
C HIS C 15 -12.04 5.67 0.22
N GLN C 16 -12.52 6.80 -0.26
CA GLN C 16 -11.80 7.53 -1.35
C GLN C 16 -10.31 7.70 -0.99
N GLU C 17 -10.00 7.74 0.28
CA GLU C 17 -8.58 7.89 0.69
C GLU C 17 -7.74 6.74 0.14
N TRP C 18 -8.24 5.53 0.23
CA TRP C 18 -7.47 4.37 -0.28
C TRP C 18 -7.64 4.22 -1.80
N LEU C 19 -8.85 4.29 -2.29
CA LEU C 19 -9.06 4.14 -3.77
C LEU C 19 -8.29 5.23 -4.51
N ARG C 20 -8.46 6.48 -4.14
CA ARG C 20 -7.69 7.55 -4.83
C ARG C 20 -6.19 7.22 -4.70
N PHE C 21 -5.84 6.51 -3.65
CA PHE C 21 -4.43 6.11 -3.45
C PHE C 21 -4.15 4.77 -4.13
N VAL C 22 -5.12 4.18 -4.78
CA VAL C 22 -4.86 2.89 -5.48
C VAL C 22 -4.58 3.21 -6.94
N ASP C 23 -5.42 4.01 -7.53
CA ASP C 23 -5.19 4.39 -8.94
C ASP C 23 -3.90 5.19 -9.02
N LEU C 24 -3.59 5.94 -8.01
CA LEU C 24 -2.32 6.70 -8.03
C LEU C 24 -1.16 5.74 -7.87
N LEU C 25 -1.32 4.72 -7.05
CA LEU C 25 -0.23 3.72 -6.83
C LEU C 25 0.28 3.20 -8.17
N LYS C 26 -0.51 2.37 -8.79
CA LYS C 26 -0.15 1.79 -10.13
C LYS C 26 0.56 2.84 -11.02
N ASN C 27 -0.08 3.96 -11.24
CA ASN C 27 0.51 5.04 -12.09
C ASN C 27 2.01 5.19 -11.85
N ALA C 28 2.41 5.01 -10.63
CA ALA C 28 3.87 5.13 -10.30
C ALA C 28 4.42 3.75 -9.92
N TYR C 29 3.56 2.85 -9.57
CA TYR C 29 3.99 1.47 -9.20
C TYR C 29 4.68 0.81 -10.40
N GLN C 30 4.47 1.33 -11.58
CA GLN C 30 5.12 0.74 -12.78
C GLN C 30 6.64 0.67 -12.54
N ASN C 31 7.14 1.54 -11.71
CA ASN C 31 8.60 1.55 -11.40
C ASN C 31 8.79 1.78 -9.89
N ASP C 32 9.75 2.59 -9.50
CA ASP C 32 9.96 2.85 -8.04
C ASP C 32 9.48 4.27 -7.71
N LEU C 33 8.33 4.63 -8.21
CA LEU C 33 7.81 6.01 -7.95
C LEU C 33 6.76 6.01 -6.82
N HIS C 34 6.04 4.94 -6.65
CA HIS C 34 5.01 4.92 -5.55
C HIS C 34 5.53 4.21 -4.31
N LEU C 35 6.76 3.74 -4.35
CA LEU C 35 7.32 3.06 -3.16
C LEU C 35 7.82 4.10 -2.13
N PRO C 36 8.12 5.30 -2.58
CA PRO C 36 8.60 6.36 -1.65
C PRO C 36 7.40 6.90 -0.87
N LEU C 37 6.25 6.53 -1.32
CA LEU C 37 4.99 6.99 -0.71
C LEU C 37 4.54 5.98 0.35
N LEU C 38 4.65 4.71 0.04
CA LEU C 38 4.24 3.69 1.04
C LEU C 38 5.32 3.47 2.07
N ASN C 39 6.35 4.27 2.05
CA ASN C 39 7.43 4.10 3.05
C ASN C 39 7.72 5.44 3.71
N LEU C 40 7.51 6.53 3.04
CA LEU C 40 7.80 7.84 3.68
C LEU C 40 6.53 8.44 4.28
N MET C 41 5.46 7.67 4.42
CA MET C 41 4.23 8.31 5.00
C MET C 41 3.72 7.64 6.30
N LEU C 42 4.01 6.39 6.54
CA LEU C 42 3.54 5.76 7.82
C LEU C 42 4.32 4.49 8.09
N THR C 43 4.73 3.80 7.07
CA THR C 43 5.52 2.59 7.33
C THR C 43 6.33 2.19 6.10
N PRO C 44 7.59 2.45 6.24
CA PRO C 44 8.56 2.13 5.20
C PRO C 44 9.14 0.73 5.49
N ASP C 45 9.30 0.38 6.75
CA ASP C 45 9.72 -1.00 7.07
C ASP C 45 8.66 -1.91 6.45
N GLU C 46 7.46 -1.37 6.31
CA GLU C 46 6.36 -2.13 5.67
C GLU C 46 6.83 -2.56 4.28
N ARG C 47 7.66 -1.75 3.66
CA ARG C 47 8.21 -2.13 2.33
C ARG C 47 8.74 -3.55 2.48
N GLU C 48 9.23 -3.85 3.65
CA GLU C 48 9.70 -5.24 3.90
C GLU C 48 8.47 -6.08 4.25
N ALA C 49 7.57 -5.53 5.02
CA ALA C 49 6.33 -6.29 5.37
C ALA C 49 5.61 -6.73 4.08
N LEU C 50 5.46 -5.85 3.12
CA LEU C 50 4.78 -6.28 1.85
C LEU C 50 5.54 -7.44 1.25
N GLY C 51 6.80 -7.22 0.95
CA GLY C 51 7.64 -8.31 0.36
C GLY C 51 7.32 -9.61 1.08
N THR C 52 7.16 -9.55 2.37
CA THR C 52 6.85 -10.79 3.14
C THR C 52 5.35 -11.07 3.22
N ARG C 53 4.52 -10.09 3.06
CA ARG C 53 3.05 -10.34 3.19
C ARG C 53 2.49 -11.06 1.95
N VAL C 54 2.74 -10.59 0.77
CA VAL C 54 2.17 -11.34 -0.39
C VAL C 54 3.06 -12.54 -0.68
N ARG C 55 4.36 -12.37 -0.59
CA ARG C 55 5.27 -13.52 -0.84
C ARG C 55 4.87 -14.73 0.00
N ILE C 56 4.16 -14.53 1.10
CA ILE C 56 3.72 -15.71 1.91
C ILE C 56 2.45 -16.30 1.30
N VAL C 57 1.68 -15.49 0.59
CA VAL C 57 0.43 -16.03 -0.02
C VAL C 57 0.68 -16.34 -1.48
N GLU C 58 1.28 -15.43 -2.18
CA GLU C 58 1.57 -15.68 -3.61
C GLU C 58 2.42 -16.96 -3.73
N GLU C 59 3.11 -17.34 -2.68
CA GLU C 59 3.90 -18.60 -2.70
C GLU C 59 3.03 -19.75 -2.19
N LEU C 60 2.34 -19.54 -1.10
CA LEU C 60 1.45 -20.61 -0.55
C LEU C 60 0.60 -21.21 -1.67
N LEU C 61 0.29 -20.41 -2.67
CA LEU C 61 -0.53 -20.92 -3.80
C LEU C 61 0.37 -21.45 -4.93
N ARG C 62 1.60 -21.00 -4.99
CA ARG C 62 2.52 -21.48 -6.06
C ARG C 62 3.61 -22.39 -5.48
N GLY C 63 4.29 -21.94 -4.46
CA GLY C 63 5.37 -22.77 -3.84
C GLY C 63 4.81 -24.12 -3.38
N GLU C 64 4.62 -24.29 -2.10
CA GLU C 64 4.08 -25.59 -1.60
C GLU C 64 3.20 -25.38 -0.37
N MET C 65 2.62 -24.20 -0.24
CA MET C 65 1.71 -23.89 0.92
C MET C 65 2.46 -23.65 2.23
N SER C 66 3.04 -22.49 2.39
CA SER C 66 3.74 -22.12 3.66
C SER C 66 4.60 -23.25 4.25
N GLN C 67 4.79 -23.25 5.58
CA GLN C 67 5.61 -24.31 6.23
C GLN C 67 7.10 -24.07 5.93
N ARG C 68 7.96 -24.60 6.74
CA ARG C 68 9.44 -24.44 6.55
C ARG C 68 9.81 -24.57 5.07
N GLU C 69 9.08 -25.37 4.37
CA GLU C 69 9.34 -25.55 2.91
C GLU C 69 9.09 -24.23 2.16
N LEU C 70 8.23 -23.39 2.69
CA LEU C 70 7.95 -22.09 2.03
C LEU C 70 8.06 -21.00 3.09
N LYS C 71 7.23 -21.07 4.09
CA LYS C 71 7.27 -20.10 5.20
C LYS C 71 8.70 -19.54 5.43
N ASN C 72 9.69 -20.41 5.53
CA ASN C 72 11.09 -19.92 5.80
C ASN C 72 11.61 -19.03 4.67
N GLU C 73 10.97 -19.09 3.55
CA GLU C 73 11.39 -18.25 2.39
C GLU C 73 11.63 -16.80 2.81
N LEU C 74 10.72 -16.22 3.57
CA LEU C 74 10.90 -14.81 4.02
C LEU C 74 9.75 -14.42 4.97
N GLY C 75 10.02 -13.57 5.94
CA GLY C 75 8.94 -13.15 6.89
C GLY C 75 8.98 -14.06 8.10
N ALA C 76 7.85 -14.49 8.58
CA ALA C 76 7.84 -15.41 9.72
C ALA C 76 7.74 -16.79 9.16
N GLY C 77 7.18 -16.87 7.99
CA GLY C 77 7.01 -18.17 7.37
C GLY C 77 6.03 -18.91 8.24
N ILE C 78 5.37 -18.23 9.10
CA ILE C 78 4.43 -18.91 9.97
C ILE C 78 3.38 -17.92 10.39
N ALA C 79 3.60 -17.17 11.44
CA ALA C 79 2.58 -16.16 11.85
C ALA C 79 2.09 -15.46 10.59
N THR C 80 2.93 -15.37 9.61
CA THR C 80 2.52 -14.76 8.33
C THR C 80 1.82 -15.81 7.48
N ILE C 81 2.56 -16.77 7.01
CA ILE C 81 1.96 -17.86 6.18
C ILE C 81 0.66 -18.40 6.85
N THR C 82 0.69 -18.58 8.15
CA THR C 82 -0.51 -19.06 8.89
C THR C 82 -1.55 -17.94 8.94
N ARG C 83 -1.13 -16.73 9.25
CA ARG C 83 -2.12 -15.64 9.26
C ARG C 83 -2.61 -15.47 7.83
N GLY C 84 -1.87 -15.93 6.84
CA GLY C 84 -2.36 -15.86 5.43
C GLY C 84 -3.76 -16.49 5.46
N SER C 85 -3.90 -17.63 6.09
CA SER C 85 -5.27 -18.21 6.22
C SER C 85 -6.15 -17.12 6.83
N ASN C 86 -5.62 -16.45 7.81
CA ASN C 86 -6.38 -15.32 8.41
C ASN C 86 -6.76 -14.38 7.26
N SER C 87 -5.99 -14.35 6.18
CA SER C 87 -6.38 -13.48 5.02
C SER C 87 -7.87 -13.53 4.90
N LEU C 88 -8.42 -14.69 5.09
CA LEU C 88 -9.90 -14.83 5.06
C LEU C 88 -10.48 -13.82 6.05
N LYS C 89 -9.73 -13.51 7.08
CA LYS C 89 -10.21 -12.51 8.10
C LYS C 89 -10.45 -11.15 7.44
N ALA C 90 -9.50 -10.66 6.70
CA ALA C 90 -9.67 -9.35 6.05
C ALA C 90 -10.39 -9.56 4.71
N ALA C 91 -10.77 -10.78 4.42
CA ALA C 91 -11.48 -11.03 3.13
C ALA C 91 -12.66 -12.00 3.29
N PRO C 92 -13.81 -11.56 2.85
CA PRO C 92 -15.01 -12.43 2.91
C PRO C 92 -15.04 -13.32 1.66
N VAL C 93 -13.95 -14.00 1.37
CA VAL C 93 -13.85 -14.87 0.16
C VAL C 93 -13.91 -14.05 -1.14
N GLU C 94 -14.11 -12.77 -1.04
CA GLU C 94 -14.14 -11.93 -2.26
C GLU C 94 -12.73 -11.52 -2.61
N LEU C 95 -12.02 -11.10 -1.62
CA LEU C 95 -10.62 -10.70 -1.85
C LEU C 95 -9.80 -11.93 -2.18
N ARG C 96 -10.03 -13.01 -1.49
CA ARG C 96 -9.30 -14.26 -1.84
C ARG C 96 -9.56 -14.52 -3.33
N GLN C 97 -10.70 -14.07 -3.80
CA GLN C 97 -11.04 -14.26 -5.24
C GLN C 97 -9.95 -13.65 -6.12
N TRP C 98 -9.50 -12.42 -5.87
CA TRP C 98 -8.43 -11.87 -6.75
C TRP C 98 -7.21 -12.79 -6.68
N LEU C 99 -6.83 -13.21 -5.50
CA LEU C 99 -5.65 -14.13 -5.39
C LEU C 99 -5.83 -15.29 -6.36
N GLU C 100 -7.05 -15.77 -6.46
CA GLU C 100 -7.34 -16.88 -7.40
C GLU C 100 -7.28 -16.36 -8.84
N GLU C 101 -7.55 -15.09 -9.05
CA GLU C 101 -7.49 -14.51 -10.42
C GLU C 101 -6.13 -14.85 -11.05
N VAL C 102 -5.10 -14.79 -10.25
CA VAL C 102 -3.74 -15.11 -10.76
C VAL C 102 -3.38 -16.53 -10.31
N LEU C 103 -4.36 -17.35 -10.04
CA LEU C 103 -4.07 -18.75 -9.59
C LEU C 103 -5.10 -19.73 -10.17
N LEU C 104 -6.36 -19.58 -9.83
CA LEU C 104 -7.38 -20.52 -10.37
C LEU C 104 -8.64 -19.78 -10.86
N LYS C 105 -9.02 -18.69 -10.22
CA LYS C 105 -10.24 -17.95 -10.66
C LYS C 105 -10.21 -17.71 -12.16
N SER C 106 -9.03 -17.57 -12.73
CA SER C 106 -8.90 -17.33 -14.20
C SER C 106 -9.55 -15.98 -14.57
N ASP C 107 -10.86 -15.92 -14.59
CA ASP C 107 -11.55 -14.65 -14.95
C ASP C 107 -11.04 -14.14 -16.31
N GLN D 3 4.42 3.04 -18.77
CA GLN D 3 5.40 4.12 -18.45
C GLN D 3 6.72 3.52 -17.94
N SER D 4 7.25 2.57 -18.64
CA SER D 4 8.53 1.93 -18.20
C SER D 4 9.72 2.82 -18.59
N PRO D 5 10.80 2.68 -17.86
CA PRO D 5 12.01 3.48 -18.14
C PRO D 5 12.70 2.98 -19.41
N TYR D 6 12.93 1.69 -19.51
CA TYR D 6 13.60 1.14 -20.72
C TYR D 6 13.49 -0.39 -20.74
N SER D 7 12.29 -0.90 -20.65
CA SER D 7 12.10 -2.39 -20.66
C SER D 7 13.00 -3.05 -19.60
N ALA D 8 13.23 -4.33 -19.71
CA ALA D 8 14.08 -5.02 -18.70
C ALA D 8 15.33 -5.61 -19.38
N ALA D 9 15.14 -6.56 -20.26
CA ALA D 9 16.31 -7.17 -20.96
C ALA D 9 17.36 -7.65 -19.94
N MET D 10 18.51 -8.07 -20.41
CA MET D 10 19.58 -8.54 -19.48
C MET D 10 19.03 -9.59 -18.52
N ALA D 11 19.11 -10.85 -18.89
CA ALA D 11 18.59 -11.94 -18.01
C ALA D 11 17.14 -11.65 -17.60
N GLU D 12 16.69 -12.24 -16.52
CA GLU D 12 15.29 -11.99 -16.07
C GLU D 12 15.14 -10.56 -15.57
N GLN D 13 15.63 -10.26 -14.40
CA GLN D 13 15.52 -8.88 -13.85
C GLN D 13 16.38 -8.73 -12.60
N ARG D 14 16.09 -9.50 -11.57
CA ARG D 14 16.88 -9.40 -10.31
C ARG D 14 16.82 -7.99 -9.74
N HIS D 15 17.17 -7.82 -8.49
CA HIS D 15 17.12 -6.46 -7.87
C HIS D 15 15.74 -5.82 -8.09
N GLN D 16 14.70 -6.54 -7.77
CA GLN D 16 13.32 -5.98 -7.96
C GLN D 16 12.34 -6.66 -7.00
N GLU D 17 12.69 -6.76 -5.75
CA GLU D 17 11.78 -7.42 -4.77
C GLU D 17 10.45 -6.68 -4.70
N TRP D 18 10.40 -5.44 -5.10
CA TRP D 18 9.12 -4.69 -5.04
C TRP D 18 8.44 -4.64 -6.41
N LEU D 19 9.18 -4.40 -7.45
CA LEU D 19 8.56 -4.34 -8.81
C LEU D 19 7.89 -5.68 -9.12
N ARG D 20 8.53 -6.77 -8.78
CA ARG D 20 7.88 -8.09 -9.00
C ARG D 20 6.65 -8.20 -8.09
N PHE D 21 6.58 -7.33 -7.11
CA PHE D 21 5.43 -7.32 -6.16
C PHE D 21 4.31 -6.40 -6.69
N VAL D 22 4.69 -5.31 -7.30
CA VAL D 22 3.67 -4.35 -7.81
C VAL D 22 2.89 -4.95 -8.98
N ASP D 23 3.55 -5.56 -9.92
CA ASP D 23 2.80 -6.17 -11.07
C ASP D 23 1.74 -7.15 -10.55
N LEU D 24 1.89 -7.62 -9.35
CA LEU D 24 0.88 -8.55 -8.78
C LEU D 24 0.08 -7.84 -7.68
N LEU D 25 0.28 -6.56 -7.54
CA LEU D 25 -0.46 -5.78 -6.48
C LEU D 25 -1.37 -4.77 -7.15
N LYS D 26 -0.91 -4.14 -8.18
CA LYS D 26 -1.75 -3.14 -8.88
C LYS D 26 -2.57 -3.82 -9.97
N ASN D 27 -2.03 -4.88 -10.55
CA ASN D 27 -2.79 -5.60 -11.60
C ASN D 27 -4.17 -5.88 -11.03
N ALA D 28 -4.25 -5.78 -9.73
CA ALA D 28 -5.54 -5.97 -9.03
C ALA D 28 -6.13 -4.58 -8.76
N TYR D 29 -5.29 -3.64 -8.44
CA TYR D 29 -5.73 -2.23 -8.18
C TYR D 29 -6.75 -1.76 -9.22
N GLN D 30 -6.71 -2.30 -10.41
CA GLN D 30 -7.68 -1.86 -11.46
C GLN D 30 -9.12 -1.93 -10.94
N ASN D 31 -9.38 -2.78 -9.99
CA ASN D 31 -10.76 -2.90 -9.44
C ASN D 31 -10.70 -3.03 -7.91
N ASP D 32 -11.55 -3.83 -7.32
CA ASP D 32 -11.49 -4.03 -5.84
C ASP D 32 -10.48 -5.12 -5.51
N LEU D 33 -9.57 -5.37 -6.41
CA LEU D 33 -8.58 -6.45 -6.18
C LEU D 33 -7.37 -5.90 -5.40
N HIS D 34 -7.51 -4.74 -4.79
CA HIS D 34 -6.39 -4.16 -3.96
C HIS D 34 -6.71 -4.37 -2.48
N LEU D 35 -7.97 -4.57 -2.19
CA LEU D 35 -8.38 -4.84 -0.80
C LEU D 35 -8.08 -6.30 -0.43
N PRO D 36 -7.85 -7.15 -1.44
CA PRO D 36 -7.55 -8.56 -1.18
C PRO D 36 -6.04 -8.69 -1.03
N LEU D 37 -5.43 -7.60 -0.69
CA LEU D 37 -3.98 -7.56 -0.49
C LEU D 37 -3.73 -6.71 0.75
N LEU D 38 -4.52 -5.69 0.93
CA LEU D 38 -4.37 -4.90 2.17
C LEU D 38 -5.30 -5.50 3.22
N ASN D 39 -5.68 -6.71 3.02
CA ASN D 39 -6.54 -7.42 3.97
C ASN D 39 -6.09 -8.88 3.98
N LEU D 40 -6.00 -9.43 2.81
CA LEU D 40 -5.54 -10.84 2.64
C LEU D 40 -4.37 -11.16 3.57
N MET D 41 -3.47 -10.26 3.78
CA MET D 41 -2.30 -10.66 4.61
C MET D 41 -2.51 -10.45 6.14
N LEU D 42 -3.72 -10.63 6.61
CA LEU D 42 -4.05 -10.55 8.11
C LEU D 42 -3.99 -9.13 8.74
N THR D 43 -2.81 -8.62 9.07
CA THR D 43 -2.74 -7.25 9.70
C THR D 43 -2.87 -6.12 8.65
N PRO D 44 -2.97 -6.46 7.39
CA PRO D 44 -3.09 -5.42 6.36
C PRO D 44 -4.37 -4.62 6.51
N ASP D 45 -5.25 -5.01 7.40
CA ASP D 45 -6.47 -4.18 7.66
C ASP D 45 -6.02 -2.93 8.40
N GLU D 46 -4.78 -2.58 8.23
CA GLU D 46 -4.25 -1.37 8.88
C GLU D 46 -5.16 -0.20 8.54
N ARG D 47 -5.65 -0.15 7.31
CA ARG D 47 -6.57 0.98 6.89
C ARG D 47 -6.25 2.23 7.73
N GLU D 48 -5.00 2.43 8.01
CA GLU D 48 -4.55 3.57 8.84
C GLU D 48 -3.11 3.88 8.47
N ALA D 49 -2.26 2.87 8.40
CA ALA D 49 -0.85 3.13 8.00
C ALA D 49 -0.82 3.70 6.58
N LEU D 50 -1.95 3.70 5.91
CA LEU D 50 -2.03 4.28 4.56
C LEU D 50 -3.13 5.33 4.57
N GLY D 51 -4.25 5.01 5.16
CA GLY D 51 -5.35 6.00 5.26
C GLY D 51 -4.86 7.18 6.08
N THR D 52 -3.87 6.97 6.92
CA THR D 52 -3.33 8.08 7.75
C THR D 52 -1.97 8.50 7.21
N ARG D 53 -1.30 7.63 6.49
CA ARG D 53 0.04 8.00 5.93
C ARG D 53 -0.14 9.14 4.92
N VAL D 54 -1.05 9.01 4.01
CA VAL D 54 -1.25 10.13 3.05
C VAL D 54 -1.60 11.38 3.86
N ARG D 55 -2.30 11.20 4.94
CA ARG D 55 -2.68 12.35 5.81
C ARG D 55 -1.45 13.13 6.29
N ILE D 56 -0.28 12.53 6.32
CA ILE D 56 0.90 13.32 6.81
C ILE D 56 1.52 14.13 5.67
N VAL D 57 1.61 13.59 4.48
CA VAL D 57 2.18 14.43 3.36
C VAL D 57 1.23 15.59 3.18
N GLU D 58 -0.02 15.29 3.22
CA GLU D 58 -1.09 16.33 3.11
C GLU D 58 -0.71 17.57 3.92
N GLU D 59 -0.40 17.37 5.17
CA GLU D 59 -0.04 18.52 6.06
C GLU D 59 1.46 18.79 6.02
N LEU D 60 2.17 18.21 5.08
CA LEU D 60 3.64 18.43 5.00
C LEU D 60 3.97 19.29 3.78
N LEU D 61 3.65 18.81 2.60
CA LEU D 61 3.94 19.60 1.37
C LEU D 61 3.02 20.82 1.29
N ARG D 62 1.87 20.74 1.92
CA ARG D 62 0.92 21.90 1.88
C ARG D 62 0.81 22.53 3.28
N GLY D 63 0.79 21.72 4.30
CA GLY D 63 0.68 22.26 5.69
C GLY D 63 1.85 23.19 5.97
N GLU D 64 3.06 22.69 5.85
CA GLU D 64 4.26 23.54 6.12
C GLU D 64 4.26 24.02 7.57
N MET D 65 3.56 23.31 8.43
CA MET D 65 3.53 23.71 9.87
C MET D 65 3.22 22.49 10.73
N SER D 66 3.66 21.33 10.31
CA SER D 66 3.41 20.08 11.10
C SER D 66 3.81 20.28 12.57
N GLN D 67 2.89 20.06 13.49
CA GLN D 67 3.23 20.23 14.94
C GLN D 67 1.97 20.04 15.80
N ARG D 68 0.81 20.45 15.32
CA ARG D 68 -0.46 20.31 16.12
C ARG D 68 -1.57 21.12 15.44
N GLU D 69 -1.65 21.08 14.15
CA GLU D 69 -2.71 21.86 13.45
C GLU D 69 -3.89 20.95 13.09
N LEU D 70 -3.63 19.72 12.73
CA LEU D 70 -4.76 18.80 12.37
C LEU D 70 -4.30 17.35 12.18
N LYS D 71 -3.03 17.12 11.97
CA LYS D 71 -2.56 15.72 11.77
C LYS D 71 -3.02 14.79 12.88
N ASN D 72 -3.41 15.31 14.02
CA ASN D 72 -3.88 14.40 15.10
C ASN D 72 -5.37 14.62 15.38
N GLU D 73 -5.82 15.84 15.31
CA GLU D 73 -7.27 16.13 15.58
C GLU D 73 -8.18 15.18 14.78
N LEU D 74 -8.04 15.16 13.49
CA LEU D 74 -8.89 14.25 12.66
C LEU D 74 -8.02 13.28 11.86
N GLY D 75 -6.97 12.79 12.48
CA GLY D 75 -6.07 11.83 11.75
C GLY D 75 -5.13 11.16 12.75
N ALA D 76 -3.85 11.34 12.58
CA ALA D 76 -2.85 10.72 13.51
C ALA D 76 -1.47 10.80 12.90
N GLY D 77 -1.02 12.00 12.74
CA GLY D 77 0.31 12.21 12.14
C GLY D 77 1.11 13.20 12.98
N ILE D 78 0.52 13.84 13.96
CA ILE D 78 1.29 14.80 14.82
C ILE D 78 2.71 14.28 15.04
N ALA D 79 2.82 13.00 15.18
CA ALA D 79 4.17 12.37 15.36
C ALA D 79 4.54 11.64 14.07
N THR D 80 3.70 11.74 13.08
CA THR D 80 3.96 11.10 11.78
C THR D 80 3.73 12.12 10.64
N ILE D 81 3.68 13.39 11.00
CA ILE D 81 3.56 14.50 10.00
C ILE D 81 4.82 15.34 10.14
N THR D 82 5.15 15.66 11.35
CA THR D 82 6.37 16.43 11.63
C THR D 82 7.53 15.45 11.62
N ARG D 83 7.26 14.23 12.03
CA ARG D 83 8.34 13.21 11.97
C ARG D 83 8.81 13.12 10.52
N GLY D 84 7.93 13.47 9.59
CA GLY D 84 8.31 13.45 8.14
C GLY D 84 9.68 14.10 7.96
N SER D 85 10.06 14.99 8.82
CA SER D 85 11.41 15.60 8.71
C SER D 85 12.44 14.48 8.57
N ASN D 86 12.11 13.33 9.13
CA ASN D 86 13.02 12.15 9.04
C ASN D 86 12.50 11.17 8.00
N SER D 87 11.61 11.62 7.14
CA SER D 87 11.09 10.72 6.08
C SER D 87 12.22 10.41 5.10
N LEU D 88 13.30 11.15 5.17
CA LEU D 88 14.46 10.90 4.26
C LEU D 88 14.74 9.40 4.16
N LYS D 89 14.55 8.68 5.24
CA LYS D 89 14.78 7.20 5.17
C LYS D 89 13.95 6.59 4.02
N ALA D 90 12.71 6.98 3.89
CA ALA D 90 11.88 6.49 2.75
C ALA D 90 11.84 7.60 1.70
N ALA D 91 12.88 8.40 1.69
CA ALA D 91 13.05 9.57 0.77
C ALA D 91 12.03 9.66 -0.35
N PRO D 92 11.32 10.75 -0.37
CA PRO D 92 10.35 11.00 -1.44
C PRO D 92 11.00 11.85 -2.54
N VAL D 93 12.30 12.09 -2.48
CA VAL D 93 12.97 12.96 -3.51
C VAL D 93 13.55 12.15 -4.68
N GLU D 94 14.25 11.07 -4.44
CA GLU D 94 14.80 10.28 -5.59
C GLU D 94 13.66 9.97 -6.57
N LEU D 95 12.45 10.05 -6.08
CA LEU D 95 11.24 9.78 -6.91
C LEU D 95 10.26 10.94 -6.76
N ARG D 96 10.53 11.90 -5.90
CA ARG D 96 9.60 13.09 -5.78
C ARG D 96 9.17 13.46 -7.18
N GLN D 97 10.06 13.29 -8.12
CA GLN D 97 9.75 13.59 -9.54
C GLN D 97 8.35 13.06 -9.87
N TRP D 98 8.04 11.84 -9.51
CA TRP D 98 6.66 11.35 -9.80
C TRP D 98 5.70 11.89 -8.74
N LEU D 99 6.09 11.86 -7.49
CA LEU D 99 5.20 12.39 -6.41
C LEU D 99 4.68 13.77 -6.80
N GLU D 100 5.45 14.48 -7.58
CA GLU D 100 5.02 15.82 -8.04
C GLU D 100 4.17 15.67 -9.30
N GLU D 101 4.37 14.61 -10.05
CA GLU D 101 3.56 14.39 -11.28
C GLU D 101 2.07 14.45 -10.94
N VAL D 102 1.70 13.89 -9.82
CA VAL D 102 0.27 13.92 -9.41
C VAL D 102 0.03 15.11 -8.48
N LEU D 103 0.84 16.13 -8.56
CA LEU D 103 0.67 17.31 -7.68
C LEU D 103 1.24 18.57 -8.33
N LEU D 104 2.51 18.57 -8.66
CA LEU D 104 3.12 19.78 -9.28
C LEU D 104 3.81 19.44 -10.62
N LYS D 105 4.66 18.44 -10.64
CA LYS D 105 5.36 18.08 -11.91
C LYS D 105 4.36 17.89 -13.04
N SER D 106 3.24 17.28 -12.77
CA SER D 106 2.20 17.06 -13.82
C SER D 106 2.83 16.44 -15.08
N ASP D 107 3.69 15.47 -14.91
CA ASP D 107 4.35 14.83 -16.09
C ASP D 107 3.44 13.74 -16.67
N TRP E . 1.98 -7.27 5.68
CA TRP E . 0.92 -8.03 6.38
C TRP E . -0.11 -7.06 6.94
O TRP E . -0.57 -7.29 8.03
CB TRP E . 1.65 -8.77 7.49
CG TRP E . 0.99 -10.04 7.85
CD1 TRP E . 0.52 -10.38 9.06
CD2 TRP E . 0.77 -11.17 6.99
NE1 TRP E . 0.06 -11.68 8.99
CE2 TRP E . 0.18 -12.20 7.72
CE3 TRP E . 1.03 -11.38 5.65
CZ2 TRP E . -0.13 -13.42 7.13
CZ3 TRP E . 0.70 -12.57 5.04
CH2 TRP E . 0.13 -13.61 5.78
OXT TRP E . -0.40 -6.08 6.27
H2 TRP E . 2.84 -7.86 5.60
H TRP E . 2.21 -6.42 6.22
HA TRP E . 0.45 -8.74 5.71
HB2 TRP E . 2.63 -9.01 7.13
HB3 TRP E . 1.72 -8.13 8.36
HD1 TRP E . 0.52 -9.74 9.93
HE1 TRP E . -0.32 -12.18 9.74
HE3 TRP E . 1.49 -10.60 5.06
HZ2 TRP E . -0.54 -14.23 7.71
HZ3 TRP E . 0.90 -12.70 4.00
HH2 TRP E . -0.12 -14.55 5.31
N TRP F . 6.96 5.74 6.99
CA TRP F . 7.41 6.34 8.27
C TRP F . 8.53 5.53 8.93
O TRP F . 9.68 5.81 8.66
CB TRP F . 6.18 6.36 9.15
CG TRP F . 6.22 7.63 9.86
CD1 TRP F . 6.29 7.82 11.18
CD2 TRP F . 6.23 8.90 9.23
NE1 TRP F . 6.31 9.18 11.40
CE2 TRP F . 6.27 9.90 10.21
CE3 TRP F . 6.20 9.25 7.88
CZ2 TRP F . 6.27 11.24 9.84
CZ3 TRP F . 6.21 10.57 7.50
CH2 TRP F . 6.24 11.58 8.49
OXT TRP F . 8.21 4.65 9.73
H2 TRP F . 6.21 6.33 6.59
H TRP F . 6.59 4.78 7.16
HA TRP F . 7.75 7.35 8.10
HB2 TRP F . 5.28 6.35 8.56
HB3 TRP F . 6.19 5.55 9.86
HD1 TRP F . 6.32 7.03 11.92
HE1 TRP F . 6.34 9.61 12.29
HE3 TRP F . 6.18 8.48 7.14
HZ2 TRP F . 6.29 12.00 10.61
HZ3 TRP F . 6.20 10.80 6.46
HH2 TRP F . 6.23 12.62 8.18
N GLN C 3 -27.22 19.39 -9.95
CA GLN C 3 -28.50 19.47 -9.17
C GLN C 3 -29.03 18.07 -8.86
N SER C 4 -28.18 17.22 -8.36
CA SER C 4 -28.63 15.83 -8.03
C SER C 4 -28.15 15.45 -6.62
N PRO C 5 -28.55 16.23 -5.65
CA PRO C 5 -28.14 15.96 -4.24
C PRO C 5 -28.91 14.75 -3.70
N TYR C 6 -30.14 14.58 -4.12
CA TYR C 6 -30.94 13.42 -3.63
C TYR C 6 -30.26 12.10 -4.02
N SER C 7 -30.71 11.00 -3.46
CA SER C 7 -30.10 9.67 -3.79
C SER C 7 -28.58 9.73 -3.60
N ALA C 8 -28.11 9.59 -2.40
CA ALA C 8 -26.65 9.62 -2.15
C ALA C 8 -26.16 8.27 -1.63
N ALA C 9 -26.98 7.58 -0.87
CA ALA C 9 -26.57 6.25 -0.32
C ALA C 9 -25.21 6.35 0.39
N MET C 10 -24.88 7.50 0.87
CA MET C 10 -23.57 7.67 1.58
C MET C 10 -23.74 8.55 2.81
N ALA C 11 -23.76 7.96 3.98
CA ALA C 11 -23.92 8.76 5.22
C ALA C 11 -22.59 9.41 5.61
N GLU C 12 -21.63 8.62 6.02
CA GLU C 12 -20.31 9.20 6.41
C GLU C 12 -19.23 8.11 6.38
N GLN C 13 -19.52 6.96 6.94
CA GLN C 13 -18.52 5.85 6.95
C GLN C 13 -17.19 6.34 7.52
N ARG C 14 -16.13 5.58 7.33
CA ARG C 14 -14.80 6.00 7.85
C ARG C 14 -13.69 5.49 6.92
N HIS C 15 -13.83 5.71 5.65
CA HIS C 15 -12.77 5.25 4.69
C HIS C 15 -12.45 6.33 3.66
N GLN C 16 -12.92 7.53 3.87
CA GLN C 16 -12.64 8.63 2.90
C GLN C 16 -11.12 8.85 2.79
N GLU C 17 -10.43 8.81 3.90
CA GLU C 17 -8.95 9.02 3.87
C GLU C 17 -8.30 7.97 2.96
N TRP C 18 -8.91 6.82 2.80
CA TRP C 18 -8.32 5.77 1.93
C TRP C 18 -8.48 6.13 0.45
N LEU C 19 -9.66 6.55 0.04
CA LEU C 19 -9.86 6.91 -1.40
C LEU C 19 -8.80 7.92 -1.83
N ARG C 20 -8.53 8.90 -1.02
CA ARG C 20 -7.47 9.88 -1.40
C ARG C 20 -6.17 9.12 -1.61
N PHE C 21 -5.92 8.15 -0.77
CA PHE C 21 -4.69 7.32 -0.90
C PHE C 21 -4.88 6.26 -2.00
N VAL C 22 -6.09 6.07 -2.47
CA VAL C 22 -6.31 5.07 -3.54
C VAL C 22 -6.05 5.73 -4.88
N ASP C 23 -6.24 7.01 -4.96
CA ASP C 23 -6.01 7.73 -6.24
C ASP C 23 -4.51 7.96 -6.46
N LEU C 24 -3.82 8.53 -5.51
CA LEU C 24 -2.36 8.76 -5.69
C LEU C 24 -1.65 7.41 -5.82
N LEU C 25 -2.20 6.39 -5.25
CA LEU C 25 -1.55 5.05 -5.35
C LEU C 25 -1.68 4.50 -6.77
N LYS C 26 -2.86 4.06 -7.12
CA LYS C 26 -3.14 3.48 -8.48
C LYS C 26 -2.36 4.12 -9.64
N ASN C 27 -2.13 5.40 -9.57
CA ASN C 27 -1.44 6.12 -10.68
C ASN C 27 0.05 5.93 -10.55
N ALA C 28 0.57 6.30 -9.43
CA ALA C 28 2.01 6.11 -9.19
C ALA C 28 2.27 4.60 -9.02
N TYR C 29 1.21 3.85 -8.92
CA TYR C 29 1.30 2.38 -8.75
C TYR C 29 1.64 1.72 -10.08
N GLN C 30 1.21 2.31 -11.17
CA GLN C 30 1.52 1.72 -12.51
C GLN C 30 3.03 1.55 -12.69
N ASN C 31 3.81 2.32 -11.97
CA ASN C 31 5.28 2.22 -12.09
C ASN C 31 5.92 2.31 -10.69
N ASP C 32 7.05 2.95 -10.58
CA ASP C 32 7.71 3.08 -9.24
C ASP C 32 7.26 4.37 -8.55
N LEU C 33 6.52 5.20 -9.23
CA LEU C 33 6.06 6.48 -8.61
C LEU C 33 5.27 6.23 -7.32
N HIS C 34 4.86 5.01 -7.06
CA HIS C 34 4.08 4.76 -5.81
C HIS C 34 5.02 4.42 -4.64
N LEU C 35 6.10 3.76 -4.94
CA LEU C 35 7.08 3.39 -3.87
C LEU C 35 7.50 4.62 -3.05
N PRO C 36 7.68 5.73 -3.72
CA PRO C 36 8.07 6.99 -3.00
C PRO C 36 6.94 7.42 -2.07
N LEU C 37 5.76 6.97 -2.38
CA LEU C 37 4.55 7.32 -1.59
C LEU C 37 4.29 6.23 -0.56
N LEU C 38 4.44 5.00 -0.94
CA LEU C 38 4.18 3.90 0.02
C LEU C 38 5.35 3.76 0.98
N ASN C 39 6.35 4.58 0.84
CA ASN C 39 7.49 4.46 1.77
C ASN C 39 7.59 5.68 2.67
N LEU C 40 7.34 6.85 2.16
CA LEU C 40 7.46 8.06 3.01
C LEU C 40 6.13 8.49 3.63
N MET C 41 5.13 7.66 3.66
CA MET C 41 3.84 8.15 4.25
C MET C 41 3.65 7.69 5.71
N LEU C 42 4.27 6.61 6.13
CA LEU C 42 4.14 6.16 7.56
C LEU C 42 4.74 4.78 7.71
N THR C 43 4.78 4.05 6.65
CA THR C 43 5.39 2.72 6.72
C THR C 43 5.80 2.28 5.34
N PRO C 44 7.08 2.23 5.18
CA PRO C 44 7.68 1.85 3.93
C PRO C 44 7.97 0.34 3.96
N ASP C 45 8.07 -0.22 5.15
CA ASP C 45 8.23 -1.69 5.24
C ASP C 45 6.93 -2.30 4.70
N GLU C 46 5.89 -1.51 4.62
CA GLU C 46 4.59 -2.01 4.07
C GLU C 46 4.83 -2.46 2.62
N ARG C 47 5.66 -1.76 1.89
CA ARG C 47 5.95 -2.22 0.50
C ARG C 47 6.54 -3.63 0.64
N GLU C 48 7.08 -3.91 1.80
CA GLU C 48 7.62 -5.26 2.07
C GLU C 48 6.48 -6.10 2.65
N ALA C 49 5.57 -5.46 3.34
CA ALA C 49 4.39 -6.18 3.93
C ALA C 49 3.46 -6.61 2.80
N LEU C 50 3.00 -5.69 1.98
CA LEU C 50 2.11 -6.13 0.86
C LEU C 50 2.93 -7.03 -0.06
N GLY C 51 4.22 -6.86 -0.08
CA GLY C 51 5.07 -7.71 -0.96
C GLY C 51 5.20 -9.10 -0.34
N THR C 52 5.69 -9.18 0.86
CA THR C 52 5.85 -10.50 1.52
C THR C 52 4.50 -11.04 2.00
N ARG C 53 3.75 -10.26 2.75
CA ARG C 53 2.45 -10.78 3.23
C ARG C 53 1.61 -11.23 2.05
N VAL C 54 1.58 -10.50 0.96
CA VAL C 54 0.80 -11.00 -0.19
C VAL C 54 1.57 -12.19 -0.75
N ARG C 55 2.88 -12.11 -0.79
CA ARG C 55 3.68 -13.27 -1.30
C ARG C 55 3.23 -14.56 -0.61
N ILE C 56 2.68 -14.44 0.57
CA ILE C 56 2.17 -15.65 1.27
C ILE C 56 0.82 -16.03 0.62
N VAL C 57 0.02 -15.05 0.29
CA VAL C 57 -1.29 -15.33 -0.37
C VAL C 57 -1.01 -15.60 -1.85
N GLU C 58 -0.02 -14.92 -2.37
CA GLU C 58 0.42 -15.09 -3.78
C GLU C 58 0.49 -16.58 -4.11
N GLU C 59 1.34 -17.28 -3.40
CA GLU C 59 1.51 -18.74 -3.63
C GLU C 59 0.31 -19.52 -3.09
N LEU C 60 -0.16 -19.18 -1.92
CA LEU C 60 -1.34 -19.91 -1.33
C LEU C 60 -2.43 -20.06 -2.39
N LEU C 61 -2.52 -19.14 -3.31
CA LEU C 61 -3.56 -19.22 -4.37
C LEU C 61 -3.05 -20.05 -5.55
N ARG C 62 -1.78 -20.02 -5.82
CA ARG C 62 -1.24 -20.82 -6.98
C ARG C 62 -0.13 -21.76 -6.51
N GLY C 63 1.01 -21.24 -6.16
CA GLY C 63 2.13 -22.11 -5.71
C GLY C 63 2.01 -22.39 -4.22
N GLU C 64 3.11 -22.40 -3.53
CA GLU C 64 3.11 -22.66 -2.06
C GLU C 64 4.56 -22.78 -1.57
N MET C 65 5.47 -22.05 -2.17
CA MET C 65 6.89 -22.14 -1.74
C MET C 65 7.03 -21.76 -0.26
N SER C 66 6.01 -21.15 0.30
CA SER C 66 6.09 -20.76 1.75
C SER C 66 5.90 -22.00 2.63
N GLN C 67 5.97 -21.82 3.94
CA GLN C 67 5.78 -22.98 4.85
C GLN C 67 6.87 -24.03 4.63
N ARG C 68 7.88 -23.99 5.46
CA ARG C 68 9.02 -24.96 5.36
C ARG C 68 9.83 -24.70 4.09
N GLU C 69 9.74 -23.50 3.55
CA GLU C 69 10.50 -23.18 2.31
C GLU C 69 10.54 -21.66 2.06
N LEU C 70 9.49 -20.94 2.37
CA LEU C 70 9.52 -19.46 2.14
C LEU C 70 8.88 -18.68 3.30
N LYS C 71 7.95 -19.25 4.03
CA LYS C 71 7.34 -18.50 5.17
C LYS C 71 8.46 -17.94 6.07
N ASN C 72 9.61 -18.56 6.04
CA ASN C 72 10.73 -18.07 6.90
C ASN C 72 12.00 -17.82 6.07
N GLU C 73 12.30 -18.67 5.12
CA GLU C 73 13.53 -18.50 4.30
C GLU C 73 13.64 -17.04 3.81
N LEU C 74 12.52 -16.40 3.61
CA LEU C 74 12.53 -14.98 3.14
C LEU C 74 11.10 -14.47 3.07
N GLY C 75 10.34 -14.65 4.13
CA GLY C 75 8.93 -14.17 4.11
C GLY C 75 8.49 -13.75 5.51
N ALA C 76 8.70 -14.58 6.51
CA ALA C 76 8.25 -14.22 7.90
C ALA C 76 6.77 -14.39 7.95
N GLY C 77 6.28 -15.27 7.16
CA GLY C 77 4.85 -15.50 7.14
C GLY C 77 4.53 -16.76 7.93
N ILE C 78 5.50 -17.45 8.48
CA ILE C 78 5.15 -18.68 9.24
C ILE C 78 3.91 -18.40 10.04
N ALA C 79 3.83 -17.21 10.54
CA ALA C 79 2.60 -16.78 11.23
C ALA C 79 1.75 -16.12 10.16
N THR C 80 2.37 -15.34 9.31
CA THR C 80 1.63 -14.65 8.22
C THR C 80 1.38 -15.64 7.02
N ILE C 81 1.91 -16.85 7.05
CA ILE C 81 1.57 -17.83 5.97
C ILE C 81 0.42 -18.67 6.55
N THR C 82 0.61 -19.15 7.75
CA THR C 82 -0.47 -19.89 8.43
C THR C 82 -1.63 -18.91 8.61
N ARG C 83 -1.34 -17.70 9.01
CA ARG C 83 -2.42 -16.71 9.11
C ARG C 83 -3.04 -16.58 7.72
N GLY C 84 -2.30 -16.95 6.68
CA GLY C 84 -2.89 -16.93 5.29
C GLY C 84 -4.29 -17.53 5.38
N SER C 85 -4.42 -18.62 6.07
CA SER C 85 -5.81 -19.17 6.24
C SER C 85 -6.60 -18.07 6.95
N ASN C 86 -6.01 -17.52 7.97
CA ASN C 86 -6.67 -16.39 8.68
C ASN C 86 -6.90 -15.24 7.70
N SER C 87 -6.10 -15.13 6.66
CA SER C 87 -6.32 -14.04 5.66
C SER C 87 -7.79 -14.08 5.25
N LEU C 88 -8.32 -15.27 5.14
CA LEU C 88 -9.75 -15.42 4.80
C LEU C 88 -10.56 -14.69 5.88
N LYS C 89 -10.05 -14.64 7.09
CA LYS C 89 -10.77 -13.91 8.17
C LYS C 89 -10.99 -12.46 7.79
N ALA C 90 -9.98 -11.80 7.31
CA ALA C 90 -10.14 -10.38 6.93
C ALA C 90 -11.11 -10.33 5.75
N ALA C 91 -11.36 -11.46 5.14
CA ALA C 91 -12.31 -11.47 3.99
C ALA C 91 -13.01 -12.82 3.83
N PRO C 92 -14.31 -12.83 4.01
CA PRO C 92 -15.08 -14.08 3.83
C PRO C 92 -15.12 -14.45 2.33
N VAL C 93 -13.98 -14.78 1.78
CA VAL C 93 -13.87 -15.14 0.32
C VAL C 93 -14.60 -14.12 -0.58
N GLU C 94 -15.01 -12.99 -0.04
CA GLU C 94 -15.70 -11.98 -0.88
C GLU C 94 -14.67 -11.02 -1.47
N LEU C 95 -14.21 -10.10 -0.68
CA LEU C 95 -13.17 -9.18 -1.19
C LEU C 95 -11.96 -10.02 -1.60
N ARG C 96 -11.67 -11.05 -0.84
CA ARG C 96 -10.55 -11.95 -1.24
C ARG C 96 -10.86 -12.43 -2.66
N GLN C 97 -12.12 -12.45 -3.02
CA GLN C 97 -12.48 -12.88 -4.40
C GLN C 97 -11.81 -11.95 -5.41
N TRP C 98 -11.70 -10.65 -5.15
CA TRP C 98 -10.99 -9.81 -6.14
C TRP C 98 -9.60 -10.39 -6.33
N LEU C 99 -8.96 -10.75 -5.24
CA LEU C 99 -7.60 -11.35 -5.34
C LEU C 99 -7.64 -12.51 -6.33
N GLU C 100 -8.74 -13.20 -6.35
CA GLU C 100 -8.90 -14.33 -7.30
C GLU C 100 -9.39 -13.79 -8.65
N GLU C 101 -10.07 -12.67 -8.64
CA GLU C 101 -10.56 -12.09 -9.92
C GLU C 101 -9.36 -11.73 -10.79
N VAL C 102 -8.25 -11.45 -10.18
CA VAL C 102 -7.02 -11.10 -10.97
C VAL C 102 -6.06 -12.30 -11.00
N LEU C 103 -6.46 -13.42 -10.45
CA LEU C 103 -5.58 -14.62 -10.48
C LEU C 103 -6.34 -15.78 -11.10
N LEU C 104 -7.51 -16.04 -10.61
CA LEU C 104 -8.36 -17.14 -11.14
C LEU C 104 -9.83 -16.83 -10.83
N LYS C 105 -10.16 -16.73 -9.58
CA LYS C 105 -11.57 -16.42 -9.14
C LYS C 105 -12.56 -17.51 -9.62
N SER C 106 -12.18 -18.33 -10.57
CA SER C 106 -13.09 -19.41 -11.05
C SER C 106 -12.50 -20.08 -12.29
N ASP C 107 -12.05 -19.29 -13.23
CA ASP C 107 -11.46 -19.87 -14.47
C ASP C 107 -10.14 -20.57 -14.15
N GLN D 3 22.92 -5.15 -7.94
CA GLN D 3 23.14 -5.69 -9.31
C GLN D 3 24.41 -5.08 -9.92
N SER D 4 24.47 -3.77 -10.00
CA SER D 4 25.67 -3.11 -10.58
C SER D 4 25.59 -1.59 -10.38
N PRO D 5 24.56 -0.97 -10.92
CA PRO D 5 24.40 0.49 -10.78
C PRO D 5 24.01 0.85 -9.34
N TYR D 6 24.18 2.09 -8.96
CA TYR D 6 23.81 2.51 -7.57
C TYR D 6 24.47 1.58 -6.54
N SER D 7 24.04 1.65 -5.31
CA SER D 7 24.64 0.78 -4.26
C SER D 7 24.35 -0.69 -4.58
N ALA D 8 23.10 -1.08 -4.59
CA ALA D 8 22.76 -2.50 -4.89
C ALA D 8 21.25 -2.64 -5.14
N ALA D 9 20.85 -3.72 -5.75
CA ALA D 9 19.39 -3.93 -6.02
C ALA D 9 18.69 -4.51 -4.79
N MET D 10 17.50 -4.05 -4.50
CA MET D 10 16.77 -4.58 -3.31
C MET D 10 16.48 -6.07 -3.49
N ALA D 11 16.57 -6.83 -2.42
CA ALA D 11 16.29 -8.30 -2.51
C ALA D 11 17.13 -8.94 -3.62
N GLU D 12 16.70 -10.06 -4.14
CA GLU D 12 17.47 -10.73 -5.23
C GLU D 12 17.55 -9.82 -6.45
N GLN D 13 17.83 -10.37 -7.60
CA GLN D 13 17.93 -9.54 -8.84
C GLN D 13 16.62 -8.78 -9.08
N ARG D 14 16.64 -7.82 -9.97
CA ARG D 14 15.39 -7.03 -10.23
C ARG D 14 14.47 -7.80 -11.18
N HIS D 15 13.20 -7.85 -10.88
CA HIS D 15 12.25 -8.58 -11.78
C HIS D 15 10.80 -8.15 -11.47
N GLN D 16 9.92 -9.08 -11.17
CA GLN D 16 8.50 -8.69 -10.88
C GLN D 16 8.13 -9.02 -9.43
N GLU D 17 8.87 -8.52 -8.48
CA GLU D 17 8.56 -8.81 -7.05
C GLU D 17 7.45 -7.87 -6.57
N TRP D 18 7.65 -6.58 -6.71
CA TRP D 18 6.60 -5.61 -6.25
C TRP D 18 5.91 -4.97 -7.46
N LEU D 19 5.61 -5.74 -8.48
CA LEU D 19 4.93 -5.14 -9.67
C LEU D 19 3.78 -6.03 -10.15
N ARG D 20 3.51 -7.11 -9.48
CA ARG D 20 2.36 -7.95 -9.89
C ARG D 20 1.10 -7.25 -9.38
N PHE D 21 0.75 -7.44 -8.15
CA PHE D 21 -0.44 -6.71 -7.63
C PHE D 21 -0.09 -5.22 -7.47
N VAL D 22 1.09 -4.78 -7.88
CA VAL D 22 1.41 -3.34 -7.81
C VAL D 22 0.85 -2.69 -9.06
N ASP D 23 0.35 -3.52 -9.96
CA ASP D 23 -0.32 -3.00 -11.18
C ASP D 23 -1.74 -3.58 -11.23
N LEU D 24 -2.06 -4.49 -10.32
CA LEU D 24 -3.43 -5.06 -10.24
C LEU D 24 -4.14 -4.40 -9.06
N LEU D 25 -3.36 -3.97 -8.07
CA LEU D 25 -3.95 -3.26 -6.90
C LEU D 25 -4.87 -2.12 -7.41
N LYS D 26 -4.67 -1.69 -8.64
CA LYS D 26 -5.49 -0.59 -9.23
C LYS D 26 -6.65 -1.18 -9.95
N ASN D 27 -6.40 -2.24 -10.66
CA ASN D 27 -7.50 -2.92 -11.34
C ASN D 27 -8.56 -3.21 -10.28
N ALA D 28 -8.14 -3.12 -9.02
CA ALA D 28 -9.08 -3.33 -7.90
C ALA D 28 -9.49 -1.97 -7.32
N TYR D 29 -8.56 -1.04 -7.26
CA TYR D 29 -8.89 0.32 -6.70
C TYR D 29 -10.10 0.89 -7.44
N GLN D 30 -10.26 0.53 -8.68
CA GLN D 30 -11.41 1.04 -9.47
C GLN D 30 -12.73 0.49 -8.93
N ASN D 31 -12.67 -0.47 -8.04
CA ASN D 31 -13.93 -1.05 -7.48
C ASN D 31 -13.79 -1.37 -5.99
N ASP D 32 -12.64 -1.81 -5.56
CA ASP D 32 -12.44 -2.15 -4.12
C ASP D 32 -11.08 -2.82 -3.91
N LEU D 33 -10.05 -2.07 -3.67
CA LEU D 33 -8.72 -2.70 -3.43
C LEU D 33 -8.34 -2.60 -1.96
N HIS D 34 -8.74 -1.57 -1.31
CA HIS D 34 -8.37 -1.43 0.13
C HIS D 34 -9.35 -2.18 1.01
N LEU D 35 -10.06 -3.10 0.45
CA LEU D 35 -11.01 -3.92 1.23
C LEU D 35 -10.72 -5.42 0.99
N PRO D 36 -10.47 -5.80 -0.25
CA PRO D 36 -10.12 -7.18 -0.57
C PRO D 36 -8.61 -7.33 -0.52
N LEU D 37 -8.01 -6.52 0.30
CA LEU D 37 -6.55 -6.55 0.46
C LEU D 37 -6.23 -5.96 1.82
N LEU D 38 -7.00 -5.00 2.28
CA LEU D 38 -6.74 -4.49 3.65
C LEU D 38 -7.50 -5.39 4.62
N ASN D 39 -8.35 -6.20 4.09
CA ASN D 39 -9.06 -7.18 4.93
C ASN D 39 -8.89 -8.50 4.22
N LEU D 40 -7.67 -8.84 3.98
CA LEU D 40 -7.35 -10.10 3.28
C LEU D 40 -6.13 -10.74 3.92
N MET D 41 -5.22 -9.94 4.41
CA MET D 41 -3.97 -10.51 5.00
C MET D 41 -3.93 -10.42 6.55
N LEU D 42 -5.02 -10.74 7.20
CA LEU D 42 -5.08 -10.72 8.73
C LEU D 42 -4.80 -9.34 9.34
N THR D 43 -3.57 -8.86 9.27
CA THR D 43 -3.28 -7.49 9.84
C THR D 43 -3.27 -6.42 8.73
N PRO D 44 -4.15 -6.54 7.79
CA PRO D 44 -4.23 -5.56 6.71
C PRO D 44 -5.16 -4.43 7.15
N ASP D 45 -5.76 -4.59 8.31
CA ASP D 45 -6.63 -3.52 8.87
C ASP D 45 -5.72 -2.45 9.43
N GLU D 46 -4.65 -2.19 8.73
CA GLU D 46 -3.70 -1.16 9.18
C GLU D 46 -4.44 0.05 9.73
N ARG D 47 -5.27 0.70 8.93
CA ARG D 47 -6.04 1.90 9.41
C ARG D 47 -5.29 2.60 10.54
N GLU D 48 -3.99 2.54 10.46
CA GLU D 48 -3.10 3.13 11.49
C GLU D 48 -1.76 3.44 10.82
N ALA D 49 -1.38 2.63 9.87
CA ALA D 49 -0.13 2.87 9.11
C ALA D 49 -0.54 3.45 7.75
N LEU D 50 -1.79 3.28 7.36
CA LEU D 50 -2.27 3.87 6.08
C LEU D 50 -3.18 5.06 6.38
N GLY D 51 -4.05 4.92 7.34
CA GLY D 51 -4.95 6.06 7.69
C GLY D 51 -4.06 7.25 8.05
N THR D 52 -2.86 6.95 8.45
CA THR D 52 -1.88 8.01 8.82
C THR D 52 -1.00 8.33 7.61
N ARG D 53 -0.70 7.32 6.83
CA ARG D 53 0.14 7.49 5.60
C ARG D 53 -0.12 8.84 4.98
N VAL D 54 -1.36 9.13 4.77
CA VAL D 54 -1.71 10.43 4.17
C VAL D 54 -1.67 11.47 5.27
N ARG D 55 -2.21 11.14 6.41
CA ARG D 55 -2.24 12.10 7.56
C ARG D 55 -0.90 12.80 7.79
N ILE D 56 0.21 12.24 7.36
CA ILE D 56 1.49 12.96 7.63
C ILE D 56 1.96 13.82 6.45
N VAL D 57 1.36 13.68 5.32
CA VAL D 57 1.81 14.48 4.14
C VAL D 57 0.87 15.64 3.95
N GLU D 58 -0.39 15.36 3.94
CA GLU D 58 -1.41 16.41 3.79
C GLU D 58 -1.22 17.47 4.87
N GLU D 59 -0.72 17.07 6.00
CA GLU D 59 -0.50 18.03 7.11
C GLU D 59 0.92 18.60 7.06
N LEU D 60 1.70 18.17 6.10
CA LEU D 60 3.10 18.70 5.98
C LEU D 60 3.23 19.52 4.69
N LEU D 61 2.58 19.09 3.65
CA LEU D 61 2.65 19.84 2.36
C LEU D 61 1.66 21.03 2.38
N ARG D 62 0.97 21.23 3.47
CA ARG D 62 -0.02 22.34 3.55
C ARG D 62 0.05 23.06 4.90
N GLY D 63 0.41 22.36 5.93
CA GLY D 63 0.49 22.98 7.30
C GLY D 63 1.37 24.23 7.26
N GLU D 64 2.51 24.18 7.91
CA GLU D 64 3.41 25.37 7.93
C GLU D 64 4.77 25.01 8.51
N MET D 65 4.80 24.36 9.65
CA MET D 65 6.11 23.99 10.27
C MET D 65 5.90 23.07 11.48
N SER D 66 5.41 21.88 11.25
CA SER D 66 5.18 20.92 12.38
C SER D 66 4.46 21.58 13.56
N GLN D 67 4.36 20.87 14.66
CA GLN D 67 3.67 21.39 15.89
C GLN D 67 2.76 22.59 15.59
N ARG D 68 1.70 22.40 14.85
CA ARG D 68 0.80 23.56 14.54
C ARG D 68 -0.43 23.13 13.73
N GLU D 69 -0.79 21.87 13.76
CA GLU D 69 -1.98 21.43 12.97
C GLU D 69 -2.75 20.35 13.73
N LEU D 70 -2.30 19.11 13.67
CA LEU D 70 -3.01 18.00 14.37
C LEU D 70 -2.41 16.64 13.98
N LYS D 71 -1.18 16.63 13.55
CA LYS D 71 -0.54 15.35 13.13
C LYS D 71 -0.63 14.30 14.22
N ASN D 72 -0.65 14.69 15.47
CA ASN D 72 -0.72 13.68 16.54
C ASN D 72 -2.04 13.83 17.31
N GLU D 73 -2.56 15.03 17.40
CA GLU D 73 -3.83 15.27 18.14
C GLU D 73 -4.85 14.16 17.89
N LEU D 74 -4.83 13.57 16.72
CA LEU D 74 -5.79 12.48 16.42
C LEU D 74 -5.31 11.66 15.21
N GLY D 75 -4.10 11.16 15.28
CA GLY D 75 -3.58 10.35 14.14
C GLY D 75 -2.18 9.84 14.45
N ALA D 76 -1.16 10.53 13.98
CA ALA D 76 0.26 10.10 14.22
C ALA D 76 1.12 10.72 13.15
N GLY D 77 1.48 11.92 13.39
CA GLY D 77 2.31 12.65 12.44
C GLY D 77 3.43 13.35 13.20
N ILE D 78 3.14 13.86 14.37
CA ILE D 78 4.19 14.56 15.16
C ILE D 78 5.53 13.86 14.97
N ALA D 79 5.49 12.56 14.91
CA ALA D 79 6.73 11.76 14.70
C ALA D 79 6.66 11.10 13.31
N THR D 80 5.75 11.55 12.50
CA THR D 80 5.58 10.97 11.14
C THR D 80 5.38 12.12 10.10
N ILE D 81 5.06 13.31 10.56
CA ILE D 81 4.91 14.48 9.64
C ILE D 81 6.19 15.31 9.75
N THR D 82 6.71 15.37 10.94
CA THR D 82 7.95 16.12 11.20
C THR D 82 9.11 15.16 11.09
N ARG D 83 8.89 13.94 11.49
CA ARG D 83 9.98 12.93 11.32
C ARG D 83 10.29 12.90 9.82
N GLY D 84 9.32 13.28 9.00
CA GLY D 84 9.55 13.33 7.52
C GLY D 84 10.83 14.10 7.24
N SER D 85 11.28 14.92 8.16
CA SER D 85 12.57 15.64 7.92
C SER D 85 13.60 14.61 7.46
N ASN D 86 13.40 13.39 7.86
CA ASN D 86 14.30 12.27 7.43
C ASN D 86 13.77 11.66 6.13
N SER D 87 12.91 12.37 5.44
CA SER D 87 12.31 11.89 4.15
C SER D 87 13.32 11.00 3.38
N LEU D 88 14.58 11.32 3.46
CA LEU D 88 15.62 10.50 2.76
C LEU D 88 15.30 9.01 2.92
N LYS D 89 14.72 8.63 4.03
CA LYS D 89 14.36 7.18 4.24
C LYS D 89 13.53 6.66 3.04
N ALA D 90 12.38 7.23 2.81
CA ALA D 90 11.55 6.78 1.65
C ALA D 90 11.66 7.81 0.52
N ALA D 91 12.68 8.63 0.59
CA ALA D 91 12.96 9.70 -0.42
C ALA D 91 11.71 10.20 -1.16
N PRO D 92 11.12 11.24 -0.64
CA PRO D 92 9.95 11.86 -1.27
C PRO D 92 10.40 12.98 -2.20
N VAL D 93 11.26 12.68 -3.15
CA VAL D 93 11.73 13.73 -4.09
C VAL D 93 12.00 13.14 -5.48
N GLU D 94 12.58 11.96 -5.53
CA GLU D 94 12.87 11.34 -6.85
C GLU D 94 11.56 11.11 -7.62
N LEU D 95 10.56 10.60 -6.96
CA LEU D 95 9.25 10.35 -7.63
C LEU D 95 8.16 11.18 -6.97
N ARG D 96 8.39 11.67 -5.78
CA ARG D 96 7.35 12.53 -5.14
C ARG D 96 6.95 13.61 -6.15
N GLN D 97 7.83 13.88 -7.10
CA GLN D 97 7.51 14.87 -8.16
C GLN D 97 6.16 14.54 -8.77
N TRP D 98 5.84 13.27 -8.96
CA TRP D 98 4.51 12.97 -9.52
C TRP D 98 3.48 13.17 -8.40
N LEU D 99 3.87 12.94 -7.17
CA LEU D 99 2.92 13.15 -6.03
C LEU D 99 2.35 14.56 -6.13
N GLU D 100 3.10 15.46 -6.70
CA GLU D 100 2.61 16.84 -6.87
C GLU D 100 1.61 16.90 -8.02
N GLU D 101 1.67 15.97 -8.94
CA GLU D 101 0.70 15.97 -10.09
C GLU D 101 -0.72 16.02 -9.52
N VAL D 102 -0.97 15.26 -8.50
CA VAL D 102 -2.31 15.26 -7.86
C VAL D 102 -2.32 16.25 -6.68
N LEU D 103 -1.31 17.10 -6.61
CA LEU D 103 -1.24 18.09 -5.49
C LEU D 103 -0.95 19.49 -6.04
N LEU D 104 0.19 19.67 -6.66
CA LEU D 104 0.54 21.03 -7.20
C LEU D 104 1.21 20.93 -8.59
N LYS D 105 1.99 19.91 -8.84
CA LYS D 105 2.66 19.79 -10.18
C LYS D 105 1.66 20.00 -11.31
N SER D 106 0.40 19.72 -11.07
CA SER D 106 -0.64 19.90 -12.13
C SER D 106 -0.54 21.30 -12.76
N ASP D 107 0.16 21.42 -13.86
CA ASP D 107 0.32 22.74 -14.51
C ASP D 107 -0.81 22.94 -15.55
N TRP E . -2.01 -7.73 6.60
CA TRP E . -0.91 -8.11 7.53
C TRP E . -0.05 -6.89 7.86
O TRP E . -0.17 -5.90 7.17
CB TRP E . -0.09 -9.15 6.79
CG TRP E . -0.39 -10.49 7.32
CD1 TRP E . -0.41 -10.85 8.61
CD2 TRP E . -0.76 -11.63 6.54
NE1 TRP E . -0.70 -12.21 8.67
CE2 TRP E . -0.94 -12.73 7.41
CE3 TRP E . -0.94 -11.82 5.18
CZ2 TRP E . -1.28 -13.98 6.92
CZ3 TRP E . -1.30 -13.06 4.67
CH2 TRP E . -1.46 -14.14 5.55
OXT TRP E . 0.72 -6.98 8.81
H2 TRP E . -1.77 -8.02 5.64
H TRP E . -2.13 -6.70 6.61
HA TRP E . -1.31 -8.54 8.43
HB2 TRP E . -0.34 -9.14 5.77
HB3 TRP E . 0.96 -8.94 6.91
HD1 TRP E . -0.20 -10.21 9.44
HE1 TRP E . -0.74 -12.74 9.49
HE3 TRP E . -0.81 -10.99 4.50
HZ2 TRP E . -1.37 -14.82 7.59
HZ3 TRP E . -1.46 -13.19 3.62
HH2 TRP E . -1.73 -15.11 5.15
N TRP F . 7.31 5.42 6.29
CA TRP F . 8.16 5.79 7.45
C TRP F . 9.19 4.71 7.78
O TRP F . 8.89 3.85 8.59
CB TRP F . 7.18 5.96 8.61
CG TRP F . 7.48 7.24 9.20
CD1 TRP F . 7.80 7.45 10.46
CD2 TRP F . 7.49 8.49 8.52
NE1 TRP F . 7.99 8.81 10.64
CE2 TRP F . 7.81 9.50 9.44
CE3 TRP F . 7.24 8.82 7.19
CZ2 TRP F . 7.88 10.84 9.03
CZ3 TRP F . 7.31 10.14 6.77
CH2 TRP F . 7.63 11.15 7.68
OXT TRP F . 10.28 4.77 7.23
H2 TRP F . 6.54 6.12 6.19
H TRP F . 6.90 4.49 6.43
HA TRP F . 8.66 6.72 7.26
HB2 TRP F . 6.15 5.99 8.25
HB3 TRP F . 7.31 5.18 9.33
HD1 TRP F . 7.88 6.68 11.21
HE1 TRP F . 8.23 9.26 11.47
HE3 TRP F . 6.99 8.04 6.48
HZ2 TRP F . 8.12 11.61 9.73
HZ3 TRP F . 7.12 10.35 5.73
HH2 TRP F . 7.67 12.18 7.35
N GLN C 3 -19.82 19.35 11.67
CA GLN C 3 -19.09 18.92 10.45
C GLN C 3 -19.20 17.41 10.26
N SER C 4 -19.11 16.93 9.05
CA SER C 4 -19.21 15.47 8.80
C SER C 4 -18.54 15.11 7.47
N PRO C 5 -17.24 14.98 7.50
CA PRO C 5 -16.48 14.65 6.27
C PRO C 5 -16.69 13.18 5.89
N TYR C 6 -17.12 12.36 6.83
CA TYR C 6 -17.35 10.92 6.51
C TYR C 6 -18.85 10.61 6.51
N SER C 7 -19.67 11.60 6.26
CA SER C 7 -21.15 11.36 6.23
C SER C 7 -21.53 10.56 4.98
N ALA C 8 -21.14 9.31 4.94
CA ALA C 8 -21.48 8.48 3.75
C ALA C 8 -22.20 7.19 4.19
N ALA C 9 -21.63 6.49 5.14
CA ALA C 9 -22.26 5.23 5.63
C ALA C 9 -22.55 4.29 4.45
N MET C 10 -23.13 3.14 4.73
CA MET C 10 -23.45 2.17 3.63
C MET C 10 -22.21 1.91 2.77
N ALA C 11 -22.38 1.23 1.67
CA ALA C 11 -21.21 0.93 0.78
C ALA C 11 -20.07 0.28 1.57
N GLU C 12 -20.38 -0.35 2.67
CA GLU C 12 -19.32 -1.00 3.49
C GLU C 12 -18.17 -0.03 3.77
N GLN C 13 -17.03 -0.54 4.15
CA GLN C 13 -15.87 0.36 4.43
C GLN C 13 -15.46 1.13 3.17
N ARG C 14 -14.23 1.56 3.08
CA ARG C 14 -13.76 2.30 1.87
C ARG C 14 -14.54 3.62 1.73
N HIS C 15 -13.83 4.72 1.65
CA HIS C 15 -14.52 6.04 1.51
C HIS C 15 -13.71 6.99 0.61
N GLN C 16 -13.38 8.17 1.06
CA GLN C 16 -12.60 9.11 0.21
C GLN C 16 -11.10 8.99 0.46
N GLU C 17 -10.69 8.91 1.70
CA GLU C 17 -9.24 8.81 2.01
C GLU C 17 -8.62 7.61 1.28
N TRP C 18 -9.08 6.42 1.57
CA TRP C 18 -8.50 5.22 0.91
C TRP C 18 -8.78 5.24 -0.60
N LEU C 19 -9.95 5.67 -1.02
CA LEU C 19 -10.25 5.67 -2.47
C LEU C 19 -9.45 6.76 -3.19
N ARG C 20 -9.20 7.86 -2.54
CA ARG C 20 -8.39 8.93 -3.20
C ARG C 20 -7.03 8.35 -3.54
N PHE C 21 -6.54 7.47 -2.71
CA PHE C 21 -5.21 6.83 -2.96
C PHE C 21 -5.41 5.52 -3.74
N VAL C 22 -6.63 5.23 -4.15
CA VAL C 22 -6.87 3.98 -4.92
C VAL C 22 -6.87 4.35 -6.39
N ASP C 23 -7.38 5.52 -6.69
CA ASP C 23 -7.41 5.97 -8.10
C ASP C 23 -6.05 6.58 -8.48
N LEU C 24 -5.46 7.31 -7.58
CA LEU C 24 -4.14 7.91 -7.87
C LEU C 24 -3.09 6.80 -7.95
N LEU C 25 -3.18 5.82 -7.09
CA LEU C 25 -2.19 4.71 -7.11
C LEU C 25 -2.26 3.96 -8.44
N LYS C 26 -3.33 3.26 -8.72
CA LYS C 26 -3.47 2.50 -10.03
C LYS C 26 -2.81 3.26 -11.19
N ASN C 27 -2.89 4.56 -11.16
CA ASN C 27 -2.28 5.40 -12.23
C ASN C 27 -0.78 5.30 -12.15
N ALA C 28 -0.26 5.53 -10.98
CA ALA C 28 1.21 5.42 -10.78
C ALA C 28 1.56 3.95 -10.47
N TYR C 29 0.56 3.11 -10.46
CA TYR C 29 0.74 1.66 -10.18
C TYR C 29 1.30 0.97 -11.42
N GLN C 30 0.93 1.47 -12.58
CA GLN C 30 1.43 0.86 -13.85
C GLN C 30 2.96 0.84 -13.85
N ASN C 31 3.56 1.83 -13.23
CA ASN C 31 5.04 1.89 -13.17
C ASN C 31 5.51 1.98 -11.72
N ASP C 32 6.48 2.81 -11.43
CA ASP C 32 6.96 2.93 -10.02
C ASP C 32 6.44 4.21 -9.37
N LEU C 33 5.77 5.04 -10.12
CA LEU C 33 5.24 6.33 -9.55
C LEU C 33 4.47 6.11 -8.24
N HIS C 34 3.99 4.92 -7.99
CA HIS C 34 3.22 4.67 -6.73
C HIS C 34 4.14 4.10 -5.63
N LEU C 35 5.21 3.48 -6.03
CA LEU C 35 6.15 2.89 -5.03
C LEU C 35 6.63 3.96 -4.05
N PRO C 36 6.80 5.19 -4.51
CA PRO C 36 7.25 6.27 -3.60
C PRO C 36 6.15 6.49 -2.57
N LEU C 37 4.94 6.39 -3.03
CA LEU C 37 3.75 6.56 -2.16
C LEU C 37 3.67 5.39 -1.20
N LEU C 38 3.81 4.19 -1.71
CA LEU C 38 3.79 3.01 -0.80
C LEU C 38 4.97 3.14 0.15
N ASN C 39 5.96 3.86 -0.29
CA ASN C 39 7.18 4.07 0.52
C ASN C 39 6.97 5.19 1.54
N LEU C 40 6.91 6.42 1.11
CA LEU C 40 6.74 7.54 2.11
C LEU C 40 5.28 7.90 2.26
N MET C 41 4.38 7.00 1.98
CA MET C 41 2.94 7.37 2.13
C MET C 41 2.08 6.13 2.35
N LEU C 42 2.63 5.16 3.02
CA LEU C 42 1.86 3.92 3.30
C LEU C 42 2.71 3.10 4.24
N THR C 43 3.80 2.64 3.73
CA THR C 43 4.80 1.88 4.51
C THR C 43 5.89 1.46 3.54
N PRO C 44 7.04 1.95 3.80
CA PRO C 44 8.19 1.72 2.93
C PRO C 44 8.93 0.45 3.37
N ASP C 45 9.38 0.36 4.59
CA ASP C 45 10.02 -0.91 5.04
C ASP C 45 9.00 -2.04 4.80
N GLU C 46 7.75 -1.73 4.98
CA GLU C 46 6.71 -2.74 4.73
C GLU C 46 6.53 -2.91 3.22
N ARG C 47 7.15 -2.06 2.41
CA ARG C 47 7.03 -2.27 0.95
C ARG C 47 7.51 -3.70 0.70
N GLU C 48 8.41 -4.16 1.54
CA GLU C 48 8.83 -5.58 1.46
C GLU C 48 7.71 -6.38 2.08
N ALA C 49 7.17 -5.87 3.17
CA ALA C 49 6.01 -6.56 3.82
C ALA C 49 4.93 -6.82 2.77
N LEU C 50 4.51 -5.83 2.01
CA LEU C 50 3.45 -6.09 0.98
C LEU C 50 3.84 -7.31 0.18
N GLY C 51 5.01 -7.27 -0.40
CA GLY C 51 5.48 -8.44 -1.17
C GLY C 51 5.18 -9.68 -0.36
N THR C 52 5.75 -9.78 0.80
CA THR C 52 5.50 -10.96 1.69
C THR C 52 4.04 -11.07 2.14
N ARG C 53 3.29 -10.00 2.09
CA ARG C 53 1.87 -10.06 2.55
C ARG C 53 1.04 -10.81 1.54
N VAL C 54 0.60 -10.15 0.51
CA VAL C 54 -0.23 -10.86 -0.51
C VAL C 54 0.48 -12.17 -0.86
N ARG C 55 1.79 -12.19 -0.81
CA ARG C 55 2.55 -13.45 -1.11
C ARG C 55 2.05 -14.59 -0.22
N ILE C 56 1.43 -14.30 0.89
CA ILE C 56 0.94 -15.43 1.74
C ILE C 56 -0.46 -15.86 1.28
N VAL C 57 -1.12 -15.04 0.49
CA VAL C 57 -2.49 -15.41 0.01
C VAL C 57 -2.40 -15.68 -1.47
N GLU C 58 -1.80 -14.79 -2.18
CA GLU C 58 -1.62 -14.97 -3.63
C GLU C 58 -0.83 -16.26 -3.87
N GLU C 59 -0.05 -16.68 -2.89
CA GLU C 59 0.71 -17.95 -3.04
C GLU C 59 -0.10 -19.09 -2.40
N LEU C 60 -0.85 -18.80 -1.37
CA LEU C 60 -1.68 -19.87 -0.73
C LEU C 60 -2.56 -20.52 -1.80
N LEU C 61 -3.03 -19.74 -2.73
CA LEU C 61 -3.90 -20.30 -3.80
C LEU C 61 -3.12 -20.42 -5.13
N ARG C 62 -1.83 -20.25 -5.10
CA ARG C 62 -1.04 -20.35 -6.37
C ARG C 62 0.23 -21.19 -6.15
N GLY C 63 0.90 -21.00 -5.04
CA GLY C 63 2.15 -21.76 -4.77
C GLY C 63 1.80 -23.12 -4.15
N GLU C 64 1.95 -23.24 -2.86
CA GLU C 64 1.63 -24.53 -2.19
C GLU C 64 0.67 -24.31 -1.01
N MET C 65 1.20 -23.98 0.15
CA MET C 65 0.31 -23.75 1.33
C MET C 65 1.14 -23.31 2.55
N SER C 66 2.19 -22.57 2.33
CA SER C 66 3.03 -22.11 3.48
C SER C 66 3.46 -23.30 4.35
N GLN C 67 3.78 -23.10 5.62
CA GLN C 67 4.20 -24.24 6.47
C GLN C 67 5.54 -24.83 5.97
N ARG C 68 6.62 -24.28 6.44
CA ARG C 68 7.97 -24.78 6.03
C ARG C 68 8.01 -24.94 4.50
N GLU C 69 7.24 -24.17 3.79
CA GLU C 69 7.23 -24.31 2.31
C GLU C 69 7.04 -22.94 1.62
N LEU C 70 6.56 -21.94 2.32
CA LEU C 70 6.36 -20.63 1.64
C LEU C 70 6.19 -19.47 2.64
N LYS C 71 5.41 -19.66 3.68
CA LYS C 71 5.20 -18.55 4.66
C LYS C 71 6.51 -17.86 5.03
N ASN C 72 7.56 -18.60 5.31
CA ASN C 72 8.86 -17.95 5.68
C ASN C 72 10.00 -18.50 4.83
N GLU C 73 9.80 -19.63 4.22
CA GLU C 73 10.88 -20.22 3.36
C GLU C 73 11.50 -19.09 2.54
N LEU C 74 10.74 -18.07 2.26
CA LEU C 74 11.26 -16.89 1.52
C LEU C 74 10.36 -15.68 1.81
N GLY C 75 9.79 -15.57 3.00
CA GLY C 75 8.89 -14.41 3.25
C GLY C 75 8.68 -14.09 4.75
N ALA C 76 7.76 -14.76 5.42
CA ALA C 76 7.40 -14.48 6.85
C ALA C 76 5.92 -14.52 6.87
N GLY C 77 5.40 -15.68 6.96
CA GLY C 77 3.95 -15.81 6.91
C GLY C 77 3.43 -16.77 7.96
N ILE C 78 4.22 -17.65 8.47
CA ILE C 78 3.66 -18.63 9.43
C ILE C 78 2.62 -17.96 10.30
N ALA C 79 2.90 -16.78 10.77
CA ALA C 79 1.86 -16.04 11.53
C ALA C 79 1.08 -15.23 10.50
N THR C 80 1.77 -14.75 9.51
CA THR C 80 1.13 -14.00 8.40
C THR C 80 0.19 -14.95 7.63
N ILE C 81 0.72 -15.99 7.01
CA ILE C 81 -0.15 -16.95 6.26
C ILE C 81 -1.31 -17.43 7.15
N THR C 82 -1.06 -17.80 8.37
CA THR C 82 -2.18 -18.23 9.26
C THR C 82 -3.05 -17.01 9.59
N ARG C 83 -2.44 -15.90 9.94
CA ARG C 83 -3.27 -14.69 10.19
C ARG C 83 -4.05 -14.40 8.91
N GLY C 84 -3.52 -14.83 7.77
CA GLY C 84 -4.26 -14.64 6.48
C GLY C 84 -5.67 -15.15 6.68
N SER C 85 -5.83 -16.25 7.38
CA SER C 85 -7.21 -16.72 7.66
C SER C 85 -7.90 -15.60 8.45
N ASN C 86 -7.24 -15.14 9.48
CA ASN C 86 -7.79 -14.00 10.24
C ASN C 86 -8.12 -12.89 9.25
N SER C 87 -7.33 -12.76 8.21
CA SER C 87 -7.62 -11.71 7.18
C SER C 87 -9.10 -11.77 6.84
N LEU C 88 -9.68 -12.95 6.90
CA LEU C 88 -11.15 -13.04 6.65
C LEU C 88 -11.81 -11.98 7.50
N LYS C 89 -11.16 -11.65 8.60
CA LYS C 89 -11.71 -10.57 9.48
C LYS C 89 -11.74 -9.26 8.72
N ALA C 90 -10.66 -8.91 8.09
CA ALA C 90 -10.67 -7.64 7.32
C ALA C 90 -11.63 -7.83 6.14
N ALA C 91 -11.94 -9.06 5.80
CA ALA C 91 -12.86 -9.28 4.66
C ALA C 91 -13.56 -10.66 4.71
N PRO C 92 -14.82 -10.67 4.36
CA PRO C 92 -15.59 -11.93 4.33
C PRO C 92 -15.25 -12.77 3.08
N VAL C 93 -15.96 -12.56 1.98
CA VAL C 93 -15.67 -13.34 0.74
C VAL C 93 -15.35 -12.40 -0.43
N GLU C 94 -15.20 -11.13 -0.17
CA GLU C 94 -14.87 -10.19 -1.26
C GLU C 94 -13.49 -10.53 -1.82
N LEU C 95 -12.73 -11.32 -1.12
CA LEU C 95 -11.36 -11.68 -1.60
C LEU C 95 -11.44 -12.84 -2.55
N ARG C 96 -11.72 -14.02 -2.07
CA ARG C 96 -11.81 -15.16 -3.01
C ARG C 96 -12.63 -14.74 -4.22
N GLN C 97 -13.54 -13.82 -4.03
CA GLN C 97 -14.33 -13.34 -5.19
C GLN C 97 -13.40 -12.71 -6.23
N TRP C 98 -12.52 -11.81 -5.85
CA TRP C 98 -11.60 -11.23 -6.86
C TRP C 98 -10.37 -12.14 -7.00
N LEU C 99 -9.86 -12.62 -5.89
CA LEU C 99 -8.69 -13.54 -5.94
C LEU C 99 -8.99 -14.65 -6.95
N GLU C 100 -10.24 -15.02 -7.05
CA GLU C 100 -10.64 -16.05 -8.04
C GLU C 100 -10.85 -15.35 -9.39
N GLU C 101 -11.32 -14.13 -9.37
CA GLU C 101 -11.52 -13.39 -10.64
C GLU C 101 -10.22 -13.40 -11.45
N VAL C 102 -9.11 -13.51 -10.76
CA VAL C 102 -7.79 -13.56 -11.45
C VAL C 102 -7.16 -14.94 -11.25
N LEU C 103 -7.97 -15.94 -11.00
CA LEU C 103 -7.43 -17.32 -10.78
C LEU C 103 -8.48 -18.36 -11.19
N LEU C 104 -9.68 -18.25 -10.70
CA LEU C 104 -10.75 -19.23 -11.06
C LEU C 104 -12.01 -18.51 -11.54
N LYS C 105 -12.51 -17.55 -10.78
CA LYS C 105 -13.74 -16.81 -11.20
C LYS C 105 -13.55 -16.21 -12.60
N SER C 106 -12.40 -15.67 -12.87
CA SER C 106 -12.14 -15.05 -14.21
C SER C 106 -13.25 -14.05 -14.57
N ASP C 107 -13.89 -13.49 -13.57
CA ASP C 107 -14.98 -12.50 -13.84
C ASP C 107 -15.27 -11.69 -12.58
N GLN D 3 22.64 15.08 3.64
CA GLN D 3 22.71 14.83 2.17
C GLN D 3 22.27 13.39 1.87
N SER D 4 22.69 12.85 0.75
CA SER D 4 22.30 11.45 0.41
C SER D 4 23.40 10.47 0.86
N PRO D 5 23.09 9.72 1.88
CA PRO D 5 24.07 8.72 2.40
C PRO D 5 24.21 7.55 1.44
N TYR D 6 23.19 7.25 0.69
CA TYR D 6 23.26 6.12 -0.27
C TYR D 6 23.63 6.63 -1.67
N SER D 7 23.69 5.76 -2.64
CA SER D 7 24.04 6.20 -4.03
C SER D 7 23.04 5.64 -5.03
N ALA D 8 22.96 4.33 -5.14
CA ALA D 8 22.01 3.72 -6.11
C ALA D 8 21.67 2.30 -5.68
N ALA D 9 22.61 1.40 -5.79
CA ALA D 9 22.35 -0.02 -5.40
C ALA D 9 23.65 -0.69 -4.95
N MET D 10 23.63 -1.98 -4.78
CA MET D 10 24.87 -2.71 -4.34
C MET D 10 25.53 -3.38 -5.55
N ALA D 11 24.88 -4.34 -6.13
CA ALA D 11 25.46 -5.04 -7.31
C ALA D 11 24.37 -5.76 -8.11
N GLU D 12 23.63 -6.62 -7.46
CA GLU D 12 22.54 -7.35 -8.19
C GLU D 12 21.27 -6.49 -8.23
N GLN D 13 20.78 -6.21 -9.41
CA GLN D 13 19.54 -5.38 -9.52
C GLN D 13 18.37 -6.08 -8.85
N ARG D 14 17.72 -5.43 -7.91
CA ARG D 14 16.57 -6.06 -7.22
C ARG D 14 15.42 -5.05 -7.09
N HIS D 15 14.88 -4.61 -8.19
CA HIS D 15 13.77 -3.62 -8.14
C HIS D 15 12.64 -4.04 -9.10
N GLN D 16 12.15 -5.25 -8.96
CA GLN D 16 11.06 -5.71 -9.87
C GLN D 16 10.19 -6.74 -9.14
N GLU D 17 10.08 -6.63 -7.84
CA GLU D 17 9.25 -7.61 -7.08
C GLU D 17 7.98 -6.93 -6.56
N TRP D 18 7.72 -5.73 -6.97
CA TRP D 18 6.49 -5.01 -6.50
C TRP D 18 5.55 -4.72 -7.67
N LEU D 19 6.07 -4.57 -8.85
CA LEU D 19 5.20 -4.27 -10.02
C LEU D 19 4.25 -5.45 -10.26
N ARG D 20 4.77 -6.65 -10.23
CA ARG D 20 3.87 -7.83 -10.41
C ARG D 20 2.80 -7.78 -9.31
N PHE D 21 3.12 -7.12 -8.23
CA PHE D 21 2.15 -6.98 -7.11
C PHE D 21 1.06 -5.97 -7.48
N VAL D 22 1.45 -4.84 -8.01
CA VAL D 22 0.47 -3.80 -8.40
C VAL D 22 -0.51 -4.33 -9.45
N ASP D 23 0.00 -4.92 -10.50
CA ASP D 23 -0.91 -5.46 -11.55
C ASP D 23 -1.92 -6.44 -10.91
N LEU D 24 -1.55 -7.05 -9.83
CA LEU D 24 -2.48 -7.98 -9.14
C LEU D 24 -3.06 -7.28 -7.91
N LEU D 25 -2.96 -5.99 -7.86
CA LEU D 25 -3.49 -5.22 -6.70
C LEU D 25 -4.54 -4.24 -7.18
N LYS D 26 -4.21 -3.47 -8.17
CA LYS D 26 -5.19 -2.48 -8.70
C LYS D 26 -6.16 -3.18 -9.63
N ASN D 27 -5.73 -4.25 -10.26
CA ASN D 27 -6.65 -4.99 -11.17
C ASN D 27 -7.94 -5.20 -10.40
N ALA D 28 -7.86 -5.06 -9.11
CA ALA D 28 -9.07 -5.17 -8.25
C ALA D 28 -9.51 -3.76 -7.83
N TYR D 29 -8.57 -2.84 -7.73
CA TYR D 29 -8.88 -1.41 -7.36
C TYR D 29 -10.11 -0.91 -8.12
N GLN D 30 -10.34 -1.43 -9.30
CA GLN D 30 -11.51 -0.97 -10.12
C GLN D 30 -12.78 -0.97 -9.26
N ASN D 31 -12.82 -1.78 -8.24
CA ASN D 31 -14.03 -1.84 -7.37
C ASN D 31 -13.62 -2.27 -5.95
N ASP D 32 -14.40 -3.12 -5.32
CA ASP D 32 -14.04 -3.60 -3.95
C ASP D 32 -13.25 -4.90 -4.07
N LEU D 33 -12.54 -5.08 -5.14
CA LEU D 33 -11.75 -6.32 -5.32
C LEU D 33 -10.35 -6.15 -4.70
N HIS D 34 -9.99 -4.95 -4.33
CA HIS D 34 -8.64 -4.73 -3.69
C HIS D 34 -8.80 -4.61 -2.18
N LEU D 35 -9.98 -4.31 -1.71
CA LEU D 35 -10.22 -4.23 -0.24
C LEU D 35 -9.97 -5.62 0.35
N PRO D 36 -10.23 -6.66 -0.43
CA PRO D 36 -9.96 -8.02 0.03
C PRO D 36 -8.51 -8.33 -0.28
N LEU D 37 -7.72 -7.32 -0.21
CA LEU D 37 -6.28 -7.45 -0.45
C LEU D 37 -5.61 -6.70 0.67
N LEU D 38 -6.19 -5.58 1.04
CA LEU D 38 -5.69 -4.82 2.20
C LEU D 38 -6.48 -5.35 3.39
N ASN D 39 -7.03 -6.51 3.25
CA ASN D 39 -7.79 -7.15 4.33
C ASN D 39 -7.44 -8.62 4.35
N LEU D 40 -7.28 -9.18 3.18
CA LEU D 40 -6.91 -10.61 3.07
C LEU D 40 -5.56 -10.85 3.77
N MET D 41 -4.84 -9.81 4.15
CA MET D 41 -3.53 -10.06 4.82
C MET D 41 -3.57 -9.70 6.35
N LEU D 42 -4.73 -9.81 6.99
CA LEU D 42 -4.88 -9.60 8.51
C LEU D 42 -4.63 -8.19 9.07
N THR D 43 -3.38 -7.75 9.22
CA THR D 43 -3.12 -6.38 9.79
C THR D 43 -3.24 -5.26 8.74
N PRO D 44 -3.78 -5.54 7.57
CA PRO D 44 -3.86 -4.48 6.59
C PRO D 44 -4.98 -3.49 6.91
N ASP D 45 -4.90 -2.95 8.11
CA ASP D 45 -5.85 -1.90 8.54
C ASP D 45 -5.19 -0.57 8.14
N GLU D 46 -4.33 -0.65 7.15
CA GLU D 46 -3.59 0.54 6.67
C GLU D 46 -4.53 1.73 6.46
N ARG D 47 -5.82 1.52 6.41
CA ARG D 47 -6.75 2.68 6.26
C ARG D 47 -6.24 3.79 7.19
N GLU D 48 -5.67 3.38 8.30
CA GLU D 48 -5.09 4.36 9.26
C GLU D 48 -3.69 4.75 8.76
N ALA D 49 -2.76 3.83 8.79
CA ALA D 49 -1.38 4.15 8.29
C ALA D 49 -1.48 4.85 6.93
N LEU D 50 -2.28 4.34 6.03
CA LEU D 50 -2.43 5.01 4.69
C LEU D 50 -3.21 6.32 4.85
N GLY D 51 -4.43 6.25 5.34
CA GLY D 51 -5.24 7.48 5.53
C GLY D 51 -4.42 8.51 6.31
N THR D 52 -3.55 8.03 7.15
CA THR D 52 -2.68 8.96 7.94
C THR D 52 -1.47 9.35 7.08
N ARG D 53 -1.05 8.47 6.20
CA ARG D 53 0.12 8.80 5.33
C ARG D 53 -0.30 9.80 4.25
N VAL D 54 -1.58 9.96 4.04
CA VAL D 54 -2.05 10.95 3.04
C VAL D 54 -2.33 12.27 3.76
N ARG D 55 -1.91 12.34 5.00
CA ARG D 55 -2.09 13.60 5.78
C ARG D 55 -0.71 14.04 6.28
N ILE D 56 0.33 13.58 5.61
CA ILE D 56 1.71 13.96 6.04
C ILE D 56 2.47 14.58 4.87
N VAL D 57 2.49 13.96 3.72
CA VAL D 57 3.20 14.58 2.57
C VAL D 57 2.35 15.77 2.14
N GLU D 58 1.08 15.51 2.11
CA GLU D 58 0.09 16.56 1.77
C GLU D 58 0.30 17.81 2.63
N GLU D 59 0.35 17.62 3.92
CA GLU D 59 0.54 18.77 4.85
C GLU D 59 1.97 19.31 4.73
N LEU D 60 2.89 18.49 4.30
CA LEU D 60 4.30 18.97 4.16
C LEU D 60 4.48 19.70 2.84
N LEU D 61 4.01 19.13 1.76
CA LEU D 61 4.16 19.80 0.43
C LEU D 61 3.35 21.09 0.40
N ARG D 62 2.35 21.21 1.24
CA ARG D 62 1.52 22.44 1.26
C ARG D 62 1.80 23.24 2.54
N GLY D 63 2.05 22.59 3.63
CA GLY D 63 2.34 23.31 4.90
C GLY D 63 3.64 24.10 4.76
N GLU D 64 4.57 23.90 5.67
CA GLU D 64 5.86 24.65 5.59
C GLU D 64 6.88 24.09 6.59
N MET D 65 6.44 23.66 7.74
CA MET D 65 7.40 23.11 8.76
C MET D 65 6.87 21.80 9.35
N SER D 66 5.62 21.79 9.74
CA SER D 66 5.03 20.54 10.34
C SER D 66 5.76 20.16 11.63
N GLN D 67 5.05 20.09 12.74
CA GLN D 67 5.68 19.73 14.05
C GLN D 67 4.72 20.05 15.19
N ARG D 68 3.67 19.28 15.34
CA ARG D 68 2.66 19.53 16.42
C ARG D 68 1.78 20.72 16.07
N GLU D 69 1.03 20.60 15.02
CA GLU D 69 0.13 21.71 14.60
C GLU D 69 -1.15 21.16 13.97
N LEU D 70 -1.08 20.01 13.33
CA LEU D 70 -2.32 19.45 12.71
C LEU D 70 -2.15 17.94 12.44
N LYS D 71 -0.94 17.53 12.23
CA LYS D 71 -0.66 16.10 11.95
C LYS D 71 -0.82 15.25 13.20
N ASN D 72 -0.79 15.84 14.35
CA ASN D 72 -0.95 15.04 15.59
C ASN D 72 -2.43 14.72 15.79
N GLU D 73 -3.29 15.52 15.21
CA GLU D 73 -4.77 15.28 15.33
C GLU D 73 -5.07 13.80 15.12
N LEU D 74 -5.04 13.34 13.90
CA LEU D 74 -5.31 11.90 13.64
C LEU D 74 -4.27 11.06 14.41
N GLY D 75 -3.16 11.65 14.75
CA GLY D 75 -2.10 10.94 15.52
C GLY D 75 -1.16 10.19 14.58
N ALA D 76 0.08 10.63 14.58
CA ALA D 76 1.16 10.02 13.74
C ALA D 76 1.52 10.93 12.62
N GLY D 77 0.75 11.93 12.38
CA GLY D 77 1.18 12.88 11.36
C GLY D 77 2.52 13.41 11.86
N ILE D 78 2.51 14.02 13.02
CA ILE D 78 3.78 14.55 13.64
C ILE D 78 4.96 13.62 13.40
N ALA D 79 4.79 12.37 13.68
CA ALA D 79 5.90 11.39 13.48
C ALA D 79 5.95 10.93 12.03
N THR D 80 4.99 11.32 11.26
CA THR D 80 4.96 10.92 9.82
C THR D 80 5.00 12.18 8.94
N ILE D 81 4.94 13.31 9.56
CA ILE D 81 4.99 14.60 8.83
C ILE D 81 6.34 15.25 9.07
N THR D 82 6.81 15.17 10.29
CA THR D 82 8.14 15.72 10.63
C THR D 82 9.16 14.69 10.19
N ARG D 83 8.78 13.45 10.27
CA ARG D 83 9.69 12.38 9.80
C ARG D 83 9.90 12.59 8.30
N GLY D 84 8.90 13.08 7.61
CA GLY D 84 9.05 13.36 6.14
C GLY D 84 10.35 14.11 5.89
N SER D 85 10.87 14.81 6.87
CA SER D 85 12.17 15.52 6.67
C SER D 85 13.17 14.51 6.11
N ASN D 86 13.00 13.27 6.47
CA ASN D 86 13.89 12.19 5.95
C ASN D 86 13.17 11.43 4.83
N SER D 87 12.23 12.09 4.17
CA SER D 87 11.49 11.44 3.05
C SER D 87 12.45 10.67 2.15
N LEU D 88 13.70 11.08 2.10
CA LEU D 88 14.71 10.35 1.26
C LEU D 88 14.54 8.85 1.49
N LYS D 89 14.14 8.47 2.68
CA LYS D 89 13.93 7.02 2.97
C LYS D 89 13.02 6.40 1.88
N ALA D 90 11.92 7.05 1.58
CA ALA D 90 11.01 6.53 0.51
C ALA D 90 11.06 7.52 -0.67
N ALA D 91 12.07 8.35 -0.67
CA ALA D 91 12.31 9.39 -1.74
C ALA D 91 11.04 9.85 -2.45
N PRO D 92 10.69 11.09 -2.22
CA PRO D 92 9.53 11.68 -2.91
C PRO D 92 9.96 12.22 -4.26
N VAL D 93 10.99 13.05 -4.29
CA VAL D 93 11.48 13.62 -5.58
C VAL D 93 11.67 12.54 -6.65
N GLU D 94 12.21 11.40 -6.31
CA GLU D 94 12.41 10.33 -7.32
C GLU D 94 11.12 10.12 -8.13
N LEU D 95 10.01 10.34 -7.50
CA LEU D 95 8.69 10.19 -8.19
C LEU D 95 7.76 11.34 -7.83
N ARG D 96 8.24 12.28 -7.04
CA ARG D 96 7.38 13.45 -6.70
C ARG D 96 6.75 13.94 -8.00
N GLN D 97 7.44 13.75 -9.09
CA GLN D 97 6.91 14.15 -10.42
C GLN D 97 5.47 13.64 -10.57
N TRP D 98 5.22 12.38 -10.29
CA TRP D 98 3.82 11.90 -10.41
C TRP D 98 3.02 12.38 -9.20
N LEU D 99 3.57 12.27 -8.02
CA LEU D 99 2.85 12.74 -6.80
C LEU D 99 2.33 14.15 -7.04
N GLU D 100 3.04 14.91 -7.83
CA GLU D 100 2.58 16.29 -8.15
C GLU D 100 1.62 16.24 -9.34
N GLU D 101 1.79 15.27 -10.20
CA GLU D 101 0.88 15.14 -11.38
C GLU D 101 -0.57 15.14 -10.90
N VAL D 102 -0.80 14.62 -9.73
CA VAL D 102 -2.18 14.61 -9.17
C VAL D 102 -2.29 15.63 -8.03
N LEU D 103 -1.51 16.68 -8.09
CA LEU D 103 -1.55 17.70 -7.01
C LEU D 103 -1.11 19.07 -7.54
N LEU D 104 -0.02 19.15 -8.27
CA LEU D 104 0.44 20.47 -8.78
C LEU D 104 1.19 20.34 -10.12
N LYS D 105 1.95 19.29 -10.31
CA LYS D 105 2.71 19.14 -11.61
C LYS D 105 1.79 19.42 -12.80
N SER D 106 0.61 18.85 -12.80
CA SER D 106 -0.34 19.08 -13.93
C SER D 106 0.35 18.80 -15.28
N ASP D 107 -0.07 19.46 -16.33
CA ASP D 107 0.55 19.25 -17.66
C ASP D 107 0.30 20.44 -18.57
N TRP E . 0.41 -5.62 7.53
CA TRP E . 0.07 -6.76 6.64
C TRP E . -1.40 -7.10 6.78
O TRP E . -1.80 -7.41 7.87
CB TRP E . 0.97 -7.91 7.10
CG TRP E . 0.23 -9.06 7.69
CD1 TRP E . -0.04 -9.24 8.99
CD2 TRP E . -0.29 -10.21 7.00
NE1 TRP E . -0.65 -10.47 9.15
CE2 TRP E . -0.84 -11.10 7.94
CE3 TRP E . -0.32 -10.55 5.65
CZ2 TRP E . -1.40 -12.31 7.55
CZ3 TRP E . -0.89 -11.75 5.25
CH2 TRP E . -1.43 -12.64 6.19
OXT TRP E . -2.08 -7.08 5.78
H2 TRP E . 0.46 -5.95 8.52
H TRP E . -0.30 -4.88 7.44
HA TRP E . 0.29 -6.51 5.62
HB2 TRP E . 1.48 -8.30 6.25
HB3 TRP E . 1.67 -7.54 7.81
HD1 TRP E . 0.20 -8.55 9.77
HE1 TRP E . -0.93 -10.86 10.01
HE3 TRP E . 0.08 -9.89 4.91
HZ2 TRP E . -1.78 -13.01 8.27
HZ3 TRP E . -0.93 -12.00 4.21
HH2 TRP E . -1.87 -13.57 5.86
N TRP F . 5.52 3.81 7.34
CA TRP F . 5.61 4.88 6.31
C TRP F . 7.04 5.44 6.24
O TRP F . 7.26 6.36 5.49
CB TRP F . 4.62 5.96 6.76
CG TRP F . 5.35 7.06 7.44
CD1 TRP F . 5.70 7.09 8.74
CD2 TRP F . 5.83 8.28 6.84
NE1 TRP F . 6.35 8.27 8.99
CE2 TRP F . 6.45 9.05 7.85
CE3 TRP F . 5.77 8.80 5.55
CZ2 TRP F . 7.00 10.30 7.57
CZ3 TRP F . 6.32 10.06 5.26
CH2 TRP F . 6.93 10.81 6.27
OXT TRP F . 7.89 4.92 6.96
H2 TRP F . 4.52 3.57 7.51
H TRP F . 5.95 4.16 8.23
HA TRP F . 5.31 4.50 5.35
HB2 TRP F . 4.10 6.35 5.90
HB3 TRP F . 3.91 5.52 7.45
HD1 TRP F . 5.50 6.31 9.46
HE1 TRP F . 6.70 8.55 9.85
HE3 TRP F . 5.30 8.23 4.76
HZ2 TRP F . 7.46 10.87 8.36
HZ3 TRP F . 6.27 10.44 4.25
HH2 TRP F . 7.34 11.78 6.05
#